data_9B38
#
_entry.id   9B38
#
_cell.length_a   1.00
_cell.length_b   1.00
_cell.length_c   1.00
_cell.angle_alpha   90.00
_cell.angle_beta   90.00
_cell.angle_gamma   90.00
#
_symmetry.space_group_name_H-M   'P 1'
#
loop_
_entity.id
_entity.type
_entity.pdbx_description
1 polymer 'Glutamate receptor ionotropic, kainate 2'
2 branched alpha-D-mannopyranose-(1-3)-[alpha-D-mannopyranose-(1-6)]beta-D-mannopyranose-(1-4)-2-acetamido-2-deoxy-beta-D-glucopyranose-(1-4)-2-acetamido-2-deoxy-beta-D-glucopyranose
3 branched beta-D-mannopyranose-(1-4)-2-acetamido-2-deoxy-beta-D-glucopyranose-(1-4)-2-acetamido-2-deoxy-beta-D-glucopyranose
4 branched 2-acetamido-2-deoxy-beta-D-glucopyranose-(1-4)-2-acetamido-2-deoxy-beta-D-glucopyranose
5 non-polymer 'GLUTAMIC ACID'
6 non-polymer 2-acetamido-2-deoxy-beta-D-glucopyranose
7 non-polymer alpha-D-mannopyranose
#
_entity_poly.entity_id   1
_entity_poly.type   'polypeptide(L)'
_entity_poly.pdbx_seq_one_letter_code
;MKIISPVLSNLVFSRSIKVLLCLLWIGYSQGTTHVLRFGGIFEYVESGPMGAEELAFRFAVNTINRNRTLLPNTTLTYDT
QKINLYDSFEASKKACDQLSLGVAAIFGPSHSSSANAVQSICNALGVPHIQTRWKHQVSDNKDSFYVSLYPDFSSLSRAI
LDLVQFFKWKTVTVVYDDSTGLIRLQELIKAPSRYNLRLKIRQLPADTKDAKPLLKEMKRGKEFHVIFDCSHEMAAGILK
QALAMGMMTEYYHYIFTTLDLFALDVEPYRYSGVNMTGFRILNTENTQVSSIIEKWSMERLQAPPKPDSGLLDGFMTTDA
ALMYDAVHVVSVAVQQFPQMTVSSLQCNRHKPWRFGTRFMSLIKEAHWEGLTGRITFNKTNGLRTDFDLDVISLKEEGLE
KIGTWDPASGLNMTESQKGKPANITDSLSNRSLIVTTILEEPYVLFKKSDKPLYGNDRFEGYCIDLLRELSTILGFTYEI
RLVEDGKYGAQDDVNGQWNGMVRELIDHKADLAVAPLAITYVREKVIDFSKPFMTLGISILYRKPNGTNPGVFSFLNPLS
PDIWMYVLLACLGVSCVLFVIARFSPYEWYNPHPCNPDSDVVENNFTLLNSFWFGVGALMQQGSELMPKALSTRIVGGIW
WFFTLIIISSYTANLAAFLTVERMESPIDSADDLAKQTKIEYGAVEDGATMTFFKKSKISTYDKMWAFMSSRRQSVLVKS
NEEGIQRVLTSDYAFLMESTTIEFVTQRNCNLTQIGGLIDSKGYGVGTPMGSPYRDKITIAILQLQEEGKLHMMKEKWWR
GNGCPEEESKEASALGVQNIGGIFIVLAAGLVLSVFVAVGEFLYKSKKNAQLEKRSFCSAMVEELRMSLKCQRRLKHKPQ
APVIVKTEEVINMHTFNDRRLPGKETMALVPR
;
_entity_poly.pdbx_strand_id   A,B,C,D
#
# COMPACT_ATOMS: atom_id res chain seq x y z
N HIS A 34 60.52 51.99 22.19
CA HIS A 34 60.97 50.96 21.25
C HIS A 34 60.09 50.94 20.00
N VAL A 35 60.33 49.97 19.12
CA VAL A 35 59.65 49.89 17.83
C VAL A 35 59.15 48.47 17.60
N LEU A 36 57.86 48.32 17.30
CA LEU A 36 57.34 47.02 16.87
C LEU A 36 57.43 46.89 15.36
N ARG A 37 57.43 45.65 14.89
CA ARG A 37 57.74 45.32 13.50
C ARG A 37 56.70 44.42 12.85
N PHE A 38 55.42 44.79 12.92
CA PHE A 38 54.31 44.06 12.28
C PHE A 38 54.55 43.74 10.81
N GLY A 39 54.60 42.46 10.48
CA GLY A 39 54.88 42.00 9.13
C GLY A 39 53.63 41.90 8.28
N GLY A 40 53.79 41.29 7.11
CA GLY A 40 52.68 41.16 6.19
C GLY A 40 53.06 40.72 4.79
N ILE A 41 52.22 39.86 4.21
CA ILE A 41 52.44 39.30 2.89
C ILE A 41 51.35 39.81 1.96
N PHE A 42 51.74 40.33 0.80
CA PHE A 42 50.80 40.87 -0.18
C PHE A 42 51.24 40.54 -1.59
N GLU A 43 50.25 40.20 -2.42
CA GLU A 43 50.50 39.99 -3.83
C GLU A 43 50.69 41.32 -4.53
N TYR A 44 51.84 41.48 -5.19
CA TYR A 44 52.10 42.67 -5.99
C TYR A 44 51.71 42.37 -7.43
N VAL A 45 50.94 43.24 -8.03
CA VAL A 45 50.74 43.23 -9.48
C VAL A 45 51.99 43.82 -10.12
N GLU A 46 52.49 43.16 -11.18
CA GLU A 46 53.68 43.63 -11.88
C GLU A 46 53.37 44.93 -12.59
N SER A 47 53.88 46.04 -12.02
CA SER A 47 53.78 47.44 -12.44
C SER A 47 52.37 48.02 -12.23
N GLY A 48 51.41 47.20 -11.83
CA GLY A 48 50.22 47.70 -11.19
C GLY A 48 50.63 48.15 -9.81
N PRO A 49 50.18 49.36 -9.39
CA PRO A 49 50.89 50.13 -8.35
C PRO A 49 51.04 49.45 -6.99
N MET A 50 49.92 49.17 -6.32
CA MET A 50 49.92 48.49 -5.03
C MET A 50 48.61 47.72 -4.92
N GLY A 51 48.64 46.62 -4.18
CA GLY A 51 47.43 45.87 -3.91
C GLY A 51 46.46 46.66 -3.05
N ALA A 52 45.16 46.38 -3.18
CA ALA A 52 44.17 47.11 -2.39
C ALA A 52 44.27 46.76 -0.92
N GLU A 53 44.59 45.51 -0.61
CA GLU A 53 44.85 45.12 0.77
C GLU A 53 46.15 45.72 1.26
N GLU A 54 47.11 45.87 0.36
CA GLU A 54 48.42 46.38 0.73
C GLU A 54 48.35 47.87 1.05
N LEU A 55 47.49 48.60 0.32
CA LEU A 55 47.29 50.02 0.58
C LEU A 55 46.64 50.25 1.95
N ALA A 56 45.81 49.30 2.39
CA ALA A 56 45.19 49.42 3.70
C ALA A 56 46.21 49.24 4.82
N PHE A 57 47.01 48.17 4.73
CA PHE A 57 47.96 47.84 5.79
C PHE A 57 49.08 48.87 5.89
N ARG A 58 49.43 49.49 4.77
CA ARG A 58 50.37 50.62 4.84
C ARG A 58 49.73 51.79 5.56
N PHE A 59 48.51 52.15 5.17
CA PHE A 59 47.91 53.37 5.67
C PHE A 59 47.36 53.20 7.08
N ALA A 60 47.04 51.98 7.50
CA ALA A 60 46.50 51.79 8.84
C ALA A 60 47.60 51.86 9.89
N VAL A 61 48.83 51.54 9.50
CA VAL A 61 49.96 51.73 10.41
C VAL A 61 50.25 53.23 10.57
N ASN A 62 50.07 53.99 9.50
CA ASN A 62 50.30 55.43 9.57
C ASN A 62 49.19 56.13 10.36
N THR A 63 48.04 55.48 10.53
CA THR A 63 46.99 56.05 11.36
C THR A 63 47.32 55.92 12.84
N ILE A 64 47.90 54.78 13.23
CA ILE A 64 48.28 54.57 14.62
C ILE A 64 49.46 55.46 15.00
N ASN A 65 50.36 55.70 14.05
CA ASN A 65 51.55 56.49 14.37
C ASN A 65 51.22 57.98 14.45
N ARG A 66 50.20 58.42 13.69
CA ARG A 66 49.81 59.82 13.68
C ARG A 66 48.86 60.18 14.82
N ASN A 67 48.00 59.24 15.22
CA ASN A 67 47.06 59.43 16.31
C ASN A 67 47.65 58.72 17.54
N ARG A 68 48.13 59.50 18.49
CA ARG A 68 48.78 58.94 19.68
C ARG A 68 47.79 58.62 20.79
N THR A 69 46.49 58.65 20.49
CA THR A 69 45.51 58.20 21.47
C THR A 69 45.61 56.68 21.59
N LEU A 70 45.81 56.01 20.46
CA LEU A 70 46.07 54.58 20.42
C LEU A 70 47.55 54.39 20.14
N LEU A 71 48.20 53.63 21.04
CA LEU A 71 49.65 53.34 21.05
C LEU A 71 50.51 54.60 21.00
N PRO A 72 50.62 55.37 22.09
CA PRO A 72 51.41 56.60 22.06
C PRO A 72 52.91 56.37 22.06
N ASN A 73 53.39 55.15 22.28
CA ASN A 73 54.79 54.95 22.63
C ASN A 73 55.43 53.73 21.97
N THR A 74 54.86 53.25 20.85
CA THR A 74 55.35 52.01 20.23
C THR A 74 55.80 52.14 18.78
N THR A 75 55.16 52.97 17.95
CA THR A 75 55.59 53.34 16.60
C THR A 75 55.81 52.16 15.64
N LEU A 76 54.72 51.49 15.25
CA LEU A 76 54.70 50.28 14.43
C LEU A 76 55.44 50.45 13.10
N THR A 77 55.86 49.31 12.53
CA THR A 77 56.64 49.30 11.31
C THR A 77 56.27 48.09 10.46
N TYR A 78 56.06 48.32 9.17
CA TYR A 78 55.61 47.30 8.22
C TYR A 78 56.80 46.61 7.57
N ASP A 79 56.60 45.37 7.14
CA ASP A 79 57.63 44.59 6.44
C ASP A 79 57.03 43.88 5.23
N THR A 80 56.33 44.63 4.38
CA THR A 80 55.57 44.07 3.25
C THR A 80 56.48 43.39 2.23
N GLN A 81 56.09 42.17 1.82
CA GLN A 81 56.83 41.37 0.86
C GLN A 81 55.94 41.03 -0.33
N LYS A 82 56.58 40.71 -1.46
CA LYS A 82 55.88 40.30 -2.67
C LYS A 82 55.72 38.79 -2.71
N ILE A 83 54.52 38.33 -3.08
CA ILE A 83 54.21 36.90 -3.18
C ILE A 83 53.43 36.60 -4.46
N ASN A 84 53.86 35.57 -5.19
CA ASN A 84 53.24 35.19 -6.46
C ASN A 84 51.87 34.56 -6.20
N LEU A 85 51.05 34.46 -7.26
CA LEU A 85 49.70 33.92 -7.17
C LEU A 85 49.76 32.43 -6.84
N TYR A 86 49.41 32.09 -5.60
CA TYR A 86 49.32 30.73 -5.09
C TYR A 86 50.62 29.94 -5.21
N ASP A 87 51.68 30.45 -4.58
CA ASP A 87 52.97 29.77 -4.59
C ASP A 87 53.38 29.56 -3.13
N SER A 88 53.06 28.38 -2.61
CA SER A 88 53.14 28.13 -1.17
C SER A 88 54.58 28.02 -0.69
N PHE A 89 55.52 27.73 -1.59
CA PHE A 89 56.92 27.69 -1.18
C PHE A 89 57.45 29.09 -0.93
N GLU A 90 57.11 30.04 -1.80
CA GLU A 90 57.63 31.39 -1.66
C GLU A 90 56.98 32.09 -0.48
N ALA A 91 55.72 31.75 -0.18
CA ALA A 91 55.09 32.23 1.04
C ALA A 91 55.73 31.62 2.27
N SER A 92 56.26 30.40 2.14
CA SER A 92 57.07 29.84 3.21
C SER A 92 58.49 30.41 3.18
N LYS A 93 58.93 30.88 2.01
CA LYS A 93 60.29 31.38 1.90
C LYS A 93 60.40 32.81 2.39
N LYS A 94 59.42 33.65 2.05
CA LYS A 94 59.44 35.03 2.51
C LYS A 94 59.20 35.14 4.01
N ALA A 95 58.34 34.27 4.56
CA ALA A 95 58.01 34.36 5.97
C ALA A 95 59.15 33.89 6.85
N CYS A 96 59.91 32.88 6.41
CA CYS A 96 61.09 32.49 7.18
C CYS A 96 62.21 33.51 7.04
N ASP A 97 62.22 34.25 5.93
CA ASP A 97 63.09 35.42 5.83
C ASP A 97 62.57 36.54 6.71
N GLN A 98 61.26 36.59 6.93
CA GLN A 98 60.66 37.71 7.64
C GLN A 98 60.71 37.50 9.14
N LEU A 99 60.74 36.23 9.57
CA LEU A 99 60.97 35.91 10.97
C LEU A 99 62.45 35.99 11.34
N SER A 100 63.34 36.02 10.35
CA SER A 100 64.74 36.31 10.61
C SER A 100 64.95 37.78 10.93
N LEU A 101 64.12 38.66 10.37
CA LEU A 101 64.14 40.07 10.72
C LEU A 101 63.52 40.25 12.10
N GLY A 102 62.56 39.39 12.43
CA GLY A 102 61.87 39.46 13.70
C GLY A 102 60.63 40.32 13.59
N VAL A 103 59.47 39.72 13.78
CA VAL A 103 58.20 40.45 13.70
C VAL A 103 57.39 40.11 14.94
N ALA A 104 56.25 40.78 15.13
CA ALA A 104 55.37 40.46 16.24
C ALA A 104 54.10 39.79 15.76
N ALA A 105 53.80 39.87 14.46
CA ALA A 105 52.65 39.24 13.83
C ALA A 105 52.91 39.21 12.33
N ILE A 106 52.38 38.19 11.69
CA ILE A 106 52.47 38.07 10.24
C ILE A 106 51.06 38.14 9.68
N PHE A 107 50.78 39.15 8.86
CA PHE A 107 49.43 39.28 8.31
C PHE A 107 49.36 38.44 7.05
N GLY A 108 48.25 37.76 6.87
CA GLY A 108 48.21 36.55 6.09
C GLY A 108 48.30 36.79 4.60
N PRO A 109 48.82 35.78 3.90
CA PRO A 109 48.58 35.70 2.47
C PRO A 109 47.09 35.51 2.21
N SER A 110 46.56 36.31 1.29
CA SER A 110 45.14 36.37 1.06
C SER A 110 44.60 35.24 0.20
N HIS A 111 45.45 34.28 -0.15
CA HIS A 111 45.05 33.13 -0.93
C HIS A 111 44.69 31.99 0.02
N SER A 112 44.50 30.80 -0.49
CA SER A 112 44.19 29.68 0.39
C SER A 112 45.33 28.69 0.53
N SER A 113 45.99 28.35 -0.57
CA SER A 113 47.10 27.40 -0.50
C SER A 113 48.33 28.05 0.11
N SER A 114 48.46 29.37 -0.03
CA SER A 114 49.58 30.07 0.59
C SER A 114 49.34 30.29 2.07
N ALA A 115 48.07 30.43 2.48
CA ALA A 115 47.76 30.71 3.86
C ALA A 115 47.93 29.48 4.74
N ASN A 116 47.69 28.29 4.19
CA ASN A 116 47.87 27.06 4.96
C ASN A 116 49.33 26.78 5.25
N ALA A 117 50.23 27.30 4.43
CA ALA A 117 51.65 27.17 4.71
C ALA A 117 52.06 28.05 5.88
N VAL A 118 51.84 29.36 5.75
CA VAL A 118 52.37 30.35 6.71
C VAL A 118 51.68 30.21 8.06
N GLN A 119 50.47 29.63 8.09
CA GLN A 119 49.83 29.26 9.35
C GLN A 119 50.65 28.22 10.11
N SER A 120 51.35 27.35 9.38
CA SER A 120 52.12 26.30 10.03
C SER A 120 53.53 26.75 10.35
N ILE A 121 54.05 27.73 9.61
CA ILE A 121 55.29 28.39 10.02
C ILE A 121 55.07 29.14 11.33
N CYS A 122 53.99 29.91 11.41
CA CYS A 122 53.73 30.73 12.56
C CYS A 122 53.33 29.90 13.78
N ASN A 123 52.77 28.72 13.55
CA ASN A 123 52.48 27.83 14.67
C ASN A 123 53.74 27.25 15.27
N ALA A 124 54.68 26.80 14.43
CA ALA A 124 55.88 26.14 14.91
C ALA A 124 56.87 27.10 15.56
N LEU A 125 56.74 28.40 15.30
CA LEU A 125 57.69 29.36 15.87
C LEU A 125 57.06 30.31 16.88
N GLY A 126 55.74 30.27 17.07
CA GLY A 126 55.13 30.99 18.16
C GLY A 126 54.44 32.30 17.80
N VAL A 127 54.81 32.87 16.66
CA VAL A 127 54.30 34.16 16.21
C VAL A 127 52.84 34.01 15.80
N PRO A 128 51.95 34.94 16.15
CA PRO A 128 50.59 34.90 15.63
C PRO A 128 50.53 35.16 14.13
N HIS A 129 49.52 34.58 13.51
CA HIS A 129 49.29 34.69 12.07
C HIS A 129 47.88 35.21 11.85
N ILE A 130 47.74 36.50 11.59
CA ILE A 130 46.45 37.16 11.59
C ILE A 130 45.94 37.22 10.17
N GLN A 131 44.80 36.58 9.94
CA GLN A 131 44.31 36.34 8.60
C GLN A 131 43.23 37.37 8.25
N THR A 132 42.88 37.45 6.98
CA THR A 132 41.97 38.51 6.53
C THR A 132 40.91 37.92 5.61
N ARG A 133 41.21 36.80 4.96
CA ARG A 133 40.26 36.13 4.10
C ARG A 133 40.04 34.70 4.58
N TRP A 134 39.00 34.08 4.06
CA TRP A 134 38.57 32.75 4.45
C TRP A 134 39.33 31.72 3.63
N LYS A 135 40.00 30.79 4.30
CA LYS A 135 40.57 29.63 3.63
C LYS A 135 39.70 28.43 3.97
N HIS A 136 39.88 27.33 3.24
CA HIS A 136 39.22 26.12 3.69
C HIS A 136 39.93 25.57 4.90
N GLN A 137 39.36 25.79 6.08
CA GLN A 137 39.91 25.23 7.30
C GLN A 137 39.53 23.75 7.38
N VAL A 138 40.53 22.87 7.38
CA VAL A 138 40.26 21.44 7.58
C VAL A 138 39.93 21.23 9.04
N SER A 139 39.34 20.09 9.36
CA SER A 139 38.82 19.86 10.70
C SER A 139 39.89 19.48 11.71
N ASP A 140 41.14 19.35 11.30
CA ASP A 140 42.13 18.67 12.12
C ASP A 140 43.46 19.40 12.23
N ASN A 141 43.53 20.65 11.79
CA ASN A 141 44.72 21.46 12.08
C ASN A 141 44.81 21.77 13.55
N LYS A 142 45.79 21.18 14.24
CA LYS A 142 46.02 21.46 15.65
C LYS A 142 46.92 22.68 15.81
N ASP A 143 46.43 23.82 15.32
CA ASP A 143 47.13 25.09 15.38
C ASP A 143 46.39 26.03 16.31
N SER A 144 47.14 26.82 17.07
CA SER A 144 46.54 27.83 17.93
C SER A 144 46.82 29.24 17.44
N PHE A 145 47.96 29.46 16.82
CA PHE A 145 48.40 30.81 16.48
C PHE A 145 47.84 31.27 15.14
N TYR A 146 46.52 31.44 15.06
CA TYR A 146 45.89 32.05 13.90
C TYR A 146 44.55 32.64 14.28
N VAL A 147 44.24 33.82 13.76
CA VAL A 147 42.91 34.41 13.88
C VAL A 147 42.44 34.85 12.50
N SER A 148 41.24 34.43 12.13
CA SER A 148 40.60 34.89 10.92
C SER A 148 39.71 36.09 11.23
N LEU A 149 39.71 37.04 10.31
CA LEU A 149 38.91 38.24 10.49
C LEU A 149 37.78 38.32 9.48
N TYR A 150 37.87 37.57 8.39
CA TYR A 150 36.72 37.37 7.53
C TYR A 150 35.75 36.51 8.31
N PRO A 151 34.47 36.82 8.30
CA PRO A 151 33.52 36.08 9.13
C PRO A 151 33.31 34.67 8.62
N ASP A 152 33.14 33.72 9.54
CA ASP A 152 33.10 32.30 9.19
C ASP A 152 31.85 31.98 8.38
N PHE A 153 32.00 31.08 7.42
CA PHE A 153 30.88 30.62 6.62
C PHE A 153 30.03 29.57 7.31
N SER A 154 30.38 29.19 8.54
CA SER A 154 29.42 28.49 9.38
C SER A 154 28.35 29.46 9.88
N SER A 155 28.65 30.76 9.83
CA SER A 155 27.67 31.76 10.25
C SER A 155 27.06 32.47 9.06
N LEU A 156 27.84 32.68 8.00
CA LEU A 156 27.31 33.30 6.79
C LEU A 156 26.25 32.44 6.12
N SER A 157 26.46 31.13 6.03
CA SER A 157 25.51 30.25 5.37
C SER A 157 24.26 30.08 6.21
N ARG A 158 24.30 30.42 7.50
CA ARG A 158 23.08 30.53 8.26
C ARG A 158 22.37 31.85 7.97
N ALA A 159 23.14 32.89 7.66
CA ALA A 159 22.53 34.19 7.36
C ALA A 159 21.95 34.23 5.96
N ILE A 160 22.46 33.39 5.05
CA ILE A 160 21.83 33.28 3.75
C ILE A 160 20.48 32.59 3.88
N LEU A 161 20.42 31.51 4.66
CA LEU A 161 19.20 30.73 4.75
C LEU A 161 18.13 31.46 5.56
N ASP A 162 18.54 32.37 6.46
CA ASP A 162 17.54 33.17 7.16
C ASP A 162 16.91 34.19 6.23
N LEU A 163 17.63 34.60 5.19
CA LEU A 163 17.02 35.42 4.15
C LEU A 163 16.09 34.59 3.29
N VAL A 164 16.42 33.32 3.08
CA VAL A 164 15.57 32.44 2.29
C VAL A 164 14.30 32.09 3.05
N GLN A 165 14.41 31.88 4.36
CA GLN A 165 13.23 31.59 5.17
C GLN A 165 12.34 32.81 5.33
N PHE A 166 12.94 34.01 5.27
CA PHE A 166 12.11 35.21 5.37
C PHE A 166 11.38 35.49 4.07
N PHE A 167 12.00 35.19 2.93
CA PHE A 167 11.38 35.44 1.63
C PHE A 167 10.46 34.32 1.21
N LYS A 168 10.37 33.25 2.01
CA LYS A 168 9.49 32.09 1.81
C LYS A 168 9.69 31.44 0.45
N TRP A 169 10.95 31.28 0.05
CA TRP A 169 11.29 30.63 -1.20
C TRP A 169 11.10 29.12 -1.09
N LYS A 170 10.97 28.49 -2.25
CA LYS A 170 10.87 27.03 -2.32
C LYS A 170 11.76 26.51 -3.45
N THR A 171 12.22 27.40 -4.32
CA THR A 171 12.92 27.00 -5.54
C THR A 171 14.27 27.70 -5.68
N VAL A 172 15.08 27.65 -4.63
CA VAL A 172 16.41 28.23 -4.59
C VAL A 172 17.33 27.64 -5.66
N THR A 173 18.23 28.47 -6.20
CA THR A 173 19.05 28.14 -7.37
C THR A 173 20.49 28.62 -7.16
N VAL A 174 21.14 28.08 -6.12
CA VAL A 174 22.53 28.36 -5.78
C VAL A 174 23.47 28.22 -6.97
N VAL A 175 24.17 29.30 -7.30
CA VAL A 175 25.13 29.36 -8.39
C VAL A 175 26.46 29.79 -7.78
N TYR A 176 27.43 28.90 -7.79
CA TYR A 176 28.75 29.21 -7.24
C TYR A 176 29.74 29.38 -8.39
N ASP A 177 30.93 29.89 -8.11
CA ASP A 177 31.95 29.99 -9.15
C ASP A 177 33.22 29.25 -8.80
N ASP A 178 33.66 29.37 -7.55
CA ASP A 178 34.85 28.68 -7.10
C ASP A 178 34.40 27.39 -6.44
N SER A 179 35.24 26.36 -6.59
CA SER A 179 34.94 25.02 -6.12
C SER A 179 34.77 24.93 -4.61
N THR A 180 35.37 25.82 -3.84
CA THR A 180 35.13 25.87 -2.41
C THR A 180 33.89 26.68 -2.06
N GLY A 181 33.03 27.01 -3.03
CA GLY A 181 31.80 27.70 -2.72
C GLY A 181 30.76 26.77 -2.13
N LEU A 182 30.99 25.46 -2.22
CA LEU A 182 30.15 24.48 -1.56
C LEU A 182 30.38 24.54 -0.07
N ILE A 183 31.62 24.77 0.34
CA ILE A 183 32.01 24.83 1.74
C ILE A 183 31.42 26.10 2.32
N ARG A 184 31.43 27.16 1.52
CA ARG A 184 30.96 28.45 1.98
C ARG A 184 29.45 28.45 2.18
N LEU A 185 28.73 27.77 1.30
CA LEU A 185 27.32 27.48 1.50
C LEU A 185 27.04 26.06 2.00
N GLN A 186 27.64 25.59 3.09
CA GLN A 186 27.35 24.24 3.58
C GLN A 186 25.91 24.12 4.05
N GLU A 187 25.49 25.01 4.92
CA GLU A 187 24.17 24.94 5.53
C GLU A 187 23.07 25.33 4.59
N LEU A 188 23.37 25.74 3.37
CA LEU A 188 22.37 25.99 2.33
C LEU A 188 22.33 24.88 1.29
N ILE A 189 23.46 24.19 1.05
CA ILE A 189 23.42 22.98 0.23
C ILE A 189 22.62 21.89 0.94
N LYS A 190 22.90 21.69 2.22
CA LYS A 190 21.95 20.93 3.03
C LYS A 190 20.80 21.84 3.44
N ALA A 191 19.78 21.25 4.06
CA ALA A 191 18.40 21.72 4.27
C ALA A 191 17.59 21.94 2.99
N PRO A 192 17.55 20.98 2.06
CA PRO A 192 16.24 20.54 1.54
C PRO A 192 15.67 19.41 2.37
N SER A 193 16.38 19.01 3.42
CA SER A 193 16.00 17.91 4.30
C SER A 193 14.98 18.35 5.33
N ARG A 194 15.29 19.40 6.09
CA ARG A 194 14.40 19.80 7.17
C ARG A 194 13.56 21.02 6.81
N TYR A 195 14.00 21.81 5.84
CA TYR A 195 13.32 23.07 5.53
C TYR A 195 12.78 23.11 4.11
N ASN A 196 12.34 21.93 3.60
CA ASN A 196 11.55 21.65 2.40
C ASN A 196 11.77 22.54 1.17
N LEU A 197 13.01 22.60 0.67
CA LEU A 197 13.30 23.37 -0.53
C LEU A 197 13.43 22.49 -1.77
N ARG A 198 13.71 23.10 -2.91
CA ARG A 198 13.94 22.39 -4.17
C ARG A 198 15.21 22.97 -4.79
N LEU A 199 16.28 22.93 -3.99
CA LEU A 199 17.57 23.48 -4.39
C LEU A 199 18.13 22.83 -5.66
N LYS A 200 18.60 23.67 -6.57
CA LYS A 200 19.24 23.27 -7.83
C LYS A 200 20.57 24.00 -7.91
N ILE A 201 21.64 23.23 -8.11
CA ILE A 201 22.98 23.79 -7.97
C ILE A 201 23.66 23.87 -9.33
N ARG A 202 24.22 25.03 -9.65
CA ARG A 202 24.88 25.25 -10.92
C ARG A 202 26.22 25.93 -10.69
N GLN A 203 27.10 25.86 -11.68
CA GLN A 203 28.45 26.39 -11.57
C GLN A 203 28.81 27.19 -12.82
N LEU A 204 29.36 28.38 -12.61
CA LEU A 204 29.96 29.17 -13.67
C LEU A 204 31.19 28.46 -14.22
N PRO A 205 31.41 28.49 -15.54
CA PRO A 205 32.56 27.77 -16.10
C PRO A 205 33.89 28.47 -15.87
N ALA A 206 34.97 27.92 -16.43
CA ALA A 206 36.30 28.54 -16.38
C ALA A 206 36.54 29.51 -17.53
N ASP A 207 35.47 30.01 -18.14
CA ASP A 207 35.50 30.99 -19.22
C ASP A 207 35.10 32.37 -18.71
N THR A 208 35.65 32.74 -17.54
CA THR A 208 35.03 33.52 -16.47
C THR A 208 33.96 34.55 -16.84
N LYS A 209 34.13 35.30 -17.91
CA LYS A 209 33.08 36.25 -18.27
C LYS A 209 32.06 35.66 -19.25
N ASP A 210 31.60 34.43 -18.98
CA ASP A 210 30.73 33.77 -19.94
C ASP A 210 29.55 33.11 -19.25
N ALA A 211 28.81 33.87 -18.45
CA ALA A 211 27.58 33.31 -17.89
C ALA A 211 26.43 33.21 -18.90
N LYS A 212 26.62 33.52 -20.19
CA LYS A 212 25.56 33.36 -21.19
C LYS A 212 25.02 31.94 -21.34
N PRO A 213 25.83 30.86 -21.44
CA PRO A 213 25.20 29.54 -21.54
C PRO A 213 24.54 29.09 -20.25
N LEU A 214 25.00 29.60 -19.11
CA LEU A 214 24.35 29.27 -17.85
C LEU A 214 23.00 29.97 -17.72
N LEU A 215 22.96 31.27 -18.04
CA LEU A 215 21.74 32.04 -17.88
C LEU A 215 20.69 31.66 -18.91
N LYS A 216 21.10 31.13 -20.07
CA LYS A 216 20.14 30.53 -20.99
C LYS A 216 19.48 29.31 -20.39
N GLU A 217 20.20 28.56 -19.54
CA GLU A 217 19.62 27.41 -18.89
C GLU A 217 18.83 27.78 -17.64
N MET A 218 18.81 29.06 -17.28
CA MET A 218 18.06 29.49 -16.11
C MET A 218 16.81 30.25 -16.51
N LYS A 219 16.81 30.84 -17.71
CA LYS A 219 15.61 31.48 -18.24
C LYS A 219 14.57 30.41 -18.55
N ARG A 220 14.92 29.43 -19.39
CA ARG A 220 14.15 28.20 -19.42
C ARG A 220 14.40 27.43 -18.14
N GLY A 221 13.42 26.65 -17.71
CA GLY A 221 13.46 25.95 -16.47
C GLY A 221 13.05 26.77 -15.27
N LYS A 222 12.80 28.07 -15.47
CA LYS A 222 12.17 28.98 -14.52
C LYS A 222 12.94 29.14 -13.22
N GLU A 223 14.17 29.64 -13.30
CA GLU A 223 14.98 29.87 -12.11
C GLU A 223 14.99 31.37 -11.85
N PHE A 224 14.05 31.82 -11.01
CA PHE A 224 13.89 33.22 -10.71
C PHE A 224 14.46 33.62 -9.36
N HIS A 225 14.88 32.66 -8.55
CA HIS A 225 15.34 32.93 -7.19
C HIS A 225 16.76 32.43 -7.07
N VAL A 226 17.74 33.32 -7.20
CA VAL A 226 19.13 32.93 -7.41
C VAL A 226 19.98 33.45 -6.27
N ILE A 227 20.98 32.66 -5.86
CA ILE A 227 21.85 32.90 -4.72
C ILE A 227 23.28 32.90 -5.24
N PHE A 228 23.53 33.72 -6.28
CA PHE A 228 24.87 33.94 -6.84
C PHE A 228 25.94 34.06 -5.76
N ASP A 229 26.90 33.13 -5.79
CA ASP A 229 27.97 33.03 -4.81
C ASP A 229 29.30 33.28 -5.52
N CYS A 230 29.65 34.55 -5.64
CA CYS A 230 30.80 34.95 -6.45
C CYS A 230 31.58 36.02 -5.68
N SER A 231 32.56 36.62 -6.35
CA SER A 231 33.14 37.88 -5.93
C SER A 231 32.42 39.01 -6.66
N HIS A 232 32.58 40.23 -6.14
CA HIS A 232 31.86 41.37 -6.70
C HIS A 232 32.38 41.77 -8.08
N GLU A 233 33.61 41.38 -8.41
CA GLU A 233 34.08 41.51 -9.78
C GLU A 233 33.29 40.61 -10.71
N MET A 234 33.07 39.36 -10.29
CA MET A 234 32.23 38.48 -11.09
C MET A 234 30.77 38.57 -10.73
N ALA A 235 30.40 39.43 -9.78
CA ALA A 235 28.98 39.71 -9.58
C ALA A 235 28.55 40.90 -10.40
N ALA A 236 29.51 41.72 -10.84
CA ALA A 236 29.21 42.82 -11.72
C ALA A 236 28.99 42.34 -13.15
N GLY A 237 29.97 41.61 -13.69
CA GLY A 237 29.91 41.11 -15.05
C GLY A 237 28.87 40.04 -15.30
N ILE A 238 28.30 39.48 -14.23
CA ILE A 238 27.25 38.49 -14.39
C ILE A 238 25.89 39.19 -14.45
N LEU A 239 25.87 40.48 -14.13
CA LEU A 239 24.62 41.24 -14.24
C LEU A 239 24.51 41.92 -15.59
N LYS A 240 25.65 42.30 -16.18
CA LYS A 240 25.63 42.85 -17.53
C LYS A 240 25.22 41.79 -18.54
N GLN A 241 25.53 40.52 -18.25
CA GLN A 241 25.10 39.44 -19.11
C GLN A 241 23.68 38.99 -18.77
N ALA A 242 23.17 39.45 -17.63
CA ALA A 242 21.79 39.13 -17.25
C ALA A 242 20.86 40.28 -17.60
N LEU A 243 21.43 41.44 -17.94
CA LEU A 243 20.60 42.53 -18.45
C LEU A 243 20.36 42.40 -19.94
N ALA A 244 21.41 42.07 -20.69
CA ALA A 244 21.29 41.99 -22.15
C ALA A 244 20.48 40.78 -22.58
N MET A 245 20.32 39.80 -21.71
CA MET A 245 19.44 38.67 -21.96
C MET A 245 18.02 38.91 -21.51
N GLY A 246 17.73 40.04 -20.87
CA GLY A 246 16.40 40.35 -20.41
C GLY A 246 15.99 39.53 -19.20
N MET A 247 16.97 39.06 -18.45
CA MET A 247 16.70 38.41 -17.17
C MET A 247 16.75 39.39 -16.00
N MET A 248 16.41 40.65 -16.22
CA MET A 248 16.50 41.68 -15.20
C MET A 248 15.16 42.41 -15.11
N THR A 249 14.10 41.60 -15.04
CA THR A 249 12.74 42.09 -14.95
C THR A 249 12.24 41.92 -13.51
N GLU A 250 11.01 42.25 -13.17
CA GLU A 250 10.53 42.14 -11.79
C GLU A 250 10.24 40.71 -11.36
N TYR A 251 10.44 39.73 -12.23
CA TYR A 251 10.25 38.32 -11.90
C TYR A 251 11.37 37.75 -11.03
N TYR A 252 12.54 38.39 -11.01
CA TYR A 252 13.77 37.80 -10.52
C TYR A 252 14.12 38.33 -9.14
N HIS A 253 14.86 37.54 -8.36
CA HIS A 253 15.31 37.94 -7.05
C HIS A 253 16.68 37.31 -6.77
N TYR A 254 17.63 38.14 -6.37
CA TYR A 254 19.03 37.74 -6.21
C TYR A 254 19.50 37.94 -4.77
N ILE A 255 20.16 36.95 -4.19
CA ILE A 255 20.69 37.03 -2.83
C ILE A 255 22.20 36.82 -2.88
N PHE A 256 22.88 37.64 -3.69
CA PHE A 256 24.35 37.74 -3.75
C PHE A 256 25.04 37.57 -2.40
N THR A 257 26.00 36.65 -2.34
CA THR A 257 26.58 36.20 -1.08
C THR A 257 27.70 37.11 -0.57
N THR A 258 28.49 37.67 -1.49
CA THR A 258 29.70 38.42 -1.11
C THR A 258 29.37 39.68 -0.32
N LEU A 259 30.32 40.08 0.52
CA LEU A 259 30.14 41.25 1.38
C LEU A 259 30.66 42.52 0.69
N ASP A 260 30.26 42.68 -0.56
CA ASP A 260 30.73 43.80 -1.39
C ASP A 260 29.66 44.31 -2.33
N LEU A 261 28.37 44.10 -2.04
CA LEU A 261 27.32 44.39 -3.01
C LEU A 261 27.14 45.89 -3.20
N PHE A 262 27.47 46.67 -2.19
CA PHE A 262 27.37 48.13 -2.24
C PHE A 262 28.42 48.74 -3.16
N ALA A 263 29.42 47.95 -3.57
CA ALA A 263 30.44 48.44 -4.47
C ALA A 263 30.15 48.05 -5.92
N LEU A 264 28.87 48.02 -6.29
CA LEU A 264 28.47 47.78 -7.68
C LEU A 264 27.74 49.02 -8.17
N ASP A 265 27.95 49.36 -9.45
CA ASP A 265 27.19 50.44 -10.05
C ASP A 265 25.78 49.93 -10.35
N VAL A 266 24.85 50.21 -9.44
CA VAL A 266 23.49 49.68 -9.59
C VAL A 266 22.59 50.62 -10.38
N GLU A 267 23.14 51.70 -10.93
CA GLU A 267 22.37 52.67 -11.70
C GLU A 267 21.73 52.12 -12.98
N PRO A 268 22.32 51.15 -13.74
CA PRO A 268 21.52 50.50 -14.80
C PRO A 268 20.40 49.62 -14.27
N TYR A 269 20.46 49.23 -13.00
CA TYR A 269 19.45 48.36 -12.43
C TYR A 269 18.64 49.03 -11.35
N ARG A 270 18.86 50.32 -11.09
CA ARG A 270 18.17 51.10 -10.07
C ARG A 270 16.70 51.26 -10.41
N TYR A 271 16.38 51.43 -11.70
CA TYR A 271 15.00 51.46 -12.15
C TYR A 271 14.82 50.36 -13.19
N SER A 272 14.64 49.14 -12.69
CA SER A 272 14.10 48.03 -13.46
C SER A 272 13.12 47.21 -12.66
N GLY A 273 12.99 47.48 -11.36
CA GLY A 273 12.02 46.82 -10.52
C GLY A 273 12.53 45.52 -9.94
N VAL A 274 13.81 45.23 -10.14
CA VAL A 274 14.39 43.96 -9.69
C VAL A 274 14.52 44.02 -8.18
N ASN A 275 14.08 42.93 -7.56
CA ASN A 275 14.59 42.50 -6.28
C ASN A 275 16.09 42.22 -6.40
N MET A 276 16.88 42.68 -5.43
CA MET A 276 18.29 42.33 -5.36
C MET A 276 18.75 42.51 -3.92
N THR A 277 18.86 41.41 -3.19
CA THR A 277 19.18 41.44 -1.77
C THR A 277 20.63 41.00 -1.58
N GLY A 278 21.25 41.47 -0.50
CA GLY A 278 22.61 41.05 -0.21
C GLY A 278 22.93 41.29 1.25
N PHE A 279 24.21 41.51 1.50
CA PHE A 279 24.68 41.88 2.84
C PHE A 279 25.69 43.00 2.76
N ARG A 280 26.05 43.50 3.94
CA ARG A 280 27.09 44.49 4.10
C ARG A 280 27.58 44.43 5.53
N ILE A 281 28.87 44.21 5.71
CA ILE A 281 29.46 44.22 7.04
C ILE A 281 30.25 45.51 7.27
N LEU A 282 30.65 46.18 6.19
CA LEU A 282 31.34 47.46 6.26
C LEU A 282 30.33 48.48 6.76
N ASN A 283 30.48 48.87 8.02
CA ASN A 283 29.58 49.83 8.65
C ASN A 283 29.76 51.19 7.98
N THR A 284 28.72 51.66 7.29
CA THR A 284 28.76 52.95 6.63
C THR A 284 27.71 53.88 7.24
N GLU A 285 27.59 53.80 8.56
CA GLU A 285 26.55 54.51 9.28
C GLU A 285 27.21 55.55 10.18
N ASN A 286 28.29 55.21 10.88
CA ASN A 286 28.89 56.13 11.82
C ASN A 286 29.65 57.23 11.09
N THR A 287 29.58 58.46 11.61
CA THR A 287 30.31 59.57 11.02
C THR A 287 31.81 59.41 11.23
N GLN A 288 32.19 58.67 12.28
CA GLN A 288 33.57 58.25 12.49
C GLN A 288 34.08 57.43 11.31
N VAL A 289 33.47 56.27 11.07
CA VAL A 289 34.04 55.31 10.13
C VAL A 289 33.75 55.70 8.69
N SER A 290 32.79 56.61 8.47
CA SER A 290 32.53 57.05 7.10
C SER A 290 33.62 58.00 6.62
N SER A 291 34.37 58.58 7.57
CA SER A 291 35.49 59.43 7.20
C SER A 291 36.65 58.60 6.65
N ILE A 292 36.89 57.42 7.23
CA ILE A 292 38.06 56.59 6.87
C ILE A 292 37.94 56.10 5.42
N ILE A 293 36.74 55.71 5.01
CA ILE A 293 36.45 55.43 3.61
C ILE A 293 36.64 56.69 2.78
N GLU A 294 36.16 57.82 3.29
CA GLU A 294 36.27 59.08 2.55
C GLU A 294 37.71 59.59 2.51
N LYS A 295 38.47 59.34 3.59
CA LYS A 295 39.88 59.78 3.61
C LYS A 295 40.73 59.01 2.62
N TRP A 296 40.45 57.72 2.46
CA TRP A 296 41.40 56.90 1.69
C TRP A 296 40.87 56.58 0.30
N SER A 297 39.64 56.99 0.01
CA SER A 297 39.22 57.07 -1.39
C SER A 297 39.99 58.18 -2.08
N MET A 298 40.34 59.21 -1.33
CA MET A 298 41.23 60.27 -1.78
C MET A 298 42.64 59.71 -1.95
N GLU A 299 43.04 58.79 -1.09
CA GLU A 299 44.42 58.29 -1.08
C GLU A 299 44.67 57.29 -2.20
N ARG A 300 43.72 56.38 -2.45
CA ARG A 300 43.85 55.43 -3.56
C ARG A 300 43.34 55.99 -4.88
N LEU A 301 43.13 57.31 -4.95
CA LEU A 301 42.88 57.96 -6.23
C LEU A 301 44.11 57.95 -7.12
N GLN A 302 45.31 57.84 -6.52
CA GLN A 302 46.52 57.62 -7.29
C GLN A 302 46.49 56.25 -7.98
N ALA A 303 45.95 55.24 -7.29
CA ALA A 303 45.72 53.93 -7.89
C ALA A 303 44.65 54.05 -8.96
N PRO A 304 44.99 53.86 -10.23
CA PRO A 304 44.08 54.21 -11.31
C PRO A 304 42.96 53.20 -11.45
N PRO A 305 41.75 53.64 -11.81
CA PRO A 305 40.66 52.69 -11.99
C PRO A 305 40.72 51.95 -13.31
N LYS A 306 39.70 51.16 -13.57
CA LYS A 306 39.55 50.29 -14.73
C LYS A 306 38.40 50.87 -15.56
N PRO A 307 38.11 50.36 -16.79
CA PRO A 307 36.91 50.83 -17.51
C PRO A 307 35.62 50.33 -16.89
N ASP A 308 34.49 50.57 -17.57
CA ASP A 308 33.16 50.37 -16.99
C ASP A 308 32.89 48.87 -16.85
N SER A 309 33.41 48.33 -15.74
CA SER A 309 33.24 46.94 -15.38
C SER A 309 32.14 46.73 -14.35
N GLY A 310 31.19 47.67 -14.27
CA GLY A 310 30.02 47.48 -13.44
C GLY A 310 30.18 47.85 -11.97
N LEU A 311 31.39 48.12 -11.53
CA LEU A 311 31.64 48.39 -10.12
C LEU A 311 32.16 49.81 -9.94
N LEU A 312 31.71 50.46 -8.85
CA LEU A 312 32.04 51.86 -8.59
C LEU A 312 33.51 51.99 -8.19
N ASP A 313 34.06 53.19 -8.35
CA ASP A 313 35.48 53.43 -8.14
C ASP A 313 35.73 54.05 -6.77
N GLY A 314 36.87 53.71 -6.19
CA GLY A 314 37.30 54.28 -4.93
C GLY A 314 36.50 53.85 -3.72
N PHE A 315 36.16 52.56 -3.65
CA PHE A 315 35.50 52.01 -2.47
C PHE A 315 36.46 51.07 -1.76
N MET A 316 36.59 51.27 -0.45
CA MET A 316 37.29 50.33 0.40
C MET A 316 36.41 49.11 0.60
N THR A 317 36.64 48.06 -0.20
CA THR A 317 35.61 47.05 -0.43
C THR A 317 35.22 46.22 0.78
N THR A 318 35.99 45.19 1.11
CA THR A 318 35.90 44.53 2.40
C THR A 318 37.30 44.08 2.78
N ASP A 319 38.10 43.80 1.76
CA ASP A 319 39.43 43.23 1.97
C ASP A 319 40.38 44.28 2.53
N ALA A 320 40.22 45.53 2.09
CA ALA A 320 40.97 46.61 2.69
C ALA A 320 40.33 47.05 4.00
N ALA A 321 39.05 46.71 4.21
CA ALA A 321 38.40 47.02 5.47
C ALA A 321 38.83 46.03 6.56
N LEU A 322 38.90 44.75 6.23
CA LEU A 322 39.30 43.75 7.20
C LEU A 322 40.79 43.80 7.49
N MET A 323 41.59 44.26 6.54
CA MET A 323 43.01 44.46 6.80
C MET A 323 43.23 45.72 7.63
N TYR A 324 42.33 46.71 7.50
CA TYR A 324 42.35 47.86 8.39
C TYR A 324 42.05 47.43 9.82
N ASP A 325 41.03 46.60 10.01
CA ASP A 325 40.72 46.06 11.33
C ASP A 325 41.79 45.09 11.82
N ALA A 326 42.56 44.50 10.90
CA ALA A 326 43.63 43.59 11.29
C ALA A 326 44.74 44.32 12.05
N VAL A 327 44.96 45.59 11.71
CA VAL A 327 46.03 46.34 12.36
C VAL A 327 45.60 46.77 13.75
N HIS A 328 44.31 47.11 13.92
CA HIS A 328 43.86 47.68 15.19
C HIS A 328 43.72 46.63 16.28
N VAL A 329 43.20 45.46 15.93
CA VAL A 329 42.91 44.44 16.93
C VAL A 329 44.19 43.87 17.51
N VAL A 330 45.24 43.79 16.70
CA VAL A 330 46.54 43.45 17.28
C VAL A 330 47.15 44.67 17.97
N SER A 331 46.71 45.88 17.61
CA SER A 331 47.24 47.08 18.27
C SER A 331 46.62 47.27 19.64
N VAL A 332 45.44 46.71 19.87
CA VAL A 332 44.87 46.77 21.22
C VAL A 332 45.39 45.61 22.04
N ALA A 333 46.08 44.66 21.39
CA ALA A 333 46.71 43.58 22.13
C ALA A 333 48.13 43.96 22.58
N VAL A 334 48.85 44.72 21.76
CA VAL A 334 50.18 45.17 22.14
C VAL A 334 50.07 46.29 23.18
N GLN A 335 48.93 46.98 23.22
CA GLN A 335 48.72 48.04 24.20
C GLN A 335 48.58 47.46 25.60
N GLN A 336 47.97 46.28 25.71
CA GLN A 336 47.76 45.66 27.01
C GLN A 336 48.90 44.71 27.38
N PHE A 337 50.03 44.85 26.71
CA PHE A 337 51.17 43.95 26.92
C PHE A 337 52.44 44.66 26.47
N PRO A 338 52.99 45.57 27.30
CA PRO A 338 54.05 46.46 26.82
C PRO A 338 55.46 45.88 26.84
N GLN A 339 55.70 44.74 27.50
CA GLN A 339 57.06 44.27 27.63
C GLN A 339 57.51 43.40 26.45
N MET A 340 57.30 43.88 25.23
CA MET A 340 57.57 43.09 24.03
C MET A 340 58.87 43.49 23.37
N THR A 341 59.49 42.48 22.75
CA THR A 341 60.60 42.67 21.83
C THR A 341 60.23 42.02 20.50
N VAL A 342 61.15 42.00 19.55
CA VAL A 342 60.97 41.22 18.33
C VAL A 342 62.17 40.31 18.13
N SER A 343 62.05 39.07 18.63
CA SER A 343 63.15 38.12 18.58
C SER A 343 63.39 37.65 17.15
N SER A 344 64.65 37.73 16.71
CA SER A 344 65.03 37.30 15.38
C SER A 344 65.06 35.76 15.32
N LEU A 345 63.87 35.20 15.08
CA LEU A 345 63.69 33.75 15.12
C LEU A 345 64.31 33.07 13.92
N GLN A 346 64.55 31.77 14.03
CA GLN A 346 65.14 30.99 12.95
C GLN A 346 64.19 29.88 12.55
N CYS A 347 64.17 29.55 11.26
CA CYS A 347 63.29 28.52 10.73
C CYS A 347 63.77 27.13 11.12
N ASN A 348 65.09 26.93 11.15
CA ASN A 348 65.68 25.63 11.39
C ASN A 348 65.49 25.17 12.84
N ARG A 349 65.86 26.03 13.79
CA ARG A 349 65.70 25.72 15.20
C ARG A 349 64.29 26.06 15.63
N HIS A 350 63.61 25.12 16.28
CA HIS A 350 62.23 25.32 16.71
C HIS A 350 62.17 25.91 18.12
N LYS A 351 62.86 27.02 18.30
CA LYS A 351 62.73 27.77 19.53
C LYS A 351 61.54 28.72 19.41
N PRO A 352 60.47 28.50 20.18
CA PRO A 352 59.27 29.35 20.04
C PRO A 352 59.50 30.74 20.57
N TRP A 353 58.75 31.70 20.04
CA TRP A 353 58.83 33.10 20.47
C TRP A 353 58.23 33.14 21.87
N ARG A 354 59.04 33.59 22.83
CA ARG A 354 58.76 33.50 24.26
C ARG A 354 57.52 34.26 24.70
N PHE A 355 57.10 35.25 23.92
CA PHE A 355 55.95 36.07 24.29
C PHE A 355 54.69 35.53 23.62
N GLY A 356 54.85 34.47 22.84
CA GLY A 356 53.82 33.96 21.94
C GLY A 356 52.50 33.52 22.55
N THR A 357 52.56 32.72 23.62
CA THR A 357 51.33 32.19 24.20
C THR A 357 50.53 33.28 24.91
N ARG A 358 51.24 34.24 25.52
CA ARG A 358 50.57 35.37 26.15
C ARG A 358 49.97 36.30 25.10
N PHE A 359 50.73 36.57 24.04
CA PHE A 359 50.32 37.57 23.05
C PHE A 359 49.20 37.03 22.16
N MET A 360 49.14 35.72 22.00
CA MET A 360 48.04 35.12 21.24
C MET A 360 46.74 35.19 22.03
N SER A 361 46.83 35.06 23.36
CA SER A 361 45.64 35.03 24.19
C SER A 361 45.02 36.43 24.32
N LEU A 362 45.82 37.47 24.10
CA LEU A 362 45.28 38.82 24.16
C LEU A 362 44.64 39.24 22.85
N ILE A 363 45.08 38.63 21.74
CA ILE A 363 44.41 38.85 20.46
C ILE A 363 43.03 38.22 20.47
N LYS A 364 42.94 36.98 20.97
CA LYS A 364 41.65 36.28 20.99
C LYS A 364 40.70 36.81 22.05
N GLU A 365 41.16 37.71 22.92
CA GLU A 365 40.29 38.31 23.92
C GLU A 365 40.16 39.81 23.70
N ALA A 366 40.10 40.22 22.44
CA ALA A 366 39.95 41.62 22.07
C ALA A 366 38.51 41.88 21.62
N HIS A 367 38.10 43.14 21.73
CA HIS A 367 36.75 43.55 21.35
C HIS A 367 36.77 44.89 20.63
N TRP A 368 37.95 45.32 20.18
CA TRP A 368 38.14 46.66 19.62
C TRP A 368 37.37 46.89 18.34
N GLU A 369 36.41 47.82 18.39
CA GLU A 369 35.52 48.12 17.27
C GLU A 369 36.27 48.72 16.09
N GLY A 370 35.69 48.61 14.90
CA GLY A 370 36.37 49.08 13.71
C GLY A 370 35.38 49.30 12.59
N LEU A 371 35.89 49.11 11.37
CA LEU A 371 35.07 49.30 10.17
C LEU A 371 34.00 48.24 10.02
N THR A 372 34.34 46.98 10.22
CA THR A 372 33.37 45.92 10.01
C THR A 372 32.54 45.59 11.25
N GLY A 373 32.45 46.51 12.19
CA GLY A 373 31.59 46.35 13.34
C GLY A 373 32.34 45.81 14.54
N ARG A 374 31.71 44.84 15.20
CA ARG A 374 32.28 44.21 16.37
C ARG A 374 33.28 43.14 15.95
N ILE A 375 34.46 43.15 16.56
CA ILE A 375 35.55 42.30 16.10
C ILE A 375 35.87 41.31 17.21
N THR A 376 34.86 40.89 17.96
CA THR A 376 35.05 39.84 18.95
C THR A 376 35.31 38.51 18.25
N PHE A 377 36.20 37.72 18.84
CA PHE A 377 36.57 36.43 18.29
C PHE A 377 35.79 35.32 19.00
N ASN A 378 35.83 34.14 18.43
CA ASN A 378 35.36 32.95 19.11
C ASN A 378 36.54 32.30 19.81
N LYS A 379 36.30 31.68 20.96
CA LYS A 379 37.32 30.81 21.54
C LYS A 379 37.14 29.41 20.96
N THR A 380 38.16 28.55 21.17
CA THR A 380 38.31 27.15 20.76
C THR A 380 38.63 27.05 19.26
N ASN A 381 38.57 28.19 18.56
CA ASN A 381 39.03 28.34 17.18
C ASN A 381 39.17 29.83 16.89
N GLY A 382 40.28 30.22 16.27
CA GLY A 382 40.50 31.62 15.94
C GLY A 382 39.68 32.12 14.77
N LEU A 383 38.35 32.08 14.89
CA LEU A 383 37.48 32.53 13.83
C LEU A 383 36.66 33.72 14.31
N ARG A 384 35.78 34.21 13.45
CA ARG A 384 34.89 35.33 13.77
C ARG A 384 33.48 34.87 13.47
N THR A 385 32.82 34.30 14.47
CA THR A 385 31.45 33.82 14.34
C THR A 385 30.45 34.70 15.08
N ASP A 386 30.87 35.86 15.55
CA ASP A 386 30.00 36.82 16.24
C ASP A 386 30.28 38.18 15.60
N PHE A 387 29.34 38.64 14.77
CA PHE A 387 29.54 39.83 13.94
C PHE A 387 28.16 40.38 13.59
N ASP A 388 28.15 41.57 12.97
CA ASP A 388 26.92 42.32 12.77
C ASP A 388 26.75 42.59 11.27
N LEU A 389 25.91 41.80 10.62
CA LEU A 389 25.58 42.05 9.22
C LEU A 389 24.41 43.02 9.12
N ASP A 390 24.39 43.75 7.99
CA ASP A 390 23.29 44.67 7.69
C ASP A 390 22.74 44.27 6.33
N VAL A 391 21.52 43.75 6.31
CA VAL A 391 20.93 43.25 5.08
C VAL A 391 20.54 44.42 4.19
N ILE A 392 21.01 44.42 2.95
CA ILE A 392 20.75 45.51 2.02
C ILE A 392 19.87 45.00 0.90
N SER A 393 19.16 45.91 0.25
CA SER A 393 18.27 45.58 -0.85
C SER A 393 18.37 46.68 -1.90
N LEU A 394 17.97 46.34 -3.13
CA LEU A 394 17.98 47.30 -4.22
C LEU A 394 16.62 47.95 -4.33
N LYS A 395 16.56 49.24 -4.03
CA LYS A 395 15.35 50.03 -4.17
C LYS A 395 15.57 51.10 -5.23
N GLU A 396 14.61 52.00 -5.35
CA GLU A 396 14.66 53.05 -6.37
C GLU A 396 15.72 54.10 -6.04
N GLU A 397 16.18 54.15 -4.80
CA GLU A 397 17.22 55.08 -4.36
C GLU A 397 18.55 54.38 -4.15
N GLY A 398 18.87 53.39 -4.98
CA GLY A 398 20.12 52.67 -4.86
C GLY A 398 20.02 51.47 -3.94
N LEU A 399 21.10 51.16 -3.24
CA LEU A 399 21.13 50.08 -2.27
C LEU A 399 20.96 50.63 -0.87
N GLU A 400 19.89 50.21 -0.19
CA GLU A 400 19.57 50.73 1.13
C GLU A 400 19.52 49.58 2.12
N LYS A 401 19.86 49.88 3.37
CA LYS A 401 19.75 48.94 4.48
C LYS A 401 18.28 48.60 4.72
N ILE A 402 17.98 47.32 4.97
CA ILE A 402 16.60 46.89 5.13
C ILE A 402 16.50 46.08 6.41
N GLY A 403 17.63 45.88 7.09
CA GLY A 403 17.59 45.15 8.34
C GLY A 403 18.98 44.86 8.87
N THR A 404 19.04 43.92 9.80
CA THR A 404 20.30 43.56 10.43
C THR A 404 20.24 42.07 10.78
N TRP A 405 21.37 41.53 11.24
CA TRP A 405 21.47 40.12 11.56
C TRP A 405 22.57 39.85 12.57
N ASP A 406 22.20 39.38 13.75
CA ASP A 406 23.19 38.89 14.69
C ASP A 406 23.14 37.36 14.69
N PRO A 407 24.24 36.69 15.06
CA PRO A 407 24.22 35.22 15.05
C PRO A 407 23.35 34.61 16.13
N ALA A 408 23.10 35.34 17.22
CA ALA A 408 22.34 34.82 18.36
C ALA A 408 21.07 35.65 18.54
N SER A 409 20.69 36.39 17.50
CA SER A 409 19.47 37.19 17.56
C SER A 409 18.66 37.06 16.27
N GLY A 410 19.16 36.25 15.34
CA GLY A 410 18.44 35.98 14.11
C GLY A 410 18.34 37.16 13.18
N LEU A 411 17.34 37.13 12.29
CA LEU A 411 17.20 38.15 11.26
C LEU A 411 16.20 39.22 11.67
N ASN A 412 16.69 40.39 12.08
CA ASN A 412 15.82 41.49 12.49
C ASN A 412 15.56 42.38 11.27
N MET A 413 14.41 42.16 10.63
CA MET A 413 14.06 42.93 9.44
C MET A 413 13.30 44.18 9.85
N THR A 414 13.34 45.24 9.05
CA THR A 414 12.66 46.48 9.37
C THR A 414 11.20 46.38 8.93
N GLU A 415 10.40 47.35 9.35
CA GLU A 415 8.99 47.37 8.97
C GLU A 415 8.73 48.44 7.92
N SER A 416 8.32 48.00 6.72
CA SER A 416 7.93 48.94 5.67
C SER A 416 6.62 49.63 6.04
N GLN A 417 5.70 48.86 6.61
CA GLN A 417 4.55 49.23 7.43
C GLN A 417 3.37 49.84 6.67
N LYS A 418 3.61 50.57 5.58
CA LYS A 418 3.10 50.50 4.20
C LYS A 418 3.28 51.91 3.65
N GLY A 419 3.15 52.15 2.35
CA GLY A 419 2.83 53.52 2.01
C GLY A 419 1.41 53.84 1.56
N LYS A 420 1.07 53.42 0.32
CA LYS A 420 -0.18 53.56 -0.43
C LYS A 420 0.13 53.02 -1.83
N PRO A 421 -0.87 52.59 -2.63
CA PRO A 421 -0.65 52.53 -4.09
C PRO A 421 -0.25 53.88 -4.68
N ALA A 422 -0.98 54.94 -4.33
CA ALA A 422 -0.52 56.34 -4.44
C ALA A 422 -0.15 56.78 -5.86
N ASN A 423 -1.16 56.95 -6.73
CA ASN A 423 -0.97 57.19 -8.16
C ASN A 423 -0.19 56.08 -8.86
N ILE A 424 -0.86 54.95 -9.08
CA ILE A 424 -0.35 53.84 -9.88
C ILE A 424 -0.07 54.24 -11.34
N THR A 425 -0.56 55.42 -11.78
CA THR A 425 -0.55 55.99 -13.13
C THR A 425 0.71 55.78 -13.96
N ASP A 426 1.89 55.94 -13.38
CA ASP A 426 3.11 55.69 -14.13
C ASP A 426 4.04 54.74 -13.38
N SER A 427 3.48 53.75 -12.70
CA SER A 427 4.28 52.79 -11.94
C SER A 427 5.02 51.85 -12.87
N LEU A 428 4.41 51.49 -13.99
CA LEU A 428 5.03 50.57 -14.93
C LEU A 428 5.75 51.32 -16.04
N SER A 429 6.32 52.48 -15.72
CA SER A 429 7.15 53.19 -16.68
C SER A 429 8.46 52.45 -16.91
N ASN A 430 9.12 52.75 -18.04
CA ASN A 430 10.38 52.17 -18.52
C ASN A 430 10.28 50.67 -18.83
N ARG A 431 9.07 50.12 -18.81
CA ARG A 431 8.93 48.68 -18.98
C ARG A 431 8.78 48.33 -20.47
N SER A 432 8.86 47.03 -20.74
CA SER A 432 8.62 46.51 -22.08
C SER A 432 7.99 45.13 -21.93
N LEU A 433 6.83 44.96 -22.55
CA LEU A 433 6.06 43.74 -22.36
C LEU A 433 5.76 43.11 -23.70
N ILE A 434 5.78 41.78 -23.73
CA ILE A 434 5.45 41.01 -24.91
C ILE A 434 4.00 40.56 -24.76
N VAL A 435 3.13 41.06 -25.62
CA VAL A 435 1.70 40.78 -25.56
C VAL A 435 1.34 39.84 -26.70
N THR A 436 0.64 38.76 -26.39
CA THR A 436 0.20 37.81 -27.40
C THR A 436 -1.32 37.79 -27.49
N THR A 437 -1.84 37.92 -28.70
CA THR A 437 -3.27 37.92 -28.96
C THR A 437 -3.59 36.90 -30.03
N ILE A 438 -4.88 36.73 -30.30
CA ILE A 438 -5.36 36.07 -31.51
C ILE A 438 -6.38 36.99 -32.16
N LEU A 439 -6.34 37.04 -33.50
CA LEU A 439 -7.39 37.59 -34.34
C LEU A 439 -8.77 37.14 -33.88
N GLU A 440 -9.58 38.11 -33.47
CA GLU A 440 -10.98 37.86 -33.16
C GLU A 440 -11.72 39.12 -33.57
N GLU A 441 -12.58 39.00 -34.58
CA GLU A 441 -13.18 40.09 -35.34
C GLU A 441 -13.83 41.24 -34.55
N PRO A 442 -14.38 41.05 -33.34
CA PRO A 442 -14.67 42.24 -32.52
C PRO A 442 -13.53 42.69 -31.63
N TYR A 443 -12.53 41.85 -31.37
CA TYR A 443 -11.49 42.14 -30.38
C TYR A 443 -10.13 42.42 -31.01
N VAL A 444 -9.68 41.60 -31.96
CA VAL A 444 -8.43 41.81 -32.69
C VAL A 444 -8.68 41.56 -34.16
N LEU A 445 -8.41 42.56 -35.00
CA LEU A 445 -8.48 42.40 -36.45
C LEU A 445 -7.26 43.08 -37.06
N PHE A 446 -6.80 42.56 -38.20
CA PHE A 446 -5.78 43.28 -38.97
C PHE A 446 -6.39 44.57 -39.48
N LYS A 447 -5.66 45.67 -39.35
CA LYS A 447 -6.15 46.97 -39.81
C LYS A 447 -6.18 46.99 -41.33
N LYS A 448 -7.34 46.72 -41.91
CA LYS A 448 -7.51 46.62 -43.36
C LYS A 448 -7.49 48.03 -43.93
N SER A 449 -6.32 48.44 -44.39
CA SER A 449 -6.06 49.81 -44.84
C SER A 449 -4.95 49.79 -45.89
N ASP A 450 -4.28 50.93 -46.07
CA ASP A 450 -3.30 51.13 -47.13
C ASP A 450 -1.98 50.41 -46.88
N LYS A 451 -0.92 50.84 -47.59
CA LYS A 451 0.45 50.32 -47.72
C LYS A 451 1.01 49.79 -46.39
N PRO A 452 1.80 48.66 -46.41
CA PRO A 452 1.87 47.73 -45.26
C PRO A 452 2.17 48.29 -43.89
N LEU A 453 1.18 48.17 -43.00
CA LEU A 453 1.27 48.68 -41.63
C LEU A 453 2.12 47.72 -40.81
N TYR A 454 3.17 48.24 -40.20
CA TYR A 454 4.09 47.43 -39.41
C TYR A 454 4.05 47.84 -37.94
N GLY A 455 4.57 46.98 -37.09
CA GLY A 455 4.61 47.24 -35.67
C GLY A 455 3.33 46.89 -34.96
N ASN A 456 2.84 47.87 -34.19
CA ASN A 456 1.59 47.69 -33.45
C ASN A 456 0.43 48.25 -34.25
N ASP A 457 0.74 48.89 -35.38
CA ASP A 457 -0.30 49.51 -36.19
C ASP A 457 -1.00 48.48 -37.09
N ARG A 458 -0.47 47.27 -37.16
CA ARG A 458 -1.07 46.21 -37.96
C ARG A 458 -2.27 45.58 -37.25
N PHE A 459 -2.51 45.95 -36.00
CA PHE A 459 -3.64 45.44 -35.24
C PHE A 459 -4.58 46.58 -34.87
N GLU A 460 -5.85 46.20 -34.67
CA GLU A 460 -6.91 47.11 -34.27
C GLU A 460 -8.05 46.26 -33.73
N GLY A 461 -8.87 46.80 -32.85
CA GLY A 461 -10.01 46.08 -32.35
C GLY A 461 -10.40 46.60 -30.98
N TYR A 462 -10.97 45.71 -30.17
CA TYR A 462 -11.40 46.11 -28.84
C TYR A 462 -10.26 46.01 -27.84
N CYS A 463 -9.70 44.82 -27.68
CA CYS A 463 -8.67 44.65 -26.65
C CYS A 463 -7.33 45.23 -27.09
N ILE A 464 -7.17 45.52 -28.39
CA ILE A 464 -6.09 46.39 -28.81
C ILE A 464 -6.35 47.81 -28.34
N ASP A 465 -7.61 48.26 -28.40
CA ASP A 465 -7.96 49.57 -27.87
C ASP A 465 -8.02 49.54 -26.34
N LEU A 466 -8.01 48.35 -25.75
CA LEU A 466 -7.88 48.26 -24.30
C LEU A 466 -6.44 48.49 -23.87
N LEU A 467 -5.48 48.03 -24.68
CA LEU A 467 -4.08 48.33 -24.42
C LEU A 467 -3.79 49.81 -24.53
N ARG A 468 -4.47 50.49 -25.45
CA ARG A 468 -4.20 51.91 -25.68
C ARG A 468 -4.66 52.76 -24.49
N GLU A 469 -5.59 52.23 -23.69
CA GLU A 469 -5.97 52.94 -22.47
C GLU A 469 -5.48 52.22 -21.23
N LEU A 470 -4.81 51.07 -21.39
CA LEU A 470 -4.01 50.53 -20.28
C LEU A 470 -2.60 51.08 -20.31
N SER A 471 -2.05 51.34 -21.50
CA SER A 471 -0.73 51.93 -21.59
C SER A 471 -0.77 53.41 -21.24
N THR A 472 -1.95 54.01 -21.28
CA THR A 472 -2.10 55.38 -20.80
C THR A 472 -2.11 55.43 -19.26
N ILE A 473 -2.74 54.46 -18.62
CA ILE A 473 -2.95 54.48 -17.18
C ILE A 473 -1.83 53.76 -16.44
N LEU A 474 -0.89 53.14 -17.15
CA LEU A 474 0.25 52.50 -16.52
C LEU A 474 1.58 52.92 -17.14
N GLY A 475 1.58 53.40 -18.37
CA GLY A 475 2.77 53.98 -18.97
C GLY A 475 3.85 53.01 -19.39
N PHE A 476 3.47 51.88 -20.00
CA PHE A 476 4.49 50.94 -20.45
C PHE A 476 4.51 50.86 -21.97
N THR A 477 5.42 50.07 -22.52
CA THR A 477 5.48 49.84 -23.95
C THR A 477 5.08 48.39 -24.21
N TYR A 478 4.56 48.14 -25.41
CA TYR A 478 3.95 46.85 -25.68
C TYR A 478 4.13 46.49 -27.14
N GLU A 479 4.43 45.22 -27.40
CA GLU A 479 4.53 44.68 -28.75
C GLU A 479 3.53 43.55 -28.87
N ILE A 480 2.49 43.74 -29.69
CA ILE A 480 1.50 42.69 -29.86
C ILE A 480 2.10 41.61 -30.76
N ARG A 481 2.44 40.47 -30.17
CA ARG A 481 2.77 39.31 -30.98
C ARG A 481 1.49 38.55 -31.28
N LEU A 482 1.55 37.61 -32.22
CA LEU A 482 0.49 36.65 -32.38
C LEU A 482 0.99 35.35 -31.80
N VAL A 483 0.08 34.40 -31.59
CA VAL A 483 0.47 33.07 -31.15
C VAL A 483 0.93 32.33 -32.40
N GLU A 484 1.73 31.28 -32.22
CA GLU A 484 2.14 30.48 -33.36
C GLU A 484 1.22 29.29 -33.57
N ASP A 485 0.58 28.83 -32.49
CA ASP A 485 -0.28 27.64 -32.54
C ASP A 485 -1.60 27.93 -33.24
N GLY A 486 -2.29 28.97 -32.78
CA GLY A 486 -3.61 29.31 -33.29
C GLY A 486 -4.65 29.17 -32.20
N LYS A 487 -4.33 28.39 -31.18
CA LYS A 487 -5.30 27.99 -30.18
C LYS A 487 -5.42 29.06 -29.10
N TYR A 488 -6.31 28.82 -28.14
CA TYR A 488 -6.47 29.68 -26.97
C TYR A 488 -5.91 29.07 -25.70
N GLY A 489 -5.94 27.76 -25.55
CA GLY A 489 -5.39 27.09 -24.39
C GLY A 489 -6.32 26.03 -23.85
N ALA A 490 -5.82 24.80 -23.82
CA ALA A 490 -6.51 23.66 -23.22
C ALA A 490 -5.48 22.59 -22.90
N GLN A 491 -5.71 21.83 -21.85
CA GLN A 491 -4.75 20.86 -21.37
C GLN A 491 -4.74 19.67 -22.30
N ASP A 492 -3.54 19.24 -22.72
CA ASP A 492 -3.40 18.01 -23.48
C ASP A 492 -3.80 16.84 -22.57
N ASP A 493 -4.61 15.92 -23.08
CA ASP A 493 -5.24 14.93 -22.23
C ASP A 493 -4.24 13.86 -21.80
N VAL A 494 -3.28 13.55 -22.66
CA VAL A 494 -2.37 12.43 -22.39
C VAL A 494 -0.99 12.95 -22.01
N ASN A 495 -0.81 14.26 -22.03
CA ASN A 495 0.50 14.83 -21.75
C ASN A 495 0.44 15.81 -20.57
N GLY A 496 -0.58 16.66 -20.55
CA GLY A 496 -0.72 17.62 -19.47
C GLY A 496 -0.37 19.04 -19.87
N GLN A 497 0.37 19.19 -20.97
CA GLN A 497 0.79 20.50 -21.41
C GLN A 497 -0.34 21.31 -22.02
N TRP A 498 -0.07 22.58 -22.29
CA TRP A 498 -1.08 23.50 -22.81
C TRP A 498 -0.66 23.95 -24.20
N ASN A 499 -1.53 24.65 -24.92
CA ASN A 499 -1.21 25.12 -26.26
C ASN A 499 -2.01 26.37 -26.64
N GLY A 500 -1.30 27.47 -26.92
CA GLY A 500 -1.92 28.73 -27.23
C GLY A 500 -1.35 29.84 -26.39
N MET A 501 -2.24 30.74 -25.94
CA MET A 501 -1.79 31.80 -25.05
C MET A 501 -1.49 31.27 -23.67
N VAL A 502 -2.13 30.17 -23.27
CA VAL A 502 -1.86 29.60 -21.95
C VAL A 502 -0.47 28.97 -21.93
N ARG A 503 -0.04 28.40 -23.06
CA ARG A 503 1.32 27.89 -23.13
C ARG A 503 2.33 29.01 -23.28
N GLU A 504 1.98 30.08 -24.00
CA GLU A 504 2.94 31.18 -24.15
C GLU A 504 2.99 32.06 -22.91
N LEU A 505 1.95 32.02 -22.08
CA LEU A 505 2.07 32.68 -20.79
C LEU A 505 2.82 31.84 -19.78
N ILE A 506 2.73 30.51 -19.86
CA ILE A 506 3.36 29.69 -18.82
C ILE A 506 4.86 29.59 -19.04
N ASP A 507 5.32 29.66 -20.31
CA ASP A 507 6.74 29.45 -20.60
C ASP A 507 7.59 30.56 -19.99
N HIS A 508 7.70 31.71 -20.66
CA HIS A 508 7.36 33.03 -20.17
C HIS A 508 7.23 33.97 -21.36
N LYS A 509 7.03 33.39 -22.55
CA LYS A 509 7.09 34.04 -23.86
C LYS A 509 6.05 35.11 -24.03
N ALA A 510 4.98 35.09 -23.25
CA ALA A 510 4.03 36.19 -23.22
C ALA A 510 4.11 36.81 -21.84
N ASP A 511 4.39 38.11 -21.80
CA ASP A 511 4.47 38.81 -20.53
C ASP A 511 3.08 39.20 -20.02
N LEU A 512 2.15 39.47 -20.94
CA LEU A 512 0.79 39.86 -20.59
C LEU A 512 -0.13 39.61 -21.77
N ALA A 513 -1.09 38.70 -21.64
CA ALA A 513 -1.96 38.33 -22.76
C ALA A 513 -3.33 38.93 -22.54
N VAL A 514 -3.64 39.97 -23.32
CA VAL A 514 -4.97 40.58 -23.32
C VAL A 514 -5.75 40.08 -24.54
N ALA A 515 -6.95 39.58 -24.31
CA ALA A 515 -7.57 38.68 -25.26
C ALA A 515 -9.05 38.46 -24.94
N PRO A 516 -9.76 37.65 -25.75
CA PRO A 516 -10.96 36.96 -25.23
C PRO A 516 -10.65 35.77 -24.34
N LEU A 517 -9.43 35.66 -23.82
CA LEU A 517 -9.01 34.54 -23.00
C LEU A 517 -9.78 34.54 -21.67
N ALA A 518 -10.70 33.59 -21.53
CA ALA A 518 -11.73 33.60 -20.50
C ALA A 518 -11.21 32.98 -19.21
N ILE A 519 -11.61 33.56 -18.09
CA ILE A 519 -11.24 33.06 -16.77
C ILE A 519 -11.98 31.76 -16.47
N THR A 520 -11.24 30.67 -16.37
CA THR A 520 -11.78 29.39 -15.95
C THR A 520 -11.09 28.96 -14.67
N TYR A 521 -11.38 27.73 -14.24
CA TYR A 521 -10.74 27.21 -13.04
C TYR A 521 -9.49 26.41 -13.38
N VAL A 522 -9.49 25.77 -14.56
CA VAL A 522 -8.32 24.98 -14.96
C VAL A 522 -7.20 25.89 -15.47
N ARG A 523 -7.55 27.12 -15.85
CA ARG A 523 -6.52 28.09 -16.20
C ARG A 523 -6.03 28.84 -14.97
N GLU A 524 -6.77 28.79 -13.86
CA GLU A 524 -6.36 29.49 -12.66
C GLU A 524 -5.19 28.76 -11.99
N LYS A 525 -5.11 27.45 -12.19
CA LYS A 525 -3.99 26.67 -11.65
C LYS A 525 -2.70 26.90 -12.42
N VAL A 526 -2.77 27.53 -13.59
CA VAL A 526 -1.64 27.63 -14.51
C VAL A 526 -1.19 29.07 -14.66
N ILE A 527 -2.12 29.95 -15.03
CA ILE A 527 -1.80 31.36 -15.19
C ILE A 527 -2.63 32.16 -14.19
N ASP A 528 -2.44 33.46 -14.16
CA ASP A 528 -3.16 34.33 -13.23
C ASP A 528 -3.89 35.41 -14.01
N PHE A 529 -5.03 35.82 -13.49
CA PHE A 529 -5.91 36.75 -14.18
C PHE A 529 -6.06 38.04 -13.42
N SER A 530 -6.25 39.12 -14.18
CA SER A 530 -6.43 40.44 -13.60
C SER A 530 -7.72 40.57 -12.80
N LYS A 531 -8.87 40.52 -13.48
CA LYS A 531 -10.21 40.69 -12.95
C LYS A 531 -11.11 40.48 -14.16
N PRO A 532 -12.35 40.00 -13.99
CA PRO A 532 -13.31 40.06 -15.11
C PRO A 532 -13.61 41.47 -15.55
N PHE A 533 -13.21 41.82 -16.77
CA PHE A 533 -13.51 43.16 -17.28
C PHE A 533 -14.70 43.13 -18.21
N MET A 534 -15.10 41.95 -18.69
CA MET A 534 -16.36 41.76 -19.39
C MET A 534 -17.01 40.50 -18.85
N THR A 535 -18.01 40.67 -17.97
CA THR A 535 -18.79 39.54 -17.47
C THR A 535 -19.62 38.96 -18.61
N LEU A 536 -19.78 37.64 -18.63
CA LEU A 536 -19.98 36.96 -19.90
C LEU A 536 -20.44 35.51 -19.71
N GLY A 537 -20.92 34.87 -20.78
CA GLY A 537 -21.41 33.51 -20.67
C GLY A 537 -21.16 32.71 -21.92
N ILE A 538 -21.50 31.43 -21.85
CA ILE A 538 -21.50 30.56 -23.03
C ILE A 538 -22.92 30.57 -23.59
N SER A 539 -23.06 30.70 -24.90
CA SER A 539 -24.37 30.51 -25.51
C SER A 539 -24.25 29.76 -26.83
N ILE A 540 -25.36 29.66 -27.55
CA ILE A 540 -25.41 28.87 -28.77
C ILE A 540 -25.72 29.79 -29.95
N LEU A 541 -24.97 29.66 -31.03
CA LEU A 541 -25.31 30.34 -32.27
C LEU A 541 -25.92 29.33 -33.24
N TYR A 542 -27.04 29.73 -33.85
CA TYR A 542 -27.75 28.84 -34.75
C TYR A 542 -28.53 29.64 -35.78
N ARG A 543 -28.69 29.06 -36.98
CA ARG A 543 -29.42 29.66 -38.09
C ARG A 543 -30.87 29.93 -37.70
N LYS A 544 -31.31 31.19 -37.82
CA LYS A 544 -32.66 31.61 -37.43
C LYS A 544 -33.69 30.91 -38.31
N PRO A 545 -34.92 30.68 -37.85
CA PRO A 545 -35.85 29.81 -38.59
C PRO A 545 -36.24 30.31 -39.96
N ASN A 546 -36.23 29.39 -40.92
CA ASN A 546 -36.29 29.63 -42.35
C ASN A 546 -37.64 29.17 -42.88
N TRP A 640 -75.27 13.61 -55.63
CA TRP A 640 -73.88 13.94 -55.93
C TRP A 640 -73.37 15.03 -54.99
N TRP A 641 -74.31 15.83 -54.46
CA TRP A 641 -73.95 16.84 -53.48
C TRP A 641 -73.51 16.21 -52.16
N PHE A 642 -74.02 15.02 -51.86
CA PHE A 642 -73.55 14.27 -50.70
C PHE A 642 -72.15 13.72 -50.93
N PHE A 643 -71.81 13.43 -52.20
CA PHE A 643 -70.45 12.98 -52.51
C PHE A 643 -69.45 14.12 -52.36
N THR A 644 -69.89 15.35 -52.62
CA THR A 644 -69.04 16.51 -52.37
C THR A 644 -68.93 16.78 -50.87
N LEU A 645 -69.91 16.33 -50.09
CA LEU A 645 -69.90 16.54 -48.65
C LEU A 645 -68.89 15.64 -47.95
N ILE A 646 -68.52 14.54 -48.61
CA ILE A 646 -67.55 13.61 -48.03
C ILE A 646 -66.12 13.99 -48.43
N ILE A 647 -65.94 14.47 -49.65
CA ILE A 647 -64.59 14.75 -50.17
C ILE A 647 -64.03 16.00 -49.51
N ILE A 648 -64.90 16.85 -48.95
CA ILE A 648 -64.41 17.99 -48.18
C ILE A 648 -64.08 17.56 -46.76
N SER A 649 -64.70 16.49 -46.28
CA SER A 649 -64.41 16.00 -44.93
C SER A 649 -63.04 15.34 -44.89
N SER A 650 -62.71 14.57 -45.93
CA SER A 650 -61.36 14.01 -46.03
C SER A 650 -60.34 15.09 -46.34
N TYR A 651 -60.75 16.18 -46.99
CA TYR A 651 -59.84 17.30 -47.17
C TYR A 651 -59.64 18.08 -45.88
N THR A 652 -60.69 18.17 -45.05
CA THR A 652 -60.55 18.82 -43.75
C THR A 652 -59.73 17.96 -42.80
N ALA A 653 -59.93 16.63 -42.86
CA ALA A 653 -59.19 15.73 -42.01
C ALA A 653 -57.71 15.68 -42.41
N ASN A 654 -57.44 15.80 -43.71
CA ASN A 654 -56.06 15.93 -44.16
C ASN A 654 -55.48 17.27 -43.73
N LEU A 655 -56.29 18.32 -43.72
CA LEU A 655 -55.79 19.64 -43.36
C LEU A 655 -55.60 19.75 -41.85
N ALA A 656 -56.47 19.08 -41.08
CA ALA A 656 -56.32 19.09 -39.63
C ALA A 656 -55.14 18.23 -39.19
N ALA A 657 -54.80 17.23 -39.99
CA ALA A 657 -53.65 16.38 -39.68
C ALA A 657 -52.35 17.13 -39.88
N PHE A 658 -52.28 17.94 -40.94
CA PHE A 658 -51.04 18.66 -41.25
C PHE A 658 -50.89 19.90 -40.37
N LEU A 659 -52.00 20.54 -40.02
CA LEU A 659 -51.94 21.73 -39.18
C LEU A 659 -51.61 21.37 -37.74
N THR A 660 -51.85 20.13 -37.35
CA THR A 660 -51.53 19.70 -35.99
C THR A 660 -50.04 19.42 -35.84
N VAL A 661 -49.45 18.70 -36.81
CA VAL A 661 -48.10 18.21 -36.65
C VAL A 661 -47.08 19.33 -36.80
N GLU A 662 -47.43 20.40 -37.51
CA GLU A 662 -46.51 21.53 -37.59
C GLU A 662 -46.70 22.50 -36.44
N ARG A 663 -47.71 22.29 -35.59
CA ARG A 663 -47.86 23.11 -34.39
C ARG A 663 -47.52 22.35 -33.11
N MET A 664 -47.04 21.11 -33.23
CA MET A 664 -46.32 20.47 -32.13
C MET A 664 -44.84 20.74 -32.23
N GLU A 665 -44.35 21.10 -33.41
CA GLU A 665 -42.93 21.22 -33.69
C GLU A 665 -42.36 22.46 -33.02
N SER A 666 -41.39 22.23 -32.13
CA SER A 666 -40.70 23.29 -31.48
C SER A 666 -39.30 23.29 -32.08
N PRO A 667 -38.78 24.44 -32.49
CA PRO A 667 -37.40 24.51 -32.98
C PRO A 667 -36.41 24.37 -31.82
N ILE A 668 -35.13 24.39 -32.17
CA ILE A 668 -34.07 24.21 -31.18
C ILE A 668 -33.99 25.46 -30.35
N ASP A 669 -34.61 25.45 -29.17
CA ASP A 669 -34.58 26.61 -28.30
C ASP A 669 -33.40 26.57 -27.35
N SER A 670 -33.38 25.58 -26.46
CA SER A 670 -32.40 25.55 -25.40
C SER A 670 -31.36 24.46 -25.67
N ALA A 671 -30.38 24.38 -24.76
CA ALA A 671 -29.37 23.34 -24.85
C ALA A 671 -29.94 21.96 -24.57
N ASP A 672 -30.93 21.84 -23.67
CA ASP A 672 -31.57 20.55 -23.45
C ASP A 672 -32.46 20.18 -24.63
N ASP A 673 -32.98 21.17 -25.35
CA ASP A 673 -33.64 20.89 -26.63
C ASP A 673 -32.61 20.51 -27.69
N LEU A 674 -31.35 20.86 -27.45
CA LEU A 674 -30.29 20.61 -28.41
C LEU A 674 -29.46 19.40 -27.98
N ALA A 675 -29.68 18.90 -26.76
CA ALA A 675 -28.85 17.80 -26.26
C ALA A 675 -29.32 16.45 -26.78
N LYS A 676 -30.57 16.38 -27.22
CA LYS A 676 -31.17 15.10 -27.57
C LYS A 676 -30.94 14.75 -29.03
N GLN A 677 -31.20 15.71 -29.93
CA GLN A 677 -31.09 15.47 -31.36
C GLN A 677 -29.63 15.32 -31.79
N THR A 678 -29.36 14.32 -32.63
CA THR A 678 -28.03 14.14 -33.18
C THR A 678 -27.96 14.51 -34.66
N LYS A 679 -29.02 15.09 -35.22
CA LYS A 679 -28.99 15.58 -36.59
C LYS A 679 -28.31 16.94 -36.62
N ILE A 680 -28.85 17.90 -35.86
CA ILE A 680 -28.29 19.24 -35.78
C ILE A 680 -27.02 19.16 -34.95
N GLU A 681 -25.87 19.28 -35.60
CA GLU A 681 -24.62 18.95 -34.94
C GLU A 681 -24.04 20.16 -34.22
N TYR A 682 -23.10 19.88 -33.32
CA TYR A 682 -22.66 20.84 -32.32
C TYR A 682 -21.28 21.32 -32.72
N GLY A 683 -20.71 22.27 -31.98
CA GLY A 683 -19.32 22.58 -32.23
C GLY A 683 -18.82 23.74 -31.40
N ALA A 684 -17.53 23.69 -31.10
CA ALA A 684 -16.87 24.76 -30.36
C ALA A 684 -15.51 25.03 -30.98
N VAL A 685 -14.85 26.09 -30.54
CA VAL A 685 -13.48 26.35 -30.95
C VAL A 685 -12.61 25.28 -30.32
N GLU A 686 -11.82 24.59 -31.13
CA GLU A 686 -10.93 23.55 -30.61
C GLU A 686 -9.85 24.19 -29.76
N ASP A 687 -9.61 23.61 -28.57
CA ASP A 687 -8.77 24.13 -27.50
C ASP A 687 -9.19 25.53 -27.09
N GLY A 688 -10.40 25.66 -26.56
CA GLY A 688 -10.89 26.92 -26.05
C GLY A 688 -11.50 26.70 -24.68
N ALA A 689 -12.02 27.79 -24.12
CA ALA A 689 -12.63 27.69 -22.79
C ALA A 689 -13.98 26.99 -22.84
N THR A 690 -14.64 27.05 -24.00
CA THR A 690 -15.93 26.38 -24.15
C THR A 690 -15.74 24.89 -24.37
N MET A 691 -14.72 24.51 -25.15
CA MET A 691 -14.43 23.09 -25.36
C MET A 691 -13.96 22.44 -24.06
N THR A 692 -13.21 23.19 -23.25
CA THR A 692 -12.69 22.64 -22.00
C THR A 692 -13.80 22.47 -20.97
N PHE A 693 -14.78 23.38 -21.01
CA PHE A 693 -15.87 23.34 -20.03
C PHE A 693 -16.76 22.13 -20.22
N PHE A 694 -17.09 21.80 -21.47
CA PHE A 694 -17.93 20.64 -21.73
C PHE A 694 -17.18 19.33 -21.49
N LYS A 695 -15.85 19.35 -21.57
CA LYS A 695 -15.07 18.17 -21.26
C LYS A 695 -15.00 17.94 -19.76
N LYS A 696 -14.98 19.01 -18.98
CA LYS A 696 -14.81 18.89 -17.53
C LYS A 696 -16.04 19.36 -16.77
N SER A 697 -17.22 18.98 -17.23
CA SER A 697 -18.46 19.25 -16.52
C SER A 697 -19.12 17.93 -16.13
N LYS A 698 -19.86 17.97 -15.02
CA LYS A 698 -20.56 16.80 -14.51
C LYS A 698 -22.06 16.85 -14.73
N ILE A 699 -22.56 17.92 -15.35
CA ILE A 699 -23.98 18.05 -15.68
C ILE A 699 -24.34 17.05 -16.76
N SER A 700 -25.43 16.30 -16.55
CA SER A 700 -25.79 15.22 -17.45
C SER A 700 -26.26 15.74 -18.80
N THR A 701 -26.73 16.99 -18.84
CA THR A 701 -27.09 17.59 -20.12
C THR A 701 -25.85 17.95 -20.91
N TYR A 702 -24.80 18.39 -20.22
CA TYR A 702 -23.61 18.89 -20.90
C TYR A 702 -22.61 17.78 -21.14
N ASP A 703 -22.67 16.71 -20.35
CA ASP A 703 -21.77 15.58 -20.57
C ASP A 703 -22.19 14.78 -21.80
N LYS A 704 -23.49 14.73 -22.08
CA LYS A 704 -23.96 14.06 -23.29
C LYS A 704 -23.65 14.89 -24.53
N MET A 705 -23.57 16.22 -24.38
CA MET A 705 -23.16 17.07 -25.49
C MET A 705 -21.69 16.90 -25.82
N TRP A 706 -20.87 16.55 -24.84
CA TRP A 706 -19.45 16.36 -25.09
C TRP A 706 -19.18 15.04 -25.80
N ALA A 707 -20.02 14.03 -25.53
CA ALA A 707 -19.85 12.72 -26.15
C ALA A 707 -20.14 12.79 -27.65
N PHE A 708 -21.01 13.72 -28.05
CA PHE A 708 -21.28 13.90 -29.47
C PHE A 708 -20.13 14.62 -30.16
N MET A 709 -19.50 15.56 -29.47
CA MET A 709 -18.42 16.32 -30.09
C MET A 709 -17.10 15.55 -30.04
N SER A 710 -16.95 14.65 -29.06
CA SER A 710 -15.76 13.82 -29.01
C SER A 710 -15.80 12.72 -30.05
N SER A 711 -16.99 12.22 -30.36
CA SER A 711 -17.15 11.17 -31.36
C SER A 711 -16.99 11.72 -32.77
N ARG A 712 -17.51 12.91 -33.01
CA ARG A 712 -17.47 13.52 -34.34
C ARG A 712 -16.30 14.47 -34.47
N ARG A 713 -15.26 14.24 -33.66
CA ARG A 713 -14.11 15.11 -33.38
C ARG A 713 -13.52 15.87 -34.56
N GLN A 714 -13.24 15.19 -35.66
CA GLN A 714 -12.50 15.80 -36.75
C GLN A 714 -13.37 16.67 -37.65
N SER A 715 -14.69 16.69 -37.42
CA SER A 715 -15.59 17.45 -38.27
C SER A 715 -16.42 18.50 -37.55
N VAL A 716 -16.59 18.44 -36.24
CA VAL A 716 -17.47 19.39 -35.56
C VAL A 716 -16.69 20.46 -34.82
N LEU A 717 -15.47 20.17 -34.38
CA LEU A 717 -14.66 21.17 -33.68
C LEU A 717 -13.83 21.93 -34.70
N VAL A 718 -14.38 23.02 -35.22
CA VAL A 718 -13.66 23.86 -36.16
C VAL A 718 -12.64 24.68 -35.38
N LYS A 719 -11.63 25.21 -36.07
CA LYS A 719 -10.61 25.94 -35.34
C LYS A 719 -10.56 27.39 -35.77
N SER A 720 -11.57 28.17 -35.32
CA SER A 720 -11.68 29.62 -35.31
C SER A 720 -13.06 29.94 -34.75
N ASN A 721 -13.36 31.22 -34.55
CA ASN A 721 -14.75 31.61 -34.48
C ASN A 721 -15.27 31.94 -35.87
N GLU A 722 -14.36 32.13 -36.83
CA GLU A 722 -14.76 32.49 -38.18
C GLU A 722 -15.31 31.29 -38.94
N GLU A 723 -14.67 30.13 -38.82
CA GLU A 723 -15.19 28.92 -39.43
C GLU A 723 -16.46 28.44 -38.73
N GLY A 724 -16.67 28.85 -37.49
CA GLY A 724 -17.94 28.64 -36.82
C GLY A 724 -19.06 29.40 -37.48
N ILE A 725 -18.76 30.60 -38.01
CA ILE A 725 -19.80 31.36 -38.70
C ILE A 725 -20.11 30.72 -40.04
N GLN A 726 -19.09 30.18 -40.70
CA GLN A 726 -19.28 29.58 -42.02
C GLN A 726 -20.09 28.30 -41.95
N ARG A 727 -19.96 27.56 -40.85
CA ARG A 727 -20.58 26.24 -40.79
C ARG A 727 -22.02 26.34 -40.30
N VAL A 728 -22.38 27.43 -39.61
CA VAL A 728 -23.78 27.67 -39.27
C VAL A 728 -24.52 28.18 -40.51
N LEU A 729 -23.85 29.03 -41.30
CA LEU A 729 -24.47 29.63 -42.48
C LEU A 729 -24.72 28.59 -43.58
N THR A 730 -23.85 27.58 -43.65
CA THR A 730 -24.07 26.35 -44.40
C THR A 730 -24.95 25.39 -43.61
N SER A 731 -24.80 24.08 -43.87
CA SER A 731 -25.67 23.03 -43.34
C SER A 731 -25.81 22.99 -41.82
N ASP A 732 -26.78 22.18 -41.34
CA ASP A 732 -27.36 22.24 -39.98
C ASP A 732 -26.32 22.05 -38.89
N TYR A 733 -26.09 23.11 -38.14
CA TYR A 733 -24.96 23.25 -37.23
C TYR A 733 -25.24 24.35 -36.22
N ALA A 734 -25.02 24.04 -34.94
CA ALA A 734 -25.29 24.95 -33.84
C ALA A 734 -23.97 25.19 -33.10
N PHE A 735 -23.33 26.32 -33.40
CA PHE A 735 -22.00 26.59 -32.87
C PHE A 735 -22.09 27.24 -31.50
N LEU A 736 -21.09 26.98 -30.66
CA LEU A 736 -21.15 27.29 -29.23
C LEU A 736 -20.16 28.41 -28.95
N MET A 737 -20.61 29.65 -29.07
CA MET A 737 -19.76 30.81 -28.89
C MET A 737 -19.79 31.24 -27.43
N GLU A 738 -19.02 32.27 -27.12
CA GLU A 738 -19.24 32.99 -25.89
C GLU A 738 -20.38 33.98 -26.09
N SER A 739 -20.87 34.58 -25.01
CA SER A 739 -22.08 35.40 -25.07
C SER A 739 -21.88 36.71 -25.80
N THR A 740 -20.71 37.34 -25.71
CA THR A 740 -20.54 38.65 -26.33
C THR A 740 -20.38 38.54 -27.84
N THR A 741 -19.55 37.61 -28.31
CA THR A 741 -19.28 37.48 -29.74
C THR A 741 -20.50 36.99 -30.52
N ILE A 742 -21.55 36.56 -29.82
CA ILE A 742 -22.88 36.47 -30.41
C ILE A 742 -23.33 37.82 -30.96
N GLU A 743 -23.26 38.87 -30.13
CA GLU A 743 -23.90 40.13 -30.52
C GLU A 743 -23.10 40.90 -31.56
N PHE A 744 -21.85 40.49 -31.81
CA PHE A 744 -21.18 40.99 -33.01
C PHE A 744 -21.80 40.35 -34.24
N VAL A 745 -22.05 39.04 -34.16
CA VAL A 745 -22.48 38.30 -35.34
C VAL A 745 -23.98 38.45 -35.54
N THR A 746 -24.76 38.44 -34.45
CA THR A 746 -26.21 38.58 -34.58
C THR A 746 -26.66 40.02 -34.75
N GLN A 747 -25.75 40.94 -35.06
CA GLN A 747 -26.10 42.26 -35.56
C GLN A 747 -25.44 42.57 -36.89
N ARG A 748 -24.27 42.01 -37.16
CA ARG A 748 -23.69 42.08 -38.50
C ARG A 748 -24.42 41.17 -39.48
N ASN A 749 -24.87 40.01 -39.02
CA ASN A 749 -25.55 39.04 -39.87
C ASN A 749 -26.93 38.77 -39.26
N CYS A 750 -27.98 39.23 -39.93
CA CYS A 750 -29.34 38.85 -39.54
C CYS A 750 -29.83 37.61 -40.26
N ASN A 751 -29.02 36.56 -40.30
CA ASN A 751 -29.50 35.22 -40.54
C ASN A 751 -29.25 34.30 -39.36
N LEU A 752 -28.61 34.80 -38.31
CA LEU A 752 -28.17 34.02 -37.17
C LEU A 752 -28.74 34.62 -35.89
N THR A 753 -29.14 33.76 -34.95
CA THR A 753 -29.70 34.22 -33.70
C THR A 753 -29.13 33.44 -32.53
N GLN A 754 -29.23 34.05 -31.36
CA GLN A 754 -28.87 33.42 -30.09
C GLN A 754 -29.99 32.53 -29.56
N ILE A 755 -29.92 31.22 -29.80
CA ILE A 755 -30.96 30.36 -29.24
C ILE A 755 -30.50 29.90 -27.86
N GLY A 756 -31.39 29.99 -26.88
CA GLY A 756 -31.03 29.59 -25.54
C GLY A 756 -30.70 30.78 -24.67
N GLY A 757 -29.94 30.52 -23.62
CA GLY A 757 -29.52 31.54 -22.69
C GLY A 757 -28.08 31.33 -22.26
N LEU A 758 -27.71 31.90 -21.12
CA LEU A 758 -26.36 31.72 -20.61
C LEU A 758 -26.19 30.33 -20.00
N ILE A 759 -25.30 29.53 -20.58
CA ILE A 759 -25.03 28.19 -20.05
C ILE A 759 -24.22 28.29 -18.76
N ASP A 760 -23.14 29.06 -18.78
CA ASP A 760 -22.31 29.26 -17.60
C ASP A 760 -21.71 30.65 -17.63
N SER A 761 -21.87 31.37 -16.53
CA SER A 761 -21.36 32.73 -16.39
C SER A 761 -19.84 32.68 -16.24
N LYS A 762 -19.15 33.27 -17.22
CA LYS A 762 -17.69 33.37 -17.21
C LYS A 762 -17.30 34.84 -17.20
N GLY A 763 -16.01 35.09 -17.40
CA GLY A 763 -15.52 36.44 -17.50
C GLY A 763 -14.20 36.52 -18.26
N TYR A 764 -14.11 37.44 -19.21
CA TYR A 764 -12.84 37.65 -19.88
C TYR A 764 -11.84 38.28 -18.92
N GLY A 765 -10.55 37.99 -19.10
CA GLY A 765 -9.56 38.49 -18.20
C GLY A 765 -8.20 38.64 -18.83
N VAL A 766 -7.45 39.66 -18.44
CA VAL A 766 -6.09 39.84 -18.94
C VAL A 766 -5.19 38.79 -18.30
N GLY A 767 -4.65 37.90 -19.11
CA GLY A 767 -3.86 36.78 -18.60
C GLY A 767 -2.40 37.16 -18.41
N THR A 768 -1.92 36.93 -17.20
CA THR A 768 -0.54 37.19 -16.81
C THR A 768 0.01 35.84 -16.35
N PRO A 769 1.34 35.62 -16.39
CA PRO A 769 1.88 34.34 -15.91
C PRO A 769 1.69 34.10 -14.42
N MET A 770 2.02 32.89 -13.96
CA MET A 770 1.82 32.51 -12.58
C MET A 770 2.73 33.29 -11.65
N GLY A 771 2.12 33.98 -10.69
CA GLY A 771 2.86 34.81 -9.76
C GLY A 771 3.49 36.01 -10.44
N SER A 772 2.79 36.59 -11.41
CA SER A 772 3.32 37.74 -12.10
C SER A 772 3.19 38.99 -11.24
N PRO A 773 4.22 39.85 -11.24
CA PRO A 773 4.14 41.08 -10.45
C PRO A 773 3.25 42.14 -11.08
N TYR A 774 2.84 41.94 -12.32
CA TYR A 774 2.04 42.95 -13.03
C TYR A 774 0.55 42.76 -12.80
N ARG A 775 0.15 41.65 -12.16
CA ARG A 775 -1.26 41.30 -12.05
C ARG A 775 -1.98 42.26 -11.11
N ASP A 776 -1.30 42.71 -10.07
CA ASP A 776 -1.94 43.59 -9.11
C ASP A 776 -1.97 45.03 -9.62
N LYS A 777 -1.28 45.30 -10.72
CA LYS A 777 -1.30 46.65 -11.28
C LYS A 777 -2.17 46.73 -12.52
N ILE A 778 -2.58 45.59 -13.07
CA ILE A 778 -3.59 45.59 -14.12
C ILE A 778 -4.98 45.68 -13.49
N THR A 779 -5.17 44.99 -12.36
CA THR A 779 -6.48 44.93 -11.70
C THR A 779 -6.92 46.30 -11.20
N ILE A 780 -5.98 47.06 -10.62
CA ILE A 780 -6.28 48.44 -10.24
C ILE A 780 -6.46 49.30 -11.49
N ALA A 781 -5.77 48.95 -12.59
CA ALA A 781 -5.90 49.73 -13.82
C ALA A 781 -7.21 49.42 -14.54
N ILE A 782 -7.88 48.33 -14.17
CA ILE A 782 -9.19 48.04 -14.74
C ILE A 782 -10.29 48.64 -13.86
N LEU A 783 -10.11 48.57 -12.54
CA LEU A 783 -11.13 49.10 -11.62
C LEU A 783 -11.16 50.63 -11.64
N GLN A 784 -10.09 51.26 -12.13
CA GLN A 784 -10.16 52.68 -12.44
C GLN A 784 -10.79 52.91 -13.80
N LEU A 785 -10.70 51.91 -14.69
CA LEU A 785 -11.04 52.14 -16.09
C LEU A 785 -12.55 52.07 -16.31
N GLN A 786 -13.27 51.40 -15.41
CA GLN A 786 -14.73 51.34 -15.55
C GLN A 786 -15.41 52.38 -14.67
N GLU A 787 -14.74 52.84 -13.61
CA GLU A 787 -15.27 53.94 -12.82
C GLU A 787 -15.12 55.26 -13.56
N GLU A 788 -14.15 55.35 -14.47
CA GLU A 788 -14.08 56.48 -15.38
C GLU A 788 -15.11 56.30 -16.49
N GLY A 789 -15.59 55.08 -16.68
CA GLY A 789 -16.65 54.81 -17.62
C GLY A 789 -16.16 54.61 -19.04
N LYS A 790 -15.04 53.92 -19.19
CA LYS A 790 -14.53 53.70 -20.54
C LYS A 790 -14.60 52.25 -20.97
N LEU A 791 -14.80 51.31 -20.04
CA LEU A 791 -15.09 49.94 -20.44
C LEU A 791 -16.49 49.82 -21.04
N HIS A 792 -17.37 50.78 -20.71
CA HIS A 792 -18.67 50.89 -21.36
C HIS A 792 -18.56 51.72 -22.63
N MET A 793 -17.59 52.64 -22.66
CA MET A 793 -17.46 53.53 -23.81
C MET A 793 -16.74 52.83 -24.95
N MET A 794 -15.69 52.07 -24.63
CA MET A 794 -14.99 51.27 -25.64
C MET A 794 -15.85 50.10 -26.09
N LYS A 795 -16.82 49.71 -25.25
CA LYS A 795 -17.80 48.69 -25.60
C LYS A 795 -18.63 49.14 -26.79
N GLU A 796 -19.40 50.21 -26.64
CA GLU A 796 -20.22 50.68 -27.75
C GLU A 796 -19.43 51.53 -28.74
N LYS A 797 -18.36 50.95 -29.27
CA LYS A 797 -17.59 51.53 -30.37
C LYS A 797 -17.34 50.40 -31.35
N TRP A 798 -17.42 49.16 -30.86
CA TRP A 798 -17.20 47.98 -31.68
C TRP A 798 -18.40 47.05 -31.75
N TRP A 799 -19.34 47.15 -30.83
CA TRP A 799 -20.51 46.26 -30.86
C TRP A 799 -21.67 46.86 -31.64
N ARG A 800 -21.54 48.08 -32.15
CA ARG A 800 -22.59 48.70 -32.95
C ARG A 800 -22.46 48.24 -34.39
N GLY A 801 -22.89 47.01 -34.63
CA GLY A 801 -22.88 46.44 -35.97
C GLY A 801 -24.14 46.74 -36.73
N ASN A 802 -24.32 48.02 -37.09
CA ASN A 802 -25.37 48.58 -37.96
C ASN A 802 -26.78 48.54 -37.37
N GLY A 803 -26.95 47.92 -36.20
CA GLY A 803 -28.25 47.81 -35.55
C GLY A 803 -29.31 47.09 -36.36
N CYS A 804 -29.09 45.80 -36.65
CA CYS A 804 -29.96 45.04 -37.53
C CYS A 804 -31.00 44.29 -36.72
N PRO A 805 -32.30 44.61 -36.85
CA PRO A 805 -33.37 43.92 -36.11
C PRO A 805 -33.74 42.58 -36.74
N HIS B 34 73.91 1.90 -11.11
CA HIS B 34 73.48 3.22 -10.68
C HIS B 34 72.56 3.14 -9.47
N VAL B 35 72.60 4.17 -8.62
CA VAL B 35 71.76 4.21 -7.43
C VAL B 35 70.89 5.46 -7.47
N LEU B 36 69.58 5.25 -7.53
CA LEU B 36 68.61 6.35 -7.44
C LEU B 36 67.82 6.17 -6.14
N ARG B 37 67.54 7.27 -5.47
CA ARG B 37 66.91 7.24 -4.16
C ARG B 37 65.57 7.97 -4.18
N PHE B 38 64.49 7.19 -4.25
CA PHE B 38 63.15 7.76 -4.16
C PHE B 38 62.88 8.24 -2.74
N GLY B 39 62.41 9.48 -2.63
CA GLY B 39 62.13 10.08 -1.34
C GLY B 39 60.73 9.74 -0.88
N GLY B 40 60.55 9.74 0.44
CA GLY B 40 59.27 9.39 1.01
C GLY B 40 58.99 10.19 2.25
N ILE B 41 57.75 10.63 2.38
CA ILE B 41 57.26 11.37 3.53
C ILE B 41 55.99 10.69 4.02
N PHE B 42 55.99 10.22 5.26
CA PHE B 42 54.93 9.36 5.74
C PHE B 42 54.54 9.81 7.16
N GLU B 43 53.53 9.16 7.70
CA GLU B 43 52.90 9.56 8.95
C GLU B 43 53.72 9.11 10.15
N TYR B 44 53.87 9.99 11.13
CA TYR B 44 54.53 9.66 12.39
C TYR B 44 53.50 8.97 13.27
N VAL B 45 53.76 7.69 13.56
CA VAL B 45 52.78 6.75 14.07
C VAL B 45 53.20 6.19 15.42
N GLU B 46 53.77 7.06 16.27
CA GLU B 46 54.69 6.80 17.39
C GLU B 46 54.50 5.51 18.17
N SER B 47 53.28 5.24 18.63
CA SER B 47 53.02 3.99 19.31
C SER B 47 52.39 2.97 18.36
N GLY B 48 53.23 2.23 17.64
CA GLY B 48 52.75 1.23 16.72
C GLY B 48 53.73 0.92 15.60
N PRO B 49 53.32 0.05 14.69
CA PRO B 49 54.18 -0.29 13.55
C PRO B 49 54.15 0.79 12.48
N MET B 50 54.81 0.48 11.36
CA MET B 50 54.82 1.38 10.20
C MET B 50 53.43 1.45 9.59
N GLY B 51 53.12 2.55 8.91
CA GLY B 51 51.81 2.75 8.34
C GLY B 51 51.50 1.85 7.17
N ALA B 52 50.26 1.94 6.69
CA ALA B 52 49.83 1.14 5.55
C ALA B 52 50.49 1.61 4.27
N GLU B 53 50.77 2.92 4.17
CA GLU B 53 51.47 3.44 3.01
C GLU B 53 52.93 3.06 3.02
N GLU B 54 53.58 3.20 4.18
CA GLU B 54 55.04 3.08 4.26
C GLU B 54 55.48 1.63 4.10
N LEU B 55 54.72 0.69 4.68
CA LEU B 55 54.99 -0.73 4.45
C LEU B 55 54.82 -1.07 2.98
N ALA B 56 53.76 -0.57 2.36
CA ALA B 56 53.54 -0.85 0.94
C ALA B 56 54.46 -0.02 0.05
N PHE B 57 55.09 1.03 0.59
CA PHE B 57 56.14 1.71 -0.14
C PHE B 57 57.43 0.91 -0.13
N ARG B 58 57.82 0.42 1.05
CA ARG B 58 59.06 -0.34 1.17
C ARG B 58 58.91 -1.74 0.58
N PHE B 59 57.68 -2.27 0.55
CA PHE B 59 57.44 -3.52 -0.14
C PHE B 59 57.51 -3.34 -1.65
N ALA B 60 57.15 -2.14 -2.14
CA ALA B 60 57.22 -1.89 -3.58
C ALA B 60 58.65 -1.72 -4.05
N VAL B 61 59.52 -1.17 -3.19
CA VAL B 61 60.91 -0.98 -3.59
C VAL B 61 61.65 -2.32 -3.59
N ASN B 62 61.34 -3.18 -2.61
CA ASN B 62 62.09 -4.42 -2.46
C ASN B 62 61.68 -5.46 -3.49
N THR B 63 60.56 -5.25 -4.18
CA THR B 63 60.19 -6.15 -5.27
C THR B 63 60.61 -5.58 -6.62
N ILE B 64 61.38 -4.50 -6.60
CA ILE B 64 61.99 -4.00 -7.83
C ILE B 64 63.50 -4.13 -7.76
N ASN B 65 64.05 -4.10 -6.54
CA ASN B 65 65.46 -4.45 -6.34
C ASN B 65 65.72 -5.90 -6.72
N ARG B 66 65.01 -6.83 -6.09
CA ARG B 66 64.90 -8.20 -6.60
C ARG B 66 63.81 -8.19 -7.66
N ASN B 67 63.67 -9.31 -8.42
CA ASN B 67 62.66 -9.48 -9.46
C ASN B 67 62.78 -8.36 -10.49
N ARG B 68 63.86 -8.36 -11.27
CA ARG B 68 64.05 -7.31 -12.27
C ARG B 68 63.53 -7.78 -13.64
N THR B 69 62.30 -7.36 -13.93
CA THR B 69 61.87 -7.15 -15.31
C THR B 69 61.77 -5.67 -15.62
N LEU B 70 61.82 -4.86 -14.56
CA LEU B 70 62.12 -3.43 -14.55
C LEU B 70 63.63 -3.28 -14.50
N LEU B 71 64.12 -2.12 -14.00
CA LEU B 71 65.49 -1.61 -14.04
C LEU B 71 66.57 -2.66 -13.78
N PRO B 72 67.33 -3.03 -14.80
CA PRO B 72 68.36 -4.06 -14.62
C PRO B 72 69.61 -3.56 -13.91
N ASN B 73 70.08 -2.37 -14.27
CA ASN B 73 71.35 -1.87 -13.77
C ASN B 73 71.18 -1.29 -12.36
N THR B 74 69.99 -0.77 -12.07
CA THR B 74 69.73 0.17 -10.99
C THR B 74 69.27 -0.58 -9.74
N THR B 75 69.69 -0.09 -8.57
CA THR B 75 69.51 -0.76 -7.29
C THR B 75 68.78 0.16 -6.31
N LEU B 76 67.59 0.63 -6.72
CA LEU B 76 66.82 1.72 -6.12
C LEU B 76 66.73 1.71 -4.60
N THR B 77 67.29 2.73 -3.96
CA THR B 77 67.21 2.86 -2.52
C THR B 77 66.05 3.79 -2.16
N TYR B 78 65.94 4.15 -0.89
CA TYR B 78 64.86 5.03 -0.45
C TYR B 78 65.25 5.82 0.78
N ASP B 79 64.82 7.08 0.84
CA ASP B 79 64.86 7.83 2.08
C ASP B 79 63.44 7.92 2.62
N THR B 80 63.29 8.06 3.93
CA THR B 80 61.96 8.09 4.53
C THR B 80 61.95 8.99 5.74
N GLN B 81 61.05 9.97 5.77
CA GLN B 81 60.93 10.87 6.91
C GLN B 81 59.55 10.73 7.52
N LYS B 82 59.49 10.93 8.82
CA LYS B 82 58.25 10.84 9.59
C LYS B 82 57.79 12.25 9.93
N ILE B 83 56.95 12.83 9.09
CA ILE B 83 56.31 14.05 9.53
C ILE B 83 55.11 13.65 10.39
N ASN B 84 54.72 14.56 11.27
CA ASN B 84 53.38 14.53 11.83
C ASN B 84 52.52 15.20 10.78
N LEU B 85 51.47 14.49 10.35
CA LEU B 85 50.46 15.14 9.51
C LEU B 85 49.66 16.12 10.34
N TYR B 86 48.86 16.94 9.65
CA TYR B 86 48.10 18.08 10.16
C TYR B 86 49.12 19.10 10.66
N ASP B 87 50.26 19.18 9.95
CA ASP B 87 51.37 20.07 10.27
C ASP B 87 52.13 20.36 8.99
N SER B 88 51.95 21.55 8.42
CA SER B 88 52.42 21.82 7.07
C SER B 88 53.87 22.29 7.05
N PHE B 89 54.48 22.55 8.20
CA PHE B 89 55.83 23.08 8.20
C PHE B 89 56.86 21.98 8.43
N GLU B 90 56.48 20.93 9.14
CA GLU B 90 57.37 19.75 9.18
C GLU B 90 57.38 19.02 7.86
N ALA B 91 56.30 19.16 7.07
CA ALA B 91 56.29 18.60 5.73
C ALA B 91 57.20 19.40 4.81
N SER B 92 57.47 20.65 5.15
CA SER B 92 58.33 21.47 4.31
C SER B 92 59.80 21.33 4.70
N LYS B 93 60.07 21.02 5.98
CA LYS B 93 61.45 20.84 6.40
C LYS B 93 61.99 19.49 5.96
N LYS B 94 61.19 18.43 6.10
CA LYS B 94 61.65 17.10 5.73
C LYS B 94 61.74 16.95 4.22
N ALA B 95 61.00 17.78 3.48
CA ALA B 95 61.17 17.81 2.04
C ALA B 95 62.49 18.46 1.65
N CYS B 96 62.88 19.52 2.35
CA CYS B 96 64.15 20.18 2.05
C CYS B 96 65.33 19.36 2.56
N ASP B 97 65.09 18.49 3.53
CA ASP B 97 66.16 17.61 4.00
C ASP B 97 66.42 16.50 2.98
N GLN B 98 65.38 16.00 2.34
CA GLN B 98 65.56 14.99 1.31
C GLN B 98 66.14 15.57 0.03
N LEU B 99 65.77 16.80 -0.32
CA LEU B 99 66.31 17.43 -1.52
C LEU B 99 67.77 17.85 -1.35
N SER B 100 68.19 18.14 -0.11
CA SER B 100 69.61 18.34 0.14
C SER B 100 70.35 17.01 0.11
N LEU B 101 69.64 15.93 0.43
CA LEU B 101 70.24 14.60 0.48
C LEU B 101 70.28 14.04 -0.94
N GLY B 102 69.46 14.59 -1.83
CA GLY B 102 69.53 14.21 -3.22
C GLY B 102 68.58 13.12 -3.66
N VAL B 103 67.28 13.30 -3.42
CA VAL B 103 66.28 12.36 -3.90
C VAL B 103 65.94 12.66 -5.35
N ALA B 104 65.25 11.73 -6.00
CA ALA B 104 64.87 11.91 -7.40
C ALA B 104 63.37 12.15 -7.51
N ALA B 105 62.62 11.78 -6.48
CA ALA B 105 61.17 11.90 -6.48
C ALA B 105 60.63 11.79 -5.05
N ILE B 106 59.81 12.75 -4.63
CA ILE B 106 59.20 12.70 -3.30
C ILE B 106 57.83 12.06 -3.47
N PHE B 107 57.62 10.94 -2.79
CA PHE B 107 56.30 10.34 -2.67
C PHE B 107 55.63 10.91 -1.43
N GLY B 108 55.04 12.09 -1.56
CA GLY B 108 54.72 12.94 -0.44
C GLY B 108 53.56 12.47 0.41
N PRO B 109 53.17 13.30 1.38
CA PRO B 109 52.22 12.87 2.41
C PRO B 109 50.78 12.75 1.94
N SER B 110 49.89 12.46 2.88
CA SER B 110 48.49 12.20 2.55
C SER B 110 47.57 13.39 2.71
N HIS B 111 47.75 14.22 3.73
CA HIS B 111 46.77 15.26 4.04
C HIS B 111 47.00 16.49 3.17
N SER B 112 45.91 17.20 2.85
CA SER B 112 45.93 18.29 1.87
C SER B 112 46.69 19.52 2.35
N SER B 113 46.76 19.73 3.67
CA SER B 113 47.51 20.86 4.18
C SER B 113 49.01 20.63 4.04
N SER B 114 49.43 19.37 4.07
CA SER B 114 50.85 19.06 3.95
C SER B 114 51.25 18.83 2.50
N ALA B 115 50.36 18.20 1.72
CA ALA B 115 50.71 17.84 0.36
C ALA B 115 50.71 19.05 -0.57
N ASN B 116 49.93 20.09 -0.23
CA ASN B 116 50.01 21.33 -0.99
C ASN B 116 51.34 22.05 -0.75
N ALA B 117 51.94 21.87 0.42
CA ALA B 117 53.21 22.52 0.70
C ALA B 117 54.37 21.77 0.06
N VAL B 118 54.19 20.47 -0.17
CA VAL B 118 55.30 19.69 -0.73
C VAL B 118 55.36 19.88 -2.24
N GLN B 119 54.23 19.96 -2.93
CA GLN B 119 54.28 20.14 -4.38
C GLN B 119 54.68 21.56 -4.75
N SER B 120 54.53 22.50 -3.81
CA SER B 120 55.02 23.86 -4.05
C SER B 120 56.54 23.90 -3.96
N ILE B 121 57.12 23.00 -3.15
CA ILE B 121 58.57 22.84 -3.13
C ILE B 121 59.04 22.11 -4.37
N CYS B 122 58.31 21.05 -4.73
CA CYS B 122 58.69 20.20 -5.86
C CYS B 122 58.50 20.91 -7.20
N ASN B 123 57.64 21.93 -7.23
CA ASN B 123 57.55 22.76 -8.42
C ASN B 123 58.76 23.69 -8.53
N ALA B 124 59.16 24.30 -7.41
CA ALA B 124 60.22 25.29 -7.44
C ALA B 124 61.60 24.68 -7.59
N LEU B 125 61.75 23.38 -7.39
CA LEU B 125 63.07 22.77 -7.51
C LEU B 125 63.09 21.65 -8.55
N GLY B 126 62.05 21.57 -9.38
CA GLY B 126 62.08 20.67 -10.51
C GLY B 126 61.70 19.23 -10.25
N VAL B 127 61.99 18.74 -9.06
CA VAL B 127 61.91 17.33 -8.69
C VAL B 127 60.45 16.86 -8.69
N PRO B 128 60.16 15.68 -9.27
CA PRO B 128 58.78 15.19 -9.29
C PRO B 128 58.16 14.89 -7.93
N HIS B 129 56.95 15.39 -7.71
CA HIS B 129 56.12 14.94 -6.62
C HIS B 129 55.10 13.93 -7.13
N ILE B 130 55.02 12.78 -6.48
CA ILE B 130 54.06 11.76 -6.88
C ILE B 130 53.10 11.52 -5.73
N GLN B 131 51.83 11.82 -5.96
CA GLN B 131 50.83 11.81 -4.91
C GLN B 131 50.03 10.51 -4.95
N THR B 132 49.37 10.18 -3.84
CA THR B 132 48.69 8.90 -3.75
C THR B 132 47.30 9.07 -3.16
N ARG B 133 46.96 10.28 -2.75
CA ARG B 133 45.69 10.54 -2.11
C ARG B 133 44.95 11.63 -2.88
N TRP B 134 43.65 11.74 -2.61
CA TRP B 134 42.93 12.87 -3.15
C TRP B 134 43.35 14.14 -2.43
N LYS B 135 43.48 15.20 -3.22
CA LYS B 135 43.82 16.53 -2.71
C LYS B 135 43.09 17.54 -3.56
N HIS B 136 42.40 18.49 -2.93
CA HIS B 136 41.76 19.52 -3.74
C HIS B 136 42.76 20.49 -4.32
N GLN B 137 43.05 20.34 -5.61
CA GLN B 137 43.91 21.28 -6.33
C GLN B 137 43.10 22.54 -6.54
N VAL B 138 43.57 23.66 -6.00
CA VAL B 138 42.99 24.95 -6.35
C VAL B 138 43.30 25.21 -7.81
N SER B 139 42.29 25.68 -8.56
CA SER B 139 42.42 25.87 -10.00
C SER B 139 43.34 27.03 -10.39
N ASP B 140 43.85 27.78 -9.41
CA ASP B 140 44.84 28.81 -9.67
C ASP B 140 46.26 28.34 -9.39
N ASN B 141 46.44 27.10 -8.91
CA ASN B 141 47.77 26.54 -8.75
C ASN B 141 48.33 26.19 -10.13
N LYS B 142 49.00 27.17 -10.73
CA LYS B 142 49.69 26.93 -11.98
C LYS B 142 50.94 26.11 -11.70
N ASP B 143 50.75 24.79 -11.66
CA ASP B 143 51.74 23.86 -11.15
C ASP B 143 51.80 22.69 -12.14
N SER B 144 53.01 22.28 -12.49
CA SER B 144 53.19 21.25 -13.50
C SER B 144 53.76 19.96 -12.93
N PHE B 145 54.49 20.06 -11.83
CA PHE B 145 55.27 18.92 -11.35
C PHE B 145 54.57 18.15 -10.24
N TYR B 146 53.42 17.54 -10.56
CA TYR B 146 52.76 16.63 -9.65
C TYR B 146 51.90 15.65 -10.44
N VAL B 147 51.92 14.37 -10.07
CA VAL B 147 50.97 13.41 -10.58
C VAL B 147 50.22 12.82 -9.39
N SER B 148 48.99 12.41 -9.64
CA SER B 148 48.12 11.84 -8.61
C SER B 148 47.61 10.50 -9.07
N LEU B 149 47.88 9.46 -8.29
CA LEU B 149 47.41 8.13 -8.61
C LEU B 149 46.07 7.81 -7.97
N TYR B 150 45.59 8.65 -7.07
CA TYR B 150 44.26 8.43 -6.55
C TYR B 150 43.28 8.86 -7.63
N PRO B 151 42.25 8.09 -7.91
CA PRO B 151 41.36 8.39 -9.04
C PRO B 151 40.55 9.67 -8.83
N ASP B 152 40.40 10.44 -9.90
CA ASP B 152 39.78 11.75 -9.81
C ASP B 152 38.29 11.60 -9.50
N PHE B 153 37.82 12.40 -8.54
CA PHE B 153 36.40 12.43 -8.23
C PHE B 153 35.57 13.16 -9.27
N SER B 154 36.19 13.74 -10.30
CA SER B 154 35.42 14.07 -11.50
C SER B 154 34.88 12.80 -12.13
N SER B 155 35.67 11.73 -12.10
CA SER B 155 35.24 10.48 -12.74
C SER B 155 34.30 9.69 -11.83
N LEU B 156 34.66 9.55 -10.55
CA LEU B 156 33.85 8.72 -9.65
C LEU B 156 32.48 9.32 -9.37
N SER B 157 32.35 10.64 -9.33
CA SER B 157 31.03 11.22 -9.14
C SER B 157 30.20 11.16 -10.41
N ARG B 158 30.83 10.91 -11.56
CA ARG B 158 30.07 10.49 -12.72
C ARG B 158 29.82 8.99 -12.71
N ALA B 159 30.65 8.23 -12.00
CA ALA B 159 30.42 6.79 -11.89
C ALA B 159 29.25 6.50 -10.97
N ILE B 160 29.15 7.21 -9.85
CA ILE B 160 28.04 7.01 -8.92
C ILE B 160 26.74 7.50 -9.55
N LEU B 161 26.81 8.56 -10.35
CA LEU B 161 25.62 9.09 -10.99
C LEU B 161 25.12 8.15 -12.09
N ASP B 162 26.00 7.29 -12.61
CA ASP B 162 25.53 6.23 -13.51
C ASP B 162 24.79 5.15 -12.74
N LEU B 163 25.28 4.79 -11.55
CA LEU B 163 24.62 3.75 -10.76
C LEU B 163 23.29 4.21 -10.20
N VAL B 164 23.15 5.51 -9.93
CA VAL B 164 21.85 6.02 -9.50
C VAL B 164 20.84 5.93 -10.63
N GLN B 165 21.27 6.13 -11.87
CA GLN B 165 20.39 6.01 -13.02
C GLN B 165 20.14 4.57 -13.44
N PHE B 166 21.12 3.69 -13.21
CA PHE B 166 20.90 2.27 -13.47
C PHE B 166 19.92 1.67 -12.47
N PHE B 167 19.90 2.20 -11.25
CA PHE B 167 18.99 1.72 -10.22
C PHE B 167 17.65 2.43 -10.23
N LYS B 168 17.42 3.33 -11.20
CA LYS B 168 16.18 4.08 -11.42
C LYS B 168 15.76 4.90 -10.21
N TRP B 169 16.70 5.44 -9.45
CA TRP B 169 16.36 6.18 -8.24
C TRP B 169 15.80 7.55 -8.58
N LYS B 170 14.96 8.06 -7.69
CA LYS B 170 14.38 9.39 -7.84
C LYS B 170 14.68 10.27 -6.63
N THR B 171 15.19 9.70 -5.54
CA THR B 171 15.47 10.45 -4.33
C THR B 171 16.64 9.76 -3.63
N VAL B 172 17.68 10.53 -3.33
CA VAL B 172 18.85 9.99 -2.66
C VAL B 172 19.10 10.77 -1.38
N THR B 173 20.15 10.41 -0.66
CA THR B 173 20.58 11.16 0.52
C THR B 173 22.08 11.06 0.65
N VAL B 174 22.80 12.10 0.22
CA VAL B 174 24.25 12.08 0.27
C VAL B 174 24.69 12.35 1.70
N VAL B 175 25.16 11.32 2.39
CA VAL B 175 25.69 11.49 3.73
C VAL B 175 27.21 11.51 3.62
N TYR B 176 27.80 12.70 3.65
CA TYR B 176 29.24 12.78 3.55
C TYR B 176 29.86 12.86 4.94
N ASP B 177 31.18 13.02 5.02
CA ASP B 177 31.85 12.77 6.29
C ASP B 177 32.52 14.01 6.87
N ASP B 178 33.39 14.66 6.08
CA ASP B 178 34.04 15.89 6.52
C ASP B 178 33.72 16.94 5.48
N SER B 179 34.15 18.18 5.67
CA SER B 179 33.75 19.31 4.83
C SER B 179 34.08 19.17 3.37
N THR B 180 35.18 18.52 2.98
CA THR B 180 35.56 18.41 1.58
C THR B 180 34.73 17.40 0.80
N GLY B 181 33.74 16.76 1.44
CA GLY B 181 32.90 15.82 0.72
C GLY B 181 31.98 16.51 -0.27
N LEU B 182 31.69 17.79 -0.03
CA LEU B 182 30.95 18.57 -1.01
C LEU B 182 31.80 18.88 -2.23
N ILE B 183 33.11 19.07 -2.04
CA ILE B 183 34.00 19.29 -3.17
C ILE B 183 34.21 17.99 -3.94
N ARG B 184 34.32 16.87 -3.22
CA ARG B 184 34.52 15.57 -3.84
C ARG B 184 33.32 15.12 -4.66
N LEU B 185 32.12 15.63 -4.37
CA LEU B 185 30.92 15.20 -5.07
C LEU B 185 30.23 16.32 -5.82
N GLN B 186 30.98 17.15 -6.55
CA GLN B 186 30.37 18.25 -7.28
C GLN B 186 29.45 17.78 -8.39
N GLU B 187 29.86 16.73 -9.10
CA GLU B 187 29.10 16.32 -10.30
C GLU B 187 27.88 15.51 -9.92
N LEU B 188 27.68 15.24 -8.63
CA LEU B 188 26.48 14.54 -8.19
C LEU B 188 25.53 15.53 -7.52
N ILE B 189 26.08 16.59 -6.94
CA ILE B 189 25.28 17.67 -6.34
C ILE B 189 24.74 18.57 -7.43
N LYS B 190 25.46 18.70 -8.54
CA LYS B 190 25.00 19.48 -9.68
C LYS B 190 24.06 18.69 -10.59
N ALA B 191 23.79 17.43 -10.25
CA ALA B 191 22.91 16.55 -11.02
C ALA B 191 21.42 16.88 -11.02
N PRO B 192 20.78 17.44 -9.93
CA PRO B 192 19.38 17.88 -10.08
C PRO B 192 19.14 19.01 -11.06
N SER B 193 20.21 19.72 -11.45
CA SER B 193 20.07 20.76 -12.46
C SER B 193 19.76 20.17 -13.83
N ARG B 194 20.21 18.94 -14.07
CA ARG B 194 20.07 18.34 -15.39
C ARG B 194 19.19 17.10 -15.42
N TYR B 195 19.08 16.34 -14.32
CA TYR B 195 18.22 15.16 -14.33
C TYR B 195 17.05 15.29 -13.36
N ASN B 196 16.26 14.22 -13.23
CA ASN B 196 15.12 14.17 -12.34
C ASN B 196 15.51 13.90 -10.89
N LEU B 197 16.78 13.55 -10.64
CA LEU B 197 17.29 13.17 -9.33
C LEU B 197 17.15 14.29 -8.30
N ARG B 198 16.80 13.93 -7.07
CA ARG B 198 16.46 14.92 -6.05
C ARG B 198 17.23 14.62 -4.76
N LEU B 199 18.37 15.30 -4.63
CA LEU B 199 19.27 15.09 -3.50
C LEU B 199 18.76 15.69 -2.19
N LYS B 200 19.19 15.10 -1.08
CA LYS B 200 18.82 15.53 0.25
C LYS B 200 20.04 15.45 1.17
N ILE B 201 21.11 16.15 0.77
CA ILE B 201 22.45 16.16 1.38
C ILE B 201 22.43 16.28 2.90
N ARG B 202 23.14 15.38 3.59
CA ARG B 202 23.27 15.39 5.05
C ARG B 202 24.75 15.24 5.39
N GLN B 203 25.08 15.42 6.67
CA GLN B 203 26.47 15.35 7.11
C GLN B 203 26.54 14.72 8.49
N LEU B 204 27.43 13.73 8.64
CA LEU B 204 27.74 13.09 9.91
C LEU B 204 28.28 14.07 10.94
N PRO B 205 28.13 13.78 12.24
CA PRO B 205 28.72 14.65 13.25
C PRO B 205 30.23 14.54 13.34
N ALA B 206 30.83 15.29 14.28
CA ALA B 206 32.27 15.20 14.50
C ALA B 206 32.64 13.87 15.17
N ASP B 207 31.68 13.27 15.89
CA ASP B 207 31.93 12.03 16.61
C ASP B 207 31.81 10.82 15.69
N THR B 208 31.81 9.62 16.27
CA THR B 208 31.74 8.40 15.49
C THR B 208 30.43 7.67 15.74
N LYS B 209 30.10 7.44 17.02
CA LYS B 209 28.91 6.67 17.38
C LYS B 209 27.72 7.60 17.59
N ASP B 210 27.86 8.86 17.20
CA ASP B 210 26.76 9.81 17.27
C ASP B 210 26.00 9.84 15.94
N ALA B 211 26.05 8.78 15.16
CA ALA B 211 25.36 8.74 13.88
C ALA B 211 23.92 8.31 14.06
N LYS B 212 23.58 7.84 15.27
CA LYS B 212 22.20 7.42 15.53
C LYS B 212 21.20 8.58 15.52
N PRO B 213 21.49 9.82 16.04
CA PRO B 213 20.55 10.92 15.78
C PRO B 213 20.45 11.31 14.32
N LEU B 214 21.46 11.01 13.53
CA LEU B 214 21.35 11.22 12.09
C LEU B 214 20.52 10.11 11.44
N LEU B 215 20.79 8.86 11.80
CA LEU B 215 20.08 7.75 11.19
C LEU B 215 18.62 7.69 11.62
N LYS B 216 18.31 8.18 12.82
CA LYS B 216 16.92 8.27 13.25
C LYS B 216 16.18 9.34 12.47
N GLU B 217 16.90 10.38 12.04
CA GLU B 217 16.30 11.42 11.21
C GLU B 217 16.25 10.99 9.75
N MET B 218 16.88 9.85 9.41
CA MET B 218 16.75 9.31 8.06
C MET B 218 15.68 8.22 7.99
N LYS B 219 15.46 7.50 9.08
CA LYS B 219 14.37 6.53 9.13
C LYS B 219 13.04 7.23 9.03
N ARG B 220 12.82 8.22 9.90
CA ARG B 220 11.75 9.18 9.64
C ARG B 220 12.08 9.97 8.39
N GLY B 221 11.08 10.23 7.58
CA GLY B 221 11.30 10.83 6.28
C GLY B 221 11.59 9.85 5.17
N LYS B 222 11.77 8.58 5.50
CA LYS B 222 11.80 7.45 4.56
C LYS B 222 12.96 7.56 3.56
N GLU B 223 14.17 7.62 4.10
CA GLU B 223 15.37 7.77 3.27
C GLU B 223 15.87 6.37 2.93
N PHE B 224 15.36 5.83 1.83
CA PHE B 224 15.61 4.43 1.47
C PHE B 224 16.96 4.29 0.76
N HIS B 225 17.43 5.35 0.12
CA HIS B 225 18.51 5.27 -0.84
C HIS B 225 19.65 6.21 -0.47
N VAL B 226 20.78 5.66 -0.04
CA VAL B 226 21.81 6.48 0.62
C VAL B 226 23.13 6.34 -0.13
N ILE B 227 23.90 7.44 -0.21
CA ILE B 227 25.15 7.52 -0.96
C ILE B 227 26.28 7.91 -0.01
N PHE B 228 26.44 7.16 1.10
CA PHE B 228 27.48 7.41 2.10
C PHE B 228 28.86 7.69 1.49
N ASP B 229 29.37 8.90 1.73
CA ASP B 229 30.72 9.26 1.34
C ASP B 229 31.63 9.28 2.55
N CYS B 230 32.25 8.16 2.88
CA CYS B 230 33.13 8.05 4.03
C CYS B 230 34.37 7.25 3.66
N SER B 231 35.34 7.26 4.56
CA SER B 231 36.40 6.27 4.50
C SER B 231 35.88 4.92 4.99
N HIS B 232 36.64 3.86 4.72
CA HIS B 232 36.15 2.53 5.05
C HIS B 232 36.23 2.24 6.54
N GLU B 233 37.00 3.06 7.28
CA GLU B 233 36.97 2.97 8.74
C GLU B 233 35.62 3.43 9.27
N MET B 234 35.09 4.53 8.74
CA MET B 234 33.79 5.00 9.18
C MET B 234 32.65 4.45 8.32
N ALA B 235 32.96 3.76 7.23
CA ALA B 235 31.90 3.04 6.52
C ALA B 235 31.50 1.79 7.29
N ALA B 236 32.43 1.22 8.05
CA ALA B 236 32.09 0.11 8.94
C ALA B 236 31.40 0.62 10.19
N GLY B 237 31.72 1.85 10.59
CA GLY B 237 31.17 2.38 11.83
C GLY B 237 29.71 2.77 11.71
N ILE B 238 29.31 3.25 10.53
CA ILE B 238 27.91 3.62 10.32
C ILE B 238 27.03 2.38 10.27
N LEU B 239 27.47 1.35 9.56
CA LEU B 239 26.69 0.12 9.41
C LEU B 239 26.53 -0.62 10.73
N LYS B 240 27.43 -0.38 11.68
CA LYS B 240 27.24 -0.91 13.02
C LYS B 240 26.12 -0.15 13.74
N GLN B 241 26.04 1.18 13.55
CA GLN B 241 24.87 1.90 14.01
C GLN B 241 23.66 1.64 13.12
N ALA B 242 23.86 1.41 11.82
CA ALA B 242 22.72 1.19 10.94
C ALA B 242 22.11 -0.18 11.15
N LEU B 243 22.85 -1.10 11.76
CA LEU B 243 22.27 -2.38 12.14
C LEU B 243 21.44 -2.22 13.41
N ALA B 244 21.96 -1.48 14.38
CA ALA B 244 21.31 -1.26 15.66
C ALA B 244 20.07 -0.39 15.53
N MET B 245 19.98 0.41 14.47
CA MET B 245 18.77 1.21 14.25
C MET B 245 17.71 0.41 13.52
N GLY B 246 18.05 -0.82 13.12
CA GLY B 246 17.10 -1.62 12.37
C GLY B 246 16.99 -1.12 10.95
N MET B 247 18.08 -0.52 10.47
CA MET B 247 18.11 0.01 9.12
C MET B 247 18.86 -0.90 8.14
N MET B 248 19.11 -2.15 8.49
CA MET B 248 19.63 -3.11 7.52
C MET B 248 18.51 -4.04 7.07
N THR B 249 17.64 -3.53 6.19
CA THR B 249 16.48 -4.31 5.76
C THR B 249 16.53 -4.57 4.27
N GLU B 250 15.50 -5.22 3.73
CA GLU B 250 15.41 -5.37 2.28
C GLU B 250 14.87 -4.11 1.61
N TYR B 251 14.48 -3.09 2.38
CA TYR B 251 14.03 -1.82 1.82
C TYR B 251 15.16 -0.89 1.45
N TYR B 252 16.26 -0.92 2.19
CA TYR B 252 17.26 0.16 2.12
C TYR B 252 18.39 -0.26 1.22
N HIS B 253 19.05 0.73 0.61
CA HIS B 253 20.03 0.47 -0.44
C HIS B 253 21.10 1.54 -0.38
N TYR B 254 22.35 1.10 -0.21
CA TYR B 254 23.47 1.97 0.14
C TYR B 254 24.53 1.94 -0.96
N ILE B 255 24.96 3.12 -1.39
CA ILE B 255 26.10 3.19 -2.30
C ILE B 255 27.28 3.82 -1.58
N PHE B 256 28.38 3.08 -1.49
CA PHE B 256 29.56 3.59 -0.81
C PHE B 256 30.55 4.14 -1.83
N THR B 257 31.05 5.35 -1.55
CA THR B 257 31.89 6.04 -2.50
C THR B 257 33.34 5.65 -2.35
N THR B 258 33.69 4.97 -1.28
CA THR B 258 35.05 4.53 -1.03
C THR B 258 35.41 3.36 -1.93
N LEU B 259 36.71 3.15 -2.09
CA LEU B 259 37.23 2.09 -2.95
C LEU B 259 37.68 0.90 -2.12
N ASP B 260 37.48 0.98 -0.81
CA ASP B 260 37.76 -0.15 0.08
C ASP B 260 36.49 -0.78 0.62
N LEU B 261 35.44 -0.91 -0.18
CA LEU B 261 34.21 -1.57 0.24
C LEU B 261 34.48 -3.05 0.47
N PHE B 262 35.37 -3.61 -0.35
CA PHE B 262 35.65 -5.04 -0.39
C PHE B 262 36.39 -5.51 0.86
N ALA B 263 36.91 -4.56 1.64
CA ALA B 263 37.55 -4.87 2.91
C ALA B 263 36.67 -4.59 4.12
N LEU B 264 35.34 -4.71 3.99
CA LEU B 264 34.48 -4.63 5.15
C LEU B 264 34.01 -6.01 5.59
N ASP B 265 33.68 -6.13 6.86
CA ASP B 265 33.11 -7.37 7.40
C ASP B 265 31.62 -7.37 7.12
N VAL B 266 31.21 -8.06 6.05
CA VAL B 266 29.80 -8.07 5.66
C VAL B 266 29.15 -9.36 6.14
N GLU B 267 29.83 -10.09 7.02
CA GLU B 267 29.29 -11.30 7.63
C GLU B 267 28.01 -11.09 8.43
N PRO B 268 27.85 -10.03 9.29
CA PRO B 268 26.54 -9.88 9.94
C PRO B 268 25.51 -9.21 9.04
N TYR B 269 25.92 -8.75 7.86
CA TYR B 269 25.03 -8.00 6.99
C TYR B 269 24.65 -8.77 5.74
N ARG B 270 25.16 -9.99 5.58
CA ARG B 270 25.03 -10.70 4.31
C ARG B 270 23.62 -11.25 4.13
N TYR B 271 22.98 -11.64 5.23
CA TYR B 271 21.66 -12.25 5.18
C TYR B 271 20.54 -11.25 5.42
N SER B 272 20.86 -9.96 5.54
CA SER B 272 19.91 -8.94 5.96
C SER B 272 18.82 -8.70 4.94
N GLY B 273 19.19 -8.67 3.67
CA GLY B 273 18.25 -8.29 2.65
C GLY B 273 18.71 -7.00 2.00
N VAL B 274 19.70 -6.35 2.61
CA VAL B 274 20.33 -5.17 2.06
C VAL B 274 21.04 -5.49 0.76
N ASN B 275 21.28 -4.46 -0.03
CA ASN B 275 21.88 -4.59 -1.33
C ASN B 275 22.94 -3.52 -1.55
N MET B 276 23.85 -3.41 -0.56
CA MET B 276 25.02 -2.54 -0.56
C MET B 276 25.79 -2.58 -1.88
N THR B 277 25.95 -1.41 -2.49
CA THR B 277 26.60 -1.29 -3.78
C THR B 277 27.81 -0.38 -3.58
N GLY B 278 28.80 -0.49 -4.45
CA GLY B 278 29.98 0.36 -4.31
C GLY B 278 30.93 0.13 -5.48
N PHE B 279 32.20 0.41 -5.22
CA PHE B 279 33.21 0.27 -6.26
C PHE B 279 34.44 -0.42 -5.69
N ARG B 280 35.32 -0.83 -6.59
CA ARG B 280 36.52 -1.57 -6.23
C ARG B 280 37.47 -1.46 -7.40
N ILE B 281 38.64 -0.86 -7.18
CA ILE B 281 39.56 -0.60 -8.29
C ILE B 281 40.67 -1.65 -8.35
N LEU B 282 40.86 -2.39 -7.25
CA LEU B 282 41.82 -3.49 -7.17
C LEU B 282 41.54 -4.54 -8.22
N ASN B 283 42.58 -5.04 -8.86
CA ASN B 283 42.36 -5.93 -9.98
C ASN B 283 42.41 -7.36 -9.48
N THR B 284 41.51 -7.70 -8.55
CA THR B 284 41.55 -8.99 -7.85
C THR B 284 40.89 -10.10 -8.67
N GLU B 285 41.35 -10.24 -9.90
CA GLU B 285 41.03 -11.37 -10.76
C GLU B 285 42.31 -11.99 -11.26
N ASN B 286 43.28 -11.15 -11.60
CA ASN B 286 44.57 -11.63 -12.08
C ASN B 286 45.35 -12.29 -10.96
N THR B 287 45.99 -13.41 -11.25
CA THR B 287 46.80 -14.12 -10.28
C THR B 287 48.07 -13.33 -9.95
N GLN B 288 48.52 -12.49 -10.88
CA GLN B 288 49.64 -11.60 -10.61
C GLN B 288 49.28 -10.58 -9.53
N VAL B 289 48.09 -10.00 -9.63
CA VAL B 289 47.63 -9.02 -8.64
C VAL B 289 47.31 -9.71 -7.33
N SER B 290 46.70 -10.90 -7.41
CA SER B 290 46.26 -11.61 -6.22
C SER B 290 47.44 -12.15 -5.43
N SER B 291 48.56 -12.41 -6.09
CA SER B 291 49.73 -12.92 -5.38
C SER B 291 50.40 -11.82 -4.56
N ILE B 292 50.44 -10.60 -5.09
CA ILE B 292 51.09 -9.48 -4.39
C ILE B 292 50.28 -9.09 -3.17
N ILE B 293 48.95 -9.23 -3.25
CA ILE B 293 48.09 -9.00 -2.08
C ILE B 293 48.36 -10.05 -1.02
N GLU B 294 48.63 -11.29 -1.44
CA GLU B 294 49.00 -12.33 -0.50
C GLU B 294 50.38 -12.09 0.09
N LYS B 295 51.35 -11.70 -0.74
CA LYS B 295 52.71 -11.50 -0.26
C LYS B 295 52.82 -10.31 0.67
N TRP B 296 51.97 -9.29 0.45
CA TRP B 296 52.00 -8.11 1.33
C TRP B 296 51.42 -8.44 2.69
N SER B 297 50.57 -9.46 2.76
CA SER B 297 49.83 -9.76 3.99
C SER B 297 50.71 -10.32 5.09
N MET B 298 51.82 -10.96 4.73
CA MET B 298 52.77 -11.55 5.68
C MET B 298 53.37 -10.52 6.65
N GLU B 299 53.92 -9.44 6.11
CA GLU B 299 54.50 -8.41 6.98
C GLU B 299 53.43 -7.48 7.53
N ARG B 300 52.18 -7.62 7.05
CA ARG B 300 51.08 -6.85 7.61
C ARG B 300 50.42 -7.61 8.76
N LEU B 301 50.44 -8.95 8.71
CA LEU B 301 49.86 -9.72 9.81
C LEU B 301 50.80 -9.79 11.01
N GLN B 302 52.01 -9.24 10.87
CA GLN B 302 52.97 -9.11 11.97
C GLN B 302 52.40 -8.23 13.07
N ALA B 303 51.55 -7.26 12.71
CA ALA B 303 50.86 -6.42 13.66
C ALA B 303 49.39 -6.81 13.74
N PRO B 304 48.83 -6.92 14.95
CA PRO B 304 47.42 -7.32 15.07
C PRO B 304 46.49 -6.13 14.98
N PRO B 305 45.33 -6.30 14.33
CA PRO B 305 44.33 -5.23 14.31
C PRO B 305 43.33 -5.35 15.47
N LYS B 306 42.41 -4.38 15.57
CA LYS B 306 41.36 -4.47 16.57
C LYS B 306 40.13 -5.15 15.97
N PRO B 307 39.46 -6.05 16.71
CA PRO B 307 38.35 -6.80 16.13
C PRO B 307 37.04 -6.03 16.06
N ASP B 308 36.91 -5.00 16.91
CA ASP B 308 35.65 -4.28 17.04
C ASP B 308 35.39 -3.32 15.88
N SER B 309 36.41 -3.09 15.04
CA SER B 309 36.32 -2.14 13.94
C SER B 309 35.33 -2.59 12.87
N GLY B 310 35.22 -3.90 12.66
CA GLY B 310 34.38 -4.44 11.59
C GLY B 310 35.09 -4.53 10.25
N LEU B 311 36.38 -4.78 10.22
CA LEU B 311 37.15 -4.84 8.99
C LEU B 311 37.74 -6.23 8.80
N LEU B 312 37.58 -6.78 7.59
CA LEU B 312 38.24 -8.04 7.28
C LEU B 312 39.73 -7.81 7.10
N ASP B 313 40.50 -8.10 8.13
CA ASP B 313 41.95 -7.90 8.11
C ASP B 313 42.65 -8.80 7.10
N GLY B 314 43.83 -8.39 6.66
CA GLY B 314 44.57 -9.11 5.64
C GLY B 314 44.45 -8.58 4.24
N PHE B 315 43.36 -7.87 3.91
CA PHE B 315 43.19 -7.27 2.59
C PHE B 315 44.05 -6.03 2.47
N MET B 316 44.47 -5.75 1.24
CA MET B 316 45.33 -4.61 0.96
C MET B 316 44.48 -3.44 0.53
N THR B 317 44.50 -2.37 1.33
CA THR B 317 43.66 -1.20 1.10
C THR B 317 44.10 -0.45 -0.16
N THR B 318 43.22 0.44 -0.63
CA THR B 318 43.50 1.22 -1.82
C THR B 318 44.63 2.21 -1.59
N ASP B 319 44.73 2.74 -0.37
CA ASP B 319 45.80 3.67 -0.04
C ASP B 319 47.15 2.96 -0.05
N ALA B 320 47.17 1.69 0.35
CA ALA B 320 48.41 0.93 0.25
C ALA B 320 48.66 0.45 -1.18
N ALA B 321 47.60 0.25 -1.96
CA ALA B 321 47.76 -0.25 -3.32
C ALA B 321 48.33 0.82 -4.24
N LEU B 322 47.90 2.06 -4.06
CA LEU B 322 48.34 3.13 -4.94
C LEU B 322 49.77 3.53 -4.69
N MET B 323 50.26 3.32 -3.46
CA MET B 323 51.67 3.59 -3.19
C MET B 323 52.55 2.49 -3.77
N TYR B 324 52.02 1.27 -3.87
CA TYR B 324 52.71 0.21 -4.60
C TYR B 324 52.79 0.55 -6.07
N ASP B 325 51.72 1.11 -6.63
CA ASP B 325 51.72 1.47 -8.03
C ASP B 325 52.52 2.73 -8.29
N ALA B 326 52.69 3.59 -7.29
CA ALA B 326 53.38 4.85 -7.49
C ALA B 326 54.88 4.62 -7.69
N VAL B 327 55.41 3.56 -7.10
CA VAL B 327 56.82 3.26 -7.29
C VAL B 327 57.05 2.68 -8.68
N HIS B 328 56.12 1.83 -9.12
CA HIS B 328 56.28 1.17 -10.41
C HIS B 328 56.06 2.12 -11.58
N VAL B 329 55.14 3.07 -11.44
CA VAL B 329 54.85 3.97 -12.56
C VAL B 329 55.97 4.99 -12.71
N VAL B 330 56.78 5.17 -11.66
CA VAL B 330 58.00 5.95 -11.81
C VAL B 330 59.15 5.02 -12.21
N SER B 331 59.08 3.75 -11.80
CA SER B 331 60.11 2.78 -12.19
C SER B 331 60.06 2.48 -13.69
N VAL B 332 58.88 2.61 -14.30
CA VAL B 332 58.81 2.46 -15.75
C VAL B 332 59.25 3.75 -16.43
N ALA B 333 59.20 4.87 -15.70
CA ALA B 333 59.58 6.16 -16.29
C ALA B 333 61.09 6.38 -16.28
N VAL B 334 61.77 5.89 -15.24
CA VAL B 334 63.23 5.93 -15.22
C VAL B 334 63.81 4.91 -16.21
N GLN B 335 63.02 3.89 -16.55
CA GLN B 335 63.45 2.86 -17.51
C GLN B 335 63.67 3.46 -18.90
N GLN B 336 62.84 4.42 -19.28
CA GLN B 336 62.99 5.05 -20.59
C GLN B 336 63.90 6.27 -20.54
N PHE B 337 64.68 6.41 -19.46
CA PHE B 337 65.57 7.56 -19.32
C PHE B 337 66.71 7.21 -18.39
N PRO B 338 67.76 6.55 -18.89
CA PRO B 338 68.79 5.98 -17.99
C PRO B 338 69.90 6.96 -17.65
N GLN B 339 69.70 8.25 -17.91
CA GLN B 339 70.77 9.23 -17.72
C GLN B 339 70.48 10.12 -16.52
N MET B 340 69.96 9.55 -15.44
CA MET B 340 69.62 10.29 -14.24
C MET B 340 70.78 10.25 -13.24
N THR B 341 71.17 11.43 -12.81
CA THR B 341 72.06 11.59 -11.67
C THR B 341 71.38 12.51 -10.68
N VAL B 342 71.16 12.03 -9.45
CA VAL B 342 70.45 12.80 -8.45
C VAL B 342 71.33 13.95 -7.96
N SER B 343 70.72 15.12 -7.81
CA SER B 343 71.46 16.34 -7.50
C SER B 343 71.04 16.88 -6.14
N SER B 344 72.02 17.25 -5.33
CA SER B 344 71.77 17.85 -4.02
C SER B 344 71.30 19.27 -4.24
N LEU B 345 70.00 19.50 -4.08
CA LEU B 345 69.41 20.81 -4.28
C LEU B 345 69.14 21.49 -2.96
N GLN B 346 69.07 22.81 -2.97
CA GLN B 346 68.87 23.57 -1.76
C GLN B 346 67.55 24.34 -1.84
N CYS B 347 66.88 24.48 -0.70
CA CYS B 347 65.71 25.33 -0.59
C CYS B 347 66.05 26.78 -0.32
N ASN B 348 67.33 27.10 -0.12
CA ASN B 348 67.74 28.48 0.01
C ASN B 348 67.73 29.16 -1.35
N ARG B 349 67.85 28.37 -2.41
CA ARG B 349 67.85 28.88 -3.77
C ARG B 349 66.73 28.21 -4.57
N HIS B 350 66.58 28.63 -5.82
CA HIS B 350 65.58 28.07 -6.71
C HIS B 350 66.19 27.46 -7.96
N LYS B 351 67.38 26.86 -7.87
CA LYS B 351 67.99 26.17 -8.99
C LYS B 351 67.17 24.93 -9.29
N PRO B 352 66.55 24.84 -10.48
CA PRO B 352 65.74 23.66 -10.79
C PRO B 352 66.61 22.45 -11.05
N TRP B 353 66.02 21.26 -10.97
CA TRP B 353 66.77 20.02 -11.14
C TRP B 353 66.99 19.84 -12.63
N ARG B 354 68.21 19.48 -13.00
CA ARG B 354 68.70 19.47 -14.38
C ARG B 354 67.91 18.52 -15.28
N PHE B 355 67.43 17.41 -14.71
CA PHE B 355 66.65 16.46 -15.48
C PHE B 355 65.17 16.52 -15.15
N GLY B 356 64.68 17.67 -14.69
CA GLY B 356 63.33 17.78 -14.17
C GLY B 356 62.23 17.74 -15.20
N THR B 357 62.40 18.49 -16.29
CA THR B 357 61.31 18.67 -17.25
C THR B 357 61.06 17.41 -18.05
N ARG B 358 62.13 16.74 -18.51
CA ARG B 358 61.96 15.57 -19.35
C ARG B 358 61.47 14.36 -18.56
N PHE B 359 61.97 14.20 -17.33
CA PHE B 359 61.57 13.05 -16.52
C PHE B 359 60.14 13.22 -16.01
N MET B 360 59.64 14.44 -15.95
CA MET B 360 58.21 14.65 -15.70
C MET B 360 57.39 14.29 -16.93
N SER B 361 57.95 14.47 -18.12
CA SER B 361 57.21 14.13 -19.33
C SER B 361 57.13 12.63 -19.55
N LEU B 362 57.90 11.86 -18.77
CA LEU B 362 57.85 10.40 -18.90
C LEU B 362 57.00 9.78 -17.80
N ILE B 363 56.89 10.47 -16.66
CA ILE B 363 55.91 10.05 -15.65
C ILE B 363 54.50 10.36 -16.13
N LYS B 364 54.30 11.57 -16.67
CA LYS B 364 52.99 11.97 -17.14
C LYS B 364 52.60 11.30 -18.45
N GLU B 365 53.54 10.67 -19.15
CA GLU B 365 53.25 9.82 -20.30
C GLU B 365 53.78 8.44 -19.96
N ALA B 366 52.96 7.67 -19.23
CA ALA B 366 53.37 6.35 -18.79
C ALA B 366 52.15 5.43 -18.85
N HIS B 367 52.41 4.13 -18.80
CA HIS B 367 51.34 3.14 -18.86
C HIS B 367 51.81 1.89 -18.14
N TRP B 368 51.17 1.55 -17.04
CA TRP B 368 51.57 0.42 -16.21
C TRP B 368 50.36 -0.33 -15.68
N GLU B 369 50.22 -1.58 -16.12
CA GLU B 369 49.21 -2.45 -15.54
C GLU B 369 49.61 -2.84 -14.13
N GLY B 370 48.99 -2.21 -13.13
CA GLY B 370 49.38 -2.46 -11.75
C GLY B 370 48.31 -3.16 -10.96
N LEU B 371 48.27 -2.92 -9.64
CA LEU B 371 47.26 -3.54 -8.80
C LEU B 371 45.89 -2.93 -9.06
N THR B 372 45.86 -1.66 -9.46
CA THR B 372 44.60 -0.95 -9.63
C THR B 372 44.18 -0.83 -11.08
N GLY B 373 44.77 -1.60 -11.98
CA GLY B 373 44.38 -1.61 -13.37
C GLY B 373 45.27 -0.72 -14.21
N ARG B 374 44.65 -0.09 -15.20
CA ARG B 374 45.35 0.83 -16.09
C ARG B 374 45.74 2.09 -15.36
N ILE B 375 46.97 2.54 -15.55
CA ILE B 375 47.48 3.75 -14.93
C ILE B 375 47.88 4.70 -16.06
N THR B 376 47.00 5.63 -16.39
CA THR B 376 47.26 6.69 -17.33
C THR B 376 47.27 8.02 -16.56
N PHE B 377 47.60 9.11 -17.25
CA PHE B 377 47.55 10.42 -16.62
C PHE B 377 46.99 11.45 -17.59
N ASN B 378 46.16 12.35 -17.09
CA ASN B 378 45.57 13.38 -17.95
C ASN B 378 46.69 14.41 -18.12
N LYS B 379 47.26 14.49 -19.32
CA LYS B 379 48.48 15.26 -19.57
C LYS B 379 48.29 16.75 -19.35
N THR B 380 47.06 17.22 -19.48
CA THR B 380 46.69 18.59 -19.16
C THR B 380 46.44 18.80 -17.67
N ASN B 381 46.39 17.72 -16.89
CA ASN B 381 46.33 17.84 -15.43
C ASN B 381 47.57 17.28 -14.75
N GLY B 382 47.83 15.99 -15.00
CA GLY B 382 48.71 15.22 -14.14
C GLY B 382 47.89 14.28 -13.30
N LEU B 383 46.58 14.52 -13.23
CA LEU B 383 45.65 13.70 -12.47
C LEU B 383 45.41 12.36 -13.16
N ARG B 384 44.72 11.46 -12.49
CA ARG B 384 44.35 10.15 -13.05
C ARG B 384 42.85 10.19 -13.31
N THR B 385 42.48 10.25 -14.59
CA THR B 385 41.09 10.38 -14.99
C THR B 385 40.58 9.13 -15.69
N ASP B 386 41.42 8.46 -16.48
CA ASP B 386 41.01 7.29 -17.24
C ASP B 386 41.53 6.04 -16.52
N PHE B 387 40.60 5.22 -16.02
CA PHE B 387 40.91 4.05 -15.21
C PHE B 387 39.73 3.09 -15.30
N ASP B 388 39.81 1.96 -14.61
CA ASP B 388 38.79 0.92 -14.69
C ASP B 388 38.29 0.59 -13.30
N LEU B 389 36.98 0.66 -13.10
CA LEU B 389 36.36 0.27 -11.84
C LEU B 389 35.55 -1.01 -11.99
N ASP B 390 35.33 -1.65 -10.85
CA ASP B 390 34.45 -2.80 -10.75
C ASP B 390 33.33 -2.44 -9.79
N VAL B 391 32.17 -3.03 -9.98
CA VAL B 391 30.93 -2.48 -9.40
C VAL B 391 30.41 -3.50 -8.39
N ILE B 392 31.31 -3.98 -7.51
CA ILE B 392 31.00 -4.99 -6.49
C ILE B 392 29.76 -4.65 -5.67
N SER B 393 28.99 -5.67 -5.31
CA SER B 393 27.72 -5.48 -4.63
C SER B 393 27.50 -6.63 -3.67
N LEU B 394 26.54 -6.46 -2.76
CA LEU B 394 26.32 -7.41 -1.68
C LEU B 394 25.18 -8.34 -2.05
N LYS B 395 25.53 -9.54 -2.49
CA LYS B 395 24.59 -10.65 -2.58
C LYS B 395 24.79 -11.54 -1.36
N GLU B 396 23.99 -12.60 -1.27
CA GLU B 396 23.97 -13.42 -0.06
C GLU B 396 25.17 -14.35 0.10
N GLU B 397 26.17 -14.23 -0.77
CA GLU B 397 27.40 -14.99 -0.63
C GLU B 397 28.61 -14.11 -0.32
N GLY B 398 28.43 -12.79 -0.28
CA GLY B 398 29.50 -11.87 0.01
C GLY B 398 29.42 -10.67 -0.90
N LEU B 399 30.54 -9.96 -1.03
CA LEU B 399 30.67 -8.83 -1.95
C LEU B 399 31.26 -9.34 -3.25
N GLU B 400 30.45 -9.35 -4.31
CA GLU B 400 30.87 -9.88 -5.59
C GLU B 400 30.54 -8.90 -6.71
N LYS B 401 31.28 -9.02 -7.81
CA LYS B 401 31.14 -8.14 -8.96
C LYS B 401 29.80 -8.33 -9.65
N ILE B 402 29.15 -7.23 -10.02
CA ILE B 402 27.96 -7.31 -10.86
C ILE B 402 28.09 -6.39 -12.07
N GLY B 403 29.26 -5.83 -12.31
CA GLY B 403 29.41 -4.96 -13.46
C GLY B 403 30.82 -4.39 -13.56
N THR B 404 30.96 -3.41 -14.46
CA THR B 404 32.25 -2.78 -14.73
C THR B 404 32.03 -1.36 -15.24
N TRP B 405 32.75 -0.39 -14.67
CA TRP B 405 32.62 1.00 -15.11
C TRP B 405 33.90 1.40 -15.82
N ASP B 406 33.77 2.32 -16.78
CA ASP B 406 34.86 2.78 -17.62
C ASP B 406 34.43 4.13 -18.17
N PRO B 407 35.23 5.21 -17.99
CA PRO B 407 34.79 6.56 -18.40
C PRO B 407 34.52 6.73 -19.88
N ALA B 408 35.27 6.00 -20.71
CA ALA B 408 35.10 6.07 -22.15
C ALA B 408 33.81 5.39 -22.56
N SER B 409 33.68 4.10 -22.28
CA SER B 409 32.52 3.34 -22.70
C SER B 409 31.29 3.66 -21.86
N GLY B 410 31.35 3.39 -20.56
CA GLY B 410 30.21 3.59 -19.71
C GLY B 410 30.12 2.62 -18.56
N LEU B 411 28.98 1.94 -18.43
CA LEU B 411 28.68 1.08 -17.30
C LEU B 411 28.31 -0.30 -17.84
N ASN B 412 29.22 -1.25 -17.73
CA ASN B 412 29.07 -2.54 -18.42
C ASN B 412 28.44 -3.56 -17.49
N MET B 413 27.25 -3.23 -16.98
CA MET B 413 26.51 -4.07 -16.03
C MET B 413 26.22 -5.47 -16.54
N THR B 414 26.70 -6.48 -15.83
CA THR B 414 26.43 -7.87 -16.21
C THR B 414 25.09 -8.35 -15.64
N GLU B 415 24.04 -7.56 -15.84
CA GLU B 415 22.68 -7.96 -15.55
C GLU B 415 21.74 -7.74 -16.73
N SER B 416 22.00 -6.73 -17.57
CA SER B 416 21.48 -6.65 -18.92
C SER B 416 22.41 -7.29 -19.93
N GLN B 417 23.72 -7.29 -19.64
CA GLN B 417 24.67 -8.15 -20.35
C GLN B 417 24.38 -9.62 -20.09
N LYS B 418 23.86 -9.95 -18.91
CA LYS B 418 23.41 -11.31 -18.62
C LYS B 418 22.26 -11.74 -19.52
N GLY B 419 21.43 -10.80 -19.95
CA GLY B 419 20.36 -11.09 -20.90
C GLY B 419 20.90 -11.49 -22.26
N LYS B 420 20.69 -12.74 -22.63
CA LYS B 420 21.15 -13.27 -23.91
C LYS B 420 19.95 -13.53 -24.80
N PRO B 421 19.62 -12.63 -25.73
CA PRO B 421 18.39 -12.83 -26.53
C PRO B 421 18.62 -13.68 -27.75
N ALA B 422 17.52 -14.06 -28.41
CA ALA B 422 17.55 -14.80 -29.66
C ALA B 422 16.28 -14.53 -30.45
N ASN B 423 16.42 -14.11 -31.71
CA ASN B 423 15.28 -13.80 -32.55
C ASN B 423 14.57 -15.10 -32.95
N ILE B 424 13.25 -15.04 -33.12
CA ILE B 424 12.45 -16.23 -33.40
C ILE B 424 11.77 -16.09 -34.76
N THR B 425 12.18 -15.09 -35.54
CA THR B 425 11.61 -14.90 -36.87
C THR B 425 12.34 -15.68 -37.94
N ASP B 426 13.44 -16.37 -37.59
CA ASP B 426 14.19 -17.15 -38.56
C ASP B 426 13.50 -18.45 -38.94
N SER B 427 12.89 -19.13 -37.95
CA SER B 427 12.16 -20.36 -38.22
C SER B 427 10.70 -20.06 -38.51
N LEU B 428 10.32 -18.78 -38.44
CA LEU B 428 8.94 -18.37 -38.68
C LEU B 428 8.64 -18.42 -40.16
N SER B 429 9.68 -18.33 -41.00
CA SER B 429 9.50 -18.48 -42.44
C SER B 429 9.09 -19.90 -42.80
N ASN B 430 9.54 -20.88 -42.02
CA ASN B 430 9.10 -22.27 -42.18
C ASN B 430 7.82 -22.56 -41.41
N ARG B 431 7.58 -21.84 -40.31
CA ARG B 431 6.42 -22.08 -39.47
C ARG B 431 5.16 -21.49 -40.09
N SER B 432 4.05 -22.22 -39.95
CA SER B 432 2.78 -21.86 -40.56
C SER B 432 2.16 -20.64 -39.87
N LEU B 433 1.32 -19.93 -40.64
CA LEU B 433 0.54 -18.80 -40.14
C LEU B 433 -0.92 -19.18 -40.34
N ILE B 434 -1.54 -19.68 -39.27
CA ILE B 434 -2.83 -20.34 -39.33
C ILE B 434 -3.91 -19.32 -38.99
N VAL B 435 -5.13 -19.50 -39.52
CA VAL B 435 -6.22 -18.53 -39.43
C VAL B 435 -7.46 -19.20 -38.83
N THR B 436 -8.20 -18.48 -37.98
CA THR B 436 -9.57 -18.88 -37.68
C THR B 436 -10.52 -17.71 -37.90
N THR B 437 -11.72 -18.03 -38.38
CA THR B 437 -12.81 -17.08 -38.63
C THR B 437 -14.08 -17.85 -38.96
N ILE B 438 -15.22 -17.17 -38.97
CA ILE B 438 -16.43 -17.74 -39.55
C ILE B 438 -16.94 -16.74 -40.59
N LEU B 439 -17.52 -17.25 -41.67
CA LEU B 439 -17.91 -16.41 -42.80
C LEU B 439 -19.18 -15.63 -42.48
N GLU B 440 -19.41 -14.55 -43.22
CA GLU B 440 -20.80 -14.21 -43.48
C GLU B 440 -21.11 -14.19 -44.98
N GLU B 441 -20.63 -13.12 -45.67
CA GLU B 441 -20.44 -12.75 -47.08
C GLU B 441 -19.96 -11.31 -47.07
N PRO B 442 -19.19 -10.84 -48.07
CA PRO B 442 -18.37 -11.51 -49.09
C PRO B 442 -16.99 -11.84 -48.53
N TYR B 443 -16.89 -11.70 -47.20
CA TYR B 443 -15.66 -11.78 -46.42
C TYR B 443 -14.97 -13.12 -46.62
N VAL B 444 -15.64 -14.18 -46.18
CA VAL B 444 -15.24 -15.57 -46.43
C VAL B 444 -16.48 -16.21 -47.03
N LEU B 445 -16.27 -17.21 -47.90
CA LEU B 445 -17.40 -17.94 -48.45
C LEU B 445 -17.14 -19.44 -48.33
N PHE B 446 -15.93 -19.79 -47.85
CA PHE B 446 -15.27 -21.10 -47.84
C PHE B 446 -15.47 -21.93 -49.11
N LYS B 447 -15.56 -21.23 -50.25
CA LYS B 447 -15.72 -21.76 -51.61
C LYS B 447 -16.81 -22.83 -51.67
N LYS B 448 -18.03 -22.48 -51.27
CA LYS B 448 -19.05 -23.51 -51.14
C LYS B 448 -19.59 -23.90 -52.51
N SER B 449 -19.50 -25.20 -52.79
CA SER B 449 -19.85 -25.80 -54.06
C SER B 449 -19.93 -27.31 -53.89
N ASP B 450 -20.04 -28.04 -55.01
CA ASP B 450 -20.10 -29.49 -55.00
C ASP B 450 -18.75 -30.17 -54.93
N LYS B 451 -17.66 -29.45 -55.22
CA LYS B 451 -16.33 -30.01 -55.39
C LYS B 451 -15.72 -30.51 -54.08
N PRO B 452 -14.80 -31.49 -54.14
CA PRO B 452 -14.16 -32.02 -52.92
C PRO B 452 -13.00 -31.17 -52.38
N LEU B 453 -12.98 -29.89 -52.75
CA LEU B 453 -12.04 -28.89 -52.26
C LEU B 453 -11.88 -28.92 -50.74
N TYR B 454 -10.64 -29.10 -50.28
CA TYR B 454 -10.31 -29.37 -48.89
C TYR B 454 -9.18 -28.45 -48.44
N GLY B 455 -8.94 -28.47 -47.12
CA GLY B 455 -7.81 -27.78 -46.53
C GLY B 455 -7.91 -26.27 -46.57
N ASN B 456 -6.81 -25.65 -46.99
CA ASN B 456 -6.81 -24.20 -47.20
C ASN B 456 -7.19 -23.82 -48.62
N ASP B 457 -7.42 -24.82 -49.49
CA ASP B 457 -8.02 -24.56 -50.79
C ASP B 457 -9.54 -24.57 -50.69
N ARG B 458 -10.06 -24.76 -49.48
CA ARG B 458 -11.48 -24.87 -49.18
C ARG B 458 -11.99 -23.50 -48.77
N PHE B 459 -11.40 -22.44 -49.33
CA PHE B 459 -11.74 -21.07 -48.93
C PHE B 459 -11.56 -20.12 -50.10
N GLU B 460 -12.65 -19.48 -50.53
CA GLU B 460 -12.53 -18.22 -51.25
C GLU B 460 -13.35 -17.15 -50.54
N GLY B 461 -12.96 -15.90 -50.76
CA GLY B 461 -13.67 -14.76 -50.19
C GLY B 461 -12.87 -13.51 -50.43
N TYR B 462 -13.41 -12.39 -49.94
CA TYR B 462 -12.67 -11.14 -49.96
C TYR B 462 -11.48 -11.17 -49.02
N CYS B 463 -11.64 -11.82 -47.87
CA CYS B 463 -10.59 -11.78 -46.86
C CYS B 463 -9.40 -12.65 -47.24
N ILE B 464 -9.64 -13.77 -47.91
CA ILE B 464 -8.52 -14.64 -48.23
C ILE B 464 -7.81 -14.16 -49.49
N ASP B 465 -8.53 -13.47 -50.37
CA ASP B 465 -7.90 -12.95 -51.58
C ASP B 465 -6.97 -11.80 -51.25
N LEU B 466 -7.26 -11.11 -50.15
CA LEU B 466 -6.25 -10.28 -49.48
C LEU B 466 -5.11 -11.13 -48.95
N LEU B 467 -5.45 -12.18 -48.20
CA LEU B 467 -4.48 -13.06 -47.56
C LEU B 467 -3.60 -13.77 -48.58
N ARG B 468 -4.16 -14.10 -49.75
CA ARG B 468 -3.38 -14.64 -50.84
C ARG B 468 -2.39 -13.62 -51.39
N GLU B 469 -2.81 -12.35 -51.53
CA GLU B 469 -1.89 -11.32 -51.99
C GLU B 469 -0.92 -10.91 -50.88
N LEU B 470 -1.30 -11.14 -49.62
CA LEU B 470 -0.34 -11.02 -48.53
C LEU B 470 0.75 -12.07 -48.66
N SER B 471 0.37 -13.30 -49.01
CA SER B 471 1.31 -14.41 -49.12
CA SER B 471 1.31 -14.41 -49.12
C SER B 471 2.28 -14.22 -50.28
N THR B 472 1.90 -13.40 -51.26
CA THR B 472 2.81 -13.04 -52.34
C THR B 472 3.91 -12.14 -51.79
N ILE B 473 3.58 -11.30 -50.81
CA ILE B 473 4.53 -10.37 -50.22
C ILE B 473 5.20 -11.02 -49.02
N LEU B 474 4.39 -11.57 -48.11
CA LEU B 474 4.88 -12.11 -46.85
C LEU B 474 5.56 -13.47 -47.06
N GLY B 475 4.82 -14.41 -47.64
CA GLY B 475 5.34 -15.75 -47.82
C GLY B 475 5.00 -16.69 -46.69
N PHE B 476 3.72 -16.79 -46.33
CA PHE B 476 3.29 -17.62 -45.22
C PHE B 476 2.41 -18.75 -45.72
N THR B 477 2.61 -19.94 -45.15
CA THR B 477 1.76 -21.09 -45.45
C THR B 477 0.50 -21.04 -44.58
N TYR B 478 -0.64 -20.77 -45.20
CA TYR B 478 -1.84 -20.49 -44.43
C TYR B 478 -2.72 -21.73 -44.28
N GLU B 479 -3.36 -21.81 -43.12
CA GLU B 479 -4.45 -22.75 -42.88
C GLU B 479 -5.57 -22.00 -42.20
N ILE B 480 -6.80 -22.28 -42.61
CA ILE B 480 -7.97 -21.54 -42.13
C ILE B 480 -8.95 -22.53 -41.54
N ARG B 481 -9.48 -22.18 -40.36
CA ARG B 481 -10.51 -23.02 -39.74
C ARG B 481 -11.66 -22.16 -39.22
N LEU B 482 -12.64 -22.79 -38.59
CA LEU B 482 -13.82 -22.11 -38.08
C LEU B 482 -13.64 -21.76 -36.60
N VAL B 483 -14.69 -21.23 -35.98
CA VAL B 483 -14.59 -20.67 -34.63
C VAL B 483 -15.51 -21.49 -33.73
N GLU B 484 -15.41 -21.30 -32.41
CA GLU B 484 -16.09 -22.17 -31.44
C GLU B 484 -17.49 -21.67 -31.12
N ASP B 485 -17.65 -20.43 -30.65
CA ASP B 485 -18.96 -19.93 -30.26
C ASP B 485 -19.84 -19.59 -31.44
N GLY B 486 -19.23 -19.22 -32.57
CA GLY B 486 -19.97 -18.75 -33.72
C GLY B 486 -20.01 -17.24 -33.79
N LYS B 487 -19.34 -16.60 -32.84
CA LYS B 487 -19.32 -15.14 -32.76
C LYS B 487 -17.89 -14.62 -32.80
N TYR B 488 -17.70 -13.32 -32.54
CA TYR B 488 -16.43 -12.67 -32.84
C TYR B 488 -15.69 -12.23 -31.59
N GLY B 489 -16.27 -11.37 -30.76
CA GLY B 489 -15.54 -10.90 -29.60
C GLY B 489 -16.32 -9.87 -28.82
N ALA B 490 -16.29 -10.04 -27.50
CA ALA B 490 -16.92 -9.14 -26.54
C ALA B 490 -16.38 -9.38 -25.14
N GLN B 491 -16.18 -8.31 -24.37
CA GLN B 491 -15.83 -8.47 -22.97
C GLN B 491 -17.05 -8.85 -22.15
N ASP B 492 -17.33 -10.15 -22.04
CA ASP B 492 -18.35 -10.61 -21.11
C ASP B 492 -17.89 -10.37 -19.68
N ASP B 493 -18.72 -9.64 -18.92
CA ASP B 493 -18.31 -9.20 -17.59
C ASP B 493 -18.38 -10.29 -16.53
N VAL B 494 -19.06 -11.41 -16.83
CA VAL B 494 -19.18 -12.49 -15.86
C VAL B 494 -17.87 -13.26 -15.77
N ASN B 495 -17.42 -13.82 -16.89
CA ASN B 495 -16.15 -14.52 -16.89
C ASN B 495 -14.95 -13.57 -16.93
N GLY B 496 -15.11 -12.40 -17.55
CA GLY B 496 -14.01 -11.46 -17.70
C GLY B 496 -13.29 -11.65 -19.01
N GLN B 497 -13.58 -12.76 -19.68
CA GLN B 497 -12.81 -13.18 -20.85
C GLN B 497 -13.51 -12.73 -22.14
N TRP B 498 -12.91 -13.14 -23.26
CA TRP B 498 -13.45 -12.86 -24.58
C TRP B 498 -14.18 -14.10 -25.12
N ASN B 499 -14.72 -13.99 -26.33
CA ASN B 499 -15.39 -15.10 -26.99
C ASN B 499 -15.43 -14.96 -28.51
N GLY B 500 -14.71 -15.85 -29.21
CA GLY B 500 -14.72 -15.89 -30.65
C GLY B 500 -13.32 -15.70 -31.24
N MET B 501 -13.15 -14.59 -31.96
CA MET B 501 -11.86 -14.26 -32.57
C MET B 501 -10.78 -14.03 -31.52
N VAL B 502 -10.99 -12.99 -30.71
CA VAL B 502 -9.91 -12.40 -29.91
C VAL B 502 -9.54 -13.33 -28.77
N ARG B 503 -10.51 -14.12 -28.28
CA ARG B 503 -10.29 -15.16 -27.29
C ARG B 503 -9.30 -16.21 -27.78
N GLU B 504 -9.35 -16.51 -29.09
CA GLU B 504 -8.37 -17.43 -29.66
C GLU B 504 -7.04 -16.74 -29.90
N LEU B 505 -7.07 -15.43 -30.16
CA LEU B 505 -5.84 -14.68 -30.44
C LEU B 505 -4.99 -14.50 -29.18
N ILE B 506 -5.62 -14.23 -28.04
CA ILE B 506 -4.86 -14.08 -26.80
C ILE B 506 -4.44 -15.44 -26.25
N ASP B 507 -5.08 -16.51 -26.73
CA ASP B 507 -4.60 -17.86 -26.42
C ASP B 507 -3.56 -18.36 -27.42
N HIS B 508 -3.09 -17.48 -28.31
CA HIS B 508 -2.04 -17.73 -29.31
C HIS B 508 -2.41 -18.84 -30.29
N LYS B 509 -3.69 -19.14 -30.42
CA LYS B 509 -4.21 -19.96 -31.51
C LYS B 509 -4.47 -19.04 -32.69
N ALA B 510 -4.20 -19.55 -33.89
CA ALA B 510 -4.43 -18.83 -35.16
C ALA B 510 -3.65 -17.51 -35.19
N ASP B 511 -2.34 -17.66 -35.37
CA ASP B 511 -1.36 -16.58 -35.51
C ASP B 511 -1.80 -15.45 -36.45
N LEU B 512 -2.49 -15.79 -37.54
CA LEU B 512 -3.24 -14.78 -38.27
C LEU B 512 -4.74 -14.98 -38.02
N ALA B 513 -5.52 -13.95 -38.29
CA ALA B 513 -6.93 -14.05 -37.97
C ALA B 513 -7.86 -13.85 -39.15
N VAL B 514 -7.32 -13.46 -40.32
CA VAL B 514 -7.90 -12.54 -41.31
C VAL B 514 -9.40 -12.74 -41.53
N ALA B 515 -10.16 -11.67 -41.33
CA ALA B 515 -11.56 -11.76 -40.92
C ALA B 515 -12.14 -10.35 -40.88
N PRO B 516 -13.47 -10.20 -40.71
CA PRO B 516 -13.98 -8.87 -40.34
C PRO B 516 -13.72 -8.47 -38.89
N LEU B 517 -12.46 -8.40 -38.48
CA LEU B 517 -12.14 -7.83 -37.18
C LEU B 517 -12.00 -6.32 -37.29
N ALA B 518 -12.76 -5.62 -36.45
CA ALA B 518 -12.89 -4.19 -36.58
C ALA B 518 -12.11 -3.48 -35.49
N ILE B 519 -11.83 -2.19 -35.72
CA ILE B 519 -11.18 -1.35 -34.72
C ILE B 519 -12.17 -1.02 -33.61
N THR B 520 -11.90 -1.53 -32.42
CA THR B 520 -12.59 -1.15 -31.21
C THR B 520 -11.51 -1.04 -30.14
N TYR B 521 -11.69 -0.06 -29.23
CA TYR B 521 -10.64 0.26 -28.26
C TYR B 521 -10.39 -0.89 -27.29
N VAL B 522 -11.43 -1.66 -26.97
CA VAL B 522 -11.24 -2.83 -26.12
C VAL B 522 -10.59 -3.96 -26.89
N ARG B 523 -10.73 -3.94 -28.22
CA ARG B 523 -10.09 -4.97 -29.04
C ARG B 523 -8.61 -4.65 -29.25
N GLU B 524 -8.22 -3.41 -28.98
CA GLU B 524 -6.81 -3.03 -29.19
C GLU B 524 -5.98 -3.30 -27.93
N LYS B 525 -6.64 -3.37 -26.77
CA LYS B 525 -5.91 -3.47 -25.51
C LYS B 525 -5.30 -4.86 -25.31
N VAL B 526 -6.00 -5.90 -25.75
CA VAL B 526 -5.57 -7.27 -25.46
C VAL B 526 -4.81 -7.87 -26.64
N ILE B 527 -5.15 -7.47 -27.85
CA ILE B 527 -4.33 -7.77 -29.03
C ILE B 527 -4.03 -6.46 -29.76
N ASP B 528 -2.77 -6.27 -30.12
CA ASP B 528 -2.47 -5.24 -31.08
C ASP B 528 -2.69 -5.83 -32.47
N PHE B 529 -3.91 -5.70 -32.98
CA PHE B 529 -4.18 -6.11 -34.36
C PHE B 529 -3.76 -5.02 -35.32
N SER B 530 -3.57 -5.39 -36.58
CA SER B 530 -2.81 -4.57 -37.50
C SER B 530 -3.59 -3.36 -37.99
N LYS B 531 -2.90 -2.48 -38.70
CA LYS B 531 -3.43 -1.30 -39.38
C LYS B 531 -4.43 -1.79 -40.43
N PRO B 532 -5.63 -1.18 -40.51
CA PRO B 532 -6.68 -1.77 -41.34
C PRO B 532 -6.47 -1.69 -42.84
N PHE B 533 -7.19 -2.53 -43.57
CA PHE B 533 -7.18 -2.55 -45.03
C PHE B 533 -8.38 -1.85 -45.65
N MET B 534 -9.47 -1.69 -44.91
CA MET B 534 -10.69 -1.12 -45.47
C MET B 534 -11.50 -0.43 -44.38
N THR B 535 -12.20 0.64 -44.73
CA THR B 535 -12.89 1.51 -43.78
CA THR B 535 -12.89 1.51 -43.78
C THR B 535 -14.14 0.81 -43.23
N LEU B 536 -14.83 1.48 -42.31
CA LEU B 536 -16.00 0.91 -41.66
C LEU B 536 -16.85 2.02 -41.06
N GLY B 537 -18.17 1.79 -41.08
CA GLY B 537 -19.12 2.62 -40.36
C GLY B 537 -20.45 1.93 -40.11
N ILE B 538 -20.91 1.90 -38.85
CA ILE B 538 -22.17 1.24 -38.53
C ILE B 538 -23.33 2.07 -39.04
N SER B 539 -24.33 1.41 -39.63
CA SER B 539 -25.56 2.10 -40.00
C SER B 539 -26.72 1.11 -39.97
N ILE B 540 -27.92 1.62 -40.25
CA ILE B 540 -29.17 0.88 -40.12
C ILE B 540 -29.49 0.22 -41.47
N LEU B 541 -30.11 -0.97 -41.43
CA LEU B 541 -30.51 -1.68 -42.66
C LEU B 541 -32.02 -1.98 -42.56
N TYR B 542 -32.80 -0.92 -42.31
CA TYR B 542 -34.25 -1.05 -42.38
C TYR B 542 -34.68 -1.27 -43.84
N ARG B 543 -35.86 -1.87 -44.04
CA ARG B 543 -36.36 -2.21 -45.37
C ARG B 543 -36.60 -0.96 -46.20
N LYS B 544 -36.34 -1.06 -47.50
CA LYS B 544 -36.94 -0.14 -48.44
C LYS B 544 -38.43 -0.49 -48.46
N PRO B 545 -39.33 0.49 -48.40
CA PRO B 545 -40.76 0.19 -48.30
C PRO B 545 -41.36 -0.33 -49.61
N ASN B 546 -42.68 -0.44 -49.62
CA ASN B 546 -43.48 -0.92 -50.75
C ASN B 546 -43.23 -0.17 -52.05
N TRP B 640 -84.27 15.93 -40.74
CA TRP B 640 -83.21 14.93 -40.68
C TRP B 640 -81.88 15.53 -41.12
N TRP B 641 -81.90 16.81 -41.47
CA TRP B 641 -80.68 17.50 -41.89
C TRP B 641 -79.70 17.65 -40.74
N PHE B 642 -80.22 17.76 -39.51
CA PHE B 642 -79.37 17.77 -38.34
C PHE B 642 -78.86 16.37 -38.00
N PHE B 643 -79.59 15.33 -38.43
CA PHE B 643 -79.22 13.97 -38.07
C PHE B 643 -78.00 13.50 -38.85
N THR B 644 -77.95 13.80 -40.15
CA THR B 644 -76.77 13.45 -40.94
C THR B 644 -75.64 14.42 -40.70
N LEU B 645 -75.93 15.55 -40.05
CA LEU B 645 -74.91 16.55 -39.76
C LEU B 645 -73.97 16.06 -38.66
N ILE B 646 -74.52 15.30 -37.71
CA ILE B 646 -73.71 14.71 -36.65
C ILE B 646 -72.84 13.58 -37.21
N ILE B 647 -73.37 12.87 -38.21
CA ILE B 647 -72.67 11.72 -38.78
C ILE B 647 -71.44 12.16 -39.56
N ILE B 648 -71.57 13.22 -40.36
CA ILE B 648 -70.43 13.70 -41.13
C ILE B 648 -69.43 14.43 -40.24
N SER B 649 -69.87 14.90 -39.07
CA SER B 649 -68.92 15.47 -38.11
C SER B 649 -68.26 14.37 -37.30
N SER B 650 -68.96 13.23 -37.15
CA SER B 650 -68.37 12.08 -36.46
C SER B 650 -67.30 11.42 -37.32
N TYR B 651 -67.54 11.35 -38.64
CA TYR B 651 -66.57 10.72 -39.53
C TYR B 651 -65.40 11.65 -39.80
N THR B 652 -65.62 12.97 -39.67
CA THR B 652 -64.55 13.93 -39.89
C THR B 652 -63.49 13.83 -38.81
N ALA B 653 -63.91 13.86 -37.54
CA ALA B 653 -62.98 13.89 -36.43
C ALA B 653 -62.23 12.56 -36.29
N ASN B 654 -62.90 11.45 -36.58
CA ASN B 654 -62.24 10.17 -36.54
C ASN B 654 -61.24 10.01 -37.67
N LEU B 655 -61.51 10.63 -38.83
CA LEU B 655 -60.54 10.62 -39.92
C LEU B 655 -59.50 11.70 -39.70
N ALA B 656 -59.84 12.72 -38.90
CA ALA B 656 -58.86 13.73 -38.53
C ALA B 656 -57.80 13.16 -37.60
N ALA B 657 -58.24 12.37 -36.61
CA ALA B 657 -57.33 11.80 -35.64
C ALA B 657 -56.47 10.69 -36.24
N PHE B 658 -57.07 9.89 -37.12
CA PHE B 658 -56.37 8.74 -37.70
C PHE B 658 -55.25 9.20 -38.64
N LEU B 659 -55.49 10.27 -39.39
CA LEU B 659 -54.46 10.79 -40.28
C LEU B 659 -53.42 11.61 -39.52
N THR B 660 -53.80 12.14 -38.36
CA THR B 660 -52.89 12.93 -37.55
C THR B 660 -51.80 12.07 -36.94
N VAL B 661 -52.19 11.01 -36.25
CA VAL B 661 -51.28 10.11 -35.55
C VAL B 661 -50.40 9.39 -36.57
N GLU B 662 -50.97 9.11 -37.74
CA GLU B 662 -50.19 8.53 -38.83
C GLU B 662 -49.14 9.52 -39.34
N ARG B 663 -49.51 10.79 -39.45
CA ARG B 663 -48.56 11.80 -39.88
C ARG B 663 -47.59 12.14 -38.75
N MET B 664 -48.07 11.99 -37.51
CA MET B 664 -47.25 12.18 -36.31
C MET B 664 -46.16 11.11 -36.26
N GLU B 665 -46.51 9.90 -36.70
CA GLU B 665 -45.55 8.82 -36.88
C GLU B 665 -44.52 9.19 -37.94
N SER B 666 -43.25 9.03 -37.62
CA SER B 666 -42.17 9.48 -38.50
C SER B 666 -41.61 8.31 -39.28
N PRO B 667 -41.36 8.50 -40.58
CA PRO B 667 -40.60 7.51 -41.34
C PRO B 667 -39.13 7.56 -40.97
N ILE B 668 -38.48 6.39 -40.85
CA ILE B 668 -37.14 6.32 -40.29
C ILE B 668 -36.12 6.81 -41.31
N ASP B 669 -35.36 7.84 -40.94
CA ASP B 669 -34.33 8.36 -41.83
C ASP B 669 -33.10 8.69 -41.00
N SER B 670 -33.06 8.17 -39.76
CA SER B 670 -31.97 8.47 -38.85
C SER B 670 -31.90 7.43 -37.74
N ALA B 671 -30.95 7.59 -36.83
CA ALA B 671 -30.97 6.80 -35.60
C ALA B 671 -31.78 7.50 -34.52
N ASP B 672 -32.16 8.76 -34.76
CA ASP B 672 -32.91 9.53 -33.77
C ASP B 672 -34.35 9.06 -33.69
N ASP B 673 -35.08 9.16 -34.81
CA ASP B 673 -36.48 8.75 -34.84
C ASP B 673 -36.61 7.23 -34.71
N LEU B 674 -35.56 6.50 -35.09
CA LEU B 674 -35.50 5.08 -34.81
C LEU B 674 -35.38 4.79 -33.32
N ALA B 675 -34.77 5.70 -32.55
CA ALA B 675 -34.67 5.52 -31.11
C ALA B 675 -35.95 5.97 -30.40
N LYS B 676 -36.66 6.94 -30.96
CA LYS B 676 -37.87 7.43 -30.30
C LYS B 676 -39.10 6.66 -30.66
N GLN B 677 -38.99 5.55 -31.38
CA GLN B 677 -40.15 4.77 -31.83
C GLN B 677 -39.93 3.33 -31.41
N THR B 678 -40.74 2.86 -30.44
CA THR B 678 -40.64 1.50 -29.94
C THR B 678 -41.52 0.52 -30.70
N LYS B 679 -42.07 0.93 -31.84
CA LYS B 679 -42.83 0.01 -32.69
C LYS B 679 -41.90 -0.90 -33.49
N ILE B 680 -40.81 -0.33 -34.00
CA ILE B 680 -39.77 -1.09 -34.67
C ILE B 680 -38.85 -1.64 -33.58
N GLU B 681 -38.43 -2.90 -33.70
CA GLU B 681 -37.77 -3.61 -32.62
C GLU B 681 -36.30 -3.87 -32.95
N TYR B 682 -35.62 -2.84 -33.44
CA TYR B 682 -34.23 -2.82 -33.89
C TYR B 682 -33.20 -3.47 -32.96
N GLY B 683 -32.13 -4.01 -33.54
CA GLY B 683 -31.09 -4.64 -32.77
C GLY B 683 -29.86 -4.85 -33.62
N ALA B 684 -28.86 -5.51 -33.02
CA ALA B 684 -27.58 -5.73 -33.67
C ALA B 684 -27.09 -7.15 -33.42
N VAL B 685 -25.86 -7.42 -33.89
CA VAL B 685 -25.19 -8.69 -33.65
C VAL B 685 -24.83 -8.79 -32.17
N GLU B 686 -25.28 -9.85 -31.50
CA GLU B 686 -24.93 -10.05 -30.10
C GLU B 686 -23.48 -10.47 -29.99
N ASP B 687 -22.79 -9.88 -28.99
CA ASP B 687 -21.34 -10.02 -28.78
C ASP B 687 -20.53 -9.60 -30.00
N GLY B 688 -21.00 -8.58 -30.71
CA GLY B 688 -20.25 -8.01 -31.80
C GLY B 688 -19.63 -6.69 -31.40
N ALA B 689 -18.88 -6.07 -32.33
CA ALA B 689 -18.35 -4.74 -32.07
C ALA B 689 -19.42 -3.67 -32.12
N THR B 690 -20.56 -3.96 -32.76
CA THR B 690 -21.67 -3.02 -32.82
C THR B 690 -22.31 -2.82 -31.45
N MET B 691 -22.74 -3.92 -30.81
CA MET B 691 -23.34 -3.81 -29.49
C MET B 691 -22.33 -3.38 -28.44
N THR B 692 -21.04 -3.65 -28.68
CA THR B 692 -19.99 -3.14 -27.81
C THR B 692 -19.93 -1.62 -27.89
N PHE B 693 -20.20 -1.07 -29.07
CA PHE B 693 -20.17 0.37 -29.25
C PHE B 693 -21.37 1.04 -28.59
N PHE B 694 -22.57 0.48 -28.77
CA PHE B 694 -23.75 1.09 -28.19
C PHE B 694 -23.80 0.93 -26.68
N LYS B 695 -23.12 -0.07 -26.14
CA LYS B 695 -23.08 -0.29 -24.69
C LYS B 695 -22.20 0.76 -24.02
N LYS B 696 -20.93 0.87 -24.43
CA LYS B 696 -19.98 1.68 -23.68
C LYS B 696 -19.84 3.08 -24.24
N SER B 697 -20.87 3.56 -24.94
CA SER B 697 -20.92 4.97 -25.32
C SER B 697 -21.94 5.71 -24.46
N LYS B 698 -21.65 6.97 -24.19
CA LYS B 698 -22.45 7.76 -23.25
C LYS B 698 -23.23 8.89 -23.92
N ILE B 699 -23.20 8.97 -25.24
CA ILE B 699 -24.01 9.93 -25.99
C ILE B 699 -25.49 9.60 -25.80
N SER B 700 -26.33 10.63 -25.79
CA SER B 700 -27.74 10.57 -25.40
C SER B 700 -28.60 9.61 -26.22
N THR B 701 -28.57 9.74 -27.55
CA THR B 701 -29.49 8.97 -28.39
C THR B 701 -29.06 7.52 -28.48
N TYR B 702 -27.76 7.25 -28.49
CA TYR B 702 -27.30 5.87 -28.65
C TYR B 702 -27.39 5.12 -27.33
N ASP B 703 -27.30 5.83 -26.21
CA ASP B 703 -27.63 5.21 -24.93
C ASP B 703 -29.12 4.94 -24.81
N LYS B 704 -29.95 5.77 -25.46
CA LYS B 704 -31.37 5.48 -25.55
C LYS B 704 -31.62 4.25 -26.42
N MET B 705 -30.77 4.03 -27.42
CA MET B 705 -30.88 2.81 -28.22
C MET B 705 -30.42 1.60 -27.42
N TRP B 706 -29.44 1.77 -26.54
CA TRP B 706 -28.96 0.63 -25.75
C TRP B 706 -29.92 0.30 -24.61
N ALA B 707 -30.69 1.29 -24.17
CA ALA B 707 -31.73 1.04 -23.16
C ALA B 707 -32.86 0.21 -23.75
N PHE B 708 -33.10 0.36 -25.05
CA PHE B 708 -34.12 -0.44 -25.72
C PHE B 708 -33.64 -1.87 -25.92
N MET B 709 -32.36 -2.05 -26.22
CA MET B 709 -31.86 -3.37 -26.56
C MET B 709 -31.55 -4.19 -25.32
N SER B 710 -31.21 -3.53 -24.21
CA SER B 710 -30.88 -4.25 -22.99
C SER B 710 -32.14 -4.76 -22.29
N SER B 711 -33.25 -4.04 -22.47
CA SER B 711 -34.54 -4.51 -21.97
C SER B 711 -35.01 -5.73 -22.75
N ARG B 712 -34.61 -5.79 -24.01
CA ARG B 712 -35.03 -6.82 -24.96
C ARG B 712 -33.87 -7.66 -25.47
N ARG B 713 -32.98 -8.07 -24.55
CA ARG B 713 -31.77 -8.82 -24.90
C ARG B 713 -32.10 -10.16 -25.55
N GLN B 714 -33.20 -10.78 -25.12
CA GLN B 714 -33.59 -12.08 -25.66
C GLN B 714 -34.11 -11.98 -27.09
N SER B 715 -34.83 -10.92 -27.44
CA SER B 715 -35.58 -10.86 -28.69
C SER B 715 -34.82 -10.15 -29.79
N VAL B 716 -34.34 -8.93 -29.55
CA VAL B 716 -33.92 -8.07 -30.66
C VAL B 716 -32.49 -8.39 -31.08
N LEU B 717 -31.78 -9.14 -30.24
CA LEU B 717 -30.41 -9.52 -30.56
C LEU B 717 -30.40 -10.77 -31.44
N VAL B 718 -29.40 -10.89 -32.30
CA VAL B 718 -29.30 -12.00 -33.23
C VAL B 718 -27.99 -12.74 -32.98
N LYS B 719 -27.81 -13.85 -33.69
CA LYS B 719 -26.55 -14.58 -33.63
C LYS B 719 -25.49 -13.95 -34.53
N SER B 720 -25.83 -13.70 -35.80
CA SER B 720 -24.90 -13.10 -36.74
C SER B 720 -25.70 -12.33 -37.77
N ASN B 721 -25.02 -11.93 -38.85
CA ASN B 721 -25.65 -11.06 -39.84
C ASN B 721 -26.71 -11.78 -40.65
N GLU B 722 -26.61 -13.10 -40.79
CA GLU B 722 -27.63 -13.85 -41.53
C GLU B 722 -28.95 -13.86 -40.77
N GLU B 723 -28.88 -13.97 -39.45
CA GLU B 723 -30.06 -13.82 -38.60
C GLU B 723 -30.53 -12.37 -38.62
N GLY B 724 -29.59 -11.45 -38.86
CA GLY B 724 -29.92 -10.05 -39.02
C GLY B 724 -30.65 -9.74 -40.32
N ILE B 725 -30.25 -10.39 -41.42
CA ILE B 725 -30.88 -10.14 -42.71
C ILE B 725 -32.31 -10.67 -42.74
N GLN B 726 -32.51 -11.87 -42.18
CA GLN B 726 -33.80 -12.54 -42.29
C GLN B 726 -34.87 -11.86 -41.42
N ARG B 727 -34.47 -11.33 -40.26
CA ARG B 727 -35.44 -10.67 -39.39
C ARG B 727 -35.86 -9.32 -39.95
N VAL B 728 -35.01 -8.72 -40.79
CA VAL B 728 -35.43 -7.50 -41.49
C VAL B 728 -36.44 -7.84 -42.58
N LEU B 729 -36.13 -8.86 -43.39
CA LEU B 729 -36.94 -9.17 -44.56
C LEU B 729 -38.32 -9.73 -44.19
N THR B 730 -38.41 -10.44 -43.07
CA THR B 730 -39.68 -11.02 -42.66
C THR B 730 -40.48 -10.08 -41.76
N SER B 731 -39.93 -9.71 -40.61
CA SER B 731 -40.64 -8.94 -39.62
C SER B 731 -40.22 -7.47 -39.66
N ASP B 732 -40.94 -6.64 -38.92
CA ASP B 732 -40.60 -5.23 -38.82
C ASP B 732 -39.40 -5.06 -37.90
N TYR B 733 -38.27 -4.67 -38.48
CA TYR B 733 -36.99 -4.70 -37.78
C TYR B 733 -36.01 -3.82 -38.54
N ALA B 734 -34.96 -3.35 -37.87
CA ALA B 734 -34.00 -2.45 -38.48
C ALA B 734 -32.61 -2.76 -37.94
N PHE B 735 -31.73 -3.30 -38.77
CA PHE B 735 -30.58 -4.00 -38.25
C PHE B 735 -29.32 -3.15 -38.34
N LEU B 736 -28.50 -3.21 -37.28
CA LEU B 736 -27.35 -2.33 -37.12
C LEU B 736 -26.08 -3.05 -37.57
N MET B 737 -26.07 -3.48 -38.84
CA MET B 737 -24.87 -4.09 -39.39
C MET B 737 -23.87 -3.04 -39.81
N GLU B 738 -22.62 -3.47 -39.90
CA GLU B 738 -21.54 -2.57 -40.27
C GLU B 738 -21.51 -2.37 -41.78
N SER B 739 -20.60 -1.49 -42.24
CA SER B 739 -20.75 -0.79 -43.51
C SER B 739 -20.71 -1.71 -44.73
N THR B 740 -19.69 -2.56 -44.83
CA THR B 740 -19.46 -3.27 -46.08
C THR B 740 -20.47 -4.41 -46.28
N THR B 741 -21.16 -4.81 -45.20
CA THR B 741 -22.28 -5.72 -45.37
C THR B 741 -23.55 -4.99 -45.77
N ILE B 742 -23.57 -3.66 -45.67
CA ILE B 742 -24.77 -2.92 -46.03
C ILE B 742 -24.89 -2.85 -47.55
N GLU B 743 -23.85 -2.39 -48.24
CA GLU B 743 -23.97 -2.17 -49.68
C GLU B 743 -24.07 -3.48 -50.44
N PHE B 744 -23.51 -4.56 -49.88
CA PHE B 744 -23.57 -5.85 -50.56
C PHE B 744 -24.98 -6.42 -50.58
N VAL B 745 -25.70 -6.27 -49.47
CA VAL B 745 -27.03 -6.84 -49.39
C VAL B 745 -28.05 -5.93 -50.10
N THR B 746 -27.82 -4.61 -50.10
CA THR B 746 -28.72 -3.72 -50.82
C THR B 746 -28.57 -3.85 -52.35
N GLN B 747 -27.38 -4.22 -52.82
CA GLN B 747 -27.25 -4.58 -54.23
C GLN B 747 -27.98 -5.89 -54.52
N ARG B 748 -27.97 -6.82 -53.57
CA ARG B 748 -28.66 -8.10 -53.74
C ARG B 748 -30.16 -7.95 -53.53
N ASN B 749 -30.55 -7.60 -52.31
CA ASN B 749 -31.96 -7.44 -51.98
C ASN B 749 -32.37 -5.99 -52.21
N CYS B 750 -33.10 -5.76 -53.31
CA CYS B 750 -33.62 -4.43 -53.60
C CYS B 750 -34.84 -4.08 -52.77
N ASN B 751 -35.32 -5.02 -51.95
CA ASN B 751 -36.31 -4.74 -50.91
C ASN B 751 -35.71 -3.94 -49.76
N LEU B 752 -34.39 -3.82 -49.71
CA LEU B 752 -33.70 -3.18 -48.60
C LEU B 752 -33.09 -1.84 -49.03
N THR B 753 -32.66 -1.06 -48.06
CA THR B 753 -31.96 0.20 -48.29
C THR B 753 -31.13 0.54 -47.06
N GLN B 754 -30.26 1.54 -47.16
CA GLN B 754 -29.47 2.01 -46.04
C GLN B 754 -30.16 3.24 -45.45
N ILE B 755 -30.49 3.16 -44.16
CA ILE B 755 -31.16 4.25 -43.47
C ILE B 755 -30.10 4.94 -42.61
N GLY B 756 -29.90 6.23 -42.86
CA GLY B 756 -28.99 7.01 -42.05
C GLY B 756 -27.55 6.90 -42.49
N GLY B 757 -26.77 7.92 -42.19
CA GLY B 757 -25.35 7.90 -42.51
C GLY B 757 -24.55 7.04 -41.55
N LEU B 758 -23.25 7.30 -41.54
CA LEU B 758 -22.35 6.56 -40.66
C LEU B 758 -22.52 7.02 -39.22
N ILE B 759 -23.02 6.11 -38.37
CA ILE B 759 -23.15 6.31 -36.93
C ILE B 759 -21.78 6.53 -36.32
N ASP B 760 -20.79 5.75 -36.74
CA ASP B 760 -19.42 5.94 -36.29
C ASP B 760 -18.47 5.67 -37.45
N SER B 761 -17.17 5.68 -37.15
CA SER B 761 -16.15 5.41 -38.14
C SER B 761 -15.12 4.45 -37.55
N LYS B 762 -14.81 3.40 -38.30
CA LYS B 762 -13.89 2.35 -37.88
C LYS B 762 -13.12 1.89 -39.12
N GLY B 763 -12.51 0.71 -39.00
CA GLY B 763 -11.91 0.02 -40.14
C GLY B 763 -11.96 -1.47 -39.92
N TYR B 764 -11.44 -2.28 -40.85
CA TYR B 764 -11.28 -3.71 -40.66
C TYR B 764 -9.81 -4.06 -40.50
N GLY B 765 -9.41 -4.49 -39.32
CA GLY B 765 -8.04 -4.87 -39.05
C GLY B 765 -7.80 -6.36 -39.19
N VAL B 766 -6.57 -6.77 -38.91
CA VAL B 766 -6.18 -8.19 -38.94
C VAL B 766 -5.57 -8.58 -37.60
N GLY B 767 -6.17 -9.56 -36.93
CA GLY B 767 -5.77 -9.96 -35.60
C GLY B 767 -4.44 -10.66 -35.48
N THR B 768 -3.54 -10.08 -34.69
CA THR B 768 -2.27 -10.71 -34.34
C THR B 768 -2.26 -10.98 -32.85
N PRO B 769 -1.61 -12.06 -32.38
CA PRO B 769 -1.64 -12.37 -30.94
C PRO B 769 -0.82 -11.38 -30.12
N MET B 770 -1.52 -10.48 -29.40
CA MET B 770 -1.01 -9.56 -28.38
C MET B 770 -0.14 -8.44 -28.97
N GLY B 771 0.19 -8.52 -30.25
CA GLY B 771 1.17 -7.63 -30.85
C GLY B 771 2.41 -8.38 -31.26
N SER B 772 2.51 -8.67 -32.55
CA SER B 772 3.59 -9.48 -33.10
C SER B 772 4.57 -8.59 -33.86
N PRO B 773 5.82 -9.02 -34.03
CA PRO B 773 6.71 -8.35 -34.98
C PRO B 773 6.29 -8.63 -36.42
N TYR B 774 5.55 -9.73 -36.62
CA TYR B 774 5.05 -10.10 -37.93
C TYR B 774 3.89 -9.18 -38.35
N ARG B 775 3.30 -8.46 -37.39
CA ARG B 775 2.26 -7.48 -37.66
C ARG B 775 2.73 -6.38 -38.60
N ASP B 776 3.94 -5.87 -38.37
CA ASP B 776 4.43 -4.74 -39.15
C ASP B 776 4.84 -5.17 -40.55
N LYS B 777 5.13 -6.46 -40.73
CA LYS B 777 5.33 -7.00 -42.07
C LYS B 777 4.04 -6.94 -42.87
N ILE B 778 2.90 -7.16 -42.20
CA ILE B 778 1.60 -7.11 -42.85
C ILE B 778 1.24 -5.67 -43.17
N THR B 779 1.61 -4.73 -42.30
CA THR B 779 1.24 -3.33 -42.45
C THR B 779 1.89 -2.71 -43.68
N ILE B 780 3.17 -3.02 -43.90
CA ILE B 780 3.87 -2.59 -45.11
C ILE B 780 3.31 -3.31 -46.32
N ALA B 781 2.84 -4.56 -46.14
CA ALA B 781 2.31 -5.33 -47.25
C ALA B 781 0.99 -4.76 -47.75
N ILE B 782 0.08 -4.40 -46.83
CA ILE B 782 -1.22 -3.87 -47.22
C ILE B 782 -1.08 -2.51 -47.89
N LEU B 783 -0.10 -1.71 -47.47
CA LEU B 783 0.21 -0.44 -48.15
C LEU B 783 0.70 -0.69 -49.58
N GLN B 784 1.33 -1.83 -49.82
CA GLN B 784 1.78 -2.17 -51.16
C GLN B 784 0.63 -2.72 -52.00
N LEU B 785 -0.27 -3.47 -51.36
CA LEU B 785 -1.34 -4.14 -52.10
C LEU B 785 -2.43 -3.15 -52.50
N GLN B 786 -2.60 -2.07 -51.73
CA GLN B 786 -3.59 -1.07 -52.08
C GLN B 786 -3.01 -0.06 -53.07
N GLU B 787 -1.69 0.04 -53.12
CA GLU B 787 -1.01 0.97 -54.02
C GLU B 787 -1.13 0.49 -55.45
N GLU B 788 -1.05 -0.83 -55.64
CA GLU B 788 -1.18 -1.42 -56.97
C GLU B 788 -2.64 -1.58 -57.40
N GLY B 789 -3.59 -1.18 -56.56
CA GLY B 789 -4.98 -1.11 -56.96
C GLY B 789 -5.77 -2.39 -56.79
N LYS B 790 -5.10 -3.47 -56.39
CA LYS B 790 -5.73 -4.79 -56.37
C LYS B 790 -6.70 -4.91 -55.19
N LEU B 791 -6.55 -4.04 -54.18
CA LEU B 791 -7.58 -3.81 -53.17
C LEU B 791 -8.92 -3.41 -53.77
N HIS B 792 -8.94 -2.30 -54.51
CA HIS B 792 -10.20 -1.89 -55.11
C HIS B 792 -10.44 -2.56 -56.47
N MET B 793 -9.58 -3.50 -56.87
CA MET B 793 -9.88 -4.31 -58.05
C MET B 793 -10.67 -5.56 -57.66
N MET B 794 -10.35 -6.14 -56.50
CA MET B 794 -11.17 -7.25 -56.01
C MET B 794 -12.48 -6.75 -55.41
N LYS B 795 -12.62 -5.44 -55.23
CA LYS B 795 -13.83 -4.76 -54.77
C LYS B 795 -15.01 -5.06 -55.67
N GLU B 796 -14.91 -4.71 -56.96
CA GLU B 796 -16.01 -5.00 -57.87
C GLU B 796 -15.93 -6.43 -58.41
N LYS B 797 -15.03 -7.24 -57.87
CA LYS B 797 -15.04 -8.67 -58.13
C LYS B 797 -16.02 -9.38 -57.22
N TRP B 798 -16.12 -8.95 -55.95
CA TRP B 798 -16.88 -9.76 -55.01
C TRP B 798 -18.14 -9.08 -54.46
N TRP B 799 -18.23 -7.75 -54.46
CA TRP B 799 -19.51 -7.15 -54.07
C TRP B 799 -20.51 -7.17 -55.22
N ARG B 800 -20.27 -6.37 -56.27
CA ARG B 800 -20.79 -6.43 -57.64
C ARG B 800 -22.23 -6.93 -57.83
N GLY B 801 -23.12 -6.56 -56.93
CA GLY B 801 -24.43 -7.20 -56.91
C GLY B 801 -25.48 -6.58 -57.79
N ASN B 802 -25.05 -5.68 -58.69
CA ASN B 802 -25.76 -5.15 -59.85
C ASN B 802 -26.89 -4.17 -59.52
N GLY B 803 -27.27 -4.06 -58.24
CA GLY B 803 -28.19 -3.05 -57.75
C GLY B 803 -29.58 -2.96 -58.36
N CYS B 804 -30.33 -1.93 -57.95
CA CYS B 804 -31.59 -1.54 -58.57
C CYS B 804 -31.71 -0.02 -58.59
N PRO B 805 -31.71 0.61 -59.77
CA PRO B 805 -31.87 2.07 -59.87
C PRO B 805 -33.30 2.51 -59.58
N HIS C 34 19.26 -76.05 26.86
CA HIS C 34 19.08 -75.10 27.94
C HIS C 34 17.73 -74.39 27.83
N VAL C 35 17.49 -73.40 28.70
CA VAL C 35 16.21 -72.72 28.78
C VAL C 35 16.42 -71.21 28.82
N LEU C 36 15.76 -70.48 27.91
CA LEU C 36 15.76 -69.03 27.99
C LEU C 36 14.59 -68.54 28.84
N ARG C 37 14.72 -67.33 29.36
CA ARG C 37 13.82 -66.80 30.39
C ARG C 37 13.28 -65.42 30.06
N PHE C 38 12.70 -65.25 28.86
CA PHE C 38 12.07 -64.01 28.42
C PHE C 38 11.07 -63.43 29.41
N GLY C 39 11.35 -62.23 29.92
CA GLY C 39 10.53 -61.60 30.92
C GLY C 39 9.41 -60.77 30.32
N GLY C 40 8.75 -60.00 31.18
CA GLY C 40 7.63 -59.19 30.74
C GLY C 40 6.79 -58.59 31.85
N ILE C 41 6.36 -57.36 31.63
CA ILE C 41 5.59 -56.60 32.60
C ILE C 41 4.19 -56.36 32.02
N PHE C 42 3.16 -56.67 32.80
CA PHE C 42 1.78 -56.50 32.36
C PHE C 42 0.89 -56.02 33.51
N GLU C 43 0.00 -55.10 33.17
CA GLU C 43 -1.00 -54.64 34.13
C GLU C 43 -2.06 -55.72 34.31
N TYR C 44 -2.26 -56.14 35.56
CA TYR C 44 -3.32 -57.08 35.89
C TYR C 44 -4.53 -56.27 36.35
N VAL C 45 -5.69 -56.57 35.79
CA VAL C 45 -6.95 -56.10 36.34
C VAL C 45 -7.26 -56.94 37.56
N GLU C 46 -7.68 -56.29 38.65
CA GLU C 46 -8.02 -56.99 39.89
C GLU C 46 -9.27 -57.83 39.67
N SER C 47 -9.08 -59.14 39.56
CA SER C 47 -10.05 -60.23 39.34
C SER C 47 -10.64 -60.23 37.93
N GLY C 48 -10.32 -59.22 37.11
CA GLY C 48 -10.43 -59.35 35.69
C GLY C 48 -9.33 -60.28 35.25
N PRO C 49 -9.66 -61.26 34.38
CA PRO C 49 -8.85 -62.50 34.28
C PRO C 49 -7.38 -62.33 33.89
N MET C 50 -7.12 -61.81 32.70
CA MET C 50 -5.77 -61.55 32.21
C MET C 50 -5.83 -60.37 31.25
N GLY C 51 -4.75 -59.62 31.17
CA GLY C 51 -4.66 -58.55 30.20
C GLY C 51 -4.63 -59.07 28.78
N ALA C 52 -5.10 -58.28 27.81
CA ALA C 52 -5.13 -58.73 26.43
C ALA C 52 -3.72 -58.85 25.86
N GLU C 53 -2.82 -57.96 26.29
CA GLU C 53 -1.43 -58.09 25.91
C GLU C 53 -0.78 -59.27 26.62
N GLU C 54 -1.23 -59.54 27.84
CA GLU C 54 -0.66 -60.62 28.63
C GLU C 54 -1.05 -61.98 28.06
N LEU C 55 -2.28 -62.08 27.53
CA LEU C 55 -2.72 -63.31 26.88
C LEU C 55 -1.93 -63.61 25.62
N ALA C 56 -1.47 -62.56 24.93
CA ALA C 56 -0.66 -62.77 23.74
C ALA C 56 0.72 -63.31 24.08
N PHE C 57 1.39 -62.67 25.04
CA PHE C 57 2.76 -63.05 25.39
C PHE C 57 2.82 -64.42 26.05
N ARG C 58 1.76 -64.82 26.76
CA ARG C 58 1.69 -66.19 27.23
C ARG C 58 1.57 -67.16 26.07
N PHE C 59 0.64 -66.88 25.14
CA PHE C 59 0.33 -67.86 24.11
C PHE C 59 1.36 -67.85 22.99
N ALA C 60 2.09 -66.75 22.80
CA ALA C 60 3.09 -66.72 21.74
C ALA C 60 4.34 -67.50 22.12
N VAL C 61 4.61 -67.62 23.43
CA VAL C 61 5.70 -68.48 23.89
C VAL C 61 5.31 -69.95 23.69
N ASN C 62 4.03 -70.27 23.90
CA ASN C 62 3.57 -71.64 23.71
C ASN C 62 3.53 -72.02 22.23
N THR C 63 3.53 -71.03 21.33
CA THR C 63 3.57 -71.32 19.91
C THR C 63 4.98 -71.74 19.49
N ILE C 64 5.99 -71.07 20.05
CA ILE C 64 7.37 -71.40 19.74
C ILE C 64 7.75 -72.75 20.32
N ASN C 65 7.21 -73.08 21.49
CA ASN C 65 7.57 -74.34 22.14
C ASN C 65 6.89 -75.53 21.48
N ARG C 66 5.71 -75.30 20.89
CA ARG C 66 4.96 -76.38 20.24
C ARG C 66 5.40 -76.60 18.80
N ASN C 67 5.81 -75.55 18.10
CA ASN C 67 6.30 -75.61 16.73
C ASN C 67 7.82 -75.56 16.78
N ARG C 68 8.47 -76.70 16.52
CA ARG C 68 9.92 -76.77 16.62
C ARG C 68 10.62 -76.39 15.32
N THR C 69 9.88 -75.81 14.38
CA THR C 69 10.51 -75.27 13.18
C THR C 69 11.30 -74.02 13.57
N LEU C 70 10.70 -73.21 14.45
CA LEU C 70 11.36 -72.05 15.02
C LEU C 70 11.76 -72.41 16.45
N LEU C 71 13.07 -72.24 16.74
CA LEU C 71 13.73 -72.57 17.99
C LEU C 71 13.47 -74.00 18.45
N PRO C 72 14.10 -75.00 17.81
CA PRO C 72 13.85 -76.40 18.21
C PRO C 72 14.50 -76.80 19.52
N ASN C 73 15.38 -75.98 20.10
CA ASN C 73 16.27 -76.46 21.14
C ASN C 73 16.48 -75.48 22.30
N THR C 74 15.53 -74.54 22.49
CA THR C 74 15.72 -73.49 23.50
C THR C 74 14.63 -73.39 24.55
N THR C 75 13.35 -73.65 24.23
CA THR C 75 12.23 -73.78 25.18
C THR C 75 12.02 -72.59 26.11
N LEU C 76 11.57 -71.46 25.55
CA LEU C 76 11.39 -70.17 26.21
C LEU C 76 10.50 -70.27 27.45
N THR C 77 10.64 -69.29 28.35
CA THR C 77 9.93 -69.27 29.62
C THR C 77 9.61 -67.83 30.00
N TYR C 78 8.35 -67.61 30.41
CA TYR C 78 7.83 -66.29 30.73
C TYR C 78 8.01 -66.00 32.22
N ASP C 79 8.10 -64.70 32.56
CA ASP C 79 8.23 -64.26 33.94
C ASP C 79 7.30 -63.07 34.22
N THR C 80 6.01 -63.23 33.86
CA THR C 80 5.04 -62.14 33.92
C THR C 80 4.82 -61.63 35.34
N GLN C 81 4.84 -60.30 35.50
CA GLN C 81 4.65 -59.64 36.79
C GLN C 81 3.48 -58.67 36.72
N LYS C 82 2.91 -58.34 37.87
CA LYS C 82 1.82 -57.39 37.98
C LYS C 82 2.36 -55.99 38.23
N ILE C 83 1.81 -55.01 37.51
CA ILE C 83 2.20 -53.60 37.63
C ILE C 83 0.98 -52.68 37.68
N ASN C 84 0.96 -51.77 38.65
CA ASN C 84 -0.15 -50.85 38.84
C ASN C 84 -0.19 -49.81 37.72
N LEU C 85 -1.31 -49.11 37.58
CA LEU C 85 -1.52 -48.13 36.52
C LEU C 85 -0.61 -46.94 36.78
N TYR C 86 0.44 -46.82 35.94
CA TYR C 86 1.41 -45.72 35.94
C TYR C 86 2.11 -45.53 37.26
N ASP C 87 2.81 -46.56 37.73
CA ASP C 87 3.57 -46.48 38.98
C ASP C 87 5.02 -46.85 38.65
N SER C 88 5.82 -45.81 38.42
CA SER C 88 7.15 -46.01 37.83
C SER C 88 8.13 -46.62 38.81
N PHE C 89 7.85 -46.51 40.11
CA PHE C 89 8.73 -47.14 41.10
C PHE C 89 8.55 -48.65 41.09
N GLU C 90 7.30 -49.11 41.00
CA GLU C 90 7.04 -50.55 41.06
C GLU C 90 7.49 -51.21 39.76
N ALA C 91 7.41 -50.48 38.64
CA ALA C 91 7.99 -50.98 37.40
C ALA C 91 9.51 -51.02 37.47
N SER C 92 10.10 -50.14 38.27
CA SER C 92 11.53 -50.25 38.56
C SER C 92 11.78 -51.31 39.62
N LYS C 93 10.78 -51.59 40.45
CA LYS C 93 10.98 -52.54 41.54
C LYS C 93 10.83 -53.98 41.05
N LYS C 94 9.83 -54.22 40.19
CA LYS C 94 9.64 -55.58 39.66
C LYS C 94 10.75 -55.96 38.70
N ALA C 95 11.25 -54.99 37.91
CA ALA C 95 12.27 -55.31 36.91
C ALA C 95 13.62 -55.59 37.55
N CYS C 96 13.96 -54.91 38.64
CA CYS C 96 15.19 -55.23 39.34
C CYS C 96 15.06 -56.55 40.10
N ASP C 97 13.84 -56.90 40.48
CA ASP C 97 13.58 -58.25 40.98
C ASP C 97 13.65 -59.26 39.85
N GLN C 98 13.33 -58.83 38.64
CA GLN C 98 13.23 -59.77 37.53
C GLN C 98 14.58 -59.99 36.87
N LEU C 99 15.48 -59.00 36.98
CA LEU C 99 16.86 -59.18 36.56
C LEU C 99 17.67 -59.94 37.60
N SER C 100 17.17 -60.06 38.83
CA SER C 100 17.79 -60.96 39.80
C SER C 100 17.52 -62.41 39.47
N LEU C 101 16.37 -62.70 38.86
CA LEU C 101 16.08 -64.03 38.36
C LEU C 101 16.91 -64.31 37.11
N GLY C 102 17.21 -63.26 36.36
CA GLY C 102 17.96 -63.38 35.13
C GLY C 102 17.07 -63.61 33.95
N VAL C 103 17.02 -62.66 33.02
CA VAL C 103 16.20 -62.78 31.82
C VAL C 103 17.07 -62.47 30.62
N ALA C 104 16.52 -62.66 29.41
CA ALA C 104 17.24 -62.31 28.20
C ALA C 104 16.66 -61.08 27.53
N ALA C 105 15.45 -60.69 27.91
CA ALA C 105 14.76 -59.51 27.40
C ALA C 105 13.63 -59.19 28.35
N ILE C 106 13.32 -57.91 28.49
CA ILE C 106 12.20 -57.46 29.29
C ILE C 106 11.20 -56.81 28.37
N PHE C 107 9.99 -57.37 28.30
CA PHE C 107 8.99 -56.79 27.42
C PHE C 107 8.25 -55.71 28.17
N GLY C 108 7.98 -54.61 27.49
CA GLY C 108 7.83 -53.33 28.14
C GLY C 108 6.52 -53.17 28.87
N PRO C 109 6.55 -52.32 29.89
CA PRO C 109 5.31 -51.76 30.43
C PRO C 109 4.62 -50.95 29.34
N SER C 110 3.33 -51.19 29.17
CA SER C 110 2.59 -50.61 28.07
C SER C 110 2.15 -49.18 28.32
N HIS C 111 2.58 -48.58 29.43
CA HIS C 111 2.27 -47.20 29.75
C HIS C 111 3.40 -46.32 29.24
N SER C 112 3.41 -45.06 29.62
CA SER C 112 4.49 -44.19 29.19
C SER C 112 5.44 -43.82 30.31
N SER C 113 4.92 -43.48 31.49
CA SER C 113 5.78 -43.11 32.61
C SER C 113 6.48 -44.34 33.18
N SER C 114 5.85 -45.51 33.04
CA SER C 114 6.48 -46.74 33.51
C SER C 114 7.54 -47.23 32.53
N ALA C 115 7.34 -46.95 31.24
CA ALA C 115 8.26 -47.44 30.22
C ALA C 115 9.56 -46.66 30.22
N ASN C 116 9.52 -45.37 30.58
CA ASN C 116 10.74 -44.58 30.64
C ASN C 116 11.63 -44.99 31.79
N ALA C 117 11.06 -45.59 32.83
CA ALA C 117 11.88 -46.12 33.91
C ALA C 117 12.63 -47.36 33.47
N VAL C 118 11.90 -48.40 33.03
CA VAL C 118 12.47 -49.72 32.77
C VAL C 118 13.41 -49.68 31.56
N GLN C 119 13.22 -48.69 30.67
CA GLN C 119 14.18 -48.45 29.60
C GLN C 119 15.55 -48.07 30.16
N SER C 120 15.57 -47.39 31.31
CA SER C 120 16.83 -46.95 31.87
C SER C 120 17.44 -48.00 32.80
N ILE C 121 16.60 -48.87 33.37
CA ILE C 121 17.12 -50.06 34.05
C ILE C 121 17.81 -50.97 33.05
N CYS C 122 17.15 -51.23 31.92
CA CYS C 122 17.67 -52.15 30.93
C CYS C 122 18.88 -51.58 30.20
N ASN C 123 18.98 -50.26 30.12
CA ASN C 123 20.18 -49.66 29.54
C ASN C 123 21.38 -49.81 30.44
N ALA C 124 21.23 -49.58 31.74
CA ALA C 124 22.34 -49.61 32.67
C ALA C 124 22.84 -51.02 32.95
N LEU C 125 22.03 -52.05 32.67
CA LEU C 125 22.45 -53.41 32.95
C LEU C 125 22.65 -54.26 31.70
N GLY C 126 22.34 -53.74 30.51
CA GLY C 126 22.72 -54.42 29.29
C GLY C 126 21.63 -55.19 28.60
N VAL C 127 20.57 -55.55 29.32
CA VAL C 127 19.47 -56.34 28.81
C VAL C 127 18.65 -55.51 27.82
N PRO C 128 18.23 -56.08 26.68
CA PRO C 128 17.31 -55.35 25.81
C PRO C 128 15.94 -55.16 26.43
N HIS C 129 15.28 -54.08 26.03
CA HIS C 129 13.96 -53.70 26.53
C HIS C 129 13.04 -53.54 25.32
N ILE C 130 12.24 -54.55 25.04
CA ILE C 130 11.48 -54.60 23.80
C ILE C 130 10.09 -54.08 24.06
N GLN C 131 9.74 -53.00 23.37
CA GLN C 131 8.54 -52.24 23.67
C GLN C 131 7.44 -52.61 22.70
N THR C 132 6.21 -52.21 23.01
CA THR C 132 5.06 -52.65 22.22
C THR C 132 4.16 -51.46 21.93
N ARG C 133 4.21 -50.43 22.77
CA ARG C 133 3.40 -49.23 22.55
C ARG C 133 4.33 -48.02 22.46
N TRP C 134 3.77 -46.92 21.99
CA TRP C 134 4.50 -45.68 21.76
C TRP C 134 4.53 -44.87 23.04
N LYS C 135 5.72 -44.50 23.49
CA LYS C 135 5.86 -43.54 24.58
C LYS C 135 6.33 -42.23 23.97
N HIS C 136 6.24 -41.15 24.73
CA HIS C 136 6.88 -39.93 24.24
C HIS C 136 8.38 -40.04 24.38
N GLN C 137 9.05 -40.33 23.26
CA GLN C 137 10.51 -40.38 23.26
C GLN C 137 11.05 -38.95 23.24
N VAL C 138 11.79 -38.58 24.29
CA VAL C 138 12.44 -37.27 24.31
C VAL C 138 13.63 -37.35 23.35
N SER C 139 14.15 -36.19 22.97
CA SER C 139 15.17 -36.13 21.93
C SER C 139 16.56 -36.49 22.42
N ASP C 140 16.74 -36.78 23.70
CA ASP C 140 18.07 -36.79 24.30
C ASP C 140 18.35 -38.00 25.17
N ASN C 141 17.49 -39.01 25.16
CA ASN C 141 17.83 -40.27 25.82
C ASN C 141 18.96 -40.97 25.09
N LYS C 142 20.12 -41.02 25.71
CA LYS C 142 21.26 -41.75 25.15
C LYS C 142 21.21 -43.22 25.54
N ASP C 143 20.15 -43.89 25.09
CA ASP C 143 19.93 -45.30 25.36
C ASP C 143 20.04 -46.07 24.05
N SER C 144 20.62 -47.26 24.11
CA SER C 144 20.69 -48.13 22.95
C SER C 144 19.79 -49.35 23.09
N PHE C 145 19.60 -49.85 24.32
CA PHE C 145 18.92 -51.11 24.53
C PHE C 145 17.41 -50.94 24.61
N TYR C 146 16.79 -50.52 23.51
CA TYR C 146 15.33 -50.51 23.41
C TYR C 146 14.90 -50.59 21.95
N VAL C 147 13.86 -51.37 21.67
CA VAL C 147 13.22 -51.37 20.36
C VAL C 147 11.72 -51.20 20.54
N SER C 148 11.15 -50.25 19.81
CA SER C 148 9.71 -50.08 19.77
C SER C 148 9.14 -50.85 18.58
N LEU C 149 7.98 -51.45 18.81
CA LEU C 149 7.33 -52.23 17.77
C LEU C 149 6.05 -51.57 17.30
N TYR C 150 5.49 -50.67 18.09
CA TYR C 150 4.44 -49.81 17.60
C TYR C 150 5.08 -48.86 16.61
N PRO C 151 4.47 -48.63 15.47
CA PRO C 151 5.12 -47.81 14.44
C PRO C 151 5.20 -46.35 14.84
N ASP C 152 6.30 -45.69 14.47
CA ASP C 152 6.59 -44.35 14.95
C ASP C 152 5.60 -43.34 14.38
N PHE C 153 5.23 -42.36 15.19
CA PHE C 153 4.34 -41.30 14.76
C PHE C 153 5.04 -40.22 13.95
N SER C 154 6.35 -40.34 13.72
CA SER C 154 6.98 -39.57 12.67
C SER C 154 6.60 -40.12 11.30
N SER C 155 6.13 -41.37 11.26
CA SER C 155 5.71 -41.96 10.00
C SER C 155 4.18 -42.02 9.91
N LEU C 156 3.50 -42.24 11.04
CA LEU C 156 2.05 -42.25 11.03
C LEU C 156 1.45 -40.90 10.69
N SER C 157 2.01 -39.82 11.23
CA SER C 157 1.48 -38.49 10.95
C SER C 157 1.78 -38.04 9.53
N ARG C 158 2.72 -38.71 8.86
CA ARG C 158 2.86 -38.52 7.43
C ARG C 158 1.81 -39.31 6.67
N ALA C 159 1.39 -40.45 7.22
CA ALA C 159 0.39 -41.26 6.55
C ALA C 159 -1.01 -40.69 6.74
N ILE C 160 -1.23 -39.92 7.82
CA ILE C 160 -2.50 -39.23 7.96
C ILE C 160 -2.60 -38.12 6.92
N LEU C 161 -1.52 -37.36 6.74
CA LEU C 161 -1.57 -36.21 5.86
C LEU C 161 -1.59 -36.63 4.39
N ASP C 162 -1.08 -37.82 4.08
CA ASP C 162 -1.21 -38.31 2.71
C ASP C 162 -2.64 -38.71 2.40
N LEU C 163 -3.40 -39.08 3.43
CA LEU C 163 -4.84 -39.28 3.22
C LEU C 163 -5.55 -37.95 3.07
N VAL C 164 -5.06 -36.92 3.75
CA VAL C 164 -5.67 -35.59 3.63
C VAL C 164 -5.36 -34.98 2.27
N GLN C 165 -4.15 -35.19 1.77
CA GLN C 165 -3.78 -34.67 0.45
C GLN C 165 -4.50 -35.43 -0.66
N PHE C 166 -4.83 -36.70 -0.42
CA PHE C 166 -5.55 -37.45 -1.44
C PHE C 166 -7.02 -37.05 -1.48
N PHE C 167 -7.60 -36.74 -0.33
CA PHE C 167 -9.01 -36.37 -0.26
C PHE C 167 -9.24 -34.89 -0.57
N LYS C 168 -8.16 -34.14 -0.78
CA LYS C 168 -8.16 -32.73 -1.15
C LYS C 168 -8.94 -31.87 -0.15
N TRP C 169 -8.75 -32.12 1.13
CA TRP C 169 -9.39 -31.36 2.18
C TRP C 169 -8.74 -29.99 2.34
N LYS C 170 -9.48 -29.08 2.94
CA LYS C 170 -8.96 -27.75 3.24
C LYS C 170 -9.36 -27.35 4.67
N THR C 171 -10.28 -28.09 5.26
CA THR C 171 -10.86 -27.69 6.55
C THR C 171 -10.77 -28.81 7.59
N VAL C 172 -9.58 -29.38 7.76
CA VAL C 172 -9.29 -30.43 8.71
C VAL C 172 -9.60 -29.99 10.15
N THR C 173 -10.06 -30.94 10.98
CA THR C 173 -10.60 -30.68 12.32
C THR C 173 -10.08 -31.73 13.30
N VAL C 174 -8.76 -31.79 13.46
CA VAL C 174 -8.08 -32.69 14.40
C VAL C 174 -8.67 -32.63 15.81
N VAL C 175 -9.13 -33.77 16.29
CA VAL C 175 -9.70 -33.93 17.63
C VAL C 175 -8.90 -35.00 18.33
N TYR C 176 -8.16 -34.60 19.37
CA TYR C 176 -7.34 -35.55 20.12
C TYR C 176 -8.01 -35.79 21.47
N ASP C 177 -7.54 -36.78 22.22
CA ASP C 177 -8.08 -37.02 23.56
C ASP C 177 -7.01 -36.98 24.63
N ASP C 178 -5.86 -37.59 24.35
CA ASP C 178 -4.76 -37.57 25.29
C ASP C 178 -3.83 -36.44 24.90
N SER C 179 -3.22 -35.84 25.91
CA SER C 179 -2.38 -34.66 25.74
C SER C 179 -1.16 -34.90 24.88
N THR C 180 -0.67 -36.14 24.80
CA THR C 180 0.41 -36.45 23.87
C THR C 180 -0.09 -36.77 22.47
N GLY C 181 -1.34 -36.45 22.17
CA GLY C 181 -1.84 -36.64 20.81
C GLY C 181 -1.34 -35.57 19.86
N LEU C 182 -0.78 -34.50 20.41
CA LEU C 182 -0.14 -33.46 19.62
C LEU C 182 1.16 -34.00 19.05
N ILE C 183 1.85 -34.82 19.84
CA ILE C 183 3.14 -35.39 19.46
C ILE C 183 2.88 -36.43 18.39
N ARG C 184 1.77 -37.13 18.53
CA ARG C 184 1.44 -38.20 17.61
C ARG C 184 1.05 -37.65 16.25
N LEU C 185 0.33 -36.53 16.25
CA LEU C 185 0.10 -35.76 15.03
C LEU C 185 1.00 -34.53 14.89
N GLN C 186 2.33 -34.65 14.97
CA GLN C 186 3.18 -33.48 14.80
C GLN C 186 3.11 -32.92 13.39
N GLU C 187 3.29 -33.76 12.39
CA GLU C 187 3.34 -33.34 11.01
C GLU C 187 1.99 -32.99 10.45
N LEU C 188 0.92 -33.14 11.22
CA LEU C 188 -0.41 -32.68 10.83
C LEU C 188 -0.82 -31.42 11.56
N ILE C 189 -0.33 -31.20 12.79
CA ILE C 189 -0.51 -29.91 13.45
C ILE C 189 0.23 -28.82 12.69
N LYS C 190 1.49 -29.09 12.33
CA LYS C 190 2.13 -28.27 11.33
C LYS C 190 1.66 -28.72 9.95
N ALA C 191 2.03 -27.94 8.93
CA ALA C 191 1.51 -27.85 7.56
C ALA C 191 0.05 -27.38 7.45
N PRO C 192 -0.33 -26.28 8.10
CA PRO C 192 -1.05 -25.24 7.37
C PRO C 192 -0.11 -24.22 6.75
N SER C 193 1.20 -24.44 6.92
CA SER C 193 2.25 -23.56 6.43
C SER C 193 2.54 -23.80 4.96
N ARG C 194 2.84 -25.05 4.60
CA ARG C 194 3.24 -25.33 3.23
C ARG C 194 2.13 -25.97 2.42
N TYR C 195 1.14 -26.57 3.08
CA TYR C 195 0.11 -27.33 2.36
C TYR C 195 -1.27 -26.76 2.60
N ASN C 196 -1.36 -25.43 2.76
CA ASN C 196 -2.54 -24.54 2.76
C ASN C 196 -3.85 -25.09 3.34
N LEU C 197 -3.84 -25.51 4.60
CA LEU C 197 -5.05 -25.99 5.26
C LEU C 197 -5.66 -24.94 6.17
N ARG C 198 -6.76 -25.29 6.84
CA ARG C 198 -7.42 -24.43 7.81
C ARG C 198 -7.70 -25.29 9.05
N LEU C 199 -6.63 -25.88 9.56
CA LEU C 199 -6.71 -26.78 10.71
C LEU C 199 -7.29 -26.10 11.95
N LYS C 200 -8.23 -26.79 12.60
CA LYS C 200 -8.87 -26.36 13.84
C LYS C 200 -8.74 -27.51 14.83
N ILE C 201 -8.19 -27.22 16.02
CA ILE C 201 -7.81 -28.28 16.94
C ILE C 201 -8.74 -28.27 18.14
N ARG C 202 -9.26 -29.43 18.50
CA ARG C 202 -10.18 -29.55 19.62
C ARG C 202 -9.76 -30.75 20.48
N GLN C 203 -10.24 -30.78 21.72
CA GLN C 203 -9.86 -31.81 22.67
C GLN C 203 -11.10 -32.33 23.39
N LEU C 204 -11.22 -33.65 23.48
CA LEU C 204 -12.22 -34.30 24.32
C LEU C 204 -11.93 -34.04 25.79
N PRO C 205 -12.94 -33.80 26.62
CA PRO C 205 -12.69 -33.49 28.03
C PRO C 205 -12.30 -34.70 28.85
N ALA C 206 -12.13 -34.51 30.17
CA ALA C 206 -11.85 -35.59 31.10
C ALA C 206 -13.13 -36.23 31.64
N ASP C 207 -14.24 -36.08 30.93
CA ASP C 207 -15.54 -36.67 31.25
C ASP C 207 -15.83 -37.85 30.35
N THR C 208 -14.83 -38.70 30.14
CA THR C 208 -14.48 -39.42 28.92
C THR C 208 -15.62 -39.79 27.95
N LYS C 209 -16.77 -40.25 28.45
CA LYS C 209 -17.86 -40.56 27.52
C LYS C 209 -18.78 -39.37 27.29
N ASP C 210 -18.23 -38.18 27.06
CA ASP C 210 -19.06 -36.99 26.97
C ASP C 210 -18.65 -36.12 25.78
N ALA C 211 -18.58 -36.71 24.60
CA ALA C 211 -18.33 -35.88 23.42
C ALA C 211 -19.56 -35.05 22.98
N LYS C 212 -20.68 -35.05 23.70
CA LYS C 212 -21.84 -34.24 23.34
C LYS C 212 -21.57 -32.72 23.30
N PRO C 213 -20.89 -32.08 24.28
CA PRO C 213 -20.65 -30.63 24.12
C PRO C 213 -19.64 -30.32 23.04
N LEU C 214 -18.73 -31.26 22.74
CA LEU C 214 -17.80 -31.04 21.64
C LEU C 214 -18.49 -31.15 20.30
N LEU C 215 -19.30 -32.18 20.11
CA LEU C 215 -19.95 -32.40 18.82
C LEU C 215 -21.03 -31.37 18.54
N LYS C 216 -21.61 -30.78 19.59
CA LYS C 216 -22.48 -29.63 19.37
C LYS C 216 -21.71 -28.43 18.82
N GLU C 217 -20.44 -28.30 19.18
CA GLU C 217 -19.62 -27.22 18.64
C GLU C 217 -19.05 -27.57 17.27
N MET C 218 -19.29 -28.78 16.78
CA MET C 218 -18.77 -29.16 15.48
C MET C 218 -19.89 -29.22 14.44
N LYS C 219 -21.13 -29.42 14.89
CA LYS C 219 -22.28 -29.35 13.99
C LYS C 219 -22.47 -27.91 13.53
N ARG C 220 -22.62 -26.99 14.47
CA ARG C 220 -22.43 -25.59 14.14
C ARG C 220 -20.94 -25.35 13.89
N GLY C 221 -20.64 -24.38 13.04
CA GLY C 221 -19.28 -24.11 12.64
C GLY C 221 -18.78 -24.98 11.51
N LYS C 222 -19.59 -25.97 11.09
CA LYS C 222 -19.42 -26.76 9.88
C LYS C 222 -18.12 -27.55 9.84
N GLU C 223 -17.94 -28.46 10.78
CA GLU C 223 -16.75 -29.30 10.83
C GLU C 223 -17.16 -30.69 10.35
N PHE C 224 -16.99 -30.93 9.06
CA PHE C 224 -17.40 -32.18 8.44
C PHE C 224 -16.24 -33.11 8.15
N HIS C 225 -15.01 -32.65 8.34
CA HIS C 225 -13.83 -33.42 7.99
C HIS C 225 -12.98 -33.59 9.24
N VAL C 226 -13.10 -34.74 9.92
CA VAL C 226 -12.61 -34.89 11.28
C VAL C 226 -11.56 -36.00 11.30
N ILE C 227 -10.52 -35.81 12.11
CA ILE C 227 -9.36 -36.68 12.23
C ILE C 227 -9.26 -37.11 13.69
N PHE C 228 -10.37 -37.66 14.22
CA PHE C 228 -10.43 -38.24 15.56
C PHE C 228 -9.19 -39.06 15.89
N ASP C 229 -8.48 -38.63 16.93
CA ASP C 229 -7.23 -39.23 17.36
C ASP C 229 -7.43 -39.79 18.77
N CYS C 230 -7.93 -41.02 18.84
CA CYS C 230 -8.33 -41.62 20.10
C CYS C 230 -7.87 -43.07 20.12
N SER C 231 -8.31 -43.81 21.13
CA SER C 231 -8.28 -45.26 21.11
C SER C 231 -9.61 -45.78 20.60
N HIS C 232 -9.64 -47.04 20.18
CA HIS C 232 -10.85 -47.60 19.59
C HIS C 232 -11.96 -47.80 20.61
N GLU C 233 -11.61 -47.86 21.89
CA GLU C 233 -12.64 -47.82 22.93
C GLU C 233 -13.32 -46.46 22.94
N MET C 234 -12.54 -45.38 22.86
CA MET C 234 -13.14 -44.06 22.76
C MET C 234 -13.41 -43.65 21.32
N ALA C 235 -13.12 -44.51 20.34
CA ALA C 235 -13.60 -44.23 18.99
C ALA C 235 -14.94 -44.88 18.76
N ALA C 236 -15.29 -45.88 19.57
CA ALA C 236 -16.60 -46.49 19.51
C ALA C 236 -17.66 -45.59 20.14
N GLY C 237 -17.44 -45.21 21.40
CA GLY C 237 -18.38 -44.39 22.13
C GLY C 237 -18.53 -42.97 21.64
N ILE C 238 -17.62 -42.53 20.77
CA ILE C 238 -17.73 -41.20 20.20
C ILE C 238 -18.57 -41.25 18.93
N LEU C 239 -18.85 -42.46 18.43
CA LEU C 239 -19.71 -42.59 17.27
C LEU C 239 -21.17 -42.79 17.68
N LYS C 240 -21.39 -43.42 18.83
CA LYS C 240 -22.75 -43.54 19.36
C LYS C 240 -23.29 -42.18 19.76
N GLN C 241 -22.40 -41.27 20.17
CA GLN C 241 -22.83 -39.92 20.49
C GLN C 241 -22.87 -39.05 19.25
N ALA C 242 -22.32 -39.54 18.15
CA ALA C 242 -22.38 -38.81 16.89
C ALA C 242 -23.50 -39.34 16.01
N LEU C 243 -24.05 -40.50 16.37
CA LEU C 243 -25.24 -41.00 15.67
C LEU C 243 -26.50 -40.39 16.23
N ALA C 244 -26.61 -40.33 17.57
CA ALA C 244 -27.82 -39.83 18.21
C ALA C 244 -27.97 -38.32 18.03
N MET C 245 -26.89 -37.63 17.69
CA MET C 245 -26.96 -36.22 17.35
C MET C 245 -27.21 -35.97 15.86
N GLY C 246 -27.26 -37.02 15.05
CA GLY C 246 -27.50 -36.87 13.63
C GLY C 246 -26.31 -36.32 12.89
N MET C 247 -25.12 -36.49 13.45
CA MET C 247 -23.89 -36.16 12.75
C MET C 247 -23.32 -37.34 11.99
N MET C 248 -24.15 -38.26 11.51
CA MET C 248 -23.69 -39.46 10.84
C MET C 248 -24.43 -39.58 9.50
N THR C 249 -24.42 -38.47 8.78
CA THR C 249 -25.06 -38.38 7.47
C THR C 249 -23.96 -38.40 6.39
N GLU C 250 -24.29 -38.28 5.11
CA GLU C 250 -23.28 -38.36 4.06
C GLU C 250 -22.43 -37.10 3.94
N TYR C 251 -22.66 -36.09 4.76
CA TYR C 251 -21.87 -34.87 4.77
C TYR C 251 -20.49 -35.06 5.41
N TYR C 252 -20.32 -36.10 6.23
CA TYR C 252 -19.20 -36.19 7.16
C TYR C 252 -18.15 -37.17 6.64
N HIS C 253 -16.90 -36.97 7.07
CA HIS C 253 -15.80 -37.84 6.71
C HIS C 253 -14.81 -37.91 7.86
N TYR C 254 -14.47 -39.14 8.27
CA TYR C 254 -13.65 -39.39 9.46
C TYR C 254 -12.38 -40.14 9.10
N ILE C 255 -11.23 -39.68 9.60
CA ILE C 255 -9.94 -40.32 9.36
C ILE C 255 -9.34 -40.74 10.70
N PHE C 256 -10.10 -41.52 11.48
CA PHE C 256 -9.65 -42.18 12.70
C PHE C 256 -8.21 -42.66 12.66
N THR C 257 -7.42 -42.27 13.65
CA THR C 257 -5.97 -42.43 13.62
C THR C 257 -5.51 -43.81 14.10
N THR C 258 -6.21 -44.39 15.08
CA THR C 258 -5.77 -45.61 15.72
C THR C 258 -5.76 -46.80 14.77
N LEU C 259 -4.89 -47.76 15.05
CA LEU C 259 -4.73 -48.94 14.20
C LEU C 259 -5.63 -50.07 14.68
N ASP C 260 -6.90 -49.73 14.92
CA ASP C 260 -7.87 -50.68 15.46
C ASP C 260 -9.27 -50.45 14.90
N LEU C 261 -9.41 -49.81 13.73
CA LEU C 261 -10.73 -49.39 13.26
C LEU C 261 -11.58 -50.59 12.85
N PHE C 262 -10.95 -51.68 12.43
CA PHE C 262 -11.64 -52.90 12.04
C PHE C 262 -12.26 -53.62 13.22
N ALA C 263 -11.91 -53.21 14.45
CA ALA C 263 -12.48 -53.82 15.64
C ALA C 263 -13.62 -52.99 16.19
N LEU C 264 -14.39 -52.33 15.32
CA LEU C 264 -15.60 -51.60 15.72
C LEU C 264 -16.80 -52.27 15.06
N ASP C 265 -17.92 -52.31 15.78
CA ASP C 265 -19.15 -52.79 15.19
C ASP C 265 -19.71 -51.71 14.27
N VAL C 266 -19.41 -51.81 12.98
CA VAL C 266 -19.82 -50.76 12.05
C VAL C 266 -21.20 -51.02 11.46
N GLU C 267 -21.90 -52.04 11.93
CA GLU C 267 -23.24 -52.38 11.45
C GLU C 267 -24.31 -51.30 11.66
N PRO C 268 -24.30 -50.48 12.76
CA PRO C 268 -25.20 -49.32 12.76
C PRO C 268 -24.82 -48.23 11.77
N TYR C 269 -23.58 -48.25 11.29
CA TYR C 269 -23.11 -47.23 10.36
C TYR C 269 -22.80 -47.78 8.98
N ARG C 270 -23.05 -49.07 8.75
CA ARG C 270 -22.77 -49.74 7.49
C ARG C 270 -23.67 -49.20 6.39
N TYR C 271 -24.91 -48.88 6.72
CA TYR C 271 -25.83 -48.24 5.78
C TYR C 271 -26.29 -46.92 6.39
N SER C 272 -25.43 -45.91 6.27
CA SER C 272 -25.81 -44.52 6.48
C SER C 272 -25.15 -43.62 5.45
N GLY C 273 -24.25 -44.14 4.64
CA GLY C 273 -23.63 -43.39 3.57
C GLY C 273 -22.41 -42.61 4.01
N VAL C 274 -21.98 -42.82 5.25
CA VAL C 274 -20.87 -42.07 5.82
C VAL C 274 -19.58 -42.56 5.17
N ASN C 275 -18.78 -41.60 4.76
CA ASN C 275 -17.35 -41.77 4.65
C ASN C 275 -16.78 -42.08 6.02
N MET C 276 -15.88 -43.07 6.10
CA MET C 276 -15.14 -43.34 7.34
C MET C 276 -13.86 -44.07 6.97
N THR C 277 -12.75 -43.34 6.96
CA THR C 277 -11.47 -43.87 6.53
C THR C 277 -10.60 -44.12 7.75
N GLY C 278 -9.67 -45.06 7.63
CA GLY C 278 -8.74 -45.31 8.72
C GLY C 278 -7.52 -46.05 8.22
N PHE C 279 -6.92 -46.82 9.11
CA PHE C 279 -5.81 -47.67 8.76
C PHE C 279 -5.96 -49.05 9.38
N ARG C 280 -5.06 -49.94 8.97
CA ARG C 280 -4.96 -51.27 9.54
C ARG C 280 -3.56 -51.79 9.26
N ILE C 281 -2.84 -52.16 10.32
CA ILE C 281 -1.53 -52.77 10.14
C ILE C 281 -1.60 -54.27 10.39
N LEU C 282 -2.61 -54.74 11.10
CA LEU C 282 -2.84 -56.16 11.34
C LEU C 282 -3.23 -56.78 10.00
N ASN C 283 -2.28 -57.51 9.41
CA ASN C 283 -2.49 -58.16 8.13
C ASN C 283 -3.55 -59.24 8.27
N THR C 284 -4.71 -59.05 7.65
CA THR C 284 -5.79 -60.03 7.69
C THR C 284 -6.06 -60.58 6.30
N GLU C 285 -4.98 -60.82 5.57
CA GLU C 285 -5.06 -61.21 4.18
C GLU C 285 -4.51 -62.61 4.04
N ASN C 286 -3.39 -62.93 4.67
CA ASN C 286 -2.77 -64.24 4.51
C ASN C 286 -3.55 -65.31 5.24
N THR C 287 -3.66 -66.50 4.63
CA THR C 287 -4.35 -67.61 5.27
C THR C 287 -3.54 -68.13 6.46
N GLN C 288 -2.23 -67.92 6.44
CA GLN C 288 -1.36 -68.15 7.60
C GLN C 288 -1.81 -67.33 8.80
N VAL C 289 -1.75 -66.00 8.67
CA VAL C 289 -1.92 -65.14 9.84
C VAL C 289 -3.39 -64.99 10.21
N SER C 290 -4.31 -65.33 9.30
CA SER C 290 -5.73 -65.27 9.65
C SER C 290 -6.11 -66.41 10.57
N SER C 291 -5.30 -67.47 10.60
CA SER C 291 -5.54 -68.56 11.52
C SER C 291 -5.22 -68.16 12.96
N ILE C 292 -4.16 -67.37 13.16
CA ILE C 292 -3.68 -67.02 14.50
C ILE C 292 -4.71 -66.17 15.24
N ILE C 293 -5.33 -65.23 14.52
CA ILE C 293 -6.49 -64.49 15.04
C ILE C 293 -7.64 -65.45 15.31
N GLU C 294 -7.86 -66.39 14.38
CA GLU C 294 -8.97 -67.35 14.55
C GLU C 294 -8.67 -68.35 15.66
N LYS C 295 -7.40 -68.73 15.83
CA LYS C 295 -7.05 -69.69 16.88
C LYS C 295 -7.22 -69.10 18.27
N TRP C 296 -6.93 -67.81 18.42
CA TRP C 296 -6.86 -67.28 19.78
C TRP C 296 -8.08 -66.42 20.10
N SER C 297 -8.95 -66.19 19.12
CA SER C 297 -10.29 -65.73 19.44
C SER C 297 -11.06 -66.83 20.16
N MET C 298 -10.74 -68.08 19.83
CA MET C 298 -11.22 -69.24 20.56
C MET C 298 -10.60 -69.28 21.96
N GLU C 299 -9.35 -68.85 22.09
CA GLU C 299 -8.63 -68.97 23.35
C GLU C 299 -9.05 -67.89 24.35
N ARG C 300 -9.24 -66.65 23.89
CA ARG C 300 -9.69 -65.59 24.77
C ARG C 300 -11.21 -65.52 24.86
N LEU C 301 -11.91 -66.57 24.41
CA LEU C 301 -13.33 -66.70 24.67
C LEU C 301 -13.61 -66.96 26.15
N GLN C 302 -12.62 -67.50 26.88
CA GLN C 302 -12.73 -67.59 28.33
C GLN C 302 -12.74 -66.20 28.97
N ALA C 303 -11.95 -65.28 28.41
CA ALA C 303 -11.97 -63.88 28.83
C ALA C 303 -13.30 -63.28 28.42
N PRO C 304 -14.15 -62.91 29.38
CA PRO C 304 -15.53 -62.56 29.06
C PRO C 304 -15.63 -61.19 28.43
N PRO C 305 -16.56 -60.99 27.50
CA PRO C 305 -16.72 -59.67 26.89
C PRO C 305 -17.49 -58.70 27.78
N LYS C 306 -17.74 -57.53 27.23
CA LYS C 306 -18.41 -56.41 27.88
C LYS C 306 -19.76 -56.22 27.19
N PRO C 307 -20.68 -55.35 27.68
CA PRO C 307 -21.90 -55.09 26.91
C PRO C 307 -21.66 -54.28 25.64
N ASP C 308 -22.75 -53.87 24.98
CA ASP C 308 -22.67 -53.31 23.63
C ASP C 308 -22.02 -51.93 23.68
N SER C 309 -20.69 -51.95 23.70
CA SER C 309 -19.87 -50.75 23.70
C SER C 309 -19.34 -50.40 22.33
N GLY C 310 -20.00 -50.86 21.27
CA GLY C 310 -19.68 -50.45 19.93
C GLY C 310 -18.55 -51.21 19.25
N LEU C 311 -17.85 -52.06 19.98
CA LEU C 311 -16.70 -52.77 19.44
C LEU C 311 -16.96 -54.27 19.44
N LEU C 312 -16.49 -54.95 18.38
CA LEU C 312 -16.73 -56.37 18.21
C LEU C 312 -15.93 -57.18 19.20
N ASP C 313 -16.35 -58.42 19.46
CA ASP C 313 -15.75 -59.26 20.49
C ASP C 313 -14.79 -60.25 19.86
N GLY C 314 -13.74 -60.57 20.63
CA GLY C 314 -12.78 -61.58 20.23
C GLY C 314 -11.90 -61.20 19.07
N PHE C 315 -11.41 -59.95 19.04
CA PHE C 315 -10.45 -59.51 18.05
C PHE C 315 -9.11 -59.26 18.72
N MET C 316 -8.06 -59.84 18.14
CA MET C 316 -6.69 -59.52 18.53
C MET C 316 -6.35 -58.15 17.98
N THR C 317 -6.49 -57.11 18.82
CA THR C 317 -6.64 -55.75 18.31
C THR C 317 -5.43 -55.18 17.58
N THR C 318 -4.45 -54.67 18.31
CA THR C 318 -3.12 -54.41 17.75
C THR C 318 -2.11 -54.67 18.84
N ASP C 319 -2.54 -54.47 20.09
CA ASP C 319 -1.63 -54.57 21.22
C ASP C 319 -1.27 -56.01 21.51
N ALA C 320 -2.21 -56.93 21.28
CA ALA C 320 -1.88 -58.34 21.36
C ALA C 320 -1.22 -58.81 20.07
N ALA C 321 -1.38 -58.05 18.98
CA ALA C 321 -0.69 -58.40 17.74
C ALA C 321 0.77 -57.99 17.80
N LEU C 322 1.06 -56.80 18.33
CA LEU C 322 2.44 -56.35 18.42
C LEU C 322 3.21 -57.07 19.51
N MET C 323 2.51 -57.54 20.54
CA MET C 323 3.17 -58.36 21.56
C MET C 323 3.42 -59.77 21.03
N TYR C 324 2.57 -60.24 20.12
CA TYR C 324 2.84 -61.48 19.41
C TYR C 324 4.09 -61.37 18.56
N ASP C 325 4.21 -60.28 17.82
CA ASP C 325 5.42 -60.03 17.03
C ASP C 325 6.63 -59.75 17.91
N ALA C 326 6.40 -59.30 19.14
CA ALA C 326 7.50 -59.03 20.06
C ALA C 326 8.23 -60.31 20.45
N VAL C 327 7.51 -61.42 20.50
CA VAL C 327 8.12 -62.69 20.91
C VAL C 327 8.93 -63.26 19.75
N HIS C 328 8.46 -63.09 18.52
CA HIS C 328 9.10 -63.74 17.38
C HIS C 328 10.39 -63.05 16.97
N VAL C 329 10.40 -61.71 16.98
CA VAL C 329 11.55 -60.97 16.48
C VAL C 329 12.75 -61.13 17.41
N VAL C 330 12.50 -61.27 18.70
CA VAL C 330 13.60 -61.66 19.59
C VAL C 330 13.88 -63.15 19.47
N SER C 331 12.91 -63.95 18.99
CA SER C 331 13.16 -65.37 18.84
C SER C 331 13.99 -65.66 17.59
N VAL C 332 13.97 -64.75 16.61
CA VAL C 332 14.84 -64.94 15.47
C VAL C 332 16.22 -64.35 15.78
N ALA C 333 16.33 -63.62 16.89
CA ALA C 333 17.64 -63.12 17.31
C ALA C 333 18.37 -64.13 18.19
N VAL C 334 17.63 -64.88 19.01
CA VAL C 334 18.26 -65.91 19.83
C VAL C 334 18.60 -67.13 18.97
N GLN C 335 17.92 -67.28 17.83
CA GLN C 335 18.22 -68.38 16.92
C GLN C 335 19.58 -68.19 16.25
N GLN C 336 19.94 -66.93 15.97
CA GLN C 336 21.19 -66.63 15.29
C GLN C 336 22.31 -66.38 16.28
N PHE C 337 22.12 -66.77 17.55
CA PHE C 337 23.10 -66.50 18.60
C PHE C 337 22.90 -67.52 19.71
N PRO C 338 23.41 -68.75 19.55
CA PRO C 338 23.03 -69.83 20.47
C PRO C 338 23.81 -69.90 21.77
N GLN C 339 24.92 -69.16 21.91
CA GLN C 339 25.74 -69.33 23.12
C GLN C 339 25.29 -68.43 24.28
N MET C 340 23.99 -68.46 24.58
CA MET C 340 23.43 -67.56 25.59
C MET C 340 23.19 -68.25 26.91
N THR C 341 23.33 -67.46 27.97
CA THR C 341 22.90 -67.82 29.32
C THR C 341 21.93 -66.76 29.80
N VAL C 342 21.49 -66.86 31.05
CA VAL C 342 20.74 -65.79 31.68
C VAL C 342 21.40 -65.41 33.01
N SER C 343 22.28 -64.42 32.96
CA SER C 343 23.04 -63.99 34.12
C SER C 343 22.14 -63.30 35.14
N SER C 344 22.22 -63.77 36.38
CA SER C 344 21.44 -63.19 37.47
C SER C 344 22.03 -61.84 37.89
N LEU C 345 21.64 -60.81 37.14
CA LEU C 345 22.21 -59.47 37.31
C LEU C 345 21.72 -58.82 38.59
N GLN C 346 22.45 -57.80 39.05
CA GLN C 346 22.10 -57.06 40.25
C GLN C 346 21.88 -55.60 39.91
N CYS C 347 20.94 -54.98 40.61
CA CYS C 347 20.61 -53.57 40.37
C CYS C 347 21.69 -52.65 40.91
N ASN C 348 22.29 -53.02 42.04
CA ASN C 348 23.25 -52.18 42.73
C ASN C 348 24.56 -52.08 41.97
N ARG C 349 25.13 -53.22 41.60
CA ARG C 349 26.39 -53.26 40.85
C ARG C 349 26.07 -53.12 39.37
N HIS C 350 26.75 -52.18 38.71
CA HIS C 350 26.51 -51.92 37.28
C HIS C 350 27.42 -52.79 36.41
N LYS C 351 27.36 -54.08 36.64
CA LYS C 351 28.02 -55.01 35.74
C LYS C 351 27.09 -55.33 34.58
N PRO C 352 27.41 -54.91 33.35
CA PRO C 352 26.50 -55.13 32.23
C PRO C 352 26.44 -56.60 31.82
N TRP C 353 25.32 -57.00 31.23
CA TRP C 353 25.12 -58.36 30.76
C TRP C 353 26.04 -58.53 29.56
N ARG C 354 26.95 -59.51 29.65
CA ARG C 354 28.07 -59.69 28.74
C ARG C 354 27.67 -59.97 27.30
N PHE C 355 26.44 -60.46 27.10
CA PHE C 355 25.98 -60.81 25.77
C PHE C 355 25.20 -59.66 25.16
N GLY C 356 25.04 -58.58 25.93
CA GLY C 356 24.13 -57.49 25.64
C GLY C 356 24.34 -56.73 24.33
N THR C 357 25.58 -56.34 24.04
CA THR C 357 25.83 -55.53 22.85
C THR C 357 25.66 -56.36 21.58
N ARG C 358 26.04 -57.64 21.64
CA ARG C 358 25.82 -58.53 20.50
C ARG C 358 24.34 -58.83 20.30
N PHE C 359 23.63 -59.09 21.40
CA PHE C 359 22.24 -59.54 21.31
C PHE C 359 21.31 -58.39 20.93
N MET C 360 21.72 -57.16 21.26
CA MET C 360 20.93 -56.01 20.85
C MET C 360 21.08 -55.74 19.36
N SER C 361 22.27 -56.02 18.82
CA SER C 361 22.52 -55.74 17.41
C SER C 361 21.81 -56.74 16.51
N LEU C 362 21.49 -57.91 17.04
CA LEU C 362 20.78 -58.91 16.24
C LEU C 362 19.28 -58.67 16.25
N ILE C 363 18.78 -58.01 17.31
CA ILE C 363 17.37 -57.61 17.33
C ILE C 363 17.14 -56.50 16.32
N LYS C 364 18.04 -55.51 16.28
CA LYS C 364 17.87 -54.39 15.36
C LYS C 364 18.17 -54.75 13.92
N GLU C 365 18.69 -55.95 13.66
CA GLU C 365 18.96 -56.39 12.29
C GLU C 365 18.09 -57.59 11.95
N ALA C 366 16.85 -57.59 12.41
CA ALA C 366 15.90 -58.66 12.14
C ALA C 366 14.89 -58.20 11.09
N HIS C 367 14.30 -59.17 10.40
CA HIS C 367 13.31 -58.88 9.36
C HIS C 367 12.16 -59.87 9.41
N TRP C 368 12.05 -60.60 10.51
CA TRP C 368 11.10 -61.70 10.64
C TRP C 368 9.64 -61.25 10.56
N GLU C 369 8.94 -61.70 9.53
CA GLU C 369 7.56 -61.32 9.25
C GLU C 369 6.61 -61.83 10.32
N GLY C 370 5.45 -61.19 10.45
CA GLY C 370 4.52 -61.56 11.49
C GLY C 370 3.13 -61.06 11.17
N LEU C 371 2.38 -60.77 12.25
CA LEU C 371 1.01 -60.29 12.10
C LEU C 371 0.94 -58.90 11.52
N THR C 372 1.76 -57.97 12.01
CA THR C 372 1.67 -56.61 11.56
C THR C 372 2.52 -56.32 10.33
N GLY C 373 2.89 -57.33 9.57
CA GLY C 373 3.59 -57.16 8.31
C GLY C 373 5.09 -57.30 8.48
N ARG C 374 5.81 -56.36 7.86
CA ARG C 374 7.26 -56.35 7.91
C ARG C 374 7.73 -55.70 9.21
N ILE C 375 8.67 -56.34 9.89
CA ILE C 375 9.04 -55.92 11.24
C ILE C 375 10.50 -55.47 11.19
N THR C 376 10.92 -54.90 10.08
CA THR C 376 12.26 -54.31 9.99
C THR C 376 12.33 -53.07 10.87
N PHE C 377 13.47 -52.89 11.51
CA PHE C 377 13.70 -51.75 12.40
C PHE C 377 14.45 -50.66 11.66
N ASN C 378 14.49 -49.49 12.26
CA ASN C 378 15.38 -48.43 11.80
C ASN C 378 16.67 -48.52 12.59
N LYS C 379 17.80 -48.18 11.98
CA LYS C 379 19.02 -47.99 12.76
C LYS C 379 19.06 -46.54 13.21
N THR C 380 19.97 -46.25 14.17
CA THR C 380 20.28 -44.96 14.82
C THR C 380 19.18 -44.62 15.86
N ASN C 381 18.11 -45.41 15.88
CA ASN C 381 17.07 -45.36 16.91
C ASN C 381 16.25 -46.64 16.83
N GLY C 382 15.99 -47.27 17.97
CA GLY C 382 15.21 -48.49 17.98
C GLY C 382 13.73 -48.30 17.76
N LEU C 383 13.35 -47.76 16.60
CA LEU C 383 11.96 -47.53 16.27
C LEU C 383 11.56 -48.37 15.07
N ARG C 384 10.31 -48.22 14.64
CA ARG C 384 9.79 -48.94 13.48
C ARG C 384 9.20 -47.88 12.54
N THR C 385 10.03 -47.37 11.64
CA THR C 385 9.62 -46.37 10.67
C THR C 385 9.49 -46.94 9.26
N ASP C 386 9.55 -48.24 9.10
CA ASP C 386 9.40 -48.92 7.82
C ASP C 386 8.40 -50.05 8.03
N PHE C 387 7.18 -49.85 7.55
CA PHE C 387 6.06 -50.76 7.84
C PHE C 387 5.04 -50.60 6.74
N ASP C 388 4.02 -51.47 6.75
CA ASP C 388 3.07 -51.59 5.65
C ASP C 388 1.66 -51.36 6.17
N LEU C 389 1.14 -50.15 5.98
CA LEU C 389 -0.24 -49.87 6.33
C LEU C 389 -1.17 -50.23 5.17
N ASP C 390 -2.41 -50.55 5.53
CA ASP C 390 -3.46 -50.85 4.55
C ASP C 390 -4.62 -49.92 4.85
N VAL C 391 -4.87 -48.97 3.96
CA VAL C 391 -5.91 -47.96 4.19
C VAL C 391 -7.27 -48.60 4.03
N ILE C 392 -8.13 -48.46 5.04
CA ILE C 392 -9.45 -49.07 5.01
C ILE C 392 -10.49 -47.97 4.95
N SER C 393 -11.68 -48.31 4.45
CA SER C 393 -12.78 -47.37 4.33
C SER C 393 -14.07 -48.10 4.68
N LEU C 394 -15.09 -47.32 5.02
CA LEU C 394 -16.40 -47.88 5.35
C LEU C 394 -17.26 -47.87 4.10
N LYS C 395 -17.58 -49.06 3.60
CA LYS C 395 -18.47 -49.22 2.47
C LYS C 395 -19.72 -49.97 2.93
N GLU C 396 -20.56 -50.35 1.97
CA GLU C 396 -21.82 -51.02 2.27
C GLU C 396 -21.60 -52.45 2.74
N GLU C 397 -20.41 -53.00 2.50
CA GLU C 397 -20.07 -54.35 2.94
C GLU C 397 -19.11 -54.33 4.12
N GLY C 398 -19.26 -53.37 5.02
CA GLY C 398 -18.39 -53.28 6.19
C GLY C 398 -17.16 -52.43 5.93
N LEU C 399 -16.04 -52.78 6.56
CA LEU C 399 -14.78 -52.08 6.37
C LEU C 399 -13.92 -52.88 5.40
N GLU C 400 -13.57 -52.26 4.28
CA GLU C 400 -12.81 -52.93 3.24
C GLU C 400 -11.53 -52.16 2.97
N LYS C 401 -10.49 -52.90 2.58
CA LYS C 401 -9.22 -52.31 2.15
C LYS C 401 -9.42 -51.49 0.89
N ILE C 402 -8.79 -50.32 0.82
CA ILE C 402 -8.99 -49.43 -0.31
C ILE C 402 -7.61 -49.01 -0.84
N GLY C 403 -6.56 -49.47 -0.19
CA GLY C 403 -5.22 -49.14 -0.67
C GLY C 403 -4.16 -49.58 0.31
N THR C 404 -2.96 -49.04 0.12
CA THR C 404 -1.82 -49.39 0.95
C THR C 404 -0.93 -48.16 1.09
N TRP C 405 0.09 -48.26 1.94
CA TRP C 405 0.98 -47.14 2.19
C TRP C 405 2.34 -47.61 2.68
N ASP C 406 3.39 -47.37 1.89
CA ASP C 406 4.74 -47.58 2.38
C ASP C 406 5.36 -46.22 2.70
N PRO C 407 6.35 -46.18 3.60
CA PRO C 407 6.94 -44.87 3.93
C PRO C 407 7.78 -44.28 2.82
N ALA C 408 8.28 -45.10 1.90
CA ALA C 408 9.17 -44.63 0.83
C ALA C 408 8.49 -44.90 -0.53
N SER C 409 7.19 -45.12 -0.50
CA SER C 409 6.46 -45.35 -1.74
C SER C 409 5.14 -44.57 -1.76
N GLY C 410 4.89 -43.81 -0.69
CA GLY C 410 3.72 -42.97 -0.63
C GLY C 410 2.41 -43.72 -0.53
N LEU C 411 1.32 -43.05 -0.92
CA LEU C 411 -0.02 -43.62 -0.78
C LEU C 411 -0.50 -44.27 -2.06
N ASN C 412 -0.47 -45.59 -2.13
CA ASN C 412 -0.91 -46.32 -3.33
C ASN C 412 -2.38 -46.67 -3.15
N MET C 413 -3.25 -45.85 -3.74
CA MET C 413 -4.69 -46.06 -3.63
C MET C 413 -5.15 -46.97 -4.77
N THR C 414 -6.25 -47.70 -4.59
CA THR C 414 -6.76 -48.61 -5.61
C THR C 414 -7.62 -47.82 -6.59
N GLU C 415 -7.97 -48.44 -7.70
CA GLU C 415 -8.81 -47.80 -8.70
C GLU C 415 -10.23 -48.36 -8.65
N SER C 416 -11.19 -47.49 -8.31
CA SER C 416 -12.59 -47.88 -8.34
C SER C 416 -13.07 -48.05 -9.77
N GLN C 417 -12.61 -47.16 -10.65
CA GLN C 417 -12.51 -47.23 -12.11
C GLN C 417 -13.83 -47.09 -12.87
N LYS C 418 -14.96 -47.54 -12.29
CA LYS C 418 -16.25 -46.91 -12.01
C LYS C 418 -17.23 -48.09 -11.93
N GLY C 419 -18.47 -47.90 -11.46
CA GLY C 419 -19.44 -48.89 -11.88
C GLY C 419 -20.47 -48.47 -12.93
N LYS C 420 -21.45 -47.64 -12.50
CA LYS C 420 -22.59 -47.06 -13.21
C LYS C 420 -23.42 -46.34 -12.14
N PRO C 421 -24.26 -45.35 -12.47
CA PRO C 421 -25.37 -45.01 -11.56
C PRO C 421 -26.28 -46.18 -11.25
N ALA C 422 -26.70 -46.93 -12.29
CA ALA C 422 -27.21 -48.30 -12.17
C ALA C 422 -28.43 -48.46 -11.28
N ASN C 423 -29.60 -47.98 -11.74
CA ASN C 423 -30.82 -47.89 -10.92
C ASN C 423 -30.63 -47.05 -9.67
N ILE C 424 -30.60 -45.73 -9.85
CA ILE C 424 -30.61 -44.74 -8.77
C ILE C 424 -31.89 -44.83 -7.90
N THR C 425 -32.91 -45.55 -8.38
CA THR C 425 -34.27 -45.70 -7.85
C THR C 425 -34.42 -45.79 -6.33
N ASP C 426 -33.56 -46.56 -5.66
CA ASP C 426 -33.63 -46.63 -4.21
C ASP C 426 -32.27 -46.38 -3.57
N SER C 427 -31.49 -45.46 -4.15
CA SER C 427 -30.16 -45.14 -3.63
C SER C 427 -30.27 -44.36 -2.32
N LEU C 428 -31.28 -43.52 -2.21
CA LEU C 428 -31.43 -42.71 -1.00
C LEU C 428 -32.41 -43.37 -0.03
N SER C 429 -32.42 -44.70 0.02
CA SER C 429 -33.21 -45.39 1.02
C SER C 429 -32.60 -45.21 2.40
N ASN C 430 -33.42 -45.45 3.45
CA ASN C 430 -33.11 -45.32 4.87
C ASN C 430 -32.78 -43.89 5.29
N ARG C 431 -32.98 -42.91 4.41
CA ARG C 431 -32.57 -41.55 4.71
C ARG C 431 -33.70 -40.80 5.40
N SER C 432 -33.36 -39.61 5.90
CA SER C 432 -34.35 -38.71 6.48
C SER C 432 -33.88 -37.29 6.21
N LEU C 433 -34.74 -36.50 5.59
CA LEU C 433 -34.35 -35.17 5.13
C LEU C 433 -35.32 -34.15 5.70
N ILE C 434 -34.77 -32.98 6.04
CA ILE C 434 -35.57 -31.87 6.52
C ILE C 434 -35.78 -30.92 5.34
N VAL C 435 -37.03 -30.80 4.92
CA VAL C 435 -37.39 -29.99 3.76
C VAL C 435 -38.07 -28.72 4.24
N THR C 436 -37.61 -27.57 3.76
CA THR C 436 -38.22 -26.29 4.11
C THR C 436 -38.84 -25.64 2.89
N THR C 437 -40.10 -25.23 3.02
CA THR C 437 -40.84 -24.59 1.94
C THR C 437 -41.42 -23.28 2.45
N ILE C 438 -42.05 -22.54 1.55
CA ILE C 438 -42.95 -21.44 1.88
C ILE C 438 -44.26 -21.67 1.14
N LEU C 439 -45.37 -21.39 1.82
CA LEU C 439 -46.68 -21.22 1.22
C LEU C 439 -46.63 -20.38 -0.06
N GLU C 440 -46.98 -21.02 -1.17
CA GLU C 440 -47.15 -20.32 -2.44
C GLU C 440 -48.30 -21.02 -3.15
N GLU C 441 -49.40 -20.30 -3.35
CA GLU C 441 -50.70 -20.82 -3.74
C GLU C 441 -50.77 -21.77 -4.94
N PRO C 442 -49.89 -21.71 -5.94
CA PRO C 442 -49.82 -22.85 -6.88
C PRO C 442 -48.85 -23.94 -6.45
N TYR C 443 -47.90 -23.66 -5.56
CA TYR C 443 -46.83 -24.60 -5.24
C TYR C 443 -46.98 -25.23 -3.86
N VAL C 444 -47.25 -24.44 -2.82
CA VAL C 444 -47.47 -24.93 -1.47
C VAL C 444 -48.69 -24.22 -0.89
N LEU C 445 -49.69 -24.98 -0.49
CA LEU C 445 -50.86 -24.44 0.21
C LEU C 445 -51.19 -25.36 1.36
N PHE C 446 -51.75 -24.80 2.44
CA PHE C 446 -52.32 -25.63 3.49
C PHE C 446 -53.51 -26.39 2.93
N LYS C 447 -53.60 -27.69 3.23
CA LYS C 447 -54.70 -28.50 2.74
C LYS C 447 -55.98 -28.10 3.46
N LYS C 448 -56.78 -27.25 2.83
CA LYS C 448 -58.00 -26.71 3.42
C LYS C 448 -59.06 -27.79 3.40
N SER C 449 -59.17 -28.51 4.51
CA SER C 449 -60.02 -29.69 4.62
C SER C 449 -60.48 -29.85 6.07
N ASP C 450 -60.85 -31.07 6.46
CA ASP C 450 -61.46 -31.36 7.75
C ASP C 450 -60.46 -31.32 8.89
N LYS C 451 -60.84 -31.95 10.03
CA LYS C 451 -60.22 -32.00 11.36
C LYS C 451 -58.70 -32.12 11.30
N PRO C 452 -57.95 -31.44 12.25
CA PRO C 452 -56.58 -30.95 11.95
C PRO C 452 -55.55 -31.93 11.40
N LEU C 453 -55.13 -31.67 10.16
CA LEU C 453 -54.18 -32.50 9.44
C LEU C 453 -52.79 -32.21 9.97
N TYR C 454 -52.10 -33.26 10.44
CA TYR C 454 -50.78 -33.12 11.00
C TYR C 454 -49.75 -33.86 10.15
N GLY C 455 -48.48 -33.53 10.37
CA GLY C 455 -47.40 -34.17 9.65
C GLY C 455 -47.14 -33.52 8.30
N ASN C 456 -47.09 -34.39 7.28
CA ASN C 456 -46.87 -33.93 5.92
C ASN C 456 -48.20 -33.73 5.21
N ASP C 457 -49.28 -34.13 5.87
CA ASP C 457 -50.60 -34.02 5.25
C ASP C 457 -51.17 -32.62 5.36
N ARG C 458 -50.52 -31.74 6.12
CA ARG C 458 -50.98 -30.36 6.26
C ARG C 458 -50.56 -29.51 5.07
N PHE C 459 -49.76 -30.08 4.16
CA PHE C 459 -49.34 -29.38 2.95
C PHE C 459 -49.85 -30.09 1.71
N GLU C 460 -50.01 -29.31 0.65
CA GLU C 460 -50.44 -29.78 -0.67
C GLU C 460 -50.06 -28.71 -1.68
N GLY C 461 -49.86 -29.08 -2.93
CA GLY C 461 -49.57 -28.13 -3.96
C GLY C 461 -48.79 -28.80 -5.09
N TYR C 462 -47.96 -27.99 -5.75
CA TYR C 462 -47.18 -28.53 -6.86
C TYR C 462 -45.88 -29.16 -6.38
N CYS C 463 -45.05 -28.39 -5.69
CA CYS C 463 -43.75 -28.92 -5.30
C CYS C 463 -43.86 -29.85 -4.10
N ILE C 464 -45.00 -29.82 -3.41
CA ILE C 464 -45.31 -30.91 -2.49
C ILE C 464 -45.61 -32.18 -3.28
N ASP C 465 -46.32 -32.05 -4.40
CA ASP C 465 -46.55 -33.19 -5.28
C ASP C 465 -45.30 -33.56 -6.08
N LEU C 466 -44.30 -32.67 -6.08
CA LEU C 466 -43.01 -33.01 -6.66
C LEU C 466 -42.22 -33.92 -5.72
N LEU C 467 -42.35 -33.68 -4.40
CA LEU C 467 -41.73 -34.58 -3.42
C LEU C 467 -42.34 -35.97 -3.48
N ARG C 468 -43.63 -36.06 -3.76
CA ARG C 468 -44.32 -37.34 -3.76
C ARG C 468 -43.87 -38.21 -4.93
N GLU C 469 -43.33 -37.59 -5.97
CA GLU C 469 -42.75 -38.37 -7.06
C GLU C 469 -41.24 -38.27 -7.09
N LEU C 470 -40.65 -37.49 -6.18
CA LEU C 470 -39.21 -37.62 -5.93
C LEU C 470 -38.94 -38.68 -4.87
N SER C 471 -39.83 -38.80 -3.88
CA SER C 471 -39.66 -39.84 -2.87
C SER C 471 -40.00 -41.21 -3.42
N THR C 472 -40.73 -41.25 -4.54
CA THR C 472 -40.95 -42.51 -5.22
C THR C 472 -39.71 -42.96 -5.99
N ILE C 473 -39.00 -42.02 -6.61
CA ILE C 473 -37.90 -42.33 -7.50
C ILE C 473 -36.56 -42.34 -6.76
N LEU C 474 -36.55 -41.99 -5.47
CA LEU C 474 -35.34 -42.06 -4.67
C LEU C 474 -35.53 -42.81 -3.36
N GLY C 475 -36.76 -42.89 -2.86
CA GLY C 475 -37.05 -43.73 -1.72
C GLY C 475 -36.59 -43.19 -0.38
N PHE C 476 -36.77 -41.91 -0.12
CA PHE C 476 -36.38 -41.36 1.17
C PHE C 476 -37.60 -40.90 1.96
N THR C 477 -37.38 -40.43 3.18
CA THR C 477 -38.45 -39.86 3.99
C THR C 477 -38.21 -38.38 4.12
N TYR C 478 -39.29 -37.63 4.34
CA TYR C 478 -39.19 -36.18 4.27
C TYR C 478 -40.19 -35.56 5.22
N GLU C 479 -39.77 -34.49 5.90
CA GLU C 479 -40.62 -33.70 6.78
C GLU C 479 -40.62 -32.27 6.26
N ILE C 480 -41.76 -31.81 5.76
CA ILE C 480 -41.83 -30.44 5.26
C ILE C 480 -41.90 -29.50 6.45
N ARG C 481 -40.81 -28.79 6.71
CA ARG C 481 -40.86 -27.70 7.67
C ARG C 481 -41.27 -26.44 6.92
N LEU C 482 -41.64 -25.39 7.66
CA LEU C 482 -41.76 -24.08 7.08
C LEU C 482 -40.54 -23.29 7.51
N VAL C 483 -40.32 -22.16 6.87
CA VAL C 483 -39.25 -21.26 7.30
C VAL C 483 -39.81 -20.47 8.48
N GLU C 484 -38.92 -19.91 9.30
CA GLU C 484 -39.38 -19.07 10.40
C GLU C 484 -39.39 -17.60 10.01
N ASP C 485 -38.54 -17.22 9.06
CA ASP C 485 -38.39 -15.84 8.64
C ASP C 485 -39.59 -15.37 7.81
N GLY C 486 -39.90 -16.12 6.76
CA GLY C 486 -40.95 -15.75 5.83
C GLY C 486 -40.39 -15.50 4.45
N LYS C 487 -39.09 -15.21 4.39
CA LYS C 487 -38.44 -14.74 3.18
C LYS C 487 -38.04 -15.92 2.30
N TYR C 488 -37.47 -15.60 1.14
CA TYR C 488 -36.92 -16.60 0.22
C TYR C 488 -35.41 -16.63 0.21
N GLY C 489 -34.75 -15.50 0.42
CA GLY C 489 -33.30 -15.44 0.47
C GLY C 489 -32.75 -14.28 -0.32
N ALA C 490 -32.03 -13.41 0.38
CA ALA C 490 -31.31 -12.29 -0.23
C ALA C 490 -30.22 -11.86 0.72
N GLN C 491 -29.11 -11.37 0.19
CA GLN C 491 -27.95 -11.03 0.99
C GLN C 491 -28.22 -9.74 1.74
N ASP C 492 -27.94 -9.74 3.05
CA ASP C 492 -28.01 -8.51 3.84
C ASP C 492 -26.92 -7.58 3.34
N ASP C 493 -27.26 -6.30 3.13
CA ASP C 493 -26.35 -5.41 2.40
C ASP C 493 -25.19 -4.97 3.28
N VAL C 494 -25.41 -4.87 4.59
CA VAL C 494 -24.39 -4.33 5.48
C VAL C 494 -23.77 -5.44 6.32
N ASN C 495 -24.28 -6.65 6.17
CA ASN C 495 -23.80 -7.76 6.99
C ASN C 495 -23.26 -8.90 6.14
N GLY C 496 -23.96 -9.23 5.07
CA GLY C 496 -23.53 -10.30 4.20
C GLY C 496 -24.32 -11.58 4.36
N GLN C 497 -25.02 -11.72 5.49
CA GLN C 497 -25.79 -12.94 5.75
C GLN C 497 -27.04 -13.02 4.89
N TRP C 498 -27.71 -14.18 4.96
CA TRP C 498 -28.89 -14.45 4.16
C TRP C 498 -30.08 -14.64 5.09
N ASN C 499 -31.29 -14.72 4.53
CA ASN C 499 -32.48 -14.90 5.36
C ASN C 499 -33.62 -15.57 4.59
N GLY C 500 -34.04 -16.74 5.05
CA GLY C 500 -35.06 -17.52 4.39
C GLY C 500 -34.63 -18.95 4.19
N MET C 501 -34.95 -19.49 3.01
CA MET C 501 -34.49 -20.84 2.70
C MET C 501 -33.00 -20.86 2.39
N VAL C 502 -32.45 -19.75 1.93
CA VAL C 502 -31.03 -19.70 1.64
C VAL C 502 -30.22 -19.71 2.93
N ARG C 503 -30.77 -19.09 3.98
CA ARG C 503 -30.11 -19.17 5.28
C ARG C 503 -30.33 -20.52 5.94
N GLU C 504 -31.50 -21.13 5.75
CA GLU C 504 -31.74 -22.43 6.37
C GLU C 504 -31.05 -23.55 5.59
N LEU C 505 -30.74 -23.33 4.33
CA LEU C 505 -29.90 -24.30 3.62
C LEU C 505 -28.43 -24.12 3.95
N ILE C 506 -27.97 -22.90 4.23
CA ILE C 506 -26.54 -22.71 4.44
C ILE C 506 -26.13 -23.16 5.84
N ASP C 507 -27.04 -23.07 6.83
CA ASP C 507 -26.66 -23.39 8.21
C ASP C 507 -26.31 -24.86 8.37
N HIS C 508 -27.30 -25.74 8.52
CA HIS C 508 -27.58 -26.89 7.67
C HIS C 508 -29.00 -27.35 7.93
N LYS C 509 -29.82 -26.44 8.49
CA LYS C 509 -31.16 -26.70 9.02
C LYS C 509 -32.13 -27.18 7.99
N ALA C 510 -31.87 -26.92 6.71
CA ALA C 510 -32.66 -27.52 5.64
C ALA C 510 -31.76 -28.46 4.88
N ASP C 511 -32.15 -29.72 4.79
CA ASP C 511 -31.36 -30.71 4.07
C ASP C 511 -31.62 -30.62 2.57
N LEU C 512 -32.82 -30.23 2.17
CA LEU C 512 -33.21 -30.12 0.77
C LEU C 512 -34.43 -29.23 0.63
N ALA C 513 -34.30 -28.07 -0.03
CA ALA C 513 -35.39 -27.10 -0.11
C ALA C 513 -35.97 -27.13 -1.51
N VAL C 514 -37.16 -27.71 -1.63
CA VAL C 514 -37.91 -27.72 -2.89
C VAL C 514 -39.00 -26.65 -2.82
N ALA C 515 -39.03 -25.77 -3.83
CA ALA C 515 -39.69 -24.50 -3.66
C ALA C 515 -39.88 -23.79 -5.00
N PRO C 516 -40.47 -22.58 -5.02
CA PRO C 516 -40.19 -21.63 -6.11
C PRO C 516 -38.83 -20.95 -6.01
N LEU C 517 -37.91 -21.49 -5.21
CA LEU C 517 -36.61 -20.88 -5.01
C LEU C 517 -35.80 -20.93 -6.31
N ALA C 518 -35.61 -19.76 -6.91
CA ALA C 518 -35.15 -19.61 -8.29
C ALA C 518 -33.62 -19.63 -8.33
N ILE C 519 -33.07 -20.27 -9.37
CA ILE C 519 -31.65 -20.33 -9.59
C ILE C 519 -31.13 -18.98 -10.05
N THR C 520 -30.31 -18.34 -9.22
CA THR C 520 -29.63 -17.11 -9.59
C THR C 520 -28.13 -17.34 -9.54
N TYR C 521 -27.37 -16.26 -9.69
CA TYR C 521 -25.92 -16.39 -9.63
C TYR C 521 -25.41 -16.10 -8.22
N VAL C 522 -26.11 -15.23 -7.49
CA VAL C 522 -25.68 -14.89 -6.13
C VAL C 522 -26.07 -16.01 -5.16
N ARG C 523 -27.02 -16.84 -5.55
CA ARG C 523 -27.34 -18.02 -4.75
C ARG C 523 -26.45 -19.20 -5.11
N GLU C 524 -25.80 -19.15 -6.27
CA GLU C 524 -24.92 -20.24 -6.68
C GLU C 524 -23.64 -20.26 -5.86
N LYS C 525 -23.22 -19.09 -5.38
CA LYS C 525 -22.05 -18.99 -4.53
C LYS C 525 -22.30 -19.50 -3.12
N VAL C 526 -23.57 -19.72 -2.76
CA VAL C 526 -23.94 -20.02 -1.39
C VAL C 526 -24.50 -21.43 -1.28
N ILE C 527 -25.53 -21.73 -2.08
CA ILE C 527 -26.14 -23.06 -2.06
C ILE C 527 -25.94 -23.69 -3.43
N ASP C 528 -26.40 -24.91 -3.59
CA ASP C 528 -26.25 -25.63 -4.86
C ASP C 528 -27.63 -26.08 -5.34
N PHE C 529 -27.78 -26.12 -6.66
CA PHE C 529 -29.07 -26.38 -7.27
C PHE C 529 -29.04 -27.67 -8.08
N SER C 530 -30.19 -28.33 -8.13
CA SER C 530 -30.34 -29.57 -8.88
C SER C 530 -30.19 -29.38 -10.37
N LYS C 531 -31.16 -28.70 -10.98
CA LYS C 531 -31.29 -28.43 -12.41
C LYS C 531 -32.53 -27.57 -12.53
N PRO C 532 -32.65 -26.70 -13.54
CA PRO C 532 -33.96 -26.07 -13.79
C PRO C 532 -35.03 -27.07 -14.17
N PHE C 533 -36.04 -27.22 -13.30
CA PHE C 533 -37.13 -28.14 -13.62
C PHE C 533 -38.34 -27.39 -14.16
N MET C 534 -38.38 -26.07 -13.99
CA MET C 534 -39.35 -25.21 -14.65
C MET C 534 -38.62 -23.99 -15.16
N THR C 535 -38.33 -23.96 -16.46
CA THR C 535 -37.73 -22.80 -17.10
C THR C 535 -38.73 -21.65 -17.09
N LEU C 536 -38.26 -20.42 -16.91
CA LEU C 536 -39.11 -19.40 -16.30
C LEU C 536 -38.52 -18.00 -16.43
N GLY C 537 -39.30 -16.97 -16.15
CA GLY C 537 -38.83 -15.61 -16.30
C GLY C 537 -39.44 -14.68 -15.28
N ILE C 538 -38.96 -13.43 -15.29
CA ILE C 538 -39.58 -12.36 -14.52
C ILE C 538 -40.57 -11.66 -15.43
N SER C 539 -41.76 -11.36 -14.93
CA SER C 539 -42.67 -10.52 -15.68
C SER C 539 -43.42 -9.56 -14.76
N ILE C 540 -44.39 -8.82 -15.31
CA ILE C 540 -45.08 -7.79 -14.56
C ILE C 540 -46.55 -8.16 -14.46
N LEU C 541 -47.12 -8.07 -13.27
CA LEU C 541 -48.57 -8.20 -13.10
C LEU C 541 -49.17 -6.82 -12.89
N TYR C 542 -50.25 -6.55 -13.62
CA TYR C 542 -50.89 -5.24 -13.56
C TYR C 542 -52.37 -5.36 -13.89
N ARG C 543 -53.17 -4.48 -13.31
CA ARG C 543 -54.62 -4.42 -13.52
C ARG C 543 -54.95 -4.18 -14.98
N LYS C 544 -55.74 -5.07 -15.60
CA LYS C 544 -56.08 -5.00 -17.01
C LYS C 544 -56.91 -3.74 -17.27
N PRO C 545 -56.88 -3.16 -18.49
CA PRO C 545 -57.46 -1.83 -18.69
C PRO C 545 -58.98 -1.75 -18.46
N ASN C 546 -59.37 -0.70 -17.75
CA ASN C 546 -60.69 -0.51 -17.17
C ASN C 546 -61.43 0.58 -17.93
N TRP C 640 -79.39 32.73 -39.49
CA TRP C 640 -79.26 31.95 -38.26
C TRP C 640 -78.76 30.54 -38.57
N TRP C 641 -78.99 30.08 -39.79
CA TRP C 641 -78.47 28.79 -40.22
C TRP C 641 -76.95 28.82 -40.34
N PHE C 642 -76.39 29.99 -40.64
CA PHE C 642 -74.94 30.14 -40.64
C PHE C 642 -74.39 30.13 -39.21
N PHE C 643 -75.18 30.58 -38.24
CA PHE C 643 -74.75 30.51 -36.84
C PHE C 643 -74.74 29.07 -36.35
N THR C 644 -75.63 28.24 -36.88
CA THR C 644 -75.60 26.82 -36.58
C THR C 644 -74.43 26.13 -37.27
N LEU C 645 -73.95 26.73 -38.36
CA LEU C 645 -72.85 26.15 -39.13
C LEU C 645 -71.51 26.35 -38.40
N ILE C 646 -71.46 27.34 -37.51
CA ILE C 646 -70.24 27.61 -36.77
C ILE C 646 -70.19 26.81 -35.48
N ILE C 647 -71.35 26.64 -34.82
CA ILE C 647 -71.38 25.99 -33.51
C ILE C 647 -71.16 24.48 -33.65
N ILE C 648 -71.38 23.94 -34.86
CA ILE C 648 -71.03 22.54 -35.11
C ILE C 648 -69.55 22.41 -35.43
N SER C 649 -68.93 23.48 -35.93
CA SER C 649 -67.51 23.44 -36.22
C SER C 649 -66.69 23.45 -34.95
N SER C 650 -67.10 24.26 -33.97
CA SER C 650 -66.46 24.24 -32.66
C SER C 650 -66.78 22.97 -31.92
N TYR C 651 -67.93 22.35 -32.20
CA TYR C 651 -68.22 21.04 -31.61
C TYR C 651 -67.39 19.95 -32.26
N THR C 652 -67.14 20.06 -33.57
CA THR C 652 -66.28 19.10 -34.25
C THR C 652 -64.83 19.27 -33.83
N ALA C 653 -64.40 20.53 -33.66
CA ALA C 653 -63.03 20.80 -33.23
C ALA C 653 -62.81 20.36 -31.79
N ASN C 654 -63.84 20.48 -30.95
CA ASN C 654 -63.75 19.94 -29.60
C ASN C 654 -63.74 18.42 -29.63
N LEU C 655 -64.47 17.82 -30.57
CA LEU C 655 -64.54 16.36 -30.64
C LEU C 655 -63.26 15.80 -31.26
N ALA C 656 -62.67 16.52 -32.21
CA ALA C 656 -61.41 16.07 -32.80
C ALA C 656 -60.25 16.24 -31.83
N ALA C 657 -60.37 17.20 -30.90
CA ALA C 657 -59.33 17.39 -29.90
C ALA C 657 -59.34 16.26 -28.88
N PHE C 658 -60.53 15.81 -28.49
CA PHE C 658 -60.62 14.76 -27.48
C PHE C 658 -60.36 13.38 -28.07
N LEU C 659 -60.75 13.17 -29.33
CA LEU C 659 -60.53 11.87 -29.96
C LEU C 659 -59.06 11.68 -30.32
N THR C 660 -58.29 12.77 -30.41
CA THR C 660 -56.88 12.65 -30.72
C THR C 660 -56.08 12.27 -29.49
N VAL C 661 -56.37 12.90 -28.34
CA VAL C 661 -55.52 12.75 -27.16
C VAL C 661 -55.74 11.39 -26.51
N GLU C 662 -56.92 10.80 -26.71
CA GLU C 662 -57.12 9.46 -26.16
C GLU C 662 -56.63 8.38 -27.11
N ARG C 663 -56.22 8.74 -28.32
CA ARG C 663 -55.62 7.77 -29.24
C ARG C 663 -54.13 7.96 -29.41
N MET C 664 -53.51 8.88 -28.66
CA MET C 664 -52.08 8.87 -28.43
C MET C 664 -51.72 8.05 -27.21
N GLU C 665 -52.68 7.86 -26.31
CA GLU C 665 -52.43 7.25 -25.02
C GLU C 665 -52.18 5.76 -25.16
N SER C 666 -50.99 5.35 -24.73
CA SER C 666 -50.63 3.96 -24.72
C SER C 666 -50.62 3.56 -23.25
N PRO C 667 -51.25 2.44 -22.88
CA PRO C 667 -51.17 1.96 -21.50
C PRO C 667 -49.78 1.38 -21.22
N ILE C 668 -49.62 0.93 -19.97
CA ILE C 668 -48.33 0.42 -19.52
C ILE C 668 -48.13 -0.95 -20.16
N ASP C 669 -47.38 -0.99 -21.26
CA ASP C 669 -47.14 -2.25 -21.94
C ASP C 669 -45.88 -2.94 -21.42
N SER C 670 -44.73 -2.31 -21.60
CA SER C 670 -43.47 -2.96 -21.29
C SER C 670 -42.86 -2.37 -20.03
N ALA C 671 -41.72 -2.91 -19.63
CA ALA C 671 -40.97 -2.39 -18.50
C ALA C 671 -40.37 -1.02 -18.80
N ASP C 672 -39.95 -0.75 -20.04
CA ASP C 672 -39.46 0.57 -20.39
C ASP C 672 -40.61 1.57 -20.45
N ASP C 673 -41.82 1.11 -20.77
CA ASP C 673 -43.00 1.95 -20.63
C ASP C 673 -43.35 2.15 -19.16
N LEU C 674 -42.83 1.27 -18.30
CA LEU C 674 -43.11 1.32 -16.88
C LEU C 674 -41.95 1.93 -16.11
N ALA C 675 -40.81 2.14 -16.78
CA ALA C 675 -39.63 2.63 -16.07
C ALA C 675 -39.66 4.14 -15.88
N LYS C 676 -40.47 4.82 -16.70
CA LYS C 676 -40.43 6.28 -16.73
C LYS C 676 -41.42 6.87 -15.72
N GLN C 677 -42.66 6.39 -15.73
CA GLN C 677 -43.71 6.92 -14.87
C GLN C 677 -43.47 6.58 -13.42
N THR C 678 -43.64 7.57 -12.53
CA THR C 678 -43.54 7.33 -11.10
C THR C 678 -44.89 7.37 -10.40
N LYS C 679 -45.99 7.45 -11.16
CA LYS C 679 -47.32 7.36 -10.56
C LYS C 679 -47.66 5.90 -10.30
N ILE C 680 -47.64 5.08 -11.36
CA ILE C 680 -47.92 3.65 -11.25
C ILE C 680 -46.73 3.00 -10.57
N GLU C 681 -46.90 2.60 -9.31
CA GLU C 681 -45.75 2.21 -8.52
C GLU C 681 -45.44 0.72 -8.68
N TYR C 682 -44.24 0.35 -8.26
CA TYR C 682 -43.63 -0.92 -8.62
C TYR C 682 -43.65 -1.80 -7.37
N GLY C 683 -43.23 -3.05 -7.48
CA GLY C 683 -43.07 -3.81 -6.27
C GLY C 683 -42.68 -5.25 -6.55
N ALA C 684 -41.93 -5.81 -5.60
CA ALA C 684 -41.51 -7.20 -5.66
C ALA C 684 -41.64 -7.83 -4.28
N VAL C 685 -41.48 -9.15 -4.19
CA VAL C 685 -41.42 -9.82 -2.90
C VAL C 685 -40.12 -9.40 -2.23
N GLU C 686 -40.22 -8.89 -1.00
CA GLU C 686 -39.02 -8.46 -0.27
C GLU C 686 -38.18 -9.68 0.07
N ASP C 687 -36.88 -9.58 -0.19
CA ASP C 687 -35.89 -10.66 -0.12
C ASP C 687 -36.29 -11.83 -1.01
N GLY C 688 -36.35 -11.58 -2.32
CA GLY C 688 -36.64 -12.64 -3.28
C GLY C 688 -35.63 -12.56 -4.42
N ALA C 689 -35.82 -13.45 -5.38
CA ALA C 689 -34.90 -13.48 -6.53
C ALA C 689 -35.15 -12.31 -7.46
N THR C 690 -36.38 -11.79 -7.46
CA THR C 690 -36.70 -10.65 -8.31
C THR C 690 -36.18 -9.36 -7.69
N MET C 691 -36.31 -9.22 -6.37
CA MET C 691 -35.77 -8.05 -5.68
C MET C 691 -34.25 -8.00 -5.77
N THR C 692 -33.61 -9.18 -5.72
CA THR C 692 -32.16 -9.23 -5.77
C THR C 692 -31.65 -8.91 -7.16
N PHE C 693 -32.41 -9.30 -8.18
CA PHE C 693 -31.99 -9.10 -9.57
C PHE C 693 -31.96 -7.62 -9.94
N PHE C 694 -32.99 -6.87 -9.51
CA PHE C 694 -33.02 -5.45 -9.81
C PHE C 694 -32.01 -4.66 -9.00
N LYS C 695 -31.59 -5.20 -7.85
CA LYS C 695 -30.55 -4.55 -7.06
C LYS C 695 -29.18 -4.76 -7.69
N LYS C 696 -28.97 -5.92 -8.32
CA LYS C 696 -27.66 -6.27 -8.85
C LYS C 696 -27.67 -6.39 -10.38
N SER C 697 -28.34 -5.45 -11.05
CA SER C 697 -28.32 -5.38 -12.50
C SER C 697 -27.68 -4.07 -12.94
N LYS C 698 -27.06 -4.09 -14.11
CA LYS C 698 -26.41 -2.92 -14.67
C LYS C 698 -27.16 -2.30 -15.82
N ILE C 699 -28.30 -2.87 -16.20
CA ILE C 699 -29.16 -2.35 -17.26
C ILE C 699 -29.76 -1.03 -16.78
N SER C 700 -29.68 0.01 -17.62
CA SER C 700 -30.11 1.34 -17.22
C SER C 700 -31.63 1.43 -17.09
N THR C 701 -32.36 0.53 -17.75
CA THR C 701 -33.80 0.48 -17.57
C THR C 701 -34.15 -0.12 -16.22
N TYR C 702 -33.37 -1.10 -15.79
CA TYR C 702 -33.71 -1.84 -14.57
C TYR C 702 -33.07 -1.21 -13.35
N ASP C 703 -31.99 -0.45 -13.54
CA ASP C 703 -31.36 0.24 -12.41
C ASP C 703 -32.20 1.42 -11.97
N LYS C 704 -32.90 2.07 -12.91
CA LYS C 704 -33.79 3.16 -12.55
C LYS C 704 -35.05 2.64 -11.88
N MET C 705 -35.45 1.40 -12.19
CA MET C 705 -36.58 0.78 -11.51
C MET C 705 -36.25 0.42 -10.07
N TRP C 706 -34.98 0.14 -9.79
CA TRP C 706 -34.59 -0.19 -8.42
C TRP C 706 -34.52 1.05 -7.54
N ALA C 707 -34.18 2.20 -8.14
CA ALA C 707 -34.09 3.44 -7.38
C ALA C 707 -35.46 3.90 -6.90
N PHE C 708 -36.51 3.53 -7.65
CA PHE C 708 -37.86 3.86 -7.22
C PHE C 708 -38.32 2.94 -6.08
N MET C 709 -37.90 1.67 -6.12
CA MET C 709 -38.33 0.74 -5.09
C MET C 709 -37.48 0.88 -3.83
N SER C 710 -36.24 1.35 -3.98
CA SER C 710 -35.40 1.58 -2.81
C SER C 710 -35.82 2.84 -2.07
N SER C 711 -36.31 3.84 -2.79
CA SER C 711 -36.76 5.09 -2.18
C SER C 711 -38.09 4.92 -1.48
N ARG C 712 -39.00 4.15 -2.09
CA ARG C 712 -40.33 3.94 -1.56
C ARG C 712 -40.40 2.66 -0.72
N ARG C 713 -39.26 2.24 -0.19
CA ARG C 713 -38.97 0.94 0.42
C ARG C 713 -40.04 0.34 1.33
N GLN C 714 -40.56 1.12 2.26
CA GLN C 714 -41.46 0.58 3.28
C GLN C 714 -42.88 0.41 2.78
N SER C 715 -43.18 0.85 1.56
CA SER C 715 -44.54 0.78 1.04
C SER C 715 -44.70 0.00 -0.26
N VAL C 716 -43.64 -0.22 -1.03
CA VAL C 716 -43.80 -0.88 -2.32
C VAL C 716 -43.35 -2.34 -2.29
N LEU C 717 -42.42 -2.69 -1.41
CA LEU C 717 -41.95 -4.07 -1.31
C LEU C 717 -42.81 -4.79 -0.29
N VAL C 718 -43.90 -5.40 -0.76
CA VAL C 718 -44.77 -6.18 0.11
C VAL C 718 -44.09 -7.51 0.39
N LYS C 719 -44.51 -8.21 1.44
CA LYS C 719 -43.83 -9.45 1.77
C LYS C 719 -44.79 -10.63 1.67
N SER C 720 -45.10 -11.01 0.43
CA SER C 720 -45.75 -12.25 -0.01
C SER C 720 -45.93 -12.12 -1.52
N ASN C 721 -46.41 -13.17 -2.17
CA ASN C 721 -47.02 -12.97 -3.47
C ASN C 721 -48.50 -12.69 -3.30
N GLU C 722 -49.04 -12.97 -2.11
CA GLU C 722 -50.46 -12.77 -1.85
C GLU C 722 -50.80 -11.29 -1.67
N GLU C 723 -49.97 -10.57 -0.91
CA GLU C 723 -50.16 -9.13 -0.77
C GLU C 723 -49.85 -8.39 -2.05
N GLY C 724 -49.07 -9.00 -2.94
CA GLY C 724 -48.89 -8.47 -4.27
C GLY C 724 -50.17 -8.52 -5.08
N ILE C 725 -51.01 -9.54 -4.85
CA ILE C 725 -52.28 -9.62 -5.55
C ILE C 725 -53.25 -8.57 -5.02
N GLN C 726 -53.19 -8.33 -3.70
CA GLN C 726 -54.10 -7.40 -3.06
C GLN C 726 -53.81 -5.96 -3.48
N ARG C 727 -52.54 -5.65 -3.73
CA ARG C 727 -52.16 -4.26 -3.97
C ARG C 727 -52.33 -3.90 -5.45
N VAL C 728 -52.34 -4.90 -6.34
CA VAL C 728 -52.69 -4.63 -7.74
C VAL C 728 -54.20 -4.46 -7.87
N LEU C 729 -54.96 -5.25 -7.13
CA LEU C 729 -56.42 -5.22 -7.21
C LEU C 729 -56.99 -3.93 -6.62
N THR C 730 -56.30 -3.37 -5.62
CA THR C 730 -56.50 -2.00 -5.14
C THR C 730 -55.76 -1.02 -6.04
N SER C 731 -55.38 0.14 -5.49
CA SER C 731 -54.81 1.27 -6.21
C SER C 731 -53.58 0.96 -7.08
N ASP C 732 -53.21 1.93 -7.94
CA ASP C 732 -52.32 1.77 -9.10
C ASP C 732 -50.93 1.22 -8.72
N TYR C 733 -50.68 -0.01 -9.15
CA TYR C 733 -49.58 -0.82 -8.68
C TYR C 733 -49.31 -1.94 -9.68
N ALA C 734 -48.03 -2.08 -10.05
CA ALA C 734 -47.59 -3.07 -11.03
C ALA C 734 -46.60 -4.01 -10.35
N PHE C 735 -47.08 -5.18 -9.94
CA PHE C 735 -46.27 -6.08 -9.15
C PHE C 735 -45.43 -6.97 -10.05
N LEU C 736 -44.26 -7.37 -9.56
CA LEU C 736 -43.23 -8.00 -10.38
C LEU C 736 -43.09 -9.45 -9.97
N MET C 737 -43.88 -10.33 -10.58
CA MET C 737 -43.90 -11.73 -10.22
C MET C 737 -42.88 -12.48 -11.07
N GLU C 738 -42.77 -13.78 -10.83
CA GLU C 738 -42.13 -14.65 -11.80
C GLU C 738 -43.14 -15.00 -12.88
N SER C 739 -42.67 -15.62 -13.96
CA SER C 739 -43.51 -15.83 -15.13
C SER C 739 -44.59 -16.88 -14.92
N THR C 740 -44.34 -17.92 -14.13
CA THR C 740 -45.34 -18.97 -13.99
C THR C 740 -46.49 -18.55 -13.09
N THR C 741 -46.18 -17.93 -11.94
CA THR C 741 -47.23 -17.56 -10.99
C THR C 741 -48.13 -16.43 -11.50
N ILE C 742 -47.75 -15.80 -12.62
CA ILE C 742 -48.68 -15.04 -13.43
C ILE C 742 -49.88 -15.90 -13.85
N GLU C 743 -49.60 -17.07 -14.45
CA GLU C 743 -50.68 -17.82 -15.10
C GLU C 743 -51.58 -18.54 -14.09
N PHE C 744 -51.16 -18.61 -12.82
CA PHE C 744 -52.10 -19.00 -11.80
C PHE C 744 -53.09 -17.87 -11.56
N VAL C 745 -52.57 -16.65 -11.49
CA VAL C 745 -53.39 -15.51 -11.10
C VAL C 745 -54.18 -14.98 -12.29
N THR C 746 -53.56 -14.95 -13.47
CA THR C 746 -54.26 -14.46 -14.65
C THR C 746 -55.18 -15.49 -15.29
N GLN C 747 -55.47 -16.59 -14.60
CA GLN C 747 -56.58 -17.46 -14.96
C GLN C 747 -57.57 -17.65 -13.83
N ARG C 748 -57.11 -17.56 -12.57
CA ARG C 748 -58.04 -17.51 -11.44
C ARG C 748 -58.74 -16.16 -11.36
N ASN C 749 -58.05 -15.08 -11.69
CA ASN C 749 -58.59 -13.72 -11.62
C ASN C 749 -58.48 -13.10 -13.01
N CYS C 750 -59.61 -12.90 -13.67
CA CYS C 750 -59.64 -12.13 -14.91
C CYS C 750 -59.90 -10.65 -14.66
N ASN C 751 -59.18 -10.05 -13.72
CA ASN C 751 -59.01 -8.61 -13.69
C ASN C 751 -57.56 -8.22 -13.84
N LEU C 752 -56.66 -9.20 -13.95
CA LEU C 752 -55.22 -8.97 -13.96
C LEU C 752 -54.62 -9.62 -15.19
N THR C 753 -53.64 -8.95 -15.79
CA THR C 753 -53.00 -9.46 -16.99
C THR C 753 -51.49 -9.31 -16.90
N GLN C 754 -50.80 -10.11 -17.71
CA GLN C 754 -49.36 -10.04 -17.89
C GLN C 754 -48.96 -8.96 -18.87
N ILE C 755 -48.59 -7.77 -18.40
CA ILE C 755 -48.15 -6.74 -19.33
C ILE C 755 -46.64 -6.90 -19.51
N GLY C 756 -46.20 -6.88 -20.76
CA GLY C 756 -44.77 -7.02 -21.03
C GLY C 756 -44.44 -8.42 -21.47
N GLY C 757 -43.17 -8.77 -21.28
CA GLY C 757 -42.68 -10.09 -21.62
C GLY C 757 -41.70 -10.59 -20.59
N LEU C 758 -40.85 -11.54 -20.96
CA LEU C 758 -39.85 -12.06 -20.05
C LEU C 758 -38.71 -11.07 -19.89
N ILE C 759 -38.52 -10.57 -18.66
CA ILE C 759 -37.42 -9.65 -18.38
C ILE C 759 -36.09 -10.40 -18.36
N ASP C 760 -36.03 -11.51 -17.62
CA ASP C 760 -34.82 -12.33 -17.55
C ASP C 760 -35.21 -13.78 -17.37
N SER C 761 -34.67 -14.63 -18.22
CA SER C 761 -34.93 -16.07 -18.17
C SER C 761 -34.23 -16.67 -16.97
N LYS C 762 -35.02 -17.21 -16.04
CA LYS C 762 -34.52 -17.89 -14.85
C LYS C 762 -34.98 -19.35 -14.87
N GLY C 763 -34.78 -20.03 -13.75
CA GLY C 763 -35.25 -21.39 -13.61
C GLY C 763 -35.43 -21.78 -12.16
N TYR C 764 -36.56 -22.38 -11.83
CA TYR C 764 -36.74 -22.90 -10.47
C TYR C 764 -35.84 -24.10 -10.27
N GLY C 765 -35.40 -24.31 -9.03
CA GLY C 765 -34.48 -25.39 -8.76
C GLY C 765 -34.56 -25.89 -7.34
N VAL C 766 -34.39 -27.20 -7.15
CA VAL C 766 -34.37 -27.77 -5.81
C VAL C 766 -33.07 -27.38 -5.13
N GLY C 767 -33.17 -26.61 -4.06
CA GLY C 767 -32.00 -26.07 -3.39
C GLY C 767 -31.45 -27.05 -2.35
N THR C 768 -30.17 -27.37 -2.49
CA THR C 768 -29.45 -28.24 -1.58
C THR C 768 -28.31 -27.40 -1.03
N PRO C 769 -27.75 -27.74 0.16
CA PRO C 769 -26.61 -26.96 0.68
C PRO C 769 -25.35 -27.06 -0.16
N MET C 770 -24.35 -26.25 0.18
CA MET C 770 -23.11 -26.21 -0.59
C MET C 770 -22.33 -27.50 -0.46
N GLY C 771 -22.04 -28.12 -1.61
CA GLY C 771 -21.36 -29.39 -1.65
C GLY C 771 -22.19 -30.51 -1.07
N SER C 772 -23.49 -30.48 -1.31
CA SER C 772 -24.36 -31.51 -0.80
C SER C 772 -24.20 -32.79 -1.62
N PRO C 773 -24.18 -33.96 -0.97
CA PRO C 773 -24.08 -35.21 -1.72
C PRO C 773 -25.37 -35.62 -2.39
N TYR C 774 -26.48 -34.96 -2.09
CA TYR C 774 -27.78 -35.33 -2.64
C TYR C 774 -28.05 -34.62 -3.95
N ARG C 775 -27.21 -33.66 -4.34
CA ARG C 775 -27.50 -32.81 -5.49
C ARG C 775 -27.39 -33.60 -6.79
N ASP C 776 -26.45 -34.56 -6.85
CA ASP C 776 -26.26 -35.33 -8.07
C ASP C 776 -27.29 -36.44 -8.18
N LYS C 777 -28.07 -36.66 -7.12
CA LYS C 777 -29.11 -37.69 -7.17
C LYS C 777 -30.49 -37.09 -7.31
N ILE C 778 -30.62 -35.77 -7.12
CA ILE C 778 -31.87 -35.09 -7.45
C ILE C 778 -31.90 -34.77 -8.94
N THR C 779 -30.74 -34.39 -9.49
CA THR C 779 -30.65 -33.99 -10.90
C THR C 779 -30.97 -35.14 -11.83
N ILE C 780 -30.47 -36.34 -11.52
CA ILE C 780 -30.85 -37.53 -12.29
C ILE C 780 -32.30 -37.88 -12.02
N ALA C 781 -32.80 -37.57 -10.82
CA ALA C 781 -34.20 -37.87 -10.51
C ALA C 781 -35.15 -36.89 -11.17
N ILE C 782 -34.64 -35.76 -11.66
CA ILE C 782 -35.47 -34.82 -12.41
C ILE C 782 -35.41 -35.14 -13.90
N LEU C 783 -34.23 -35.50 -14.39
CA LEU C 783 -34.06 -35.80 -15.81
C LEU C 783 -34.72 -37.11 -16.19
N GLN C 784 -34.99 -37.97 -15.20
CA GLN C 784 -35.87 -39.11 -15.45
C GLN C 784 -37.33 -38.70 -15.36
N LEU C 785 -37.62 -37.62 -14.62
CA LEU C 785 -38.99 -37.32 -14.27
C LEU C 785 -39.71 -36.59 -15.41
N GLN C 786 -38.95 -35.96 -16.29
CA GLN C 786 -39.58 -35.28 -17.42
C GLN C 786 -39.54 -36.14 -18.68
N GLU C 787 -38.60 -37.10 -18.75
CA GLU C 787 -38.60 -38.05 -19.84
C GLU C 787 -39.72 -39.08 -19.67
N GLU C 788 -40.15 -39.30 -18.43
CA GLU C 788 -41.35 -40.08 -18.19
C GLU C 788 -42.58 -39.23 -18.46
N GLY C 789 -42.40 -37.91 -18.48
CA GLY C 789 -43.46 -37.00 -18.84
C GLY C 789 -44.37 -36.65 -17.68
N LYS C 790 -43.80 -36.46 -16.51
CA LYS C 790 -44.62 -36.11 -15.36
C LYS C 790 -44.40 -34.69 -14.86
N LEU C 791 -43.31 -34.04 -15.27
CA LEU C 791 -43.18 -32.61 -15.00
C LEU C 791 -44.15 -31.79 -15.85
N HIS C 792 -44.60 -32.37 -16.96
CA HIS C 792 -45.66 -31.76 -17.76
C HIS C 792 -47.02 -32.21 -17.25
N MET C 793 -47.08 -33.39 -16.63
CA MET C 793 -48.35 -33.93 -16.17
C MET C 793 -48.74 -33.29 -14.84
N MET C 794 -47.78 -33.14 -13.93
CA MET C 794 -48.02 -32.44 -12.67
C MET C 794 -48.23 -30.96 -12.89
N LYS C 795 -47.72 -30.45 -14.02
CA LYS C 795 -47.94 -29.07 -14.43
C LYS C 795 -49.42 -28.82 -14.64
N GLU C 796 -50.03 -29.49 -15.62
CA GLU C 796 -51.45 -29.27 -15.87
C GLU C 796 -52.33 -30.07 -14.92
N LYS C 797 -52.14 -29.86 -13.62
CA LYS C 797 -53.01 -30.39 -12.57
C LYS C 797 -53.26 -29.23 -11.61
N TRP C 798 -52.36 -28.25 -11.63
CA TRP C 798 -52.45 -27.09 -10.76
C TRP C 798 -52.58 -25.77 -11.52
N TRP C 799 -52.20 -25.71 -12.79
CA TRP C 799 -52.29 -24.46 -13.53
C TRP C 799 -53.61 -24.31 -14.26
N ARG C 800 -54.50 -25.30 -14.19
CA ARG C 800 -55.81 -25.22 -14.83
C ARG C 800 -56.77 -24.48 -13.89
N GLY C 801 -56.61 -23.16 -13.84
CA GLY C 801 -57.47 -22.32 -13.05
C GLY C 801 -58.70 -21.87 -13.80
N ASN C 802 -59.60 -22.83 -14.07
CA ASN C 802 -60.93 -22.67 -14.66
C ASN C 802 -60.95 -22.22 -16.12
N GLY C 803 -59.79 -21.92 -16.70
CA GLY C 803 -59.68 -21.47 -18.07
C GLY C 803 -60.45 -20.19 -18.39
N CYS C 804 -60.07 -19.08 -17.76
CA CYS C 804 -60.80 -17.84 -17.89
C CYS C 804 -60.19 -16.97 -18.97
N PRO C 805 -60.92 -16.69 -20.07
CA PRO C 805 -60.42 -15.86 -21.17
C PRO C 805 -60.51 -14.37 -20.85
N HIS D 34 16.16 -28.96 66.90
CA HIS D 34 15.84 -30.05 65.99
C HIS D 34 16.57 -29.89 64.66
N VAL D 35 16.89 -31.01 64.03
CA VAL D 35 17.59 -30.99 62.74
C VAL D 35 16.75 -31.72 61.70
N LEU D 36 16.31 -31.00 60.68
CA LEU D 36 15.62 -31.58 59.54
C LEU D 36 16.50 -31.40 58.31
N ARG D 37 16.54 -32.43 57.46
CA ARG D 37 17.44 -32.44 56.31
C ARG D 37 16.64 -32.53 55.01
N PHE D 38 16.52 -31.39 54.34
CA PHE D 38 15.89 -31.36 53.02
C PHE D 38 16.81 -32.01 51.99
N GLY D 39 16.26 -32.94 51.22
CA GLY D 39 17.01 -33.66 50.21
C GLY D 39 17.02 -32.90 48.90
N GLY D 40 18.09 -33.14 48.13
CA GLY D 40 18.25 -32.44 46.88
C GLY D 40 18.90 -33.33 45.84
N ILE D 41 18.38 -33.23 44.63
CA ILE D 41 18.89 -33.96 43.47
C ILE D 41 19.12 -32.96 42.35
N PHE D 42 20.36 -32.83 41.89
CA PHE D 42 20.73 -31.76 40.98
C PHE D 42 21.61 -32.33 39.88
N GLU D 43 21.97 -31.46 38.93
CA GLU D 43 22.65 -31.87 37.71
C GLU D 43 24.14 -32.09 37.95
N TYR D 44 24.67 -33.16 37.37
CA TYR D 44 26.11 -33.44 37.42
C TYR D 44 26.76 -32.61 36.32
N VAL D 45 27.59 -31.67 36.73
CA VAL D 45 28.05 -30.55 35.92
C VAL D 45 29.57 -30.56 35.77
N GLU D 46 30.15 -31.77 35.63
CA GLU D 46 31.52 -32.18 35.92
C GLU D 46 32.63 -31.14 35.74
N SER D 47 32.68 -30.52 34.57
CA SER D 47 33.67 -29.47 34.35
C SER D 47 33.04 -28.09 34.54
N GLY D 48 33.02 -27.62 35.79
CA GLY D 48 32.46 -26.32 36.08
C GLY D 48 31.98 -26.19 37.51
N PRO D 49 31.42 -25.02 37.84
CA PRO D 49 30.89 -24.80 39.19
C PRO D 49 29.54 -25.49 39.40
N MET D 50 28.95 -25.23 40.56
CA MET D 50 27.63 -25.74 40.88
C MET D 50 26.58 -25.09 39.99
N GLY D 51 25.46 -25.77 39.76
CA GLY D 51 24.43 -25.27 38.87
C GLY D 51 23.68 -24.07 39.42
N ALA D 52 22.81 -23.53 38.58
CA ALA D 52 22.00 -22.39 38.96
C ALA D 52 20.97 -22.77 40.00
N GLU D 53 20.47 -24.00 39.94
CA GLU D 53 19.52 -24.47 40.93
C GLU D 53 20.21 -24.74 42.26
N GLU D 54 21.36 -25.41 42.21
CA GLU D 54 21.99 -25.92 43.44
C GLU D 54 22.59 -24.79 44.27
N LEU D 55 23.18 -23.79 43.60
CA LEU D 55 23.64 -22.60 44.31
C LEU D 55 22.47 -21.87 44.96
N ALA D 56 21.36 -21.73 44.23
CA ALA D 56 20.20 -21.06 44.79
C ALA D 56 19.44 -21.95 45.77
N PHE D 57 19.72 -23.26 45.76
CA PHE D 57 19.20 -24.12 46.82
C PHE D 57 19.99 -23.94 48.10
N ARG D 58 21.31 -23.96 48.00
CA ARG D 58 22.16 -23.82 49.18
C ARG D 58 22.15 -22.39 49.70
N PHE D 59 21.89 -21.42 48.82
CA PHE D 59 21.71 -20.04 49.28
C PHE D 59 20.39 -19.88 50.01
N ALA D 60 19.38 -20.66 49.62
CA ALA D 60 18.09 -20.58 50.29
C ALA D 60 18.13 -21.20 51.67
N VAL D 61 18.94 -22.24 51.86
CA VAL D 61 19.05 -22.89 53.17
C VAL D 61 19.83 -22.01 54.13
N ASN D 62 20.88 -21.36 53.64
CA ASN D 62 21.77 -20.61 54.52
C ASN D 62 21.15 -19.28 54.94
N THR D 63 20.09 -18.84 54.27
CA THR D 63 19.40 -17.64 54.71
C THR D 63 18.18 -17.98 55.56
N ILE D 64 18.04 -19.26 55.91
CA ILE D 64 17.01 -19.66 56.87
C ILE D 64 17.67 -20.19 58.15
N ASN D 65 18.88 -20.73 58.02
CA ASN D 65 19.70 -21.04 59.20
C ASN D 65 20.03 -19.78 59.99
N ARG D 66 20.67 -18.81 59.34
CA ARG D 66 20.75 -17.45 59.84
C ARG D 66 19.47 -16.75 59.43
N ASN D 67 19.22 -15.54 59.96
CA ASN D 67 18.04 -14.73 59.65
C ASN D 67 16.76 -15.51 59.95
N ARG D 68 16.49 -15.77 61.24
CA ARG D 68 15.29 -16.54 61.58
C ARG D 68 14.13 -15.59 61.92
N THR D 69 13.28 -15.37 60.93
CA THR D 69 11.87 -15.05 61.16
C THR D 69 11.00 -16.24 60.84
N LEU D 70 11.59 -17.23 60.16
CA LEU D 70 11.15 -18.61 60.03
C LEU D 70 11.67 -19.38 61.24
N LEU D 71 11.80 -20.71 61.11
CA LEU D 71 12.05 -21.72 62.14
C LEU D 71 13.07 -21.31 63.20
N PRO D 72 12.62 -21.04 64.42
CA PRO D 72 13.55 -20.60 65.47
C PRO D 72 14.40 -21.72 66.05
N ASN D 73 13.79 -22.88 66.31
CA ASN D 73 14.47 -23.96 66.99
C ASN D 73 15.38 -24.73 66.04
N THR D 74 15.00 -24.78 64.76
CA THR D 74 15.45 -25.75 63.78
C THR D 74 16.64 -25.20 63.01
N THR D 75 17.58 -26.07 62.67
CA THR D 75 18.87 -25.73 62.09
C THR D 75 19.07 -26.47 60.76
N LEU D 76 18.11 -26.30 59.84
CA LEU D 76 17.93 -27.08 58.61
C LEU D 76 19.19 -27.40 57.83
N THR D 77 19.52 -28.67 57.72
CA THR D 77 20.67 -29.11 56.93
C THR D 77 20.20 -29.53 55.55
N TYR D 78 21.09 -30.11 54.75
CA TYR D 78 20.72 -30.53 53.41
C TYR D 78 21.59 -31.69 52.94
N ASP D 79 21.00 -32.63 52.23
CA ASP D 79 21.77 -33.61 51.48
C ASP D 79 21.68 -33.23 50.00
N THR D 80 22.68 -33.61 49.22
CA THR D 80 22.69 -33.23 47.81
C THR D 80 23.37 -34.31 46.98
N GLN D 81 22.69 -34.81 45.96
CA GLN D 81 23.26 -35.82 45.08
C GLN D 81 23.34 -35.27 43.67
N LYS D 82 24.34 -35.74 42.94
CA LYS D 82 24.59 -35.34 41.57
C LYS D 82 24.16 -36.47 40.65
N ILE D 83 22.91 -36.44 40.19
CA ILE D 83 22.58 -37.35 39.11
C ILE D 83 23.04 -36.71 37.81
N ASN D 84 23.29 -37.56 36.82
CA ASN D 84 23.30 -37.12 35.45
C ASN D 84 21.84 -37.10 35.04
N LEU D 85 21.38 -35.95 34.54
CA LEU D 85 20.05 -35.91 33.94
C LEU D 85 20.08 -36.64 32.61
N TYR D 86 18.88 -36.87 32.05
CA TYR D 86 18.61 -37.68 30.87
C TYR D 86 18.98 -39.13 31.21
N ASP D 87 18.76 -39.49 32.48
CA ASP D 87 19.07 -40.80 33.03
C ASP D 87 18.14 -41.06 34.20
N SER D 88 17.13 -41.91 34.01
CA SER D 88 16.05 -42.01 34.98
C SER D 88 16.35 -43.01 36.08
N PHE D 89 17.44 -43.77 35.97
CA PHE D 89 17.71 -44.79 36.98
C PHE D 89 18.71 -44.31 38.03
N GLU D 90 19.60 -43.38 37.65
CA GLU D 90 20.42 -42.74 38.67
C GLU D 90 19.58 -41.77 39.50
N ALA D 91 18.49 -41.26 38.93
CA ALA D 91 17.56 -40.45 39.70
C ALA D 91 16.78 -41.30 40.70
N SER D 92 16.67 -42.60 40.44
CA SER D 92 15.95 -43.47 41.35
C SER D 92 16.86 -44.03 42.43
N LYS D 93 18.15 -44.19 42.13
CA LYS D 93 19.07 -44.69 43.14
C LYS D 93 19.43 -43.63 44.16
N LYS D 94 19.68 -42.40 43.69
CA LYS D 94 20.06 -41.33 44.61
C LYS D 94 18.87 -40.87 45.44
N ALA D 95 17.66 -41.11 44.95
CA ALA D 95 16.47 -40.86 45.77
C ALA D 95 16.36 -41.89 46.90
N CYS D 96 16.67 -43.16 46.60
CA CYS D 96 16.61 -44.18 47.64
C CYS D 96 17.78 -44.07 48.61
N ASP D 97 18.88 -43.43 48.18
CA ASP D 97 20.00 -43.20 49.09
C ASP D 97 19.66 -42.10 50.08
N GLN D 98 18.93 -41.07 49.63
CA GLN D 98 18.53 -40.01 50.54
C GLN D 98 17.43 -40.46 51.50
N LEU D 99 16.51 -41.32 51.02
CA LEU D 99 15.45 -41.80 51.88
C LEU D 99 15.94 -42.81 52.91
N SER D 100 17.02 -43.54 52.60
CA SER D 100 17.66 -44.35 53.63
C SER D 100 18.43 -43.48 54.61
N LEU D 101 18.88 -42.32 54.15
CA LEU D 101 19.65 -41.41 54.98
C LEU D 101 18.69 -40.59 55.83
N GLY D 102 17.42 -40.52 55.42
CA GLY D 102 16.40 -39.89 56.24
C GLY D 102 16.14 -38.43 55.93
N VAL D 103 15.81 -38.12 54.68
CA VAL D 103 15.42 -36.76 54.31
C VAL D 103 13.95 -36.54 54.63
N ALA D 104 13.52 -35.28 54.61
CA ALA D 104 12.13 -34.94 54.91
C ALA D 104 11.40 -34.52 53.65
N ALA D 105 12.15 -34.13 52.62
CA ALA D 105 11.59 -33.65 51.37
C ALA D 105 12.65 -33.67 50.27
N ILE D 106 12.34 -34.27 49.13
CA ILE D 106 13.26 -34.30 48.00
C ILE D 106 12.89 -33.13 47.08
N PHE D 107 13.84 -32.22 46.89
CA PHE D 107 13.70 -31.18 45.88
C PHE D 107 14.29 -31.70 44.58
N GLY D 108 13.50 -32.47 43.84
CA GLY D 108 14.01 -33.35 42.81
C GLY D 108 14.50 -32.67 41.55
N PRO D 109 14.86 -33.47 40.54
CA PRO D 109 15.57 -32.94 39.37
C PRO D 109 14.69 -32.14 38.43
N SER D 110 15.28 -31.73 37.30
CA SER D 110 14.62 -30.86 36.36
C SER D 110 13.95 -31.57 35.20
N HIS D 111 14.55 -32.61 34.64
CA HIS D 111 14.05 -33.20 33.40
C HIS D 111 12.91 -34.16 33.68
N SER D 112 11.98 -34.28 32.73
CA SER D 112 10.73 -35.00 32.93
C SER D 112 10.93 -36.51 33.01
N SER D 113 11.98 -37.03 32.40
CA SER D 113 12.23 -38.47 32.48
C SER D 113 12.73 -38.84 33.87
N SER D 114 13.41 -37.91 34.54
CA SER D 114 13.93 -38.19 35.87
C SER D 114 12.94 -37.80 36.95
N ALA D 115 12.21 -36.71 36.74
CA ALA D 115 11.32 -36.22 37.78
C ALA D 115 10.06 -37.06 37.89
N ASN D 116 9.67 -37.73 36.81
CA ASN D 116 8.56 -38.68 36.90
C ASN D 116 8.95 -39.91 37.73
N ALA D 117 10.23 -40.27 37.72
CA ALA D 117 10.66 -41.44 38.49
C ALA D 117 10.82 -41.11 39.95
N VAL D 118 11.08 -39.83 40.26
CA VAL D 118 11.30 -39.46 41.66
C VAL D 118 9.97 -39.30 42.39
N GLN D 119 8.94 -38.74 41.73
CA GLN D 119 7.67 -38.57 42.42
C GLN D 119 6.95 -39.90 42.56
N SER D 120 7.30 -40.89 41.74
CA SER D 120 6.74 -42.22 41.91
C SER D 120 7.35 -42.91 43.12
N ILE D 121 8.59 -42.54 43.48
CA ILE D 121 9.19 -43.01 44.71
C ILE D 121 8.60 -42.25 45.89
N CYS D 122 8.44 -40.95 45.73
CA CYS D 122 7.96 -40.09 46.82
C CYS D 122 6.48 -40.32 47.10
N ASN D 123 5.75 -40.85 46.12
CA ASN D 123 4.37 -41.26 46.40
C ASN D 123 4.35 -42.54 47.21
N ALA D 124 5.19 -43.50 46.86
CA ALA D 124 5.16 -44.81 47.50
C ALA D 124 5.76 -44.81 48.90
N LEU D 125 6.50 -43.76 49.28
CA LEU D 125 7.11 -43.74 50.59
C LEU D 125 6.68 -42.52 51.40
N GLY D 126 5.64 -41.83 50.95
CA GLY D 126 5.04 -40.79 51.74
C GLY D 126 5.69 -39.42 51.69
N VAL D 127 7.01 -39.39 51.49
CA VAL D 127 7.85 -38.20 51.62
C VAL D 127 7.51 -37.20 50.52
N PRO D 128 7.38 -35.91 50.85
CA PRO D 128 7.06 -34.89 49.83
C PRO D 128 8.11 -34.69 48.75
N HIS D 129 7.67 -34.70 47.50
CA HIS D 129 8.48 -34.21 46.39
C HIS D 129 8.08 -32.79 46.04
N ILE D 130 9.07 -31.89 45.97
CA ILE D 130 8.78 -30.51 45.63
C ILE D 130 9.50 -30.17 44.34
N GLN D 131 8.73 -29.86 43.29
CA GLN D 131 9.29 -29.69 41.97
C GLN D 131 9.48 -28.22 41.65
N THR D 132 10.32 -27.92 40.67
CA THR D 132 10.65 -26.53 40.38
C THR D 132 10.59 -26.25 38.89
N ARG D 133 10.33 -27.28 38.09
CA ARG D 133 10.33 -27.14 36.64
C ARG D 133 8.99 -27.60 36.11
N TRP D 134 8.71 -27.24 34.86
CA TRP D 134 7.55 -27.81 34.22
C TRP D 134 7.80 -29.28 33.89
N LYS D 135 6.76 -30.08 34.09
CA LYS D 135 6.79 -31.49 33.79
C LYS D 135 5.41 -31.89 33.32
N HIS D 136 5.32 -32.60 32.19
CA HIS D 136 4.00 -33.04 31.77
C HIS D 136 3.49 -34.17 32.63
N GLN D 137 2.56 -33.86 33.53
CA GLN D 137 1.89 -34.86 34.34
C GLN D 137 0.90 -35.58 33.42
N VAL D 138 1.10 -36.89 33.27
CA VAL D 138 0.10 -37.70 32.61
C VAL D 138 -1.15 -37.72 33.50
N SER D 139 -2.32 -37.55 32.88
CA SER D 139 -3.57 -37.42 33.62
C SER D 139 -4.03 -38.71 34.27
N ASP D 140 -3.33 -39.82 34.04
CA ASP D 140 -3.59 -41.07 34.73
C ASP D 140 -2.66 -41.31 35.90
N ASN D 141 -1.71 -40.40 36.15
CA ASN D 141 -0.87 -40.49 37.35
C ASN D 141 -1.70 -40.09 38.57
N LYS D 142 -2.36 -41.08 39.15
CA LYS D 142 -3.08 -40.86 40.39
C LYS D 142 -2.08 -40.72 41.52
N ASP D 143 -1.58 -39.49 41.69
CA ASP D 143 -0.44 -39.19 42.53
C ASP D 143 -0.79 -37.96 43.35
N SER D 144 -0.48 -38.00 44.64
CA SER D 144 -0.88 -36.94 45.54
C SER D 144 0.31 -36.17 46.08
N PHE D 145 1.48 -36.82 46.16
CA PHE D 145 2.59 -36.25 46.88
C PHE D 145 3.59 -35.53 45.97
N TYR D 146 3.15 -34.47 45.31
CA TYR D 146 4.05 -33.60 44.57
C TYR D 146 3.46 -32.20 44.48
N VAL D 147 4.29 -31.18 44.66
CA VAL D 147 3.90 -29.81 44.35
C VAL D 147 4.87 -29.27 43.32
N SER D 148 4.38 -28.34 42.50
CA SER D 148 5.17 -27.74 41.44
C SER D 148 5.13 -26.23 41.58
N LEU D 149 6.30 -25.62 41.72
CA LEU D 149 6.38 -24.17 41.82
C LEU D 149 6.57 -23.49 40.48
N TYR D 150 6.83 -24.25 39.41
CA TYR D 150 6.89 -23.63 38.11
C TYR D 150 5.46 -23.36 37.70
N PRO D 151 5.16 -22.19 37.15
CA PRO D 151 3.77 -21.82 36.87
C PRO D 151 3.15 -22.66 35.76
N ASP D 152 1.89 -23.03 35.94
CA ASP D 152 1.22 -23.95 35.03
C ASP D 152 1.01 -23.28 33.67
N PHE D 153 1.35 -24.01 32.61
CA PHE D 153 1.09 -23.53 31.26
C PHE D 153 -0.38 -23.59 30.86
N SER D 154 -1.26 -24.11 31.72
CA SER D 154 -2.67 -23.80 31.56
C SER D 154 -2.91 -22.31 31.74
N SER D 155 -2.17 -21.69 32.67
CA SER D 155 -2.36 -20.28 32.94
C SER D 155 -1.62 -19.40 31.93
N LEU D 156 -0.35 -19.73 31.65
CA LEU D 156 0.44 -18.88 30.76
C LEU D 156 -0.04 -18.91 29.33
N SER D 157 -0.58 -20.04 28.85
CA SER D 157 -1.11 -20.06 27.51
C SER D 157 -2.46 -19.35 27.42
N ARG D 158 -3.10 -19.12 28.57
CA ARG D 158 -4.20 -18.16 28.59
C ARG D 158 -3.68 -16.74 28.77
N ALA D 159 -2.49 -16.58 29.32
CA ALA D 159 -1.90 -15.25 29.46
C ALA D 159 -1.43 -14.72 28.11
N ILE D 160 -0.80 -15.58 27.31
CA ILE D 160 -0.33 -15.17 25.99
C ILE D 160 -1.51 -14.92 25.08
N LEU D 161 -2.59 -15.69 25.23
CA LEU D 161 -3.77 -15.50 24.40
C LEU D 161 -4.51 -14.22 24.74
N ASP D 162 -4.29 -13.70 25.95
CA ASP D 162 -4.80 -12.37 26.27
C ASP D 162 -3.99 -11.28 25.57
N LEU D 163 -2.66 -11.45 25.50
CA LEU D 163 -1.81 -10.46 24.85
C LEU D 163 -1.99 -10.45 23.35
N VAL D 164 -2.34 -11.59 22.75
CA VAL D 164 -2.62 -11.62 21.33
C VAL D 164 -3.91 -10.86 21.03
N GLN D 165 -4.88 -10.91 21.94
CA GLN D 165 -6.13 -10.19 21.77
C GLN D 165 -6.00 -8.71 22.15
N PHE D 166 -5.12 -8.39 23.09
CA PHE D 166 -4.85 -6.99 23.40
C PHE D 166 -4.11 -6.30 22.26
N PHE D 167 -3.30 -7.04 21.51
CA PHE D 167 -2.56 -6.49 20.40
C PHE D 167 -3.32 -6.56 19.09
N LYS D 168 -4.58 -7.03 19.12
CA LYS D 168 -5.50 -7.13 17.99
C LYS D 168 -4.96 -7.96 16.85
N TRP D 169 -4.19 -9.02 17.14
CA TRP D 169 -3.58 -9.81 16.08
C TRP D 169 -4.61 -10.70 15.40
N LYS D 170 -4.35 -11.02 14.13
CA LYS D 170 -5.21 -11.92 13.39
C LYS D 170 -4.42 -13.11 12.83
N THR D 171 -3.11 -13.07 12.89
CA THR D 171 -2.27 -14.14 12.36
C THR D 171 -0.98 -14.17 13.18
N VAL D 172 -0.67 -15.34 13.71
CA VAL D 172 0.54 -15.51 14.51
C VAL D 172 1.40 -16.61 13.91
N THR D 173 2.53 -16.90 14.55
CA THR D 173 3.38 -18.02 14.15
C THR D 173 4.06 -18.58 15.39
N VAL D 174 3.54 -19.67 15.91
CA VAL D 174 4.11 -20.27 17.11
C VAL D 174 5.37 -21.03 16.72
N VAL D 175 6.52 -20.46 17.06
CA VAL D 175 7.79 -21.16 16.84
C VAL D 175 8.22 -21.78 18.16
N TYR D 176 7.99 -23.07 18.32
CA TYR D 176 8.39 -23.72 19.56
C TYR D 176 9.76 -24.36 19.39
N ASP D 177 10.23 -25.07 20.43
CA ASP D 177 11.64 -25.43 20.45
C ASP D 177 11.88 -26.93 20.41
N ASP D 178 11.26 -27.67 21.34
CA ASP D 178 11.38 -29.11 21.36
C ASP D 178 9.98 -29.66 21.32
N SER D 179 9.80 -30.98 21.26
CA SER D 179 8.50 -31.61 21.02
C SER D 179 7.42 -31.28 22.03
N THR D 180 7.75 -31.07 23.30
CA THR D 180 6.75 -30.78 24.32
C THR D 180 6.18 -29.37 24.26
N GLY D 181 6.63 -28.56 23.30
CA GLY D 181 6.09 -27.21 23.17
C GLY D 181 4.65 -27.21 22.69
N LEU D 182 4.25 -28.28 22.01
CA LEU D 182 2.85 -28.43 21.63
C LEU D 182 1.99 -28.75 22.85
N ILE D 183 2.55 -29.49 23.81
CA ILE D 183 1.81 -29.78 25.03
C ILE D 183 1.76 -28.56 25.92
N ARG D 184 2.85 -27.78 25.97
CA ARG D 184 2.89 -26.57 26.77
C ARG D 184 1.96 -25.49 26.27
N LEU D 185 1.58 -25.51 24.99
CA LEU D 185 0.73 -24.47 24.43
C LEU D 185 -0.60 -25.00 23.91
N GLN D 186 -1.27 -25.86 24.67
CA GLN D 186 -2.55 -26.42 24.21
C GLN D 186 -3.63 -25.35 24.09
N GLU D 187 -3.68 -24.43 25.05
CA GLU D 187 -4.78 -23.49 25.09
C GLU D 187 -4.59 -22.35 24.10
N LEU D 188 -3.46 -22.34 23.40
CA LEU D 188 -3.23 -21.34 22.36
C LEU D 188 -3.39 -21.97 20.98
N ILE D 189 -3.12 -23.27 20.88
CA ILE D 189 -3.32 -24.04 19.66
C ILE D 189 -4.80 -24.34 19.48
N LYS D 190 -5.53 -24.50 20.58
CA LYS D 190 -6.97 -24.72 20.53
C LYS D 190 -7.76 -23.43 20.37
N ALA D 191 -7.08 -22.29 20.32
CA ALA D 191 -7.69 -20.97 20.18
C ALA D 191 -8.35 -20.64 18.84
N PRO D 192 -7.88 -21.13 17.64
CA PRO D 192 -8.68 -20.90 16.41
C PRO D 192 -10.04 -21.58 16.39
N SER D 193 -10.27 -22.54 17.27
CA SER D 193 -11.59 -23.16 17.36
C SER D 193 -12.63 -22.19 17.91
N ARG D 194 -12.18 -21.23 18.73
CA ARG D 194 -13.12 -20.34 19.39
C ARG D 194 -12.97 -18.87 18.99
N TYR D 195 -11.77 -18.43 18.58
CA TYR D 195 -11.62 -17.03 18.17
C TYR D 195 -11.27 -16.90 16.69
N ASN D 196 -11.02 -15.66 16.26
CA ASN D 196 -10.65 -15.35 14.89
C ASN D 196 -9.18 -15.62 14.60
N LEU D 197 -8.37 -15.90 15.64
CA LEU D 197 -6.93 -16.09 15.54
C LEU D 197 -6.55 -17.25 14.64
N ARG D 198 -5.49 -17.10 13.85
CA ARG D 198 -5.14 -18.07 12.81
C ARG D 198 -3.65 -18.42 12.94
N LEU D 199 -3.40 -19.52 13.65
CA LEU D 199 -2.04 -19.97 13.93
C LEU D 199 -1.35 -20.60 12.72
N LYS D 200 -0.02 -20.53 12.71
CA LYS D 200 0.80 -21.07 11.65
C LYS D 200 2.05 -21.72 12.27
N ILE D 201 1.82 -22.67 13.17
CA ILE D 201 2.80 -23.38 14.00
C ILE D 201 4.04 -23.85 13.24
N ARG D 202 5.23 -23.50 13.73
CA ARG D 202 6.50 -23.92 13.14
C ARG D 202 7.37 -24.48 14.26
N GLN D 203 8.50 -25.07 13.89
CA GLN D 203 9.40 -25.68 14.86
C GLN D 203 10.85 -25.49 14.44
N LEU D 204 11.68 -25.02 15.37
CA LEU D 204 13.12 -24.87 15.20
C LEU D 204 13.80 -26.21 14.89
N PRO D 205 14.96 -26.20 14.24
CA PRO D 205 15.69 -27.46 14.02
C PRO D 205 16.34 -28.00 15.28
N ALA D 206 17.05 -29.12 15.14
CA ALA D 206 17.80 -29.68 16.27
C ALA D 206 19.01 -28.82 16.60
N ASP D 207 19.52 -28.08 15.62
CA ASP D 207 20.70 -27.25 15.81
C ASP D 207 20.36 -25.92 16.46
N THR D 208 21.33 -25.01 16.51
CA THR D 208 21.12 -23.71 17.14
C THR D 208 21.16 -22.59 16.11
N LYS D 209 22.21 -22.56 15.30
CA LYS D 209 22.40 -21.49 14.32
C LYS D 209 21.79 -21.86 12.97
N ASP D 210 21.01 -22.94 12.95
CA ASP D 210 20.30 -23.34 11.74
C ASP D 210 18.89 -22.75 11.72
N ALA D 211 18.67 -21.64 12.42
CA ALA D 211 17.35 -21.02 12.46
C ALA D 211 17.17 -20.09 11.27
N LYS D 212 18.25 -19.83 10.54
CA LYS D 212 18.15 -18.96 9.35
C LYS D 212 17.33 -19.56 8.22
N PRO D 213 17.39 -20.90 7.90
CA PRO D 213 16.39 -21.42 6.94
C PRO D 213 14.96 -21.37 7.44
N LEU D 214 14.77 -21.34 8.75
CA LEU D 214 13.43 -21.13 9.28
C LEU D 214 13.02 -19.67 9.19
N LEU D 215 13.92 -18.76 9.56
CA LEU D 215 13.58 -17.34 9.56
C LEU D 215 13.47 -16.79 8.15
N LYS D 216 14.16 -17.38 7.19
CA LYS D 216 14.00 -16.98 5.80
C LYS D 216 12.65 -17.44 5.26
N GLU D 217 12.13 -18.55 5.79
CA GLU D 217 10.81 -19.02 5.41
C GLU D 217 9.73 -18.28 6.19
N MET D 218 10.11 -17.45 7.16
CA MET D 218 9.14 -16.61 7.84
C MET D 218 9.12 -15.20 7.27
N LYS D 219 10.26 -14.73 6.75
CA LYS D 219 10.30 -13.44 6.07
C LYS D 219 9.45 -13.49 4.81
N ARG D 220 9.72 -14.47 3.95
CA ARG D 220 8.76 -14.81 2.93
C ARG D 220 7.50 -15.35 3.59
N GLY D 221 6.35 -14.97 3.06
CA GLY D 221 5.09 -15.29 3.71
C GLY D 221 4.64 -14.28 4.74
N LYS D 222 5.49 -13.31 5.07
CA LYS D 222 5.15 -12.10 5.83
C LYS D 222 4.67 -12.44 7.25
N GLU D 223 5.53 -13.12 8.00
CA GLU D 223 5.20 -13.55 9.37
C GLU D 223 5.63 -12.44 10.32
N PHE D 224 4.74 -11.49 10.55
CA PHE D 224 5.07 -10.28 11.30
C PHE D 224 5.00 -10.52 12.80
N HIS D 225 4.21 -11.51 13.22
CA HIS D 225 3.80 -11.65 14.61
C HIS D 225 4.16 -13.03 15.14
N VAL D 226 5.14 -13.12 16.04
CA VAL D 226 5.75 -14.41 16.36
C VAL D 226 5.63 -14.65 17.87
N ILE D 227 5.41 -15.91 18.26
CA ILE D 227 5.19 -16.32 19.66
C ILE D 227 6.25 -17.35 20.04
N PHE D 228 7.53 -17.03 19.85
CA PHE D 228 8.66 -17.91 20.19
C PHE D 228 8.52 -18.58 21.55
N ASP D 229 8.44 -19.91 21.55
CA ASP D 229 8.43 -20.69 22.78
C ASP D 229 9.77 -21.37 22.96
N CYS D 230 10.72 -20.71 23.62
CA CYS D 230 12.04 -21.25 23.84
C CYS D 230 12.48 -20.97 25.27
N SER D 231 13.60 -21.58 25.66
CA SER D 231 14.31 -21.14 26.84
C SER D 231 15.06 -19.86 26.51
N HIS D 232 15.53 -19.17 27.55
CA HIS D 232 16.16 -17.87 27.35
C HIS D 232 17.56 -18.02 26.78
N GLU D 233 18.14 -19.22 26.85
CA GLU D 233 19.40 -19.48 26.16
C GLU D 233 19.20 -19.46 24.66
N MET D 234 18.12 -20.08 24.18
CA MET D 234 17.85 -20.06 22.76
C MET D 234 16.94 -18.91 22.35
N ALA D 235 16.38 -18.16 23.30
CA ALA D 235 15.69 -16.93 22.95
C ALA D 235 16.70 -15.85 22.57
N ALA D 236 17.89 -15.91 23.15
CA ALA D 236 18.96 -15.01 22.73
C ALA D 236 19.58 -15.47 21.42
N GLY D 237 19.55 -16.78 21.17
CA GLY D 237 20.20 -17.31 19.98
C GLY D 237 19.42 -17.03 18.71
N ILE D 238 18.08 -17.00 18.81
CA ILE D 238 17.27 -16.71 17.63
C ILE D 238 17.40 -15.25 17.24
N LEU D 239 17.36 -14.34 18.23
CA LEU D 239 17.44 -12.92 17.97
C LEU D 239 18.80 -12.51 17.40
N LYS D 240 19.82 -13.32 17.64
CA LYS D 240 21.10 -13.09 16.96
C LYS D 240 21.01 -13.47 15.49
N GLN D 241 20.30 -14.56 15.18
CA GLN D 241 19.98 -14.82 13.78
C GLN D 241 18.91 -13.88 13.25
N ALA D 242 17.97 -13.46 14.10
CA ALA D 242 16.90 -12.59 13.61
C ALA D 242 17.40 -11.17 13.37
N LEU D 243 18.54 -10.82 13.94
CA LEU D 243 19.18 -9.56 13.61
C LEU D 243 19.88 -9.65 12.26
N ALA D 244 20.59 -10.75 12.05
CA ALA D 244 21.36 -10.97 10.84
C ALA D 244 20.47 -11.19 9.63
N MET D 245 19.23 -11.62 9.85
CA MET D 245 18.29 -11.78 8.73
C MET D 245 17.62 -10.46 8.40
N GLY D 246 17.88 -9.42 9.18
CA GLY D 246 17.23 -8.15 8.96
C GLY D 246 15.79 -8.21 9.41
N MET D 247 15.53 -9.06 10.39
CA MET D 247 14.18 -9.22 10.92
C MET D 247 13.99 -8.50 12.25
N MET D 248 14.86 -7.58 12.63
CA MET D 248 14.61 -6.73 13.78
C MET D 248 14.19 -5.34 13.30
N THR D 249 12.94 -5.21 12.85
CA THR D 249 12.47 -3.96 12.28
C THR D 249 11.33 -3.39 13.10
N GLU D 250 10.75 -2.26 12.67
CA GLU D 250 9.55 -1.76 13.31
C GLU D 250 8.30 -2.49 12.85
N TYR D 251 8.41 -3.41 11.89
CA TYR D 251 7.27 -4.20 11.44
C TYR D 251 7.00 -5.39 12.33
N TYR D 252 8.02 -6.01 12.91
CA TYR D 252 7.89 -7.34 13.48
C TYR D 252 7.70 -7.23 14.99
N HIS D 253 7.03 -8.22 15.57
CA HIS D 253 6.58 -8.14 16.95
C HIS D 253 6.61 -9.55 17.55
N TYR D 254 7.36 -9.71 18.63
CA TYR D 254 7.71 -11.01 19.17
C TYR D 254 7.17 -11.16 20.58
N ILE D 255 6.49 -12.27 20.86
CA ILE D 255 6.10 -12.58 22.22
C ILE D 255 6.88 -13.79 22.70
N PHE D 256 7.64 -13.62 23.77
CA PHE D 256 8.43 -14.72 24.31
C PHE D 256 7.71 -15.36 25.48
N THR D 257 7.64 -16.69 25.45
CA THR D 257 6.86 -17.43 26.43
C THR D 257 7.66 -17.70 27.69
N THR D 258 8.96 -17.50 27.64
CA THR D 258 9.83 -17.75 28.79
C THR D 258 9.65 -16.64 29.82
N LEU D 259 10.07 -16.95 31.04
CA LEU D 259 9.94 -16.02 32.16
C LEU D 259 11.28 -15.37 32.47
N ASP D 260 12.28 -15.66 31.65
CA ASP D 260 13.57 -15.00 31.76
C ASP D 260 13.84 -14.05 30.61
N LEU D 261 12.84 -13.31 30.14
CA LEU D 261 13.02 -12.33 29.08
C LEU D 261 13.88 -11.18 29.58
N PHE D 262 13.73 -10.86 30.86
CA PHE D 262 14.36 -9.71 31.50
C PHE D 262 15.86 -9.91 31.65
N ALA D 263 16.34 -11.13 31.48
CA ALA D 263 17.77 -11.42 31.48
C ALA D 263 18.36 -11.59 30.09
N LEU D 264 17.84 -10.92 29.08
CA LEU D 264 18.48 -10.91 27.77
C LEU D 264 19.22 -9.61 27.54
N ASP D 265 20.23 -9.66 26.68
CA ASP D 265 20.97 -8.47 26.28
C ASP D 265 20.21 -7.79 25.16
N VAL D 266 19.43 -6.77 25.50
CA VAL D 266 18.61 -6.09 24.51
C VAL D 266 19.29 -4.80 24.07
N GLU D 267 20.56 -4.63 24.42
CA GLU D 267 21.37 -3.50 24.00
C GLU D 267 21.51 -3.34 22.48
N PRO D 268 21.76 -4.42 21.66
CA PRO D 268 21.78 -4.17 20.22
C PRO D 268 20.39 -4.13 19.60
N TYR D 269 19.35 -4.41 20.38
CA TYR D 269 18.01 -4.51 19.84
C TYR D 269 17.12 -3.37 20.32
N ARG D 270 17.64 -2.48 21.16
CA ARG D 270 16.80 -1.50 21.83
C ARG D 270 16.37 -0.38 20.88
N TYR D 271 17.22 -0.04 19.92
CA TYR D 271 16.94 1.05 19.00
C TYR D 271 16.36 0.57 17.68
N SER D 272 16.07 -0.72 17.56
CA SER D 272 15.69 -1.33 16.30
C SER D 272 14.33 -0.85 15.80
N GLY D 273 13.38 -0.73 16.69
CA GLY D 273 12.02 -0.44 16.30
C GLY D 273 11.13 -1.60 16.65
N VAL D 274 11.75 -2.73 17.02
CA VAL D 274 11.04 -3.90 17.50
C VAL D 274 10.32 -3.60 18.79
N ASN D 275 9.32 -4.42 19.10
CA ASN D 275 8.49 -4.23 20.27
C ASN D 275 8.26 -5.55 20.98
N MET D 276 9.37 -6.27 21.23
CA MET D 276 9.45 -7.51 22.00
C MET D 276 8.62 -7.48 23.27
N THR D 277 7.70 -8.42 23.40
CA THR D 277 6.79 -8.49 24.53
C THR D 277 7.02 -9.84 25.20
N GLY D 278 6.69 -9.94 26.48
CA GLY D 278 6.89 -11.20 27.18
C GLY D 278 6.33 -11.12 28.58
N PHE D 279 6.89 -11.96 29.46
CA PHE D 279 6.43 -11.98 30.84
C PHE D 279 7.62 -12.02 31.78
N ARG D 280 7.34 -11.81 33.06
CA ARG D 280 8.35 -11.74 34.09
C ARG D 280 7.65 -11.94 35.42
N ILE D 281 8.02 -12.99 36.14
CA ILE D 281 7.30 -13.34 37.37
C ILE D 281 8.07 -12.85 38.60
N LEU D 282 9.35 -12.54 38.43
CA LEU D 282 10.20 -12.00 39.49
C LEU D 282 9.62 -10.69 40.03
N ASN D 283 9.65 -10.54 41.34
CA ASN D 283 8.97 -9.40 41.93
C ASN D 283 9.98 -8.27 42.11
N THR D 284 10.59 -7.83 41.00
CA THR D 284 11.70 -6.88 41.03
C THR D 284 11.21 -5.44 41.15
N GLU D 285 10.39 -5.21 42.17
CA GLU D 285 9.99 -3.88 42.60
C GLU D 285 10.27 -3.73 44.08
N ASN D 286 9.99 -4.80 44.84
CA ASN D 286 10.23 -4.78 46.28
C ASN D 286 11.73 -4.80 46.57
N THR D 287 12.13 -4.00 47.55
CA THR D 287 13.54 -3.94 47.96
C THR D 287 13.95 -5.23 48.65
N GLN D 288 12.99 -5.93 49.24
CA GLN D 288 13.27 -7.24 49.83
C GLN D 288 13.65 -8.25 48.75
N VAL D 289 12.91 -8.25 47.63
CA VAL D 289 13.20 -9.16 46.53
C VAL D 289 14.47 -8.72 45.82
N SER D 290 14.66 -7.41 45.66
CA SER D 290 15.79 -6.90 44.90
C SER D 290 17.09 -7.09 45.66
N SER D 291 17.04 -7.15 46.99
CA SER D 291 18.25 -7.37 47.76
C SER D 291 18.75 -8.80 47.65
N ILE D 292 17.83 -9.77 47.61
CA ILE D 292 18.21 -11.17 47.54
C ILE D 292 18.81 -11.48 46.17
N ILE D 293 18.33 -10.81 45.13
CA ILE D 293 18.91 -10.93 43.79
C ILE D 293 20.32 -10.36 43.78
N GLU D 294 20.55 -9.28 44.54
CA GLU D 294 21.90 -8.73 44.67
C GLU D 294 22.79 -9.66 45.48
N LYS D 295 22.28 -10.20 46.60
CA LYS D 295 23.09 -11.05 47.47
C LYS D 295 23.44 -12.37 46.79
N TRP D 296 22.56 -12.86 45.93
CA TRP D 296 22.84 -14.11 45.22
C TRP D 296 23.93 -13.91 44.17
N SER D 297 24.08 -12.68 43.69
CA SER D 297 24.98 -12.40 42.57
C SER D 297 26.45 -12.54 42.93
N MET D 298 26.79 -12.35 44.21
CA MET D 298 28.17 -12.45 44.70
C MET D 298 28.79 -13.82 44.48
N GLU D 299 28.10 -14.88 44.92
CA GLU D 299 28.64 -16.23 44.72
C GLU D 299 28.36 -16.73 43.30
N ARG D 300 27.56 -16.00 42.53
CA ARG D 300 27.34 -16.35 41.13
C ARG D 300 28.39 -15.69 40.23
N LEU D 301 28.88 -14.51 40.63
CA LEU D 301 29.91 -13.84 39.82
C LEU D 301 31.28 -14.45 40.06
N GLN D 302 31.38 -15.40 40.99
CA GLN D 302 32.60 -16.17 41.24
C GLN D 302 32.99 -16.98 40.01
N ALA D 303 32.00 -17.40 39.22
CA ALA D 303 32.22 -18.07 37.96
C ALA D 303 31.92 -17.16 36.79
N PRO D 304 32.78 -17.11 35.77
CA PRO D 304 32.55 -16.21 34.64
C PRO D 304 31.66 -16.85 33.59
N PRO D 305 30.77 -16.07 32.97
CA PRO D 305 29.97 -16.60 31.85
C PRO D 305 30.64 -16.36 30.51
N LYS D 306 30.03 -16.86 29.43
CA LYS D 306 30.54 -16.58 28.09
C LYS D 306 29.85 -15.34 27.52
N PRO D 307 30.60 -14.46 26.85
CA PRO D 307 30.01 -13.19 26.39
C PRO D 307 29.19 -13.33 25.12
N ASP D 308 29.45 -14.37 24.33
CA ASP D 308 28.82 -14.53 23.02
C ASP D 308 27.37 -14.98 23.10
N SER D 309 26.94 -15.41 24.29
CA SER D 309 25.59 -15.94 24.50
C SER D 309 24.51 -14.89 24.29
N GLY D 310 24.81 -13.64 24.64
CA GLY D 310 23.82 -12.58 24.58
C GLY D 310 22.98 -12.45 25.83
N LEU D 311 23.51 -12.76 27.01
CA LEU D 311 22.76 -12.74 28.25
C LEU D 311 23.36 -11.71 29.20
N LEU D 312 22.50 -10.87 29.78
CA LEU D 312 22.95 -9.95 30.82
C LEU D 312 23.25 -10.73 32.09
N ASP D 313 24.53 -11.04 32.33
CA ASP D 313 24.93 -11.80 33.50
C ASP D 313 24.68 -11.05 34.80
N GLY D 314 24.56 -11.79 35.90
CA GLY D 314 24.25 -11.22 37.19
C GLY D 314 22.80 -11.30 37.62
N PHE D 315 21.87 -11.41 36.68
CA PHE D 315 20.46 -11.55 37.00
C PHE D 315 20.16 -12.96 37.46
N MET D 316 19.17 -13.09 38.33
CA MET D 316 18.79 -14.38 38.87
C MET D 316 17.65 -14.97 38.05
N THR D 317 17.90 -16.10 37.41
CA THR D 317 16.95 -16.72 36.51
C THR D 317 15.75 -17.26 37.27
N THR D 318 14.69 -17.58 36.53
CA THR D 318 13.47 -18.09 37.13
C THR D 318 13.68 -19.48 37.70
N ASP D 319 14.53 -20.28 37.07
CA ASP D 319 14.83 -21.63 37.57
C ASP D 319 15.58 -21.56 38.90
N ALA D 320 16.43 -20.54 39.06
CA ALA D 320 17.08 -20.35 40.34
C ALA D 320 16.15 -19.69 41.35
N ALA D 321 15.19 -18.89 40.89
CA ALA D 321 14.29 -18.19 41.80
C ALA D 321 13.31 -19.15 42.43
N LEU D 322 12.80 -20.11 41.66
CA LEU D 322 11.79 -21.02 42.17
C LEU D 322 12.36 -22.03 43.15
N MET D 323 13.65 -22.34 43.03
CA MET D 323 14.28 -23.22 44.02
C MET D 323 14.54 -22.47 45.31
N TYR D 324 14.74 -21.15 45.23
CA TYR D 324 14.80 -20.34 46.44
C TYR D 324 13.44 -20.31 47.13
N ASP D 325 12.37 -20.24 46.33
CA ASP D 325 11.03 -20.22 46.90
C ASP D 325 10.59 -21.59 47.38
N ALA D 326 11.17 -22.65 46.82
CA ALA D 326 10.75 -24.01 47.16
C ALA D 326 11.20 -24.37 48.57
N VAL D 327 12.31 -23.79 49.02
CA VAL D 327 12.77 -24.07 50.37
C VAL D 327 11.91 -23.31 51.37
N HIS D 328 11.54 -22.07 51.03
CA HIS D 328 10.76 -21.25 51.96
C HIS D 328 9.31 -21.73 52.07
N VAL D 329 8.73 -22.21 50.98
CA VAL D 329 7.32 -22.62 51.04
C VAL D 329 7.20 -23.95 51.78
N VAL D 330 8.29 -24.69 51.91
CA VAL D 330 8.31 -25.83 52.80
C VAL D 330 8.73 -25.40 54.20
N SER D 331 9.55 -24.34 54.29
CA SER D 331 9.97 -23.82 55.59
C SER D 331 8.81 -23.18 56.34
N VAL D 332 7.82 -22.68 55.60
CA VAL D 332 6.62 -22.16 56.27
C VAL D 332 5.70 -23.31 56.63
N ALA D 333 5.86 -24.46 55.95
CA ALA D 333 4.99 -25.59 56.21
C ALA D 333 5.45 -26.42 57.40
N VAL D 334 6.75 -26.51 57.62
CA VAL D 334 7.27 -27.15 58.82
C VAL D 334 7.05 -26.26 60.05
N GLN D 335 6.89 -24.94 59.82
CA GLN D 335 6.62 -24.00 60.90
C GLN D 335 5.29 -24.28 61.58
N GLN D 336 4.28 -24.70 60.82
CA GLN D 336 2.99 -25.00 61.41
C GLN D 336 2.88 -26.47 61.83
N PHE D 337 4.01 -27.16 61.93
CA PHE D 337 3.98 -28.58 62.30
C PHE D 337 5.33 -28.96 62.92
N PRO D 338 5.54 -28.68 64.21
CA PRO D 338 6.88 -28.82 64.79
C PRO D 338 7.18 -30.22 65.31
N GLN D 339 6.38 -31.21 64.93
CA GLN D 339 6.54 -32.55 65.47
C GLN D 339 7.11 -33.51 64.43
N MET D 340 8.05 -33.04 63.64
CA MET D 340 8.66 -33.85 62.58
C MET D 340 9.93 -34.51 63.09
N THR D 341 9.98 -35.83 62.89
CA THR D 341 11.19 -36.60 63.07
C THR D 341 11.44 -37.37 61.77
N VAL D 342 12.57 -37.15 61.14
CA VAL D 342 12.87 -37.77 59.85
C VAL D 342 13.14 -39.27 60.07
N SER D 343 12.60 -40.08 59.18
CA SER D 343 12.64 -41.53 59.33
C SER D 343 13.42 -42.16 58.19
N SER D 344 14.32 -43.08 58.53
CA SER D 344 15.10 -43.81 57.54
C SER D 344 14.18 -44.82 56.88
N LEU D 345 13.77 -44.53 55.65
CA LEU D 345 12.87 -45.39 54.90
C LEU D 345 13.63 -46.19 53.87
N GLN D 346 13.07 -47.32 53.47
CA GLN D 346 13.72 -48.20 52.53
C GLN D 346 12.88 -48.32 51.26
N CYS D 347 13.56 -48.44 50.12
CA CYS D 347 12.90 -48.73 48.85
C CYS D 347 12.67 -50.21 48.63
N ASN D 348 13.17 -51.06 49.53
CA ASN D 348 12.89 -52.49 49.45
C ASN D 348 11.46 -52.75 49.92
N ARG D 349 10.91 -51.86 50.72
CA ARG D 349 9.56 -51.97 51.23
C ARG D 349 8.76 -50.73 50.85
N HIS D 350 7.48 -50.75 51.20
CA HIS D 350 6.58 -49.62 50.93
C HIS D 350 5.98 -49.06 52.20
N LYS D 351 6.73 -49.04 53.31
CA LYS D 351 6.26 -48.41 54.53
C LYS D 351 6.20 -46.90 54.33
N PRO D 352 5.01 -46.29 54.39
CA PRO D 352 4.93 -44.85 54.16
C PRO D 352 5.49 -44.07 55.33
N TRP D 353 5.81 -42.81 55.12
CA TRP D 353 6.44 -41.98 56.15
C TRP D 353 5.32 -41.56 57.09
N ARG D 354 5.58 -41.65 58.39
CA ARG D 354 4.59 -41.51 59.45
C ARG D 354 3.92 -40.14 59.47
N PHE D 355 4.67 -39.11 59.09
CA PHE D 355 4.12 -37.77 59.05
C PHE D 355 3.85 -37.29 57.63
N GLY D 356 3.62 -38.21 56.70
CA GLY D 356 3.53 -37.87 55.29
C GLY D 356 2.28 -37.15 54.86
N THR D 357 1.11 -37.61 55.32
CA THR D 357 -0.16 -37.10 54.82
C THR D 357 -0.43 -35.69 55.33
N ARG D 358 -0.16 -35.43 56.61
CA ARG D 358 -0.48 -34.12 57.19
C ARG D 358 0.50 -33.06 56.71
N PHE D 359 1.78 -33.42 56.59
CA PHE D 359 2.78 -32.43 56.16
C PHE D 359 2.64 -32.11 54.68
N MET D 360 2.02 -33.01 53.91
CA MET D 360 1.65 -32.66 52.54
C MET D 360 0.45 -31.72 52.53
N SER D 361 -0.43 -31.81 53.52
CA SER D 361 -1.59 -30.92 53.57
C SER D 361 -1.20 -29.52 53.99
N LEU D 362 0.03 -29.33 54.48
CA LEU D 362 0.48 -28.01 54.88
C LEU D 362 1.36 -27.38 53.81
N ILE D 363 2.01 -28.21 52.98
CA ILE D 363 2.68 -27.68 51.80
C ILE D 363 1.65 -27.26 50.76
N LYS D 364 0.65 -28.11 50.52
CA LYS D 364 -0.38 -27.81 49.54
C LYS D 364 -1.36 -26.75 50.02
N GLU D 365 -1.37 -26.42 51.31
CA GLU D 365 -2.11 -25.27 51.82
C GLU D 365 -1.08 -24.36 52.47
N ALA D 366 -0.45 -23.52 51.65
CA ALA D 366 0.59 -22.62 52.12
C ALA D 366 0.46 -21.31 51.37
N HIS D 367 1.11 -20.28 51.91
CA HIS D 367 1.06 -18.96 51.29
C HIS D 367 2.33 -18.22 51.69
N TRP D 368 3.17 -17.92 50.71
CA TRP D 368 4.47 -17.29 50.95
C TRP D 368 4.77 -16.25 49.88
N GLU D 369 4.86 -14.99 50.29
CA GLU D 369 5.32 -13.94 49.40
C GLU D 369 6.82 -14.10 49.17
N GLY D 370 7.20 -14.64 48.02
CA GLY D 370 8.60 -14.91 47.75
C GLY D 370 9.17 -14.04 46.65
N LEU D 371 10.17 -14.55 45.93
CA LEU D 371 10.77 -13.80 44.85
C LEU D 371 9.82 -13.71 43.67
N THR D 372 8.98 -14.71 43.49
CA THR D 372 8.11 -14.79 42.33
C THR D 372 6.68 -14.37 42.63
N GLY D 373 6.43 -13.72 43.75
CA GLY D 373 5.11 -13.22 44.09
C GLY D 373 4.37 -14.17 45.01
N ARG D 374 3.06 -14.24 44.80
CA ARG D 374 2.19 -15.12 45.56
C ARG D 374 2.46 -16.57 45.20
N ILE D 375 2.55 -17.42 46.22
CA ILE D 375 2.78 -18.84 46.02
C ILE D 375 1.60 -19.57 46.66
N THR D 376 0.63 -19.95 45.82
CA THR D 376 -0.48 -20.77 46.21
C THR D 376 -0.36 -22.13 45.50
N PHE D 377 -1.26 -23.06 45.82
CA PHE D 377 -1.26 -24.35 45.14
C PHE D 377 -2.69 -24.78 44.85
N ASN D 378 -2.92 -25.37 43.68
CA ASN D 378 -4.25 -25.83 43.33
C ASN D 378 -4.41 -27.13 44.08
N LYS D 379 -5.26 -27.16 45.12
CA LYS D 379 -5.34 -28.28 46.05
C LYS D 379 -5.80 -29.57 45.39
N THR D 380 -6.54 -29.45 44.29
CA THR D 380 -6.94 -30.58 43.48
C THR D 380 -5.85 -31.02 42.49
N ASN D 381 -4.77 -30.22 42.37
CA ASN D 381 -3.61 -30.66 41.59
C ASN D 381 -2.38 -30.83 42.46
N GLY D 382 -1.98 -29.75 43.14
CA GLY D 382 -0.64 -29.64 43.67
C GLY D 382 0.16 -28.67 42.83
N LEU D 383 -0.35 -28.37 41.64
CA LEU D 383 0.29 -27.43 40.71
C LEU D 383 0.15 -26.00 41.19
N ARG D 384 0.83 -25.08 40.52
CA ARG D 384 0.74 -23.65 40.82
C ARG D 384 -0.04 -23.00 39.68
N THR D 385 -1.27 -22.59 39.97
CA THR D 385 -2.16 -22.05 38.95
C THR D 385 -2.45 -20.57 39.17
N ASP D 386 -2.54 -20.14 40.43
CA ASP D 386 -2.87 -18.75 40.76
C ASP D 386 -1.58 -18.04 41.18
N PHE D 387 -1.17 -17.06 40.38
CA PHE D 387 0.08 -16.34 40.56
C PHE D 387 -0.04 -14.99 39.87
N ASP D 388 1.04 -14.20 39.91
CA ASP D 388 1.01 -12.85 39.37
C ASP D 388 2.15 -12.68 38.37
N LEU D 389 1.82 -12.25 37.15
CA LEU D 389 2.82 -11.95 36.15
C LEU D 389 2.91 -10.46 35.87
N ASP D 390 4.05 -10.07 35.30
CA ASP D 390 4.28 -8.73 34.83
C ASP D 390 4.54 -8.82 33.33
N VAL D 391 4.21 -7.77 32.59
CA VAL D 391 4.04 -7.88 31.15
C VAL D 391 5.12 -7.02 30.50
N ILE D 392 6.37 -7.16 30.96
CA ILE D 392 7.51 -6.40 30.48
C ILE D 392 7.63 -6.38 28.95
N SER D 393 8.07 -5.25 28.41
CA SER D 393 8.12 -5.07 26.97
C SER D 393 9.31 -4.18 26.64
N LEU D 394 9.67 -4.16 25.35
CA LEU D 394 10.89 -3.49 24.90
C LEU D 394 10.53 -2.11 24.36
N LYS D 395 10.76 -1.09 25.18
CA LYS D 395 10.78 0.29 24.73
C LYS D 395 12.24 0.70 24.55
N GLU D 396 12.45 1.94 24.11
CA GLU D 396 13.79 2.38 23.73
C GLU D 396 14.72 2.66 24.92
N GLU D 397 14.29 2.37 26.14
CA GLU D 397 15.14 2.48 27.30
C GLU D 397 15.49 1.14 27.93
N GLY D 398 14.94 0.05 27.42
CA GLY D 398 15.21 -1.27 27.94
C GLY D 398 13.93 -2.08 27.98
N LEU D 399 13.94 -3.13 28.80
CA LEU D 399 12.76 -3.95 29.05
C LEU D 399 12.08 -3.44 30.30
N GLU D 400 10.89 -2.86 30.13
CA GLU D 400 10.16 -2.25 31.23
C GLU D 400 8.71 -2.71 31.23
N LYS D 401 8.10 -2.65 32.40
CA LYS D 401 6.72 -3.10 32.60
C LYS D 401 5.74 -2.21 31.85
N ILE D 402 4.76 -2.83 31.19
CA ILE D 402 3.66 -2.07 30.61
C ILE D 402 2.31 -2.63 31.05
N GLY D 403 2.31 -3.56 32.00
CA GLY D 403 1.03 -4.11 32.45
C GLY D 403 1.23 -5.17 33.52
N THR D 404 0.13 -5.88 33.81
CA THR D 404 0.11 -6.89 34.86
C THR D 404 -0.95 -7.94 34.54
N TRP D 405 -0.61 -9.22 34.63
CA TRP D 405 -1.57 -10.28 34.36
C TRP D 405 -1.88 -11.00 35.67
N ASP D 406 -3.10 -11.52 35.77
CA ASP D 406 -3.60 -12.17 36.97
C ASP D 406 -4.76 -13.05 36.52
N PRO D 407 -4.74 -14.38 36.81
CA PRO D 407 -5.78 -15.28 36.27
C PRO D 407 -7.19 -14.97 36.72
N ALA D 408 -7.34 -14.44 37.92
CA ALA D 408 -8.65 -14.09 38.45
C ALA D 408 -9.21 -12.87 37.74
N SER D 409 -8.49 -11.74 37.84
CA SER D 409 -8.96 -10.49 37.26
C SER D 409 -8.81 -10.47 35.75
N GLY D 410 -7.58 -10.56 35.25
CA GLY D 410 -7.35 -10.49 33.83
C GLY D 410 -6.02 -9.86 33.47
N LEU D 411 -6.05 -8.84 32.63
CA LEU D 411 -4.86 -8.21 32.07
C LEU D 411 -4.90 -6.72 32.37
N ASN D 412 -4.11 -6.29 33.35
CA ASN D 412 -4.24 -4.94 33.89
C ASN D 412 -3.27 -3.99 33.17
N MET D 413 -3.39 -3.92 31.84
CA MET D 413 -2.54 -3.10 30.99
C MET D 413 -2.51 -1.62 31.36
N THR D 414 -1.33 -1.09 31.70
CA THR D 414 -1.20 0.33 32.01
C THR D 414 -1.01 1.17 30.75
N GLU D 415 -1.86 0.95 29.75
CA GLU D 415 -1.95 1.79 28.57
C GLU D 415 -3.36 2.26 28.28
N SER D 416 -4.38 1.46 28.63
CA SER D 416 -5.75 1.93 28.81
C SER D 416 -6.01 2.35 30.26
N GLN D 417 -5.31 1.74 31.21
CA GLN D 417 -5.22 2.28 32.56
C GLN D 417 -4.52 3.62 32.59
N LYS D 418 -3.58 3.86 31.68
CA LYS D 418 -2.96 5.16 31.52
C LYS D 418 -3.96 6.23 31.11
N GLY D 419 -5.00 5.85 30.35
CA GLY D 419 -6.06 6.76 29.99
C GLY D 419 -6.87 7.22 31.20
N LYS D 420 -6.76 8.50 31.52
CA LYS D 420 -7.47 9.07 32.66
C LYS D 420 -8.55 10.01 32.14
N PRO D 421 -9.81 9.58 32.07
CA PRO D 421 -10.84 10.44 31.47
C PRO D 421 -11.47 11.40 32.46
N ALA D 422 -12.27 12.34 31.95
CA ALA D 422 -13.02 13.27 32.77
C ALA D 422 -14.25 13.74 32.00
N ASN D 423 -15.43 13.62 32.62
CA ASN D 423 -16.67 14.02 31.97
C ASN D 423 -16.76 15.54 31.90
N ILE D 424 -17.39 16.07 30.86
CA ILE D 424 -17.44 17.51 30.64
C ILE D 424 -18.88 17.98 30.67
N THR D 425 -19.80 17.13 31.13
CA THR D 425 -21.20 17.51 31.23
C THR D 425 -21.54 18.16 32.56
N ASP D 426 -20.59 18.23 33.49
CA ASP D 426 -20.83 18.83 34.79
C ASP D 426 -20.88 20.36 34.73
N SER D 427 -20.00 20.97 33.93
CA SER D 427 -20.00 22.41 33.77
C SER D 427 -20.88 22.82 32.59
N LEU D 428 -21.45 21.84 31.91
CA LEU D 428 -22.31 22.08 30.75
C LEU D 428 -23.67 22.62 31.22
N SER D 429 -24.04 22.31 32.46
CA SER D 429 -25.26 22.85 33.05
C SER D 429 -25.15 24.36 33.24
N ASN D 430 -23.95 24.85 33.51
CA ASN D 430 -23.69 26.28 33.58
C ASN D 430 -23.37 26.88 32.22
N ARG D 431 -22.82 26.10 31.30
CA ARG D 431 -22.42 26.58 29.99
C ARG D 431 -23.63 26.73 29.08
N SER D 432 -23.62 27.79 28.27
CA SER D 432 -24.73 28.13 27.40
C SER D 432 -24.85 27.16 26.23
N LEU D 433 -26.07 27.05 25.70
CA LEU D 433 -26.37 26.26 24.52
C LEU D 433 -26.91 27.24 23.48
N ILE D 434 -26.03 27.68 22.58
CA ILE D 434 -26.27 28.81 21.70
C ILE D 434 -26.78 28.27 20.36
N VAL D 435 -27.60 29.05 19.64
CA VAL D 435 -28.28 28.63 18.43
C VAL D 435 -27.94 29.58 17.28
N THR D 436 -27.78 29.05 16.06
CA THR D 436 -27.85 29.90 14.87
C THR D 436 -28.83 29.30 13.88
N THR D 437 -29.55 30.19 13.17
CA THR D 437 -30.52 29.87 12.13
C THR D 437 -30.95 31.14 11.41
N ILE D 438 -31.63 31.01 10.29
CA ILE D 438 -32.33 32.15 9.70
C ILE D 438 -33.77 31.73 9.50
N LEU D 439 -34.70 32.66 9.67
CA LEU D 439 -36.13 32.36 9.65
C LEU D 439 -36.62 32.12 8.23
N GLU D 440 -37.75 31.43 8.10
CA GLU D 440 -38.60 31.78 6.97
C GLU D 440 -40.00 32.23 7.41
N GLU D 441 -40.83 31.27 7.87
CA GLU D 441 -42.10 31.19 8.61
C GLU D 441 -42.49 29.72 8.62
N PRO D 442 -43.24 29.24 9.62
CA PRO D 442 -43.56 29.73 10.96
C PRO D 442 -42.46 29.32 11.94
N TYR D 443 -41.36 28.83 11.37
CA TYR D 443 -40.22 28.22 12.05
C TYR D 443 -39.62 29.16 13.07
N VAL D 444 -39.07 30.27 12.58
CA VAL D 444 -38.59 31.38 13.39
C VAL D 444 -39.28 32.61 12.81
N LEU D 445 -39.55 33.60 13.66
CA LEU D 445 -40.13 34.84 13.17
C LEU D 445 -39.34 36.03 13.73
N PHE D 446 -38.38 35.72 14.60
CA PHE D 446 -37.61 36.61 15.49
C PHE D 446 -38.43 37.72 16.15
N LYS D 447 -39.70 37.42 16.43
CA LYS D 447 -40.70 38.27 17.08
C LYS D 447 -40.71 39.67 16.47
N LYS D 448 -40.95 39.77 15.17
CA LYS D 448 -40.80 41.06 14.52
C LYS D 448 -42.01 41.95 14.82
N SER D 449 -41.69 43.12 15.37
CA SER D 449 -42.66 44.11 15.83
C SER D 449 -41.95 45.43 16.08
N ASP D 450 -42.64 46.37 16.71
CA ASP D 450 -42.08 47.68 17.04
C ASP D 450 -41.27 47.70 18.33
N LYS D 451 -41.42 46.69 19.18
CA LYS D 451 -40.86 46.68 20.53
C LYS D 451 -39.34 46.57 20.55
N PRO D 452 -38.68 47.07 21.62
CA PRO D 452 -37.21 46.97 21.71
C PRO D 452 -36.68 45.62 22.21
N LEU D 453 -37.49 44.57 22.06
CA LEU D 453 -37.13 43.19 22.36
C LEU D 453 -35.77 42.79 21.77
N TYR D 454 -34.87 42.33 22.65
CA TYR D 454 -33.48 42.10 22.34
C TYR D 454 -33.05 40.72 22.82
N GLY D 455 -31.84 40.32 22.41
CA GLY D 455 -31.21 39.12 22.90
C GLY D 455 -31.87 37.84 22.42
N ASN D 456 -32.10 36.94 23.39
CA ASN D 456 -32.83 35.71 23.11
C ASN D 456 -34.32 35.88 23.37
N ASP D 457 -34.75 37.05 23.84
CA ASP D 457 -36.17 37.38 23.89
C ASP D 457 -36.62 37.99 22.56
N ARG D 458 -35.70 38.08 21.61
CA ARG D 458 -35.91 38.69 20.31
C ARG D 458 -36.29 37.58 19.32
N PHE D 459 -36.97 36.54 19.80
CA PHE D 459 -37.29 35.39 18.98
C PHE D 459 -38.60 34.76 19.43
N GLU D 460 -39.60 34.74 18.54
CA GLU D 460 -40.67 33.74 18.65
C GLU D 460 -40.77 32.97 17.35
N GLY D 461 -41.32 31.77 17.44
CA GLY D 461 -41.53 30.92 16.29
C GLY D 461 -41.96 29.55 16.74
N TYR D 462 -42.16 28.67 15.76
CA TYR D 462 -42.42 27.27 16.06
C TYR D 462 -41.19 26.59 16.63
N CYS D 463 -40.00 26.95 16.12
CA CYS D 463 -38.79 26.24 16.51
C CYS D 463 -38.35 26.60 17.93
N ILE D 464 -38.56 27.86 18.33
CA ILE D 464 -38.08 28.24 19.65
C ILE D 464 -39.09 27.83 20.71
N ASP D 465 -40.37 27.71 20.36
CA ASP D 465 -41.38 27.30 21.31
C ASP D 465 -41.21 25.82 21.64
N LEU D 466 -40.66 25.06 20.69
CA LEU D 466 -40.07 23.77 21.01
C LEU D 466 -38.88 23.93 21.93
N LEU D 467 -37.94 24.81 21.57
CA LEU D 467 -36.71 25.04 22.31
C LEU D 467 -36.99 25.54 23.73
N ARG D 468 -38.05 26.34 23.88
CA ARG D 468 -38.48 26.76 25.21
C ARG D 468 -38.99 25.58 26.03
N GLU D 469 -39.75 24.68 25.41
CA GLU D 469 -40.22 23.50 26.13
C GLU D 469 -39.11 22.47 26.31
N LEU D 470 -38.08 22.53 25.44
CA LEU D 470 -36.87 21.78 25.71
C LEU D 470 -36.17 22.28 26.95
N SER D 471 -36.11 23.60 27.13
CA SER D 471 -35.43 24.21 28.27
CA SER D 471 -35.43 24.21 28.27
C SER D 471 -36.15 23.93 29.59
N THR D 472 -37.43 23.59 29.51
CA THR D 472 -38.17 23.16 30.69
C THR D 472 -37.67 21.79 31.13
N ILE D 473 -37.30 20.95 30.16
CA ILE D 473 -36.82 19.60 30.44
C ILE D 473 -35.31 19.61 30.59
N LEU D 474 -34.61 20.22 29.62
CA LEU D 474 -33.16 20.19 29.59
C LEU D 474 -32.56 21.16 30.60
N GLY D 475 -32.94 22.42 30.51
CA GLY D 475 -32.37 23.44 31.39
C GLY D 475 -31.17 24.13 30.81
N PHE D 476 -31.28 24.66 29.59
CA PHE D 476 -30.16 25.29 28.92
C PHE D 476 -30.45 26.78 28.72
N THR D 477 -29.44 27.62 28.93
CA THR D 477 -29.54 29.05 28.66
C THR D 477 -29.26 29.30 27.18
N TYR D 478 -30.30 29.69 26.43
CA TYR D 478 -30.19 29.74 24.99
C TYR D 478 -29.88 31.16 24.51
N GLU D 479 -29.10 31.22 23.44
CA GLU D 479 -28.90 32.45 22.67
C GLU D 479 -29.02 32.07 21.20
N ILE D 480 -29.70 32.93 20.43
CA ILE D 480 -30.00 32.63 19.03
C ILE D 480 -29.46 33.77 18.18
N ARG D 481 -28.79 33.41 17.09
CA ARG D 481 -28.30 34.40 16.14
C ARG D 481 -28.62 34.01 14.70
N LEU D 482 -28.16 34.81 13.75
CA LEU D 482 -28.43 34.58 12.34
C LEU D 482 -27.24 33.85 11.71
N VAL D 483 -27.30 33.66 10.38
CA VAL D 483 -26.35 32.80 9.68
C VAL D 483 -25.60 33.69 8.69
N GLU D 484 -24.51 33.16 8.10
CA GLU D 484 -23.60 33.97 7.30
C GLU D 484 -24.02 34.04 5.84
N ASP D 485 -24.16 32.89 5.16
CA ASP D 485 -24.49 32.91 3.74
C ASP D 485 -25.94 33.25 3.47
N GLY D 486 -26.82 32.94 4.43
CA GLY D 486 -28.24 33.11 4.22
C GLY D 486 -28.91 31.81 3.83
N LYS D 487 -28.13 30.74 3.77
CA LYS D 487 -28.63 29.44 3.36
C LYS D 487 -28.35 28.40 4.45
N TYR D 488 -28.58 27.11 4.14
CA TYR D 488 -28.63 26.09 5.19
C TYR D 488 -27.49 25.09 5.09
N GLY D 489 -27.34 24.39 3.98
CA GLY D 489 -26.28 23.39 3.92
C GLY D 489 -26.30 22.61 2.62
N ALA D 490 -25.11 22.44 2.07
CA ALA D 490 -24.88 21.68 0.84
C ALA D 490 -23.40 21.34 0.70
N GLN D 491 -23.10 20.14 0.22
CA GLN D 491 -21.73 19.79 -0.11
C GLN D 491 -21.31 20.44 -1.43
N ASP D 492 -20.80 21.66 -1.36
CA ASP D 492 -20.21 22.27 -2.55
C ASP D 492 -18.92 21.53 -2.91
N ASP D 493 -18.86 21.05 -4.14
CA ASP D 493 -17.76 20.18 -4.56
C ASP D 493 -16.46 20.93 -4.83
N VAL D 494 -16.51 22.24 -4.97
CA VAL D 494 -15.31 23.02 -5.24
C VAL D 494 -14.46 23.14 -3.98
N ASN D 495 -15.02 23.72 -2.92
CA ASN D 495 -14.29 23.80 -1.67
C ASN D 495 -14.29 22.49 -0.90
N GLY D 496 -15.32 21.67 -1.05
CA GLY D 496 -15.43 20.43 -0.30
C GLY D 496 -16.21 20.61 0.99
N GLN D 497 -16.45 21.87 1.36
CA GLN D 497 -17.00 22.19 2.66
C GLN D 497 -18.51 22.39 2.57
N TRP D 498 -19.10 22.78 3.70
CA TRP D 498 -20.52 23.08 3.81
C TRP D 498 -20.74 24.58 3.77
N ASN D 499 -22.00 25.00 3.87
CA ASN D 499 -22.36 26.41 3.91
C ASN D 499 -23.72 26.66 4.57
N GLY D 500 -23.70 27.32 5.74
CA GLY D 500 -24.92 27.71 6.42
C GLY D 500 -24.98 27.10 7.82
N MET D 501 -25.97 26.23 8.03
CA MET D 501 -26.16 25.56 9.31
C MET D 501 -24.98 24.66 9.65
N VAL D 502 -24.78 23.63 8.83
CA VAL D 502 -23.95 22.48 9.19
C VAL D 502 -22.47 22.88 9.21
N ARG D 503 -22.11 23.85 8.37
CA ARG D 503 -20.77 24.44 8.35
C ARG D 503 -20.43 25.08 9.69
N GLU D 504 -21.43 25.67 10.35
CA GLU D 504 -21.20 26.22 11.68
C GLU D 504 -21.20 25.12 12.74
N LEU D 505 -21.95 24.04 12.49
CA LEU D 505 -22.04 22.95 13.47
C LEU D 505 -20.74 22.14 13.53
N ILE D 506 -20.12 21.89 12.38
CA ILE D 506 -18.86 21.15 12.40
C ILE D 506 -17.70 22.04 12.84
N ASP D 507 -17.90 23.36 12.82
CA ASP D 507 -16.95 24.27 13.43
C ASP D 507 -17.23 24.53 14.90
N HIS D 508 -18.16 23.76 15.51
CA HIS D 508 -18.54 23.81 16.91
C HIS D 508 -19.06 25.16 17.36
N LYS D 509 -19.51 25.99 16.42
CA LYS D 509 -20.29 27.17 16.72
C LYS D 509 -21.74 26.77 16.82
N ALA D 510 -22.47 27.38 17.76
CA ALA D 510 -23.90 27.15 17.98
C ALA D 510 -24.18 25.67 18.30
N ASP D 511 -23.81 25.30 19.53
CA ASP D 511 -24.01 23.98 20.13
C ASP D 511 -25.40 23.40 19.90
N LEU D 512 -26.44 24.24 19.94
CA LEU D 512 -27.71 23.83 19.38
C LEU D 512 -27.96 24.56 18.07
N ALA D 513 -28.88 24.04 17.27
CA ALA D 513 -29.06 24.63 15.96
C ALA D 513 -30.48 25.12 15.68
N VAL D 514 -31.42 24.83 16.59
CA VAL D 514 -32.83 24.49 16.33
C VAL D 514 -33.47 25.33 15.23
N ALA D 515 -34.00 24.66 14.21
CA ALA D 515 -34.12 25.22 12.87
C ALA D 515 -34.84 24.20 12.00
N PRO D 516 -35.23 24.57 10.75
CA PRO D 516 -35.63 23.53 9.80
C PRO D 516 -34.46 22.73 9.23
N LEU D 517 -33.70 22.04 10.07
CA LEU D 517 -32.70 21.10 9.59
C LEU D 517 -33.35 19.74 9.34
N ALA D 518 -33.18 19.24 8.12
CA ALA D 518 -33.91 18.05 7.70
C ALA D 518 -32.98 16.85 7.65
N ILE D 519 -33.58 15.66 7.66
CA ILE D 519 -32.83 14.42 7.50
C ILE D 519 -32.38 14.27 6.06
N THR D 520 -31.07 14.32 5.86
CA THR D 520 -30.44 13.99 4.60
C THR D 520 -29.19 13.19 4.97
N TYR D 521 -28.87 12.19 4.14
CA TYR D 521 -27.81 11.24 4.47
C TYR D 521 -26.45 11.92 4.52
N VAL D 522 -26.24 12.95 3.69
CA VAL D 522 -24.99 13.69 3.75
C VAL D 522 -24.97 14.61 4.97
N ARG D 523 -26.15 14.97 5.48
CA ARG D 523 -26.21 15.81 6.68
C ARG D 523 -25.98 14.97 7.93
N GLU D 524 -26.11 13.65 7.82
CA GLU D 524 -25.93 12.79 8.99
C GLU D 524 -24.47 12.38 9.15
N LYS D 525 -23.68 12.44 8.08
CA LYS D 525 -22.32 11.93 8.12
C LYS D 525 -21.38 12.86 8.89
N VAL D 526 -21.60 14.17 8.79
CA VAL D 526 -20.65 15.12 9.37
C VAL D 526 -21.14 15.62 10.73
N ILE D 527 -22.46 15.69 10.92
CA ILE D 527 -23.05 15.91 12.24
C ILE D 527 -24.06 14.80 12.49
N ASP D 528 -24.00 14.21 13.68
CA ASP D 528 -25.13 13.40 14.12
C ASP D 528 -26.14 14.34 14.75
N PHE D 529 -27.06 14.85 13.94
CA PHE D 529 -28.15 15.65 14.46
C PHE D 529 -29.26 14.75 14.99
N SER D 530 -30.12 15.30 15.84
CA SER D 530 -30.95 14.48 16.71
C SER D 530 -32.11 13.85 15.96
N LYS D 531 -32.82 12.97 16.65
CA LYS D 531 -34.04 12.30 16.21
C LYS D 531 -35.09 13.38 16.00
N PRO D 532 -35.84 13.36 14.87
CA PRO D 532 -36.69 14.51 14.53
C PRO D 532 -37.91 14.71 15.42
N PHE D 533 -38.46 15.93 15.37
CA PHE D 533 -39.68 16.29 16.08
C PHE D 533 -40.91 16.31 15.18
N MET D 534 -40.72 16.43 13.86
CA MET D 534 -41.86 16.57 12.96
C MET D 534 -41.49 16.03 11.58
N THR D 535 -42.47 15.45 10.87
CA THR D 535 -42.23 14.75 9.63
CA THR D 535 -42.23 14.75 9.63
C THR D 535 -41.95 15.74 8.50
N LEU D 536 -41.68 15.22 7.30
CA LEU D 536 -41.32 16.06 6.17
C LEU D 536 -41.55 15.29 4.87
N GLY D 537 -41.95 16.03 3.83
CA GLY D 537 -42.00 15.52 2.47
C GLY D 537 -42.00 16.62 1.42
N ILE D 538 -41.08 16.53 0.44
CA ILE D 538 -40.99 17.55 -0.59
C ILE D 538 -42.17 17.41 -1.54
N SER D 539 -42.76 18.54 -1.93
CA SER D 539 -43.78 18.54 -2.97
C SER D 539 -43.79 19.88 -3.69
N ILE D 540 -44.64 19.98 -4.71
CA ILE D 540 -44.70 21.12 -5.63
C ILE D 540 -45.68 22.15 -5.09
N LEU D 541 -45.41 23.44 -5.30
CA LEU D 541 -46.30 24.52 -4.87
C LEU D 541 -46.64 25.37 -6.10
N TYR D 542 -47.12 24.71 -7.15
CA TYR D 542 -47.66 25.44 -8.31
C TYR D 542 -48.95 26.15 -7.92
N ARG D 543 -49.31 27.21 -8.65
CA ARG D 543 -50.47 28.04 -8.35
C ARG D 543 -51.76 27.23 -8.50
N LYS D 544 -52.72 27.51 -7.63
CA LYS D 544 -54.10 27.18 -7.94
C LYS D 544 -54.50 28.10 -9.08
N PRO D 545 -55.16 27.60 -10.12
CA PRO D 545 -55.46 28.43 -11.30
C PRO D 545 -56.59 29.43 -11.03
N ASN D 546 -57.02 30.07 -12.12
CA ASN D 546 -58.07 31.10 -12.12
C ASN D 546 -59.39 30.65 -11.49
N TRP D 640 -70.75 30.61 -55.56
CA TRP D 640 -69.93 31.05 -54.43
C TRP D 640 -70.06 30.08 -53.26
N TRP D 641 -70.87 29.03 -53.45
CA TRP D 641 -71.07 28.03 -52.41
C TRP D 641 -69.80 27.22 -52.18
N PHE D 642 -68.99 27.05 -53.23
CA PHE D 642 -67.69 26.41 -53.06
C PHE D 642 -66.68 27.36 -52.44
N PHE D 643 -66.89 28.67 -52.57
CA PHE D 643 -65.92 29.64 -52.07
C PHE D 643 -65.96 29.74 -50.55
N THR D 644 -67.16 29.75 -49.97
CA THR D 644 -67.28 29.77 -48.51
C THR D 644 -67.06 28.39 -47.93
N LEU D 645 -67.05 27.36 -48.78
CA LEU D 645 -66.83 26.00 -48.33
C LEU D 645 -65.38 25.79 -47.93
N ILE D 646 -64.46 26.45 -48.65
CA ILE D 646 -63.03 26.39 -48.31
C ILE D 646 -62.77 27.15 -47.03
N ILE D 647 -63.52 28.23 -46.80
CA ILE D 647 -63.30 29.10 -45.64
C ILE D 647 -63.69 28.39 -44.35
N ILE D 648 -64.83 27.70 -44.36
CA ILE D 648 -65.28 26.99 -43.17
C ILE D 648 -64.47 25.73 -42.94
N SER D 649 -63.81 25.21 -43.98
CA SER D 649 -62.88 24.10 -43.80
C SER D 649 -61.52 24.61 -43.34
N SER D 650 -61.19 25.86 -43.70
CA SER D 650 -59.95 26.45 -43.22
C SER D 650 -60.04 26.81 -41.75
N TYR D 651 -61.21 27.28 -41.31
CA TYR D 651 -61.36 27.65 -39.90
C TYR D 651 -61.55 26.41 -39.03
N THR D 652 -62.05 25.33 -39.63
CA THR D 652 -62.23 24.09 -38.88
C THR D 652 -60.90 23.48 -38.47
N ALA D 653 -59.99 23.32 -39.44
CA ALA D 653 -58.72 22.65 -39.18
C ALA D 653 -57.81 23.47 -38.28
N ASN D 654 -57.86 24.80 -38.42
CA ASN D 654 -57.08 25.66 -37.53
C ASN D 654 -57.63 25.64 -36.12
N LEU D 655 -58.94 25.50 -35.96
CA LEU D 655 -59.52 25.36 -34.63
C LEU D 655 -59.38 23.93 -34.14
N ALA D 656 -59.24 22.98 -35.07
CA ALA D 656 -58.98 21.60 -34.68
C ALA D 656 -57.58 21.45 -34.09
N ALA D 657 -56.60 22.09 -34.72
CA ALA D 657 -55.21 21.98 -34.27
C ALA D 657 -54.98 22.75 -32.98
N PHE D 658 -55.62 23.91 -32.84
CA PHE D 658 -55.43 24.77 -31.68
C PHE D 658 -56.00 24.14 -30.41
N LEU D 659 -57.14 23.47 -30.54
CA LEU D 659 -57.73 22.80 -29.39
C LEU D 659 -57.05 21.48 -29.09
N THR D 660 -56.40 20.89 -30.11
CA THR D 660 -55.71 19.62 -29.94
C THR D 660 -54.47 19.79 -29.08
N VAL D 661 -53.59 20.72 -29.46
CA VAL D 661 -52.32 20.97 -28.79
C VAL D 661 -52.59 21.49 -27.38
N GLU D 662 -53.68 22.24 -27.22
CA GLU D 662 -54.09 22.70 -25.90
C GLU D 662 -54.55 21.52 -25.03
N ARG D 663 -55.27 20.58 -25.63
CA ARG D 663 -55.70 19.39 -24.89
C ARG D 663 -54.53 18.43 -24.71
N MET D 664 -53.58 18.47 -25.66
CA MET D 664 -52.35 17.68 -25.59
C MET D 664 -51.50 18.17 -24.42
N GLU D 665 -51.52 19.47 -24.17
CA GLU D 665 -50.90 20.08 -23.01
C GLU D 665 -51.58 19.58 -21.73
N SER D 666 -50.80 19.13 -20.78
CA SER D 666 -51.33 18.50 -19.57
C SER D 666 -51.34 19.47 -18.42
N PRO D 667 -52.43 19.51 -17.64
CA PRO D 667 -52.40 20.27 -16.38
C PRO D 667 -51.58 19.52 -15.34
N ILE D 668 -50.80 20.25 -14.55
CA ILE D 668 -49.81 19.64 -13.67
C ILE D 668 -50.50 19.03 -12.46
N ASP D 669 -50.34 17.72 -12.27
CA ASP D 669 -50.92 17.06 -11.11
C ASP D 669 -49.91 16.06 -10.56
N SER D 670 -48.65 16.20 -10.98
CA SER D 670 -47.60 15.29 -10.57
C SER D 670 -46.22 15.91 -10.78
N ALA D 671 -45.18 15.15 -10.44
CA ALA D 671 -43.84 15.57 -10.84
C ALA D 671 -43.49 15.03 -12.22
N ASP D 672 -44.32 14.13 -12.75
CA ASP D 672 -44.06 13.53 -14.05
C ASP D 672 -44.31 14.50 -15.19
N ASP D 673 -45.55 14.99 -15.29
CA ASP D 673 -45.92 15.94 -16.34
C ASP D 673 -45.25 17.29 -16.12
N LEU D 674 -44.92 17.59 -14.87
CA LEU D 674 -44.09 18.75 -14.56
C LEU D 674 -42.69 18.60 -15.10
N ALA D 675 -42.17 17.37 -15.19
CA ALA D 675 -40.84 17.14 -15.75
C ALA D 675 -40.87 17.10 -17.27
N LYS D 676 -41.98 16.67 -17.86
CA LYS D 676 -42.05 16.58 -19.32
C LYS D 676 -42.48 17.86 -19.98
N GLN D 677 -42.62 18.95 -19.24
CA GLN D 677 -43.11 20.22 -19.80
C GLN D 677 -42.09 21.31 -19.45
N THR D 678 -41.39 21.82 -20.46
CA THR D 678 -40.39 22.85 -20.25
C THR D 678 -40.96 24.26 -20.38
N LYS D 679 -42.28 24.40 -20.40
CA LYS D 679 -42.90 25.71 -20.40
C LYS D 679 -42.90 26.32 -19.00
N ILE D 680 -43.17 25.51 -17.99
CA ILE D 680 -43.06 25.90 -16.60
C ILE D 680 -41.59 25.75 -16.20
N GLU D 681 -41.05 26.71 -15.46
CA GLU D 681 -39.61 26.81 -15.23
C GLU D 681 -39.27 26.52 -13.77
N TYR D 682 -39.86 25.45 -13.24
CA TYR D 682 -39.75 24.97 -11.86
C TYR D 682 -38.34 24.89 -11.26
N GLY D 683 -38.24 25.07 -9.96
CA GLY D 683 -36.96 25.02 -9.28
C GLY D 683 -37.17 24.91 -7.78
N ALA D 684 -36.05 24.93 -7.05
CA ALA D 684 -36.05 24.75 -5.61
C ALA D 684 -35.11 25.74 -4.94
N VAL D 685 -34.96 25.58 -3.62
CA VAL D 685 -34.00 26.37 -2.85
C VAL D 685 -32.59 25.95 -3.22
N GLU D 686 -31.77 26.92 -3.64
CA GLU D 686 -30.38 26.62 -3.95
C GLU D 686 -29.60 26.36 -2.67
N ASP D 687 -28.75 25.33 -2.71
CA ASP D 687 -28.00 24.80 -1.58
C ASP D 687 -28.91 24.40 -0.42
N GLY D 688 -30.07 23.86 -0.75
CA GLY D 688 -30.96 23.31 0.25
C GLY D 688 -30.93 21.79 0.24
N ALA D 689 -31.69 21.15 1.14
CA ALA D 689 -31.80 19.70 1.12
C ALA D 689 -32.64 19.21 -0.04
N THR D 690 -33.47 20.09 -0.62
CA THR D 690 -34.30 19.75 -1.77
C THR D 690 -33.45 19.50 -3.00
N MET D 691 -32.62 20.48 -3.38
CA MET D 691 -31.76 20.32 -4.55
C MET D 691 -30.68 19.29 -4.31
N THR D 692 -30.31 19.05 -3.05
CA THR D 692 -29.41 17.96 -2.70
C THR D 692 -30.05 16.61 -3.02
N PHE D 693 -31.37 16.53 -2.81
CA PHE D 693 -32.08 15.29 -3.09
C PHE D 693 -32.22 15.03 -4.59
N PHE D 694 -32.57 16.05 -5.36
CA PHE D 694 -32.74 15.88 -6.79
C PHE D 694 -31.42 15.67 -7.51
N LYS D 695 -30.31 16.15 -6.94
CA LYS D 695 -28.99 15.98 -7.53
C LYS D 695 -28.52 14.53 -7.38
N LYS D 696 -28.47 14.02 -6.16
CA LYS D 696 -27.81 12.73 -5.92
C LYS D 696 -28.79 11.57 -5.91
N SER D 697 -29.93 11.74 -6.57
CA SER D 697 -30.83 10.61 -6.79
C SER D 697 -30.76 10.19 -8.25
N LYS D 698 -30.92 8.88 -8.48
CA LYS D 698 -30.73 8.29 -9.80
C LYS D 698 -32.01 7.77 -10.43
N ILE D 699 -33.15 8.01 -9.80
CA ILE D 699 -34.46 7.67 -10.38
C ILE D 699 -34.69 8.52 -11.63
N SER D 700 -35.39 7.96 -12.62
CA SER D 700 -35.53 8.50 -13.96
C SER D 700 -36.15 9.90 -14.04
N THR D 701 -37.31 10.08 -13.41
CA THR D 701 -38.06 11.33 -13.59
C THR D 701 -37.41 12.47 -12.80
N TYR D 702 -36.85 12.16 -11.64
CA TYR D 702 -36.28 13.23 -10.81
C TYR D 702 -34.90 13.61 -11.31
N ASP D 703 -34.20 12.68 -11.97
CA ASP D 703 -32.98 13.05 -12.68
C ASP D 703 -33.31 13.88 -13.91
N LYS D 704 -34.47 13.64 -14.52
CA LYS D 704 -34.94 14.50 -15.60
C LYS D 704 -35.27 15.89 -15.08
N MET D 705 -35.74 15.98 -13.83
CA MET D 705 -35.97 17.28 -13.22
C MET D 705 -34.65 17.98 -12.89
N TRP D 706 -33.62 17.21 -12.54
CA TRP D 706 -32.34 17.82 -12.20
C TRP D 706 -31.59 18.25 -13.47
N ALA D 707 -31.89 17.58 -14.58
CA ALA D 707 -31.29 17.99 -15.86
C ALA D 707 -31.86 19.32 -16.32
N PHE D 708 -33.11 19.60 -15.95
CA PHE D 708 -33.72 20.88 -16.27
C PHE D 708 -33.16 21.99 -15.41
N MET D 709 -32.89 21.69 -14.13
CA MET D 709 -32.47 22.74 -13.20
C MET D 709 -30.99 23.04 -13.32
N SER D 710 -30.20 22.05 -13.74
CA SER D 710 -28.76 22.27 -13.85
C SER D 710 -28.42 23.05 -15.10
N SER D 711 -29.24 22.92 -16.14
CA SER D 711 -29.09 23.75 -17.34
C SER D 711 -29.45 25.19 -17.05
N ARG D 712 -30.35 25.39 -16.08
CA ARG D 712 -30.89 26.70 -15.73
C ARG D 712 -30.58 27.07 -14.28
N ARG D 713 -29.33 26.85 -13.86
CA ARG D 713 -28.90 27.09 -12.49
C ARG D 713 -29.03 28.57 -12.11
N GLN D 714 -28.82 29.47 -13.07
CA GLN D 714 -28.90 30.90 -12.80
C GLN D 714 -30.33 31.37 -12.57
N SER D 715 -31.30 30.81 -13.30
CA SER D 715 -32.65 31.37 -13.36
C SER D 715 -33.59 30.69 -12.37
N VAL D 716 -33.70 29.36 -12.40
CA VAL D 716 -34.83 28.70 -11.76
C VAL D 716 -34.55 28.49 -10.28
N LEU D 717 -33.29 28.66 -9.87
CA LEU D 717 -32.92 28.51 -8.47
C LEU D 717 -33.17 29.81 -7.72
N VAL D 718 -33.50 29.71 -6.44
CA VAL D 718 -33.81 30.86 -5.62
C VAL D 718 -32.85 30.93 -4.45
N LYS D 719 -32.93 32.00 -3.67
CA LYS D 719 -32.15 32.10 -2.44
C LYS D 719 -32.79 31.34 -1.29
N SER D 720 -34.09 31.55 -1.05
CA SER D 720 -34.79 30.87 0.03
C SER D 720 -36.25 30.77 -0.35
N ASN D 721 -37.08 30.40 0.62
CA ASN D 721 -38.49 30.11 0.34
C ASN D 721 -39.28 31.38 0.03
N GLU D 722 -38.83 32.54 0.52
CA GLU D 722 -39.52 33.79 0.21
C GLU D 722 -39.34 34.16 -1.26
N GLU D 723 -38.16 33.91 -1.80
CA GLU D 723 -37.92 34.06 -3.22
C GLU D 723 -38.67 32.98 -3.98
N GLY D 724 -38.90 31.84 -3.34
CA GLY D 724 -39.72 30.78 -3.90
C GLY D 724 -41.19 31.13 -3.98
N ILE D 725 -41.72 31.80 -2.96
CA ILE D 725 -43.15 32.13 -2.93
C ILE D 725 -43.46 33.19 -3.97
N GLN D 726 -42.59 34.20 -4.11
CA GLN D 726 -42.87 35.34 -4.96
C GLN D 726 -42.79 34.98 -6.44
N ARG D 727 -41.88 34.08 -6.80
CA ARG D 727 -41.74 33.69 -8.21
C ARG D 727 -42.90 32.80 -8.64
N VAL D 728 -43.55 32.12 -7.69
CA VAL D 728 -44.77 31.39 -8.03
C VAL D 728 -45.92 32.36 -8.27
N LEU D 729 -46.08 33.33 -7.36
CA LEU D 729 -47.25 34.22 -7.40
C LEU D 729 -47.20 35.18 -8.59
N THR D 730 -46.01 35.57 -9.01
CA THR D 730 -45.88 36.52 -10.12
C THR D 730 -45.78 35.80 -11.47
N SER D 731 -44.75 34.97 -11.64
CA SER D 731 -44.48 34.34 -12.92
C SER D 731 -44.94 32.89 -12.92
N ASP D 732 -44.89 32.27 -14.10
CA ASP D 732 -45.24 30.87 -14.24
C ASP D 732 -44.10 30.02 -13.70
N TYR D 733 -44.35 29.35 -12.58
CA TYR D 733 -43.29 28.68 -11.83
C TYR D 733 -43.94 27.68 -10.88
N ALA D 734 -43.16 26.68 -10.45
CA ALA D 734 -43.70 25.64 -9.57
C ALA D 734 -42.63 25.21 -8.59
N PHE D 735 -42.81 25.54 -7.32
CA PHE D 735 -41.67 25.54 -6.41
C PHE D 735 -41.64 24.29 -5.54
N LEU D 736 -40.44 23.77 -5.34
CA LEU D 736 -40.23 22.47 -4.67
C LEU D 736 -39.88 22.70 -3.20
N MET D 737 -40.78 23.38 -2.49
CA MET D 737 -40.58 23.56 -1.06
C MET D 737 -40.99 22.32 -0.29
N GLU D 738 -40.46 22.21 0.91
CA GLU D 738 -40.74 21.07 1.77
C GLU D 738 -42.09 21.22 2.45
N SER D 739 -42.49 20.19 3.21
CA SER D 739 -43.91 19.94 3.50
C SER D 739 -44.56 21.02 4.35
N THR D 740 -43.96 21.38 5.48
CA THR D 740 -44.65 22.22 6.45
C THR D 740 -44.73 23.67 5.99
N THR D 741 -43.91 24.05 5.02
CA THR D 741 -44.08 25.35 4.39
C THR D 741 -45.16 25.32 3.33
N ILE D 742 -45.61 24.13 2.91
CA ILE D 742 -46.64 24.06 1.88
C ILE D 742 -48.00 24.41 2.48
N GLU D 743 -48.39 23.74 3.57
CA GLU D 743 -49.74 23.94 4.09
C GLU D 743 -49.89 25.32 4.70
N PHE D 744 -48.80 25.91 5.19
CA PHE D 744 -48.88 27.22 5.81
C PHE D 744 -49.18 28.30 4.78
N VAL D 745 -48.55 28.22 3.62
CA VAL D 745 -48.74 29.24 2.60
C VAL D 745 -50.05 29.02 1.85
N THR D 746 -50.50 27.77 1.69
CA THR D 746 -51.79 27.54 1.05
C THR D 746 -52.97 27.94 1.93
N GLN D 747 -52.80 27.89 3.25
CA GLN D 747 -53.81 28.50 4.12
C GLN D 747 -53.79 30.01 4.00
N ARG D 748 -52.61 30.61 3.81
CA ARG D 748 -52.51 32.06 3.63
C ARG D 748 -52.91 32.48 2.24
N ASN D 749 -52.17 32.05 1.24
CA ASN D 749 -52.45 32.42 -0.15
C ASN D 749 -53.36 31.36 -0.76
N CYS D 750 -54.64 31.71 -0.92
CA CYS D 750 -55.60 30.82 -1.55
C CYS D 750 -55.46 30.81 -3.07
N ASN D 751 -54.57 31.65 -3.62
CA ASN D 751 -54.15 31.57 -5.01
C ASN D 751 -53.29 30.34 -5.27
N LEU D 752 -52.82 29.66 -4.21
CA LEU D 752 -51.88 28.57 -4.33
C LEU D 752 -52.56 27.25 -3.97
N THR D 753 -51.89 26.14 -4.27
CA THR D 753 -52.33 24.81 -3.90
C THR D 753 -51.13 23.87 -3.88
N GLN D 754 -51.31 22.66 -3.37
CA GLN D 754 -50.26 21.65 -3.36
C GLN D 754 -50.49 20.72 -4.55
N ILE D 755 -49.48 20.61 -5.40
CA ILE D 755 -49.56 19.76 -6.59
C ILE D 755 -48.73 18.52 -6.30
N GLY D 756 -49.38 17.36 -6.34
CA GLY D 756 -48.69 16.11 -6.17
C GLY D 756 -48.50 15.71 -4.72
N GLY D 757 -48.37 14.42 -4.47
CA GLY D 757 -48.13 13.94 -3.12
C GLY D 757 -46.69 14.14 -2.69
N LEU D 758 -46.32 13.38 -1.66
CA LEU D 758 -44.97 13.44 -1.13
C LEU D 758 -43.98 12.77 -2.09
N ILE D 759 -43.09 13.58 -2.67
CA ILE D 759 -42.00 13.11 -3.51
C ILE D 759 -41.06 12.20 -2.71
N ASP D 760 -40.77 12.59 -1.47
CA ASP D 760 -39.97 11.75 -0.59
C ASP D 760 -40.51 11.87 0.84
N SER D 761 -39.80 11.26 1.77
CA SER D 761 -40.17 11.31 3.18
C SER D 761 -38.93 11.60 4.02
N LYS D 762 -39.04 12.57 4.91
CA LYS D 762 -37.95 13.02 5.75
C LYS D 762 -38.52 13.41 7.11
N GLY D 763 -37.75 14.17 7.89
CA GLY D 763 -38.23 14.80 9.10
C GLY D 763 -37.47 16.08 9.36
N TYR D 764 -37.76 16.79 10.45
CA TYR D 764 -36.96 17.95 10.87
C TYR D 764 -36.18 17.61 12.12
N GLY D 765 -34.87 17.55 12.01
CA GLY D 765 -34.00 17.26 13.14
C GLY D 765 -33.45 18.50 13.78
N VAL D 766 -32.60 18.30 14.80
CA VAL D 766 -31.94 19.39 15.51
C VAL D 766 -30.43 19.16 15.49
N GLY D 767 -29.69 20.11 14.93
CA GLY D 767 -28.26 19.98 14.73
C GLY D 767 -27.41 20.03 15.98
N THR D 768 -26.65 18.97 16.20
CA THR D 768 -25.65 18.91 17.27
C THR D 768 -24.28 18.79 16.64
N PRO D 769 -23.22 19.37 17.25
CA PRO D 769 -21.89 19.31 16.62
C PRO D 769 -21.30 17.90 16.65
N MET D 770 -21.29 17.23 15.49
CA MET D 770 -20.61 15.97 15.19
C MET D 770 -21.23 14.76 15.91
N GLY D 771 -22.18 15.00 16.82
CA GLY D 771 -22.69 13.96 17.68
C GLY D 771 -22.30 14.21 19.12
N SER D 772 -23.23 14.74 19.90
CA SER D 772 -23.01 15.13 21.28
C SER D 772 -23.64 14.13 22.23
N PRO D 773 -23.17 14.03 23.48
CA PRO D 773 -23.94 13.31 24.50
C PRO D 773 -25.19 14.07 24.91
N TYR D 774 -25.18 15.38 24.66
CA TYR D 774 -26.33 16.22 24.96
C TYR D 774 -27.46 16.00 23.95
N ARG D 775 -27.14 15.37 22.80
CA ARG D 775 -28.13 15.00 21.79
C ARG D 775 -29.19 14.06 22.35
N ASP D 776 -28.77 13.06 23.13
CA ASP D 776 -29.71 12.05 23.61
C ASP D 776 -30.57 12.59 24.74
N LYS D 777 -30.11 13.66 25.40
CA LYS D 777 -30.95 14.37 26.35
C LYS D 777 -32.12 15.04 25.63
N ILE D 778 -31.87 15.53 24.41
CA ILE D 778 -32.91 16.18 23.62
C ILE D 778 -33.88 15.14 23.08
N THR D 779 -33.37 13.95 22.74
CA THR D 779 -34.18 12.91 22.13
C THR D 779 -35.24 12.38 23.11
N ILE D 780 -34.85 12.18 24.36
CA ILE D 780 -35.80 11.81 25.40
C ILE D 780 -36.74 12.97 25.71
N ALA D 781 -36.26 14.20 25.55
CA ALA D 781 -37.08 15.37 25.84
C ALA D 781 -38.20 15.53 24.82
N ILE D 782 -37.90 15.37 23.53
CA ILE D 782 -38.89 15.52 22.46
C ILE D 782 -39.95 14.42 22.54
N LEU D 783 -39.55 13.22 22.96
CA LEU D 783 -40.52 12.14 23.22
C LEU D 783 -41.46 12.49 24.36
N GLN D 784 -40.98 13.30 25.31
CA GLN D 784 -41.83 13.73 26.41
C GLN D 784 -42.73 14.89 26.00
N LEU D 785 -42.21 15.77 25.13
CA LEU D 785 -42.96 16.97 24.76
C LEU D 785 -44.07 16.64 23.77
N GLN D 786 -43.90 15.57 22.98
CA GLN D 786 -44.96 15.19 22.05
C GLN D 786 -45.99 14.30 22.74
N GLU D 787 -45.60 13.68 23.85
CA GLU D 787 -46.48 12.80 24.60
C GLU D 787 -47.55 13.61 25.31
N GLU D 788 -47.18 14.78 25.82
CA GLU D 788 -48.10 15.67 26.48
C GLU D 788 -48.92 16.51 25.51
N GLY D 789 -48.70 16.36 24.21
CA GLY D 789 -49.56 16.95 23.21
C GLY D 789 -49.20 18.36 22.81
N LYS D 790 -48.20 18.94 23.46
CA LYS D 790 -47.88 20.36 23.26
C LYS D 790 -47.18 20.58 21.92
N LEU D 791 -46.62 19.51 21.34
CA LEU D 791 -46.21 19.50 19.94
C LEU D 791 -47.36 19.83 18.99
N HIS D 792 -48.43 19.05 19.03
CA HIS D 792 -49.55 19.34 18.16
C HIS D 792 -50.51 20.35 18.77
N MET D 793 -50.18 20.92 19.94
CA MET D 793 -50.96 22.03 20.46
C MET D 793 -50.42 23.37 19.93
N MET D 794 -49.10 23.48 19.80
CA MET D 794 -48.53 24.67 19.19
C MET D 794 -48.69 24.63 17.67
N LYS D 795 -49.11 23.48 17.12
CA LYS D 795 -49.42 23.28 15.70
C LYS D 795 -50.49 24.25 15.21
N GLU D 796 -51.67 24.19 15.82
CA GLU D 796 -52.73 25.12 15.41
C GLU D 796 -52.59 26.48 16.09
N LYS D 797 -51.50 26.69 16.82
CA LYS D 797 -51.16 28.01 17.32
C LYS D 797 -50.45 28.82 16.24
N TRP D 798 -49.59 28.18 15.44
CA TRP D 798 -48.73 28.99 14.56
C TRP D 798 -48.98 28.77 13.08
N TRP D 799 -49.54 27.64 12.64
CA TRP D 799 -49.90 27.55 11.23
C TRP D 799 -51.23 28.25 10.93
N ARG D 800 -52.34 27.69 11.43
CA ARG D 800 -53.67 28.29 11.66
C ARG D 800 -54.15 29.36 10.68
N GLY D 801 -53.84 29.19 9.39
CA GLY D 801 -54.02 30.29 8.45
C GLY D 801 -55.41 30.38 7.84
N ASN D 802 -56.36 29.62 8.38
CA ASN D 802 -57.81 29.71 8.20
C ASN D 802 -58.32 29.24 6.83
N GLY D 803 -57.41 29.00 5.88
CA GLY D 803 -57.73 28.37 4.60
C GLY D 803 -58.77 29.00 3.71
N CYS D 804 -59.10 28.31 2.61
CA CYS D 804 -60.23 28.62 1.75
C CYS D 804 -60.88 27.35 1.27
N PRO D 805 -62.14 27.07 1.66
CA PRO D 805 -62.85 25.88 1.18
C PRO D 805 -63.29 26.01 -0.28
#